data_9AUG
#
_entry.id   9AUG
#
_cell.length_a   1.00
_cell.length_b   1.00
_cell.length_c   1.00
_cell.angle_alpha   90.00
_cell.angle_beta   90.00
_cell.angle_gamma   90.00
#
_symmetry.space_group_name_H-M   'P 1'
#
loop_
_entity.id
_entity.type
_entity.pdbx_description
1 polymer 'HIV-1 BG505 DS-SOSIP glycoprotein gp120'
2 polymer 'HIV-1 BG505 DS-SOSIP glycoprotein gp41'
3 polymer 'UCA3.G57R heavy chain'
4 polymer 'UCA3.G57R light chain'
5 branched alpha-D-mannopyranose-(1-3)-[alpha-D-mannopyranose-(1-6)]beta-D-mannopyranose-(1-4)-2-acetamido-2-deoxy-beta-D-glucopyranose-(1-4)-2-acetamido-2-deoxy-beta-D-glucopyranose
6 branched alpha-D-mannopyranose-(1-2)-alpha-D-mannopyranose-(1-3)-[alpha-D-mannopyranose-(1-3)-[alpha-D-mannopyranose-(1-6)]alpha-D-mannopyranose-(1-6)]beta-D-mannopyranose-(1-4)-2-acetamido-2-deoxy-beta-D-glucopyranose-(1-4)-2-acetamido-2-deoxy-beta-D-glucopyranose
7 branched beta-D-mannopyranose-(1-4)-2-acetamido-2-deoxy-beta-D-glucopyranose-(1-4)-2-acetamido-2-deoxy-beta-D-glucopyranose
8 branched 2-acetamido-2-deoxy-beta-D-glucopyranose-(1-4)-2-acetamido-2-deoxy-beta-D-glucopyranose
9 non-polymer 2-acetamido-2-deoxy-beta-D-glucopyranose
#
loop_
_entity_poly.entity_id
_entity_poly.type
_entity_poly.pdbx_seq_one_letter_code
_entity_poly.pdbx_strand_id
1 'polypeptide(L)'
;AENLWVTVYYGVPVWKEAKTTLFCASDARAYEKEVHNVWATHACVPTDPSPQELVLGNVTENFNMWKNDMVDQMHEDIIS
LWDQSLKPCVKLTPLCVTLICSDAGSGGVEEMKNCSFNTTTEIRDKEKKEYALFYKPDIVPLSETNNTSEYRLINCNTSA
CTQACPKVTFEPIPIHYCAPAGYAILKCNDETFNGTGPCSNVSTVQCTHGIRPVVSTQLLLNGSLAEKEIVIRSENLTNN
AKIIIVHLHTPVEIVCTRPNNNTRKSVRIGPGQTFYATGDIIGDIKQAHCNISEEKWNDTLQKVGIELQKHFPNKTIKYN
QSAGGDMEITTHSFNCGGEFFYCNTSNLFNGTYNGTYISTNSSANSTSTITLQCRIKQIINMWQGVGRCMYAPPIAGNIT
CRSNITGLLLTRDGGTNSNETETFRPAGGDMRDNWRSELYKYKVVKIEPLGVAPTRCKRRVVGRRRRRR
;
A,B,C
2 'polypeptide(L)'
;AVGIGAVFLGFLGAAGSTMGAASMTLTVQARNLLSGIVQQQSNLLRAPEAQQHLLKLTVWGIKQLQARVLAVERYLRDQQ
LLGIWGCSGKLICCTNVPWNSSWSNRNLSEIWDNMTWLQWDKEISNYTQIIYGLLEESQNQQEKNEQDLLALD
;
D,E,F
3 'polypeptide(L)'
;QVQLVQSGAEVKKPGASVKVSCKASGYTFTGYYMHWVRQAPGQGLEWMGWINPNSGRTNYAQKFQGRVTMTRDTSISTAY
MELSRLRSDDTAVYYCARGGWISLYYDSSGYPNFDYWGQGTLVTVSSASTKGPSVFPLAPSSKSTSGGTAALGCLVKDYF
PEPVTVSWNSGALTSGVHTFPAVLQSSGLYSLSSVVTVPSSSLGTQTYICNVNHKPSNTKVDKRVEPKSCDK
;
G,H,I
4 'polypeptide(L)'
;QSALTQPASVSGSPGQSITISCTGTSSDVGSYNLVSWYQQHPGKAPKLMIYEVSKRPSGVSNRFSGSKSGNTASLTISGL
QAEDEADYYCCSYAGSSTVIFGGGTKLTVLGQPKANPTVTLFPPSSEELQANKATLVCLISDFYPGAVTVAWKADSSPVK
AGVETTTPSKQSNNKYAASSYLSLTPEQWKSHRSYSCQVTHEGSTVEKTVAPTECS
;
J,K,L
#
loop_
_chem_comp.id
_chem_comp.type
_chem_comp.name
_chem_comp.formula
BMA D-saccharide, beta linking beta-D-mannopyranose 'C6 H12 O6'
MAN D-saccharide, alpha linking alpha-D-mannopyranose 'C6 H12 O6'
NAG D-saccharide, beta linking 2-acetamido-2-deoxy-beta-D-glucopyranose 'C8 H15 N O6'
#
# COMPACT_ATOMS: atom_id res chain seq x y z
N GLU A 2 -60.20 16.94 28.96
CA GLU A 2 -61.22 16.65 27.96
C GLU A 2 -60.59 16.50 26.58
N ASN A 3 -59.73 17.44 26.23
CA ASN A 3 -59.03 17.45 24.95
C ASN A 3 -57.64 16.85 25.11
N LEU A 4 -57.29 15.93 24.22
CA LEU A 4 -55.99 15.27 24.25
C LEU A 4 -54.95 16.12 23.53
N TRP A 5 -53.74 16.15 24.09
CA TRP A 5 -52.64 16.92 23.53
C TRP A 5 -51.38 16.06 23.44
N VAL A 6 -50.55 16.38 22.45
CA VAL A 6 -49.35 15.61 22.16
C VAL A 6 -48.21 16.09 23.03
N THR A 7 -47.46 15.16 23.61
CA THR A 7 -46.25 15.46 24.37
C THR A 7 -45.10 14.62 23.85
N VAL A 8 -43.91 15.21 23.87
CA VAL A 8 -42.70 14.57 23.37
C VAL A 8 -41.86 14.12 24.56
N TYR A 9 -41.35 12.90 24.48
CA TYR A 9 -40.55 12.29 25.54
C TYR A 9 -39.18 11.94 24.99
N TYR A 10 -38.14 12.30 25.73
CA TYR A 10 -36.76 12.00 25.36
C TYR A 10 -36.26 10.87 26.25
N GLY A 11 -35.80 9.78 25.64
CA GLY A 11 -35.34 8.64 26.39
C GLY A 11 -36.33 7.51 26.43
N VAL A 12 -37.04 7.29 25.33
CA VAL A 12 -38.03 6.22 25.22
C VAL A 12 -37.31 4.90 24.91
N PRO A 13 -37.47 3.87 25.73
CA PRO A 13 -36.83 2.57 25.45
C PRO A 13 -37.54 1.76 24.36
N VAL A 14 -37.22 2.06 23.10
CA VAL A 14 -37.77 1.33 21.97
C VAL A 14 -36.64 0.92 21.03
N TRP A 15 -36.75 -0.28 20.49
CA TRP A 15 -35.72 -0.93 19.69
C TRP A 15 -36.01 -0.86 18.20
N LYS A 16 -34.93 -0.98 17.42
CA LYS A 16 -34.99 -1.08 15.97
C LYS A 16 -33.88 -2.02 15.51
N GLU A 17 -34.21 -2.88 14.55
CA GLU A 17 -33.22 -3.80 14.00
C GLU A 17 -32.39 -3.08 12.95
N ALA A 18 -31.07 -3.08 13.13
CA ALA A 18 -30.19 -2.37 12.20
C ALA A 18 -28.81 -3.02 12.24
N LYS A 19 -28.01 -2.68 11.23
CA LYS A 19 -26.64 -3.15 11.12
C LYS A 19 -25.71 -1.96 11.27
N THR A 20 -24.56 -2.18 11.93
CA THR A 20 -23.63 -1.11 12.20
C THR A 20 -22.23 -1.67 12.36
N THR A 21 -21.25 -0.77 12.38
CA THR A 21 -19.87 -1.16 12.62
C THR A 21 -19.66 -1.52 14.08
N LEU A 22 -18.65 -2.34 14.34
CA LEU A 22 -18.39 -2.86 15.67
C LEU A 22 -16.94 -2.63 16.07
N PHE A 23 -16.71 -2.60 17.38
CA PHE A 23 -15.39 -2.40 17.96
C PHE A 23 -14.64 -3.72 18.03
N CYS A 24 -13.52 -3.70 18.76
CA CYS A 24 -12.85 -4.91 19.21
C CYS A 24 -12.41 -4.65 20.64
N ALA A 25 -12.50 -5.68 21.49
CA ALA A 25 -12.09 -5.55 22.88
C ALA A 25 -11.36 -6.82 23.29
N SER A 26 -10.07 -6.69 23.56
CA SER A 26 -9.24 -7.81 24.00
C SER A 26 -8.91 -7.63 25.48
N ASP A 27 -8.54 -8.73 26.12
CA ASP A 27 -8.20 -8.71 27.53
C ASP A 27 -6.80 -8.11 27.73
N ALA A 28 -6.48 -7.81 28.98
CA ALA A 28 -5.22 -7.17 29.32
C ALA A 28 -4.09 -8.18 29.56
N ARG A 29 -4.38 -9.48 29.49
CA ARG A 29 -3.33 -10.47 29.73
C ARG A 29 -2.37 -10.57 28.56
N ALA A 30 -2.83 -10.25 27.35
CA ALA A 30 -2.00 -10.30 26.15
C ALA A 30 -1.28 -8.99 25.87
N TYR A 31 -1.39 -8.01 26.76
CA TYR A 31 -0.70 -6.73 26.57
C TYR A 31 0.73 -6.74 27.09
N GLU A 32 1.15 -7.80 27.80
CA GLU A 32 2.50 -7.83 28.35
C GLU A 32 3.52 -8.32 27.34
N LYS A 33 3.13 -9.14 26.38
CA LYS A 33 4.06 -9.69 25.42
C LYS A 33 4.47 -8.64 24.38
N GLU A 34 5.70 -8.76 23.89
CA GLU A 34 6.20 -7.87 22.85
C GLU A 34 6.04 -8.43 21.45
N VAL A 35 5.81 -9.74 21.31
CA VAL A 35 5.55 -10.31 20.00
C VAL A 35 4.15 -9.95 19.56
N HIS A 36 4.01 -9.62 18.28
CA HIS A 36 2.72 -9.18 17.75
C HIS A 36 1.87 -10.36 17.34
N ASN A 37 0.62 -10.36 17.78
CA ASN A 37 -0.35 -11.36 17.35
C ASN A 37 -0.91 -10.92 16.00
N VAL A 38 -1.76 -11.76 15.40
CA VAL A 38 -2.31 -11.43 14.09
C VAL A 38 -3.31 -10.29 14.19
N TRP A 39 -4.18 -10.30 15.20
CA TRP A 39 -5.26 -9.33 15.30
C TRP A 39 -5.16 -8.38 16.50
N ALA A 40 -5.02 -8.87 17.72
CA ALA A 40 -5.14 -7.99 18.89
C ALA A 40 -3.82 -7.90 19.63
N THR A 41 -3.03 -6.89 19.28
CA THR A 41 -1.85 -6.54 20.05
C THR A 41 -1.82 -5.06 20.42
N HIS A 42 -2.24 -4.19 19.50
CA HIS A 42 -2.22 -2.76 19.76
C HIS A 42 -3.43 -2.04 19.17
N ALA A 43 -4.46 -2.76 18.72
CA ALA A 43 -5.58 -2.14 18.02
C ALA A 43 -6.85 -2.06 18.88
N CYS A 44 -7.20 -3.14 19.56
CA CYS A 44 -8.44 -3.16 20.33
C CYS A 44 -8.31 -2.34 21.61
N VAL A 45 -9.41 -1.70 21.99
CA VAL A 45 -9.50 -0.92 23.22
C VAL A 45 -9.46 -1.90 24.40
N PRO A 46 -8.86 -1.54 25.53
CA PRO A 46 -8.83 -2.48 26.66
C PRO A 46 -10.16 -2.47 27.40
N THR A 47 -10.73 -3.66 27.57
CA THR A 47 -12.00 -3.78 28.26
C THR A 47 -11.79 -3.77 29.78
N ASP A 48 -12.84 -3.39 30.49
CA ASP A 48 -12.81 -3.38 31.93
C ASP A 48 -12.92 -4.81 32.46
N PRO A 49 -12.27 -5.13 33.60
CA PRO A 49 -12.38 -6.47 34.20
C PRO A 49 -13.60 -6.63 35.11
N SER A 50 -14.75 -6.16 34.63
CA SER A 50 -16.02 -6.25 35.34
C SER A 50 -17.16 -6.10 34.34
N PRO A 51 -17.59 -7.18 33.68
CA PRO A 51 -18.68 -7.06 32.71
C PRO A 51 -20.01 -6.86 33.40
N GLN A 52 -20.81 -5.95 32.86
CA GLN A 52 -22.12 -5.61 33.41
C GLN A 52 -23.19 -6.27 32.55
N GLU A 53 -23.85 -7.28 33.10
CA GLU A 53 -24.94 -7.98 32.44
C GLU A 53 -26.22 -7.70 33.20
N LEU A 54 -27.22 -7.15 32.51
CA LEU A 54 -28.50 -6.80 33.11
C LEU A 54 -29.60 -7.58 32.40
N VAL A 55 -30.45 -8.23 33.18
CA VAL A 55 -31.56 -9.00 32.63
C VAL A 55 -32.79 -8.10 32.57
N LEU A 56 -33.53 -8.17 31.46
CA LEU A 56 -34.72 -7.36 31.31
C LEU A 56 -35.90 -8.04 32.01
N GLY A 57 -36.95 -7.25 32.22
CA GLY A 57 -38.07 -7.72 33.02
C GLY A 57 -38.96 -8.79 32.42
N ASN A 58 -39.77 -8.40 31.43
CA ASN A 58 -40.81 -9.31 30.94
C ASN A 58 -40.97 -9.26 29.42
N VAL A 59 -39.89 -9.01 28.70
CA VAL A 59 -39.96 -8.81 27.25
C VAL A 59 -39.52 -10.09 26.54
N THR A 60 -40.11 -10.33 25.37
CA THR A 60 -39.76 -11.44 24.50
C THR A 60 -39.32 -10.87 23.15
N GLU A 61 -38.28 -11.44 22.57
CA GLU A 61 -37.73 -10.93 21.32
C GLU A 61 -37.53 -12.06 20.33
N ASN A 62 -37.78 -11.77 19.05
CA ASN A 62 -37.63 -12.77 17.98
C ASN A 62 -36.17 -12.84 17.57
N PHE A 63 -35.45 -13.81 18.11
CA PHE A 63 -34.05 -14.02 17.79
C PHE A 63 -33.92 -14.93 16.58
N ASN A 64 -32.93 -14.64 15.74
CA ASN A 64 -32.62 -15.45 14.57
C ASN A 64 -31.14 -15.28 14.25
N MET A 65 -30.48 -16.36 13.87
CA MET A 65 -29.05 -16.32 13.64
C MET A 65 -28.64 -16.56 12.19
N TRP A 66 -29.50 -17.13 11.35
CA TRP A 66 -29.11 -17.37 9.97
C TRP A 66 -29.14 -16.09 9.14
N LYS A 67 -30.09 -15.19 9.41
CA LYS A 67 -30.09 -13.86 8.81
C LYS A 67 -29.50 -12.90 9.85
N ASN A 68 -28.18 -12.96 9.99
CA ASN A 68 -27.45 -12.14 10.94
C ASN A 68 -26.37 -11.36 10.20
N ASP A 69 -26.12 -10.13 10.67
CA ASP A 69 -25.09 -9.30 10.06
C ASP A 69 -23.77 -9.32 10.83
N MET A 70 -23.77 -9.79 12.08
CA MET A 70 -22.54 -9.82 12.85
C MET A 70 -21.59 -10.91 12.37
N VAL A 71 -22.13 -12.03 11.87
CA VAL A 71 -21.29 -13.10 11.36
C VAL A 71 -20.59 -12.67 10.08
N ASP A 72 -21.31 -11.96 9.21
CA ASP A 72 -20.71 -11.45 7.98
C ASP A 72 -19.65 -10.38 8.27
N GLN A 73 -19.90 -9.55 9.30
CA GLN A 73 -18.90 -8.55 9.69
C GLN A 73 -17.66 -9.20 10.28
N MET A 74 -17.83 -10.27 11.07
CA MET A 74 -16.69 -11.01 11.59
C MET A 74 -15.90 -11.68 10.46
N HIS A 75 -16.60 -12.26 9.49
CA HIS A 75 -15.94 -12.91 8.36
C HIS A 75 -15.16 -11.91 7.51
N GLU A 76 -15.76 -10.73 7.26
CA GLU A 76 -15.09 -9.70 6.48
C GLU A 76 -13.89 -9.12 7.22
N ASP A 77 -14.03 -8.92 8.54
CA ASP A 77 -12.92 -8.41 9.35
C ASP A 77 -11.77 -9.40 9.39
N ILE A 78 -12.08 -10.70 9.52
CA ILE A 78 -11.04 -11.72 9.57
C ILE A 78 -10.33 -11.85 8.22
N ILE A 79 -11.09 -11.78 7.11
CA ILE A 79 -10.47 -11.86 5.78
C ILE A 79 -9.58 -10.66 5.51
N SER A 80 -10.08 -9.45 5.81
CA SER A 80 -9.31 -8.24 5.54
C SER A 80 -8.08 -8.15 6.44
N LEU A 81 -8.20 -8.61 7.68
CA LEU A 81 -7.06 -8.56 8.59
C LEU A 81 -6.05 -9.65 8.27
N TRP A 82 -6.52 -10.79 7.76
CA TRP A 82 -5.60 -11.83 7.31
C TRP A 82 -4.83 -11.40 6.08
N ASP A 83 -5.48 -10.65 5.18
CA ASP A 83 -4.78 -10.08 4.04
C ASP A 83 -3.87 -8.93 4.46
N GLN A 84 -4.19 -8.26 5.56
CA GLN A 84 -3.38 -7.13 6.02
C GLN A 84 -2.07 -7.59 6.66
N SER A 85 -2.05 -8.76 7.28
CA SER A 85 -0.88 -9.22 8.00
C SER A 85 0.19 -9.82 7.09
N LEU A 86 -0.14 -10.15 5.84
CA LEU A 86 0.83 -10.71 4.90
C LEU A 86 1.35 -9.68 3.92
N LYS A 87 1.04 -8.39 4.12
CA LYS A 87 1.53 -7.36 3.22
C LYS A 87 3.05 -7.15 3.29
N PRO A 88 3.71 -6.95 4.48
CA PRO A 88 5.16 -6.71 4.43
C PRO A 88 5.99 -7.99 4.48
N CYS A 89 5.35 -9.14 4.27
CA CYS A 89 6.04 -10.41 4.38
C CYS A 89 6.82 -10.74 3.11
N VAL A 90 7.59 -11.83 3.20
CA VAL A 90 8.45 -12.25 2.09
C VAL A 90 7.60 -12.92 1.01
N LYS A 91 7.90 -12.60 -0.25
CA LYS A 91 7.22 -13.20 -1.39
C LYS A 91 8.11 -14.30 -1.98
N LEU A 92 7.53 -15.48 -2.19
CA LEU A 92 8.28 -16.62 -2.71
C LEU A 92 8.19 -16.71 -4.24
N THR A 93 8.47 -15.59 -4.91
CA THR A 93 8.55 -15.62 -6.37
C THR A 93 9.74 -16.42 -6.90
N PRO A 94 11.02 -16.27 -6.40
CA PRO A 94 12.10 -17.04 -7.02
C PRO A 94 12.22 -18.48 -6.55
N LEU A 95 11.18 -19.03 -5.93
CA LEU A 95 11.18 -20.44 -5.53
C LEU A 95 10.44 -21.33 -6.50
N CYS A 96 10.17 -20.84 -7.72
CA CYS A 96 9.53 -21.64 -8.76
C CYS A 96 10.54 -22.38 -9.63
N VAL A 97 11.74 -22.62 -9.11
CA VAL A 97 12.80 -23.29 -9.84
C VAL A 97 12.46 -24.78 -9.99
N THR A 98 13.01 -25.42 -11.03
CA THR A 98 12.93 -26.87 -11.16
C THR A 98 13.61 -27.54 -9.97
N LEU A 99 12.87 -28.41 -9.29
CA LEU A 99 13.37 -29.10 -8.11
C LEU A 99 13.76 -30.52 -8.49
N ILE A 100 15.06 -30.79 -8.49
CA ILE A 100 15.57 -32.14 -8.74
C ILE A 100 15.53 -32.87 -7.40
N CYS A 101 14.70 -33.91 -7.31
CA CYS A 101 14.40 -34.54 -6.04
C CYS A 101 14.84 -36.00 -6.04
N SER A 102 15.04 -36.51 -4.83
CA SER A 102 15.41 -37.90 -4.57
C SER A 102 14.84 -38.28 -3.22
N ASP A 103 15.33 -39.37 -2.64
CA ASP A 103 14.87 -39.81 -1.33
C ASP A 103 15.69 -39.10 -0.24
N ALA A 104 15.57 -39.59 0.99
CA ALA A 104 16.21 -38.96 2.14
C ALA A 104 17.69 -39.35 2.21
N GLY A 105 18.32 -39.07 3.35
CA GLY A 105 19.74 -39.30 3.54
C GLY A 105 20.18 -40.74 3.54
N SER A 106 19.76 -41.51 4.55
CA SER A 106 20.18 -42.90 4.68
C SER A 106 19.02 -43.84 4.99
N GLY A 107 17.78 -43.38 4.93
CA GLY A 107 16.65 -44.22 5.24
C GLY A 107 15.41 -43.91 4.44
N GLY A 108 14.27 -44.42 4.88
CA GLY A 108 13.00 -44.20 4.21
C GLY A 108 12.09 -43.31 5.05
N VAL A 109 11.59 -42.24 4.44
CA VAL A 109 10.68 -41.32 5.09
C VAL A 109 9.30 -41.49 4.47
N GLU A 110 8.28 -41.12 5.25
CA GLU A 110 6.90 -41.38 4.84
C GLU A 110 6.45 -40.45 3.72
N GLU A 111 6.72 -39.15 3.85
CA GLU A 111 6.13 -38.20 2.91
C GLU A 111 7.06 -37.07 2.48
N MET A 112 8.35 -37.14 2.75
CA MET A 112 9.24 -36.06 2.40
C MET A 112 10.16 -36.43 1.23
N LYS A 113 10.60 -35.42 0.50
CA LYS A 113 11.58 -35.57 -0.57
C LYS A 113 12.66 -34.53 -0.36
N ASN A 114 13.86 -34.81 -0.86
CA ASN A 114 14.99 -33.91 -0.64
C ASN A 114 14.85 -32.63 -1.45
N CYS A 115 14.75 -32.76 -2.78
CA CYS A 115 14.49 -31.65 -3.71
C CYS A 115 15.55 -30.55 -3.63
N SER A 116 16.77 -30.92 -3.98
CA SER A 116 17.86 -29.95 -4.06
C SER A 116 17.73 -29.13 -5.33
N PHE A 117 17.90 -27.82 -5.22
CA PHE A 117 17.72 -26.92 -6.35
C PHE A 117 18.82 -25.87 -6.30
N ASN A 118 18.75 -24.91 -7.22
CA ASN A 118 19.67 -23.78 -7.25
C ASN A 118 18.87 -22.48 -7.18
N THR A 119 19.45 -21.47 -6.54
CA THR A 119 18.76 -20.21 -6.38
C THR A 119 19.74 -19.05 -6.38
N THR A 120 19.22 -17.87 -6.69
CA THR A 120 20.02 -16.66 -6.70
C THR A 120 20.33 -16.20 -5.28
N THR A 121 21.55 -15.72 -5.08
CA THR A 121 21.96 -15.18 -3.79
C THR A 121 21.57 -13.71 -3.72
N GLU A 122 22.11 -12.99 -2.74
CA GLU A 122 21.83 -11.57 -2.60
C GLU A 122 22.44 -10.73 -3.71
N ILE A 123 23.43 -11.27 -4.42
CA ILE A 123 24.02 -10.62 -5.59
C ILE A 123 23.30 -11.14 -6.82
N ARG A 124 22.94 -10.24 -7.74
CA ARG A 124 22.25 -10.66 -8.96
C ARG A 124 23.28 -11.03 -10.05
N ASP A 125 24.22 -11.88 -9.67
CA ASP A 125 25.18 -12.47 -10.60
C ASP A 125 25.24 -13.98 -10.48
N LYS A 126 25.39 -14.47 -9.26
CA LYS A 126 25.70 -15.86 -8.98
C LYS A 126 24.47 -16.63 -8.49
N GLU A 127 24.55 -17.95 -8.62
CA GLU A 127 23.52 -18.86 -8.12
C GLU A 127 24.20 -19.98 -7.37
N LYS A 128 23.59 -20.41 -6.27
CA LYS A 128 24.16 -21.45 -5.43
C LYS A 128 23.14 -22.56 -5.22
N LYS A 129 23.65 -23.77 -5.00
CA LYS A 129 22.81 -24.94 -4.80
C LYS A 129 22.44 -25.08 -3.33
N GLU A 130 21.14 -25.20 -3.06
CA GLU A 130 20.64 -25.37 -1.71
C GLU A 130 19.62 -26.50 -1.70
N TYR A 131 19.46 -27.12 -0.54
CA TYR A 131 18.55 -28.23 -0.35
C TYR A 131 17.52 -27.90 0.73
N ALA A 132 16.46 -28.70 0.76
CA ALA A 132 15.38 -28.50 1.72
C ALA A 132 14.78 -29.87 2.03
N LEU A 133 13.57 -29.88 2.58
CA LEU A 133 12.79 -31.11 2.75
C LEU A 133 11.32 -30.71 2.61
N PHE A 134 10.80 -30.83 1.40
CA PHE A 134 9.42 -30.47 1.12
C PHE A 134 8.52 -31.69 1.26
N TYR A 135 7.29 -31.44 1.70
CA TYR A 135 6.32 -32.51 1.84
C TYR A 135 5.81 -32.97 0.48
N LYS A 136 5.28 -34.19 0.45
CA LYS A 136 4.72 -34.73 -0.80
C LYS A 136 3.51 -33.97 -1.35
N PRO A 137 2.52 -33.49 -0.56
CA PRO A 137 1.44 -32.70 -1.18
C PRO A 137 1.87 -31.35 -1.72
N ASP A 138 3.04 -30.83 -1.36
CA ASP A 138 3.54 -29.57 -1.89
C ASP A 138 4.38 -29.74 -3.15
N ILE A 139 4.50 -30.96 -3.66
CA ILE A 139 5.42 -31.28 -4.74
C ILE A 139 4.60 -31.88 -5.88
N VAL A 140 4.73 -31.31 -7.07
CA VAL A 140 3.96 -31.76 -8.23
C VAL A 140 4.92 -32.01 -9.39
N PRO A 141 4.83 -33.16 -10.07
CA PRO A 141 5.69 -33.40 -11.22
C PRO A 141 5.22 -32.64 -12.46
N LEU A 142 6.18 -32.19 -13.26
CA LEU A 142 5.88 -31.55 -14.52
C LEU A 142 6.11 -32.55 -15.66
N SER A 143 5.89 -32.07 -16.88
CA SER A 143 6.00 -32.80 -18.16
C SER A 143 5.01 -33.98 -18.13
N GLU A 144 5.30 -35.05 -18.87
CA GLU A 144 4.38 -36.17 -19.00
C GLU A 144 5.10 -37.50 -18.77
N THR A 145 6.40 -37.52 -19.06
CA THR A 145 7.17 -38.76 -19.03
C THR A 145 7.36 -39.28 -17.61
N ASN A 146 7.88 -40.50 -17.51
CA ASN A 146 8.08 -41.18 -16.24
C ASN A 146 9.36 -40.77 -15.52
N ASN A 147 10.03 -39.71 -15.97
CA ASN A 147 11.22 -39.20 -15.30
C ASN A 147 10.81 -38.54 -14.00
N THR A 148 10.97 -39.26 -12.90
CA THR A 148 10.59 -38.75 -11.57
C THR A 148 11.73 -37.98 -10.92
N SER A 149 12.26 -37.00 -11.64
CA SER A 149 13.34 -36.16 -11.13
C SER A 149 12.97 -34.69 -11.11
N GLU A 150 12.41 -34.16 -12.20
CA GLU A 150 12.11 -32.73 -12.32
C GLU A 150 10.73 -32.46 -11.73
N TYR A 151 10.69 -32.26 -10.41
CA TYR A 151 9.48 -31.87 -9.72
C TYR A 151 9.40 -30.34 -9.65
N ARG A 152 8.30 -29.83 -9.10
CA ARG A 152 8.15 -28.39 -8.95
C ARG A 152 7.20 -28.11 -7.78
N LEU A 153 7.19 -26.85 -7.35
CA LEU A 153 6.33 -26.42 -6.27
C LEU A 153 4.89 -26.30 -6.77
N ILE A 154 3.93 -26.55 -5.87
CA ILE A 154 2.54 -26.69 -6.31
C ILE A 154 1.88 -25.34 -6.59
N ASN A 155 2.25 -24.28 -5.88
CA ASN A 155 1.57 -23.00 -6.05
C ASN A 155 2.22 -22.10 -7.11
N CYS A 156 3.22 -22.60 -7.84
CA CYS A 156 3.83 -21.86 -8.94
C CYS A 156 3.11 -22.10 -10.26
N ASN A 157 1.83 -22.45 -10.21
CA ASN A 157 1.03 -22.76 -11.38
C ASN A 157 -0.26 -21.96 -11.32
N THR A 158 -0.72 -21.63 -10.11
CA THR A 158 -1.97 -20.91 -9.95
C THR A 158 -1.77 -19.41 -9.73
N SER A 159 -1.13 -19.01 -8.62
CA SER A 159 -1.02 -17.59 -8.23
C SER A 159 -0.09 -17.47 -7.03
N ALA A 160 -0.02 -16.24 -6.50
CA ALA A 160 0.46 -15.87 -5.17
C ALA A 160 1.94 -16.14 -4.89
N CYS A 161 2.21 -17.28 -4.21
CA CYS A 161 3.52 -17.65 -3.65
C CYS A 161 4.01 -16.59 -2.65
N THR A 162 3.27 -16.50 -1.53
CA THR A 162 3.58 -15.56 -0.46
C THR A 162 3.86 -16.31 0.83
N GLN A 163 4.99 -16.02 1.47
CA GLN A 163 5.37 -16.66 2.72
C GLN A 163 4.77 -15.89 3.89
N ALA A 164 4.45 -16.62 4.95
CA ALA A 164 4.02 -15.97 6.19
C ALA A 164 5.22 -15.36 6.90
N CYS A 165 4.96 -14.32 7.67
CA CYS A 165 6.02 -13.67 8.44
C CYS A 165 6.39 -14.53 9.64
N PRO A 166 7.67 -14.81 9.85
CA PRO A 166 8.06 -15.70 10.95
C PRO A 166 8.27 -14.99 12.28
N LYS A 167 7.36 -14.08 12.64
CA LYS A 167 7.40 -13.43 13.94
C LYS A 167 6.01 -13.46 14.56
N VAL A 168 4.99 -13.53 13.72
CA VAL A 168 3.61 -13.57 14.20
C VAL A 168 3.25 -14.99 14.64
N THR A 169 2.23 -15.08 15.49
CA THR A 169 1.74 -16.35 16.00
C THR A 169 0.24 -16.44 15.78
N PHE A 170 -0.25 -17.65 15.57
CA PHE A 170 -1.67 -17.86 15.28
C PHE A 170 -2.43 -18.37 16.51
N GLU A 171 -2.04 -17.97 17.70
CA GLU A 171 -2.73 -18.40 18.91
C GLU A 171 -4.08 -17.68 19.02
N PRO A 172 -5.18 -18.41 19.17
CA PRO A 172 -6.51 -17.77 19.23
C PRO A 172 -6.86 -17.17 20.59
N ILE A 173 -6.45 -15.91 20.78
CA ILE A 173 -6.81 -15.18 21.99
C ILE A 173 -8.26 -14.72 21.83
N PRO A 174 -9.03 -14.59 22.91
CA PRO A 174 -10.42 -14.15 22.76
C PRO A 174 -10.51 -12.66 22.45
N ILE A 175 -11.59 -12.30 21.75
CA ILE A 175 -11.90 -10.91 21.43
C ILE A 175 -13.38 -10.66 21.67
N HIS A 176 -13.73 -9.41 21.94
CA HIS A 176 -15.11 -9.01 22.15
C HIS A 176 -15.48 -7.95 21.11
N TYR A 177 -16.57 -8.18 20.39
CA TYR A 177 -17.11 -7.18 19.47
C TYR A 177 -18.07 -6.29 20.24
N CYS A 178 -17.82 -4.98 20.24
CA CYS A 178 -18.63 -4.08 21.05
C CYS A 178 -19.32 -3.04 20.19
N ALA A 179 -20.63 -2.91 20.41
CA ALA A 179 -21.45 -1.94 19.69
C ALA A 179 -21.11 -0.52 20.13
N PRO A 180 -21.24 0.47 19.22
CA PRO A 180 -20.91 1.85 19.60
C PRO A 180 -21.94 2.49 20.52
N ALA A 181 -21.76 3.79 20.78
CA ALA A 181 -22.71 4.53 21.60
C ALA A 181 -24.03 4.68 20.87
N GLY A 182 -25.12 4.52 21.61
CA GLY A 182 -26.44 4.53 21.03
C GLY A 182 -26.91 3.20 20.51
N TYR A 183 -26.21 2.11 20.83
CA TYR A 183 -26.60 0.78 20.41
C TYR A 183 -26.46 -0.17 21.60
N ALA A 184 -27.21 -1.25 21.56
CA ALA A 184 -27.16 -2.26 22.61
C ALA A 184 -27.02 -3.63 21.96
N ILE A 185 -26.63 -4.63 22.77
CA ILE A 185 -26.53 -6.00 22.27
C ILE A 185 -27.45 -6.86 23.12
N LEU A 186 -28.48 -7.42 22.48
CA LEU A 186 -29.42 -8.30 23.17
C LEU A 186 -28.92 -9.73 23.09
N LYS A 187 -29.14 -10.48 24.17
CA LYS A 187 -28.63 -11.83 24.28
C LYS A 187 -29.71 -12.72 24.87
N CYS A 188 -29.94 -13.88 24.26
CA CYS A 188 -30.98 -14.80 24.69
C CYS A 188 -30.39 -15.83 25.65
N ASN A 189 -31.03 -15.99 26.81
CA ASN A 189 -30.56 -16.90 27.84
C ASN A 189 -31.39 -18.18 27.93
N ASP A 190 -32.25 -18.43 26.94
CA ASP A 190 -33.08 -19.63 26.96
C ASP A 190 -32.22 -20.85 26.59
N GLU A 191 -32.35 -21.91 27.39
CA GLU A 191 -31.48 -23.07 27.22
C GLU A 191 -31.88 -23.93 26.03
N THR A 192 -33.17 -24.10 25.80
CA THR A 192 -33.68 -24.91 24.69
C THR A 192 -33.92 -24.09 23.43
N PHE A 193 -33.22 -22.97 23.27
CA PHE A 193 -33.35 -22.12 22.10
C PHE A 193 -32.73 -22.83 20.90
N ASN A 194 -33.55 -23.09 19.87
CA ASN A 194 -33.12 -23.86 18.71
C ASN A 194 -32.59 -22.98 17.58
N GLY A 195 -32.15 -21.76 17.88
CA GLY A 195 -31.54 -20.90 16.89
C GLY A 195 -32.48 -20.02 16.11
N THR A 196 -33.79 -20.19 16.25
CA THR A 196 -34.76 -19.38 15.52
C THR A 196 -36.06 -19.35 16.31
N GLY A 197 -36.53 -18.16 16.67
CA GLY A 197 -37.80 -18.04 17.34
C GLY A 197 -37.82 -17.04 18.47
N PRO A 198 -38.89 -17.05 19.27
CA PRO A 198 -38.98 -16.10 20.37
C PRO A 198 -38.19 -16.55 21.59
N CYS A 199 -37.57 -15.58 22.26
CA CYS A 199 -36.86 -15.79 23.51
C CYS A 199 -37.52 -14.93 24.58
N SER A 200 -37.77 -15.52 25.75
CA SER A 200 -38.48 -14.85 26.83
C SER A 200 -37.58 -14.46 27.99
N ASN A 201 -36.26 -14.57 27.82
CA ASN A 201 -35.31 -14.18 28.86
C ASN A 201 -34.21 -13.34 28.25
N VAL A 202 -34.60 -12.35 27.45
CA VAL A 202 -33.64 -11.51 26.75
C VAL A 202 -32.96 -10.56 27.72
N SER A 203 -31.64 -10.56 27.73
CA SER A 203 -30.84 -9.70 28.58
C SER A 203 -29.99 -8.78 27.71
N THR A 204 -30.02 -7.49 28.01
CA THR A 204 -29.17 -6.57 27.27
C THR A 204 -27.76 -6.57 27.86
N VAL A 205 -26.80 -6.14 27.03
CA VAL A 205 -25.41 -6.07 27.47
C VAL A 205 -24.74 -5.04 26.56
N GLN A 206 -23.64 -4.45 27.06
CA GLN A 206 -22.80 -3.62 26.21
C GLN A 206 -22.16 -4.45 25.12
N CYS A 207 -21.48 -5.54 25.50
CA CYS A 207 -20.86 -6.42 24.51
C CYS A 207 -20.57 -7.81 25.09
N THR A 208 -19.98 -8.63 24.24
CA THR A 208 -20.02 -10.09 24.33
C THR A 208 -18.96 -10.66 25.26
N HIS A 209 -18.91 -12.00 25.28
CA HIS A 209 -17.93 -12.76 26.03
C HIS A 209 -16.74 -13.06 25.12
N GLY A 210 -15.87 -13.97 25.55
CA GLY A 210 -14.71 -14.33 24.79
C GLY A 210 -15.01 -15.20 23.58
N ILE A 211 -14.63 -14.74 22.39
CA ILE A 211 -14.79 -15.48 21.16
C ILE A 211 -13.41 -15.79 20.60
N ARG A 212 -13.11 -17.07 20.44
CA ARG A 212 -11.82 -17.48 19.91
C ARG A 212 -11.96 -17.79 18.43
N PRO A 213 -11.35 -17.02 17.54
CA PRO A 213 -11.53 -17.24 16.08
C PRO A 213 -10.66 -18.37 15.55
N VAL A 214 -10.99 -19.59 15.96
CA VAL A 214 -10.29 -20.76 15.46
C VAL A 214 -10.76 -21.09 14.05
N VAL A 215 -9.99 -21.93 13.37
CA VAL A 215 -10.32 -22.38 12.02
C VAL A 215 -10.36 -23.89 12.04
N SER A 216 -11.52 -24.46 11.73
CA SER A 216 -11.69 -25.90 11.69
C SER A 216 -12.88 -26.23 10.79
N THR A 217 -12.73 -27.27 9.97
CA THR A 217 -13.82 -27.69 9.10
C THR A 217 -14.82 -28.55 9.84
N GLN A 218 -14.37 -29.65 10.40
CA GLN A 218 -15.17 -30.54 11.24
C GLN A 218 -14.61 -30.48 12.66
N LEU A 219 -15.43 -30.94 13.62
CA LEU A 219 -15.03 -31.15 15.01
C LEU A 219 -14.53 -29.85 15.66
N LEU A 220 -15.48 -28.95 15.91
CA LEU A 220 -15.27 -27.65 16.56
C LEU A 220 -14.37 -27.73 17.78
N LEU A 221 -13.30 -26.95 17.74
CA LEU A 221 -12.30 -26.87 18.80
C LEU A 221 -12.76 -25.84 19.83
N ASN A 222 -11.82 -25.33 20.64
CA ASN A 222 -12.01 -24.44 21.79
C ASN A 222 -13.11 -23.39 21.60
N GLY A 223 -14.01 -23.32 22.56
CA GLY A 223 -15.11 -22.37 22.49
C GLY A 223 -16.02 -22.55 23.67
N SER A 224 -17.05 -21.71 23.72
CA SER A 224 -18.03 -21.78 24.80
C SER A 224 -18.92 -23.00 24.64
N LEU A 225 -19.27 -23.61 25.76
CA LEU A 225 -20.13 -24.79 25.77
C LEU A 225 -21.59 -24.37 25.96
N ALA A 226 -22.48 -25.34 25.80
CA ALA A 226 -23.90 -25.12 26.03
C ALA A 226 -24.23 -25.47 27.48
N GLU A 227 -25.51 -25.51 27.81
CA GLU A 227 -25.98 -25.92 29.12
C GLU A 227 -27.04 -26.99 28.95
N LYS A 228 -27.47 -27.55 30.09
CA LYS A 228 -28.47 -28.61 30.20
C LYS A 228 -28.07 -29.84 29.40
N GLU A 229 -28.56 -29.96 28.16
CA GLU A 229 -28.33 -31.13 27.34
C GLU A 229 -27.74 -30.70 26.00
N ILE A 230 -27.49 -31.69 25.14
CA ILE A 230 -26.99 -31.47 23.79
C ILE A 230 -28.05 -30.75 22.97
N VAL A 231 -27.64 -29.80 22.13
CA VAL A 231 -28.58 -29.00 21.36
C VAL A 231 -28.22 -29.13 19.89
N ILE A 232 -29.23 -29.21 19.02
CA ILE A 232 -29.04 -29.31 17.58
C ILE A 232 -29.67 -28.10 16.90
N ARG A 233 -28.89 -27.45 16.04
CA ARG A 233 -29.34 -26.28 15.29
C ARG A 233 -29.27 -26.58 13.80
N SER A 234 -30.25 -26.06 13.06
CA SER A 234 -30.32 -26.23 11.63
C SER A 234 -31.20 -25.13 11.05
N GLU A 235 -31.33 -25.11 9.72
CA GLU A 235 -32.13 -24.12 9.01
C GLU A 235 -33.55 -24.58 8.74
N ASN A 236 -33.72 -25.76 8.15
CA ASN A 236 -35.05 -26.24 7.78
C ASN A 236 -35.33 -27.64 8.30
N LEU A 237 -34.26 -28.44 8.50
CA LEU A 237 -34.31 -29.84 8.94
C LEU A 237 -35.11 -30.75 8.00
N THR A 238 -35.27 -30.34 6.74
CA THR A 238 -35.95 -31.15 5.74
C THR A 238 -35.06 -31.48 4.56
N ASN A 239 -34.39 -30.47 4.00
CA ASN A 239 -33.48 -30.69 2.89
C ASN A 239 -32.08 -31.08 3.37
N ASN A 240 -31.29 -31.62 2.44
CA ASN A 240 -29.94 -32.09 2.73
C ASN A 240 -28.86 -31.06 2.41
N ALA A 241 -29.23 -29.85 1.99
CA ALA A 241 -28.27 -28.84 1.57
C ALA A 241 -27.88 -27.88 2.68
N LYS A 242 -28.37 -28.05 3.90
CA LYS A 242 -28.04 -27.18 5.02
C LYS A 242 -27.17 -27.92 6.02
N ILE A 243 -26.06 -27.31 6.40
CA ILE A 243 -25.12 -27.91 7.35
C ILE A 243 -25.72 -27.83 8.75
N ILE A 244 -25.84 -28.98 9.40
CA ILE A 244 -26.47 -29.07 10.71
C ILE A 244 -25.38 -29.01 11.78
N ILE A 245 -25.66 -28.32 12.88
CA ILE A 245 -24.66 -28.01 13.89
C ILE A 245 -25.09 -28.65 15.21
N VAL A 246 -24.19 -29.39 15.83
CA VAL A 246 -24.44 -30.02 17.12
C VAL A 246 -23.57 -29.34 18.17
N HIS A 247 -24.20 -28.83 19.22
CA HIS A 247 -23.53 -28.16 20.32
C HIS A 247 -23.60 -29.08 21.53
N LEU A 248 -22.44 -29.46 22.07
CA LEU A 248 -22.35 -30.46 23.12
C LEU A 248 -22.50 -29.84 24.51
N HIS A 249 -22.37 -30.69 25.52
CA HIS A 249 -22.47 -30.30 26.92
C HIS A 249 -21.28 -30.84 27.69
N THR A 250 -20.76 -31.99 27.27
CA THR A 250 -19.62 -32.63 27.92
C THR A 250 -18.40 -32.57 27.02
N PRO A 251 -17.29 -32.01 27.48
CA PRO A 251 -16.09 -31.97 26.64
C PRO A 251 -15.40 -33.32 26.53
N VAL A 252 -14.68 -33.51 25.43
CA VAL A 252 -13.90 -34.72 25.18
C VAL A 252 -12.47 -34.29 24.86
N GLU A 253 -11.50 -34.87 25.56
CA GLU A 253 -10.11 -34.51 25.36
C GLU A 253 -9.59 -35.04 24.02
N ILE A 254 -8.63 -34.31 23.46
CA ILE A 254 -8.02 -34.66 22.18
C ILE A 254 -6.59 -34.12 22.17
N VAL A 255 -5.63 -34.96 21.74
CA VAL A 255 -4.24 -34.53 21.65
C VAL A 255 -3.71 -34.88 20.27
N CYS A 256 -2.69 -34.15 19.83
CA CYS A 256 -2.06 -34.39 18.53
C CYS A 256 -0.56 -34.17 18.66
N THR A 257 0.23 -35.07 18.09
CA THR A 257 1.68 -35.00 18.26
C THR A 257 2.44 -34.95 16.94
N ARG A 258 3.76 -35.10 17.00
CA ARG A 258 4.65 -34.96 15.85
C ARG A 258 6.01 -35.56 16.21
N PRO A 259 6.79 -36.00 15.21
CA PRO A 259 8.21 -36.32 15.46
C PRO A 259 9.09 -35.09 15.42
N ASN A 260 10.41 -35.29 15.49
CA ASN A 260 11.37 -34.20 15.59
C ASN A 260 11.77 -33.68 14.21
N ASN A 261 12.25 -32.43 14.19
CA ASN A 261 12.87 -31.80 13.05
C ASN A 261 14.17 -31.15 13.50
N ASN A 262 15.04 -30.81 12.54
CA ASN A 262 16.34 -30.27 12.93
C ASN A 262 16.23 -28.81 13.35
N THR A 263 15.89 -27.94 12.42
CA THR A 263 15.82 -26.49 12.63
C THR A 263 15.21 -25.88 11.37
N ARG A 264 15.08 -24.56 11.40
CA ARG A 264 14.71 -23.79 10.22
C ARG A 264 15.97 -23.54 9.41
N LYS A 265 16.12 -24.24 8.29
CA LYS A 265 17.24 -23.96 7.40
C LYS A 265 16.96 -22.65 6.68
N SER A 266 17.80 -21.64 6.94
CA SER A 266 17.58 -20.29 6.42
C SER A 266 18.25 -20.19 5.05
N VAL A 267 17.45 -19.97 4.02
CA VAL A 267 17.95 -19.80 2.65
C VAL A 267 17.65 -18.38 2.23
N ARG A 268 18.68 -17.67 1.76
CA ARG A 268 18.58 -16.28 1.35
C ARG A 268 18.43 -16.22 -0.16
N ILE A 269 17.38 -15.55 -0.63
CA ILE A 269 17.09 -15.44 -2.06
C ILE A 269 17.06 -14.00 -2.53
N GLY A 270 17.52 -13.06 -1.71
CA GLY A 270 17.52 -11.67 -2.10
C GLY A 270 18.05 -10.74 -1.02
N PRO A 271 17.96 -9.44 -1.25
CA PRO A 271 18.45 -8.48 -0.25
C PRO A 271 17.54 -8.38 0.96
N GLY A 272 17.69 -9.32 1.90
CA GLY A 272 16.90 -9.35 3.12
C GLY A 272 15.75 -10.32 3.09
N GLN A 273 15.34 -10.78 1.91
CA GLN A 273 14.25 -11.73 1.78
C GLN A 273 14.82 -13.14 1.96
N THR A 274 14.77 -13.63 3.20
CA THR A 274 15.26 -14.95 3.55
C THR A 274 14.10 -15.80 4.01
N PHE A 275 13.97 -17.01 3.49
CA PHE A 275 12.91 -17.88 3.96
C PHE A 275 13.51 -19.02 4.77
N TYR A 276 12.64 -19.74 5.46
CA TYR A 276 13.03 -20.85 6.31
C TYR A 276 12.36 -22.13 5.80
N ALA A 277 13.17 -23.11 5.44
CA ALA A 277 12.68 -24.40 4.98
C ALA A 277 13.01 -25.47 6.00
N THR A 278 12.45 -26.65 5.79
CA THR A 278 12.74 -27.78 6.67
C THR A 278 14.14 -28.29 6.42
N GLY A 279 14.93 -28.44 7.48
CA GLY A 279 16.31 -28.85 7.35
C GLY A 279 16.46 -30.35 7.34
N ASP A 280 17.15 -30.90 8.32
CA ASP A 280 17.34 -32.33 8.45
C ASP A 280 16.29 -32.90 9.41
N ILE A 281 16.40 -34.20 9.71
CA ILE A 281 15.60 -34.85 10.73
C ILE A 281 16.54 -35.74 11.53
N ILE A 282 16.58 -35.54 12.84
CA ILE A 282 17.43 -36.33 13.72
C ILE A 282 16.54 -37.35 14.42
N GLY A 283 16.86 -38.62 14.24
CA GLY A 283 16.12 -39.69 14.87
C GLY A 283 15.42 -40.57 13.84
N ASP A 284 14.39 -41.25 14.31
CA ASP A 284 13.60 -42.12 13.46
C ASP A 284 12.46 -41.31 12.81
N ILE A 285 11.69 -41.97 11.96
CA ILE A 285 10.57 -41.34 11.27
C ILE A 285 9.29 -41.93 11.83
N LYS A 286 8.48 -41.09 12.46
CA LYS A 286 7.20 -41.49 13.02
C LYS A 286 6.11 -40.65 12.38
N GLN A 287 4.87 -41.15 12.43
CA GLN A 287 3.76 -40.50 11.76
C GLN A 287 3.01 -39.62 12.74
N ALA A 288 2.73 -38.38 12.32
CA ALA A 288 2.04 -37.41 13.16
C ALA A 288 0.58 -37.82 13.32
N HIS A 289 0.19 -38.17 14.55
CA HIS A 289 -1.12 -38.73 14.82
C HIS A 289 -1.88 -37.87 15.81
N CYS A 290 -3.14 -38.26 16.01
CA CYS A 290 -4.01 -37.65 17.01
C CYS A 290 -4.70 -38.74 17.81
N ASN A 291 -5.04 -38.42 19.06
CA ASN A 291 -5.62 -39.37 20.00
C ASN A 291 -6.86 -38.78 20.64
N ILE A 292 -7.90 -39.61 20.75
CA ILE A 292 -9.17 -39.27 21.39
C ILE A 292 -9.56 -40.45 22.28
N SER A 293 -10.03 -40.16 23.50
CA SER A 293 -10.49 -41.22 24.39
C SER A 293 -11.72 -41.92 23.81
N GLU A 294 -11.80 -43.24 24.05
CA GLU A 294 -12.78 -44.06 23.36
C GLU A 294 -14.17 -43.96 23.98
N GLU A 295 -14.28 -44.19 25.30
CA GLU A 295 -15.59 -44.23 25.94
C GLU A 295 -16.25 -42.86 26.00
N LYS A 296 -15.44 -41.80 26.14
CA LYS A 296 -15.99 -40.45 26.14
C LYS A 296 -16.58 -40.10 24.78
N TRP A 297 -15.88 -40.45 23.70
CA TRP A 297 -16.42 -40.21 22.36
C TRP A 297 -17.63 -41.08 22.09
N ASN A 298 -17.62 -42.31 22.61
CA ASN A 298 -18.74 -43.23 22.39
C ASN A 298 -20.00 -42.75 23.08
N ASP A 299 -19.92 -42.36 24.36
CA ASP A 299 -21.13 -41.90 25.01
C ASP A 299 -21.50 -40.46 24.60
N THR A 300 -20.55 -39.68 24.09
CA THR A 300 -20.90 -38.37 23.53
C THR A 300 -21.70 -38.51 22.24
N LEU A 301 -21.25 -39.40 21.35
CA LEU A 301 -22.01 -39.68 20.13
C LEU A 301 -23.33 -40.38 20.46
N GLN A 302 -23.36 -41.17 21.53
CA GLN A 302 -24.61 -41.79 21.97
C GLN A 302 -25.61 -40.74 22.48
N LYS A 303 -25.13 -39.74 23.21
CA LYS A 303 -26.00 -38.66 23.66
C LYS A 303 -26.48 -37.83 22.48
N VAL A 304 -25.61 -37.62 21.49
CA VAL A 304 -25.99 -36.93 20.25
C VAL A 304 -27.09 -37.71 19.54
N GLY A 305 -26.98 -39.03 19.49
CA GLY A 305 -28.01 -39.84 18.85
C GLY A 305 -29.34 -39.83 19.60
N ILE A 306 -29.30 -39.95 20.93
CA ILE A 306 -30.55 -40.01 21.68
C ILE A 306 -31.23 -38.64 21.73
N GLU A 307 -30.47 -37.56 21.56
CA GLU A 307 -31.12 -36.25 21.50
C GLU A 307 -31.54 -35.90 20.07
N LEU A 308 -30.83 -36.40 19.06
CA LEU A 308 -31.24 -36.23 17.68
C LEU A 308 -32.45 -37.09 17.33
N GLN A 309 -32.74 -38.11 18.14
CA GLN A 309 -33.94 -38.91 17.92
C GLN A 309 -35.24 -38.18 18.27
N LYS A 310 -35.17 -36.97 18.85
CA LYS A 310 -36.39 -36.21 19.10
C LYS A 310 -36.99 -35.69 17.81
N HIS A 311 -36.16 -35.32 16.84
CA HIS A 311 -36.63 -34.79 15.56
C HIS A 311 -36.93 -35.88 14.54
N PHE A 312 -36.58 -37.12 14.82
CA PHE A 312 -36.85 -38.26 13.93
C PHE A 312 -37.41 -39.39 14.78
N PRO A 313 -38.73 -39.66 14.69
CA PRO A 313 -39.40 -40.52 15.69
C PRO A 313 -38.97 -41.97 15.74
N ASN A 314 -39.03 -42.68 14.61
CA ASN A 314 -38.77 -44.12 14.59
C ASN A 314 -37.76 -44.46 13.51
N LYS A 315 -36.65 -43.72 13.47
CA LYS A 315 -35.60 -43.92 12.49
C LYS A 315 -34.28 -44.22 13.18
N THR A 316 -33.55 -45.20 12.67
CA THR A 316 -32.20 -45.51 13.15
C THR A 316 -31.19 -44.67 12.38
N ILE A 317 -30.07 -44.35 13.03
CA ILE A 317 -29.06 -43.50 12.44
C ILE A 317 -27.75 -44.26 12.31
N LYS A 318 -26.99 -43.92 11.26
CA LYS A 318 -25.74 -44.56 10.90
C LYS A 318 -24.70 -43.46 10.67
N TYR A 319 -23.43 -43.79 10.85
CA TYR A 319 -22.36 -42.83 10.58
C TYR A 319 -21.31 -43.46 9.67
N ASN A 320 -20.76 -42.64 8.77
CA ASN A 320 -19.63 -43.03 7.94
C ASN A 320 -18.86 -41.78 7.55
N GLN A 321 -17.82 -41.96 6.73
CA GLN A 321 -16.93 -40.88 6.35
C GLN A 321 -17.58 -39.95 5.33
N SER A 322 -16.87 -38.89 4.97
CA SER A 322 -17.36 -37.93 4.00
C SER A 322 -17.35 -38.52 2.60
N ALA A 323 -18.19 -37.96 1.72
CA ALA A 323 -18.39 -38.48 0.38
C ALA A 323 -17.34 -37.88 -0.58
N GLY A 324 -16.16 -38.51 -0.58
CA GLY A 324 -15.12 -38.16 -1.52
C GLY A 324 -14.50 -36.79 -1.30
N GLY A 325 -14.03 -36.19 -2.38
CA GLY A 325 -13.40 -34.89 -2.35
C GLY A 325 -11.91 -34.97 -2.10
N ASP A 326 -11.25 -33.82 -2.30
CA ASP A 326 -9.82 -33.74 -2.07
C ASP A 326 -9.52 -33.54 -0.58
N MET A 327 -8.23 -33.38 -0.26
CA MET A 327 -7.76 -33.35 1.12
C MET A 327 -8.25 -32.14 1.90
N GLU A 328 -8.49 -31.01 1.22
CA GLU A 328 -8.89 -29.78 1.90
C GLU A 328 -10.31 -29.80 2.45
N ILE A 329 -11.15 -30.75 2.02
CA ILE A 329 -12.54 -30.80 2.48
C ILE A 329 -12.86 -32.06 3.28
N THR A 330 -12.24 -33.20 2.98
CA THR A 330 -12.60 -34.46 3.62
C THR A 330 -11.89 -34.69 4.95
N THR A 331 -11.01 -33.79 5.36
CA THR A 331 -10.22 -33.97 6.57
C THR A 331 -10.48 -32.84 7.56
N HIS A 332 -10.44 -33.20 8.84
CA HIS A 332 -10.48 -32.26 9.94
C HIS A 332 -9.19 -31.45 9.94
N SER A 333 -9.26 -30.19 9.53
CA SER A 333 -8.08 -29.35 9.37
C SER A 333 -8.04 -28.29 10.45
N PHE A 334 -6.87 -28.12 11.07
CA PHE A 334 -6.72 -27.14 12.14
C PHE A 334 -5.25 -26.70 12.20
N ASN A 335 -4.92 -25.93 13.23
CA ASN A 335 -3.60 -25.37 13.40
C ASN A 335 -3.09 -25.68 14.80
N CYS A 336 -1.77 -25.82 14.92
CA CYS A 336 -1.13 -25.97 16.23
C CYS A 336 0.30 -25.48 16.12
N GLY A 337 0.62 -24.42 16.88
CA GLY A 337 1.97 -23.88 16.92
C GLY A 337 2.47 -23.33 15.60
N GLY A 338 1.57 -22.92 14.71
CA GLY A 338 1.94 -22.49 13.39
C GLY A 338 2.06 -23.61 12.37
N GLU A 339 1.79 -24.85 12.76
CA GLU A 339 1.82 -25.98 11.84
C GLU A 339 0.39 -26.41 11.53
N PHE A 340 0.11 -26.65 10.26
CA PHE A 340 -1.24 -26.98 9.80
C PHE A 340 -1.42 -28.48 9.73
N PHE A 341 -2.52 -28.96 10.29
CA PHE A 341 -2.85 -30.38 10.32
C PHE A 341 -4.11 -30.63 9.51
N TYR A 342 -4.09 -31.70 8.72
CA TYR A 342 -5.24 -32.16 7.93
C TYR A 342 -5.41 -33.62 8.27
N CYS A 343 -6.42 -33.98 9.06
CA CYS A 343 -6.48 -35.34 9.59
C CYS A 343 -7.74 -36.09 9.20
N ASN A 344 -7.51 -37.35 8.79
CA ASN A 344 -8.55 -38.27 8.37
C ASN A 344 -9.43 -38.68 9.55
N THR A 345 -10.74 -38.57 9.38
CA THR A 345 -11.67 -38.90 10.45
C THR A 345 -12.61 -40.03 10.06
N SER A 346 -12.08 -41.09 9.47
CA SER A 346 -12.87 -42.25 9.11
C SER A 346 -13.05 -43.23 10.26
N ASN A 347 -12.47 -42.95 11.43
CA ASN A 347 -12.59 -43.83 12.59
C ASN A 347 -13.54 -43.30 13.65
N LEU A 348 -13.64 -41.98 13.81
CA LEU A 348 -14.51 -41.41 14.83
C LEU A 348 -15.98 -41.49 14.47
N PHE A 349 -16.30 -41.68 13.19
CA PHE A 349 -17.68 -41.69 12.73
C PHE A 349 -18.04 -43.07 12.22
N ASN A 350 -17.69 -44.09 12.99
CA ASN A 350 -17.94 -45.49 12.63
C ASN A 350 -18.86 -46.07 13.70
N GLY A 351 -20.16 -45.91 13.52
CA GLY A 351 -21.10 -46.38 14.52
C GLY A 351 -22.53 -46.21 14.05
N THR A 352 -23.45 -46.59 14.94
CA THR A 352 -24.87 -46.56 14.64
C THR A 352 -25.66 -46.44 15.95
N TYR A 353 -26.94 -46.14 15.82
CA TYR A 353 -27.84 -46.06 16.96
C TYR A 353 -29.24 -46.40 16.49
N ASN A 354 -29.86 -47.41 17.12
CA ASN A 354 -31.17 -47.90 16.72
C ASN A 354 -32.23 -47.71 17.79
N GLY A 355 -31.98 -46.89 18.80
CA GLY A 355 -32.95 -46.64 19.85
C GLY A 355 -32.67 -47.32 21.18
N THR A 356 -31.54 -48.01 21.31
CA THR A 356 -31.19 -48.72 22.53
C THR A 356 -29.96 -48.08 23.16
N TYR A 357 -30.07 -47.73 24.44
CA TYR A 357 -28.95 -47.16 25.17
C TYR A 357 -28.08 -48.29 25.72
N ILE A 358 -26.79 -48.25 25.40
CA ILE A 358 -25.81 -49.21 25.88
C ILE A 358 -24.80 -48.47 26.74
N SER A 359 -24.67 -48.87 27.99
CA SER A 359 -23.73 -48.23 28.90
C SER A 359 -22.38 -48.93 28.87
N THR A 360 -21.33 -48.16 29.16
CA THR A 360 -19.96 -48.64 29.19
C THR A 360 -19.41 -48.37 30.59
N ASN A 361 -19.54 -49.36 31.48
CA ASN A 361 -19.07 -49.25 32.86
C ASN A 361 -17.83 -50.13 33.01
N SER A 362 -16.67 -49.54 32.74
CA SER A 362 -15.39 -50.24 32.91
C SER A 362 -14.33 -49.17 33.19
N SER A 363 -13.98 -49.01 34.46
CA SER A 363 -13.03 -47.98 34.85
C SER A 363 -11.60 -48.34 34.48
N ALA A 364 -11.30 -49.64 34.39
CA ALA A 364 -9.95 -50.09 34.07
C ALA A 364 -9.68 -50.19 32.58
N ASN A 365 -10.67 -49.90 31.74
CA ASN A 365 -10.52 -49.99 30.29
C ASN A 365 -10.41 -48.61 29.65
N SER A 366 -9.81 -47.65 30.35
CA SER A 366 -9.56 -46.32 29.78
C SER A 366 -8.29 -46.27 28.96
N THR A 367 -7.53 -47.37 28.89
CA THR A 367 -6.32 -47.40 28.09
C THR A 367 -6.64 -47.38 26.60
N SER A 368 -7.75 -47.99 26.20
CA SER A 368 -8.14 -48.05 24.80
C SER A 368 -8.53 -46.66 24.29
N THR A 369 -7.88 -46.22 23.21
CA THR A 369 -8.10 -44.92 22.62
C THR A 369 -8.25 -45.08 21.11
N ILE A 370 -8.76 -44.03 20.47
CA ILE A 370 -8.93 -43.98 19.03
C ILE A 370 -7.86 -43.06 18.46
N THR A 371 -7.10 -43.57 17.51
CA THR A 371 -6.03 -42.83 16.87
C THR A 371 -6.46 -42.37 15.48
N LEU A 372 -5.84 -41.29 15.03
CA LEU A 372 -6.08 -40.70 13.72
C LEU A 372 -4.74 -40.53 13.04
N GLN A 373 -4.57 -41.20 11.89
CA GLN A 373 -3.32 -41.24 11.15
C GLN A 373 -3.37 -40.16 10.09
N CYS A 374 -2.40 -39.24 10.08
CA CYS A 374 -2.53 -38.12 9.17
C CYS A 374 -1.20 -37.47 8.79
N ARG A 375 -1.30 -36.59 7.80
CA ARG A 375 -0.20 -35.88 7.17
C ARG A 375 -0.22 -34.41 7.58
N ILE A 376 0.82 -33.69 7.15
CA ILE A 376 1.00 -32.27 7.44
C ILE A 376 1.32 -31.56 6.14
N LYS A 377 0.61 -30.48 5.85
CA LYS A 377 0.87 -29.64 4.69
C LYS A 377 1.53 -28.34 5.14
N GLN A 378 2.18 -27.68 4.19
CA GLN A 378 2.79 -26.38 4.42
C GLN A 378 2.17 -25.27 3.59
N ILE A 379 1.88 -25.54 2.32
CA ILE A 379 1.28 -24.54 1.43
C ILE A 379 -0.24 -24.58 1.65
N ILE A 380 -0.81 -23.43 2.01
CA ILE A 380 -2.21 -23.34 2.42
C ILE A 380 -2.97 -22.50 1.41
N ASN A 381 -4.12 -23.02 0.97
CA ASN A 381 -5.00 -22.36 0.01
C ASN A 381 -6.38 -22.19 0.67
N MET A 382 -6.36 -21.65 1.89
CA MET A 382 -7.57 -21.55 2.69
C MET A 382 -8.42 -20.35 2.27
N TRP A 383 -9.61 -20.26 2.87
CA TRP A 383 -10.71 -19.34 2.58
C TRP A 383 -11.36 -19.54 1.22
N GLN A 384 -10.99 -20.60 0.48
CA GLN A 384 -11.47 -21.03 -0.85
C GLN A 384 -11.71 -19.90 -1.84
N GLY A 385 -10.83 -18.91 -1.84
CA GLY A 385 -10.98 -17.71 -2.64
C GLY A 385 -10.37 -16.59 -1.84
N VAL A 386 -9.79 -15.60 -2.54
CA VAL A 386 -9.01 -14.45 -2.07
C VAL A 386 -7.98 -14.89 -1.01
N GLY A 387 -7.40 -16.07 -1.23
CA GLY A 387 -6.56 -16.74 -0.25
C GLY A 387 -5.21 -16.15 0.03
N ARG A 388 -4.50 -15.71 -1.03
CA ARG A 388 -3.08 -15.31 -0.98
C ARG A 388 -2.31 -16.51 -0.44
N CYS A 389 -2.13 -17.54 -1.29
CA CYS A 389 -1.57 -18.85 -0.96
C CYS A 389 -0.30 -18.77 -0.12
N MET A 390 -0.40 -19.29 1.09
CA MET A 390 0.49 -19.05 2.21
C MET A 390 1.52 -20.17 2.32
N TYR A 391 2.68 -19.84 2.88
CA TYR A 391 3.73 -20.82 3.17
C TYR A 391 4.06 -20.71 4.66
N ALA A 392 3.55 -21.65 5.44
CA ALA A 392 3.82 -21.65 6.88
C ALA A 392 5.24 -22.16 7.14
N PRO A 393 6.07 -21.42 7.88
CA PRO A 393 7.43 -21.91 8.15
C PRO A 393 7.39 -23.08 9.12
N PRO A 394 8.38 -23.97 9.05
CA PRO A 394 8.37 -25.15 9.93
C PRO A 394 8.76 -24.79 11.36
N ILE A 395 8.48 -25.74 12.25
CA ILE A 395 8.75 -25.61 13.67
C ILE A 395 9.84 -26.60 14.03
N ALA A 396 10.83 -26.14 14.81
CA ALA A 396 12.02 -26.94 15.09
C ALA A 396 11.72 -28.17 15.94
N GLY A 397 11.24 -27.96 17.17
CA GLY A 397 10.98 -29.06 18.07
C GLY A 397 9.64 -29.72 17.81
N ASN A 398 9.38 -30.77 18.58
CA ASN A 398 8.09 -31.44 18.51
C ASN A 398 7.01 -30.58 19.16
N ILE A 399 5.77 -30.79 18.73
CA ILE A 399 4.66 -29.96 19.19
C ILE A 399 3.55 -30.85 19.75
N THR A 400 2.71 -30.24 20.59
CA THR A 400 1.59 -30.91 21.22
C THR A 400 0.38 -29.99 21.18
N CYS A 401 -0.79 -30.56 20.94
CA CYS A 401 -2.04 -29.82 20.74
C CYS A 401 -3.13 -30.33 21.68
N ARG A 402 -2.85 -30.35 22.98
CA ARG A 402 -3.82 -30.79 23.97
C ARG A 402 -4.94 -29.75 24.05
N SER A 403 -6.01 -30.00 23.31
CA SER A 403 -7.11 -29.06 23.15
C SER A 403 -8.42 -29.69 23.63
N ASN A 404 -9.52 -28.98 23.38
CA ASN A 404 -10.86 -29.35 23.83
C ASN A 404 -11.81 -29.26 22.64
N ILE A 405 -12.78 -30.16 22.59
CA ILE A 405 -13.74 -30.21 21.49
C ILE A 405 -15.08 -29.68 22.00
N THR A 406 -15.77 -28.93 21.17
CA THR A 406 -17.00 -28.30 21.63
C THR A 406 -18.23 -28.69 20.82
N GLY A 407 -18.14 -28.70 19.50
CA GLY A 407 -19.29 -28.97 18.66
C GLY A 407 -18.92 -29.82 17.45
N LEU A 408 -19.93 -30.12 16.65
CA LEU A 408 -19.77 -30.94 15.46
C LEU A 408 -20.55 -30.30 14.30
N LEU A 409 -19.98 -30.43 13.10
CA LEU A 409 -20.63 -29.97 11.87
C LEU A 409 -20.98 -31.20 11.04
N LEU A 410 -22.25 -31.55 11.00
CA LEU A 410 -22.71 -32.70 10.24
C LEU A 410 -23.54 -32.24 9.04
N THR A 411 -23.92 -33.21 8.22
CA THR A 411 -24.83 -33.00 7.11
C THR A 411 -25.55 -34.31 6.83
N ARG A 412 -26.65 -34.21 6.10
CA ARG A 412 -27.48 -35.37 5.79
C ARG A 412 -27.34 -35.74 4.32
N ASP A 413 -27.47 -37.03 4.04
CA ASP A 413 -27.41 -37.56 2.68
C ASP A 413 -28.82 -37.81 2.18
N GLY A 414 -29.00 -37.70 0.87
CA GLY A 414 -30.29 -37.95 0.25
C GLY A 414 -30.73 -39.39 0.35
N GLY A 415 -31.74 -39.65 1.18
CA GLY A 415 -32.18 -41.00 1.41
C GLY A 415 -32.98 -41.57 0.25
N THR A 416 -33.03 -42.89 0.20
CA THR A 416 -33.76 -43.61 -0.83
C THR A 416 -35.20 -43.87 -0.37
N ASN A 417 -35.93 -44.70 -1.10
CA ASN A 417 -37.30 -45.02 -0.75
C ASN A 417 -37.34 -46.20 0.21
N SER A 418 -38.21 -46.08 1.22
CA SER A 418 -38.45 -47.08 2.27
C SER A 418 -37.15 -47.42 3.03
N ASN A 419 -36.61 -46.41 3.70
CA ASN A 419 -35.36 -46.54 4.44
C ASN A 419 -35.55 -46.05 5.87
N GLU A 420 -34.86 -46.71 6.79
CA GLU A 420 -34.87 -46.34 8.21
C GLU A 420 -33.46 -46.16 8.74
N THR A 421 -32.50 -45.88 7.87
CA THR A 421 -31.07 -45.79 8.19
C THR A 421 -30.49 -44.48 7.67
N GLU A 422 -31.14 -43.37 8.01
CA GLU A 422 -30.68 -42.03 7.61
C GLU A 422 -29.30 -41.71 8.16
N THR A 423 -28.31 -41.64 7.27
CA THR A 423 -26.92 -41.44 7.66
C THR A 423 -26.60 -39.96 7.81
N PHE A 424 -25.67 -39.66 8.71
CA PHE A 424 -25.18 -38.31 8.94
C PHE A 424 -23.68 -38.30 8.72
N ARG A 425 -23.22 -37.53 7.74
CA ARG A 425 -21.81 -37.49 7.39
C ARG A 425 -21.18 -36.17 7.81
N PRO A 426 -19.92 -36.18 8.23
CA PRO A 426 -19.26 -34.91 8.57
C PRO A 426 -18.99 -34.08 7.32
N ALA A 427 -19.05 -32.76 7.49
CA ALA A 427 -18.83 -31.84 6.38
C ALA A 427 -18.33 -30.51 6.93
N GLY A 428 -17.43 -29.88 6.19
CA GLY A 428 -16.90 -28.59 6.58
C GLY A 428 -17.39 -27.47 5.67
N GLY A 429 -16.54 -27.05 4.74
CA GLY A 429 -16.93 -26.05 3.77
C GLY A 429 -16.55 -24.64 4.15
N ASP A 430 -17.55 -23.76 4.25
CA ASP A 430 -17.31 -22.37 4.57
C ASP A 430 -16.92 -22.19 6.04
N MET A 431 -16.31 -21.04 6.32
CA MET A 431 -15.88 -20.73 7.67
C MET A 431 -16.91 -19.92 8.45
N ARG A 432 -18.04 -19.58 7.83
CA ARG A 432 -19.08 -18.83 8.53
C ARG A 432 -19.83 -19.66 9.55
N ASP A 433 -19.78 -20.99 9.43
CA ASP A 433 -20.51 -21.85 10.36
C ASP A 433 -19.96 -21.79 11.78
N ASN A 434 -18.64 -21.61 11.91
CA ASN A 434 -18.03 -21.57 13.23
C ASN A 434 -18.48 -20.33 14.01
N TRP A 435 -18.36 -19.17 13.39
CA TRP A 435 -18.77 -17.92 14.01
C TRP A 435 -20.29 -17.75 14.06
N ARG A 436 -21.04 -18.51 13.25
CA ARG A 436 -22.47 -18.57 13.43
C ARG A 436 -22.86 -19.48 14.59
N SER A 437 -22.06 -20.50 14.88
CA SER A 437 -22.28 -21.33 16.05
C SER A 437 -21.79 -20.67 17.33
N GLU A 438 -20.95 -19.66 17.24
CA GLU A 438 -20.51 -18.94 18.44
C GLU A 438 -21.35 -17.71 18.72
N LEU A 439 -21.84 -17.02 17.70
CA LEU A 439 -22.65 -15.80 17.86
C LEU A 439 -24.14 -16.06 17.72
N TYR A 440 -24.62 -17.20 18.23
CA TYR A 440 -26.03 -17.54 18.09
C TYR A 440 -26.90 -16.69 19.02
N LYS A 441 -26.47 -16.49 20.26
CA LYS A 441 -27.29 -15.79 21.26
C LYS A 441 -26.94 -14.32 21.35
N TYR A 442 -26.92 -13.61 20.22
CA TYR A 442 -26.46 -12.23 20.19
C TYR A 442 -27.09 -11.49 19.02
N LYS A 443 -27.55 -10.26 19.27
CA LYS A 443 -28.14 -9.44 18.23
C LYS A 443 -27.89 -7.97 18.51
N VAL A 444 -27.36 -7.25 17.53
CA VAL A 444 -27.14 -5.81 17.66
C VAL A 444 -28.46 -5.09 17.45
N VAL A 445 -28.70 -4.02 18.22
CA VAL A 445 -29.98 -3.33 18.16
C VAL A 445 -29.76 -1.84 18.42
N LYS A 446 -30.59 -1.01 17.78
CA LYS A 446 -30.49 0.44 17.88
C LYS A 446 -31.64 0.99 18.71
N ILE A 447 -31.33 1.81 19.70
CA ILE A 447 -32.36 2.43 20.53
C ILE A 447 -32.81 3.73 19.87
N GLU A 448 -34.10 4.03 20.00
CA GLU A 448 -34.65 5.28 19.49
C GLU A 448 -35.16 6.11 20.66
N PRO A 449 -34.44 7.14 21.09
CA PRO A 449 -34.80 7.83 22.33
C PRO A 449 -35.85 8.91 22.18
N LEU A 450 -36.58 8.95 21.07
CA LEU A 450 -37.62 9.95 20.86
C LEU A 450 -38.98 9.26 20.79
N GLY A 451 -39.95 9.77 21.53
CA GLY A 451 -41.29 9.23 21.49
C GLY A 451 -42.33 10.31 21.66
N VAL A 452 -43.56 9.99 21.27
CA VAL A 452 -44.69 10.89 21.42
C VAL A 452 -45.80 10.15 22.15
N ALA A 453 -46.60 10.90 22.91
CA ALA A 453 -47.67 10.28 23.69
C ALA A 453 -48.75 11.32 23.95
N PRO A 454 -50.02 10.91 23.95
CA PRO A 454 -51.10 11.85 24.27
C PRO A 454 -51.43 11.88 25.76
N THR A 455 -51.62 13.09 26.27
CA THR A 455 -52.02 13.30 27.66
C THR A 455 -52.76 14.63 27.77
N ARG A 456 -52.95 15.09 29.00
CA ARG A 456 -53.73 16.30 29.28
C ARG A 456 -52.85 17.49 29.61
N CYS A 457 -51.73 17.67 28.91
CA CYS A 457 -50.82 18.76 29.18
C CYS A 457 -50.84 19.76 28.03
N LYS A 458 -51.11 21.02 28.35
CA LYS A 458 -51.07 22.10 27.37
C LYS A 458 -50.13 23.18 27.89
N ARG A 459 -49.19 23.60 27.05
CA ARG A 459 -48.22 24.60 27.46
C ARG A 459 -48.87 25.98 27.54
N ARG A 460 -48.27 26.86 28.34
CA ARG A 460 -48.78 28.21 28.51
C ARG A 460 -48.40 29.08 27.32
N VAL A 461 -49.12 30.18 27.16
CA VAL A 461 -48.87 31.12 26.08
C VAL A 461 -48.24 32.39 26.62
N GLU B 2 -40.59 52.27 18.04
CA GLU B 2 -39.70 53.42 18.19
C GLU B 2 -38.48 53.30 17.28
N ASN B 3 -37.35 52.94 17.87
CA ASN B 3 -36.12 52.76 17.13
C ASN B 3 -35.84 51.29 16.83
N LEU B 4 -34.88 51.06 15.94
CA LEU B 4 -34.57 49.72 15.43
C LEU B 4 -33.73 48.95 16.44
N TRP B 5 -34.17 47.74 16.77
CA TRP B 5 -33.39 46.79 17.59
C TRP B 5 -33.17 45.53 16.78
N VAL B 6 -31.94 45.04 16.79
CA VAL B 6 -31.55 43.90 15.96
C VAL B 6 -32.01 42.60 16.61
N THR B 7 -32.46 41.65 15.78
CA THR B 7 -32.86 40.32 16.21
C THR B 7 -32.16 39.28 15.34
N VAL B 8 -31.71 38.20 15.96
CA VAL B 8 -30.99 37.15 15.25
C VAL B 8 -32.00 36.14 14.71
N TYR B 9 -31.72 35.62 13.50
CA TYR B 9 -32.57 34.66 12.83
C TYR B 9 -31.74 33.45 12.46
N TYR B 10 -32.29 32.25 12.67
CA TYR B 10 -31.62 31.00 12.32
C TYR B 10 -32.50 30.25 11.33
N GLY B 11 -31.91 29.79 10.23
CA GLY B 11 -32.67 29.17 9.16
C GLY B 11 -32.97 30.15 8.05
N VAL B 12 -31.95 30.88 7.64
CA VAL B 12 -32.08 31.97 6.68
C VAL B 12 -31.52 31.50 5.34
N PRO B 13 -32.24 31.67 4.24
CA PRO B 13 -31.74 31.24 2.92
C PRO B 13 -30.86 32.25 2.18
N VAL B 14 -29.60 32.35 2.60
CA VAL B 14 -28.62 33.18 1.89
C VAL B 14 -27.44 32.31 1.48
N TRP B 15 -26.78 32.72 0.41
CA TRP B 15 -25.85 31.87 -0.32
C TRP B 15 -24.43 32.45 -0.38
N LYS B 16 -23.48 31.54 -0.58
CA LYS B 16 -22.10 31.86 -0.84
C LYS B 16 -21.54 30.80 -1.77
N GLU B 17 -20.40 31.11 -2.40
CA GLU B 17 -19.72 30.17 -3.28
C GLU B 17 -18.60 29.49 -2.53
N ALA B 18 -18.55 28.16 -2.62
CA ALA B 18 -17.54 27.38 -1.91
C ALA B 18 -17.17 26.16 -2.73
N LYS B 19 -16.02 25.57 -2.39
CA LYS B 19 -15.49 24.40 -3.08
C LYS B 19 -15.34 23.26 -2.09
N THR B 20 -16.21 22.24 -2.22
CA THR B 20 -16.15 21.05 -1.38
C THR B 20 -16.25 19.80 -2.24
N THR B 21 -15.82 18.69 -1.67
CA THR B 21 -15.88 17.41 -2.37
C THR B 21 -17.32 16.93 -2.47
N LEU B 22 -17.59 16.14 -3.51
CA LEU B 22 -18.94 15.66 -3.80
C LEU B 22 -18.98 14.13 -3.73
N PHE B 23 -20.19 13.60 -3.75
CA PHE B 23 -20.46 12.18 -3.61
C PHE B 23 -20.66 11.54 -4.99
N CYS B 24 -21.10 10.28 -4.99
CA CYS B 24 -21.54 9.58 -6.18
C CYS B 24 -23.03 9.28 -6.08
N ALA B 25 -23.58 8.80 -7.20
CA ALA B 25 -24.94 8.28 -7.25
C ALA B 25 -25.05 7.44 -8.52
N SER B 26 -25.45 6.17 -8.36
CA SER B 26 -25.57 5.26 -9.49
C SER B 26 -26.92 4.55 -9.44
N ASP B 27 -27.30 3.98 -10.58
CA ASP B 27 -28.57 3.27 -10.68
C ASP B 27 -28.51 1.94 -9.93
N ALA B 28 -29.69 1.37 -9.69
CA ALA B 28 -29.77 0.12 -8.94
C ALA B 28 -29.33 -1.07 -9.77
N ARG B 29 -29.38 -0.96 -11.11
CA ARG B 29 -28.97 -2.06 -11.97
C ARG B 29 -27.45 -2.22 -12.07
N ALA B 30 -26.69 -1.22 -11.62
CA ALA B 30 -25.23 -1.27 -11.74
C ALA B 30 -24.56 -2.04 -10.60
N TYR B 31 -25.33 -2.49 -9.61
CA TYR B 31 -24.75 -3.22 -8.49
C TYR B 31 -24.97 -4.72 -8.56
N GLU B 32 -25.90 -5.19 -9.39
CA GLU B 32 -26.13 -6.62 -9.54
C GLU B 32 -25.12 -7.27 -10.49
N LYS B 33 -24.34 -6.48 -11.22
CA LYS B 33 -23.37 -7.03 -12.15
C LYS B 33 -22.17 -7.58 -11.40
N GLU B 34 -21.77 -8.81 -11.75
CA GLU B 34 -20.63 -9.46 -11.12
C GLU B 34 -19.31 -9.16 -11.82
N VAL B 35 -19.32 -8.34 -12.88
CA VAL B 35 -18.09 -7.94 -13.55
C VAL B 35 -17.35 -6.84 -12.79
N HIS B 36 -17.99 -6.25 -11.77
CA HIS B 36 -17.49 -5.22 -10.85
C HIS B 36 -17.23 -3.88 -11.49
N ASN B 37 -17.44 -3.72 -12.81
CA ASN B 37 -17.23 -2.50 -13.60
C ASN B 37 -15.85 -1.90 -13.34
N VAL B 38 -15.74 -0.58 -13.35
CA VAL B 38 -14.51 0.07 -12.93
C VAL B 38 -14.80 1.20 -11.94
N TRP B 39 -16.02 1.77 -11.98
CA TRP B 39 -16.35 2.80 -10.98
C TRP B 39 -17.50 2.44 -10.04
N ALA B 40 -18.71 2.14 -10.52
CA ALA B 40 -19.88 2.14 -9.63
C ALA B 40 -20.30 0.73 -9.23
N THR B 41 -19.44 0.05 -8.47
CA THR B 41 -19.91 -1.19 -7.85
C THR B 41 -19.58 -1.28 -6.37
N HIS B 42 -18.42 -0.80 -5.94
CA HIS B 42 -17.99 -0.94 -4.56
C HIS B 42 -17.69 0.37 -3.86
N ALA B 43 -17.34 1.42 -4.61
CA ALA B 43 -16.96 2.70 -4.01
C ALA B 43 -18.13 3.68 -3.93
N CYS B 44 -18.80 3.95 -5.05
CA CYS B 44 -19.86 4.93 -5.08
C CYS B 44 -21.15 4.41 -4.43
N VAL B 45 -21.86 5.31 -3.76
CA VAL B 45 -23.09 4.97 -3.05
C VAL B 45 -24.27 4.97 -4.02
N PRO B 46 -25.32 4.17 -3.77
CA PRO B 46 -26.50 4.21 -4.64
C PRO B 46 -27.39 5.41 -4.31
N THR B 47 -28.38 5.63 -5.17
CA THR B 47 -29.30 6.75 -5.03
C THR B 47 -30.74 6.26 -4.98
N ASP B 48 -31.62 7.14 -4.50
CA ASP B 48 -33.05 6.88 -4.49
C ASP B 48 -33.62 7.03 -5.89
N PRO B 49 -34.66 6.24 -6.26
CA PRO B 49 -35.28 6.33 -7.58
C PRO B 49 -36.36 7.41 -7.70
N SER B 50 -36.05 8.61 -7.17
CA SER B 50 -36.97 9.75 -7.21
C SER B 50 -36.18 11.04 -7.04
N PRO B 51 -35.62 11.60 -8.11
CA PRO B 51 -34.87 12.87 -8.01
C PRO B 51 -35.82 14.05 -7.89
N GLN B 52 -35.89 14.63 -6.70
CA GLN B 52 -36.80 15.75 -6.45
C GLN B 52 -36.13 17.05 -6.89
N GLU B 53 -36.86 17.83 -7.69
CA GLU B 53 -36.36 19.11 -8.18
C GLU B 53 -37.42 20.18 -7.89
N LEU B 54 -36.99 21.27 -7.27
CA LEU B 54 -37.88 22.37 -6.93
C LEU B 54 -37.40 23.63 -7.62
N VAL B 55 -38.30 24.28 -8.36
CA VAL B 55 -37.98 25.50 -9.09
C VAL B 55 -38.17 26.71 -8.18
N LEU B 56 -37.21 27.63 -8.21
CA LEU B 56 -37.27 28.84 -7.41
C LEU B 56 -37.98 29.95 -8.18
N GLY B 57 -38.52 30.90 -7.43
CA GLY B 57 -39.39 31.89 -8.02
C GLY B 57 -38.78 32.96 -8.90
N ASN B 58 -38.06 33.90 -8.31
CA ASN B 58 -37.68 35.13 -8.99
C ASN B 58 -36.22 35.49 -8.70
N VAL B 59 -35.33 34.52 -8.72
CA VAL B 59 -33.94 34.72 -8.38
C VAL B 59 -33.09 34.70 -9.64
N THR B 60 -32.16 35.65 -9.75
CA THR B 60 -31.20 35.71 -10.84
C THR B 60 -29.81 35.46 -10.29
N GLU B 61 -29.10 34.48 -10.84
CA GLU B 61 -27.79 34.10 -10.36
C GLU B 61 -26.81 34.04 -11.52
N ASN B 62 -25.61 34.56 -11.31
CA ASN B 62 -24.57 34.52 -12.34
C ASN B 62 -23.92 33.14 -12.39
N PHE B 63 -23.64 32.68 -13.60
CA PHE B 63 -23.00 31.40 -13.84
C PHE B 63 -21.75 31.60 -14.67
N ASN B 64 -20.70 30.87 -14.32
CA ASN B 64 -19.42 30.89 -15.02
C ASN B 64 -18.95 29.44 -15.15
N MET B 65 -19.16 28.84 -16.31
CA MET B 65 -18.84 27.44 -16.50
C MET B 65 -17.35 27.19 -16.71
N TRP B 66 -16.57 28.23 -17.02
CA TRP B 66 -15.13 28.08 -17.22
C TRP B 66 -14.34 28.09 -15.92
N LYS B 67 -14.76 28.88 -14.94
CA LYS B 67 -14.14 28.89 -13.62
C LYS B 67 -15.05 28.06 -12.71
N ASN B 68 -14.89 26.74 -12.79
CA ASN B 68 -15.74 25.80 -12.06
C ASN B 68 -14.87 24.90 -11.19
N ASP B 69 -15.50 24.33 -10.17
CA ASP B 69 -14.83 23.42 -9.25
C ASP B 69 -15.15 21.96 -9.49
N MET B 70 -16.37 21.65 -9.95
CA MET B 70 -16.75 20.26 -10.17
C MET B 70 -16.05 19.65 -11.38
N VAL B 71 -15.60 20.46 -12.33
CA VAL B 71 -14.85 19.93 -13.47
C VAL B 71 -13.49 19.42 -13.01
N ASP B 72 -12.78 20.21 -12.21
CA ASP B 72 -11.47 19.82 -11.70
C ASP B 72 -11.59 18.64 -10.73
N GLN B 73 -12.62 18.66 -9.87
CA GLN B 73 -12.83 17.56 -8.94
C GLN B 73 -13.21 16.28 -9.67
N MET B 74 -14.02 16.38 -10.72
CA MET B 74 -14.38 15.21 -11.52
C MET B 74 -13.16 14.66 -12.26
N HIS B 75 -12.31 15.54 -12.78
CA HIS B 75 -11.09 15.11 -13.45
C HIS B 75 -10.13 14.41 -12.48
N GLU B 76 -9.97 14.97 -11.28
CA GLU B 76 -9.10 14.36 -10.28
C GLU B 76 -9.65 13.03 -9.80
N ASP B 77 -10.98 12.94 -9.61
CA ASP B 77 -11.59 11.70 -9.18
C ASP B 77 -11.48 10.62 -10.26
N ILE B 78 -11.64 10.99 -11.53
CA ILE B 78 -11.50 10.05 -12.63
C ILE B 78 -10.07 9.55 -12.74
N ILE B 79 -9.10 10.47 -12.60
CA ILE B 79 -7.68 10.09 -12.68
C ILE B 79 -7.29 9.17 -11.53
N SER B 80 -7.71 9.52 -10.30
CA SER B 80 -7.37 8.70 -9.14
C SER B 80 -8.04 7.34 -9.18
N LEU B 81 -9.31 7.29 -9.60
CA LEU B 81 -10.03 6.03 -9.69
C LEU B 81 -9.53 5.17 -10.84
N TRP B 82 -8.99 5.80 -11.89
CA TRP B 82 -8.40 5.06 -12.98
C TRP B 82 -7.05 4.48 -12.59
N ASP B 83 -6.26 5.23 -11.80
CA ASP B 83 -4.98 4.71 -11.36
C ASP B 83 -5.14 3.64 -10.28
N GLN B 84 -6.20 3.71 -9.49
CA GLN B 84 -6.44 2.69 -8.47
C GLN B 84 -7.02 1.40 -9.04
N SER B 85 -7.48 1.40 -10.29
CA SER B 85 -8.07 0.22 -10.88
C SER B 85 -7.10 -0.61 -11.71
N LEU B 86 -5.83 -0.19 -11.78
CA LEU B 86 -4.81 -0.95 -12.50
C LEU B 86 -3.74 -1.52 -11.58
N LYS B 87 -3.83 -1.26 -10.27
CA LYS B 87 -2.87 -1.83 -9.33
C LYS B 87 -2.93 -3.35 -9.23
N PRO B 88 -4.12 -4.02 -9.01
CA PRO B 88 -4.08 -5.50 -8.94
C PRO B 88 -4.30 -6.16 -10.30
N CYS B 89 -3.43 -5.84 -11.26
CA CYS B 89 -3.53 -6.36 -12.61
C CYS B 89 -2.17 -6.87 -13.07
N VAL B 90 -2.16 -7.49 -14.24
CA VAL B 90 -0.94 -8.07 -14.81
C VAL B 90 -0.03 -6.94 -15.28
N LYS B 91 1.26 -7.05 -14.96
CA LYS B 91 2.26 -6.11 -15.40
C LYS B 91 3.13 -6.78 -16.47
N LEU B 92 3.30 -6.12 -17.60
CA LEU B 92 4.07 -6.69 -18.71
C LEU B 92 5.53 -6.26 -18.68
N THR B 93 6.20 -6.47 -17.55
CA THR B 93 7.63 -6.24 -17.49
C THR B 93 8.49 -7.29 -18.22
N PRO B 94 8.16 -8.63 -18.27
CA PRO B 94 8.99 -9.51 -19.11
C PRO B 94 8.50 -9.59 -20.56
N LEU B 95 8.44 -8.42 -21.21
CA LEU B 95 8.11 -8.37 -22.63
C LEU B 95 8.99 -7.39 -23.38
N CYS B 96 10.09 -6.91 -22.79
CA CYS B 96 10.99 -5.97 -23.44
C CYS B 96 12.12 -6.66 -24.19
N VAL B 97 12.01 -7.97 -24.40
CA VAL B 97 12.99 -8.71 -25.17
C VAL B 97 12.87 -8.32 -26.64
N THR B 98 14.00 -8.30 -27.36
CA THR B 98 14.01 -7.98 -28.78
C THR B 98 13.16 -8.96 -29.58
N LEU B 99 12.33 -8.40 -30.46
CA LEU B 99 11.42 -9.18 -31.27
C LEU B 99 11.99 -9.36 -32.68
N ILE B 100 11.72 -10.51 -33.27
CA ILE B 100 12.08 -10.79 -34.65
C ILE B 100 10.78 -10.83 -35.43
N CYS B 101 10.57 -9.86 -36.31
CA CYS B 101 9.24 -9.60 -36.83
C CYS B 101 9.29 -9.70 -38.36
N SER B 102 8.29 -10.34 -38.94
CA SER B 102 8.23 -10.48 -40.39
C SER B 102 6.83 -10.15 -40.89
N ASP B 103 6.58 -10.39 -42.19
CA ASP B 103 5.24 -10.20 -42.71
C ASP B 103 4.30 -11.28 -42.20
N ALA B 104 3.00 -10.98 -42.20
CA ALA B 104 1.99 -11.87 -41.64
C ALA B 104 1.71 -13.03 -42.60
N GLY B 105 2.68 -13.95 -42.66
CA GLY B 105 2.58 -15.12 -43.52
C GLY B 105 2.62 -14.75 -45.00
N SER B 106 2.06 -15.65 -45.81
CA SER B 106 1.92 -15.40 -47.23
C SER B 106 0.77 -14.42 -47.44
N GLY B 107 1.02 -13.37 -48.23
CA GLY B 107 0.01 -12.34 -48.41
C GLY B 107 -0.16 -11.51 -47.16
N GLY B 108 0.84 -10.68 -46.85
CA GLY B 108 0.83 -9.92 -45.62
C GLY B 108 -0.29 -8.88 -45.58
N VAL B 109 -0.73 -8.59 -44.34
CA VAL B 109 -1.87 -7.70 -44.13
C VAL B 109 -1.50 -6.23 -44.18
N GLU B 110 -0.20 -5.91 -44.26
CA GLU B 110 0.36 -4.55 -44.34
C GLU B 110 0.00 -3.68 -43.14
N GLU B 111 -0.43 -4.28 -42.02
CA GLU B 111 -0.75 -3.52 -40.82
C GLU B 111 -0.20 -4.13 -39.54
N MET B 112 0.09 -5.43 -39.51
CA MET B 112 0.61 -6.08 -38.32
C MET B 112 1.92 -6.77 -38.66
N LYS B 113 2.72 -7.01 -37.63
CA LYS B 113 3.95 -7.77 -37.75
C LYS B 113 3.85 -9.00 -36.86
N ASN B 114 4.57 -10.07 -37.23
CA ASN B 114 4.49 -11.31 -36.48
C ASN B 114 5.13 -11.20 -35.09
N CYS B 115 6.40 -10.79 -35.05
CA CYS B 115 7.13 -10.45 -33.82
C CYS B 115 7.23 -11.62 -32.85
N SER B 116 7.93 -12.66 -33.30
CA SER B 116 8.21 -13.81 -32.45
C SER B 116 9.35 -13.50 -31.49
N PHE B 117 9.23 -14.00 -30.26
CA PHE B 117 10.24 -13.74 -29.23
C PHE B 117 10.32 -14.96 -28.33
N ASN B 118 11.13 -14.86 -27.28
CA ASN B 118 11.19 -15.87 -26.24
C ASN B 118 10.70 -15.26 -24.94
N THR B 119 10.12 -16.10 -24.08
CA THR B 119 9.56 -15.62 -22.83
C THR B 119 9.80 -16.65 -21.73
N THR B 120 9.78 -16.16 -20.50
CA THR B 120 9.91 -17.01 -19.32
C THR B 120 8.55 -17.57 -18.96
N THR B 121 8.48 -18.89 -18.79
CA THR B 121 7.22 -19.55 -18.46
C THR B 121 6.98 -19.48 -16.95
N GLU B 122 6.04 -20.29 -16.45
CA GLU B 122 5.75 -20.34 -15.02
C GLU B 122 6.93 -20.86 -14.20
N ILE B 123 7.87 -21.56 -14.83
CA ILE B 123 9.11 -21.97 -14.20
C ILE B 123 10.16 -20.90 -14.52
N ARG B 124 10.94 -20.51 -13.51
CA ARG B 124 11.87 -19.39 -13.68
C ARG B 124 13.10 -19.74 -14.52
N ASP B 125 13.41 -21.03 -14.70
CA ASP B 125 14.55 -21.39 -15.54
C ASP B 125 14.15 -21.62 -16.99
N LYS B 126 13.06 -22.35 -17.22
CA LYS B 126 12.67 -22.70 -18.58
C LYS B 126 12.15 -21.49 -19.33
N GLU B 127 12.51 -21.41 -20.62
CA GLU B 127 12.05 -20.37 -21.50
C GLU B 127 11.53 -20.99 -22.78
N LYS B 128 10.50 -20.39 -23.35
CA LYS B 128 9.86 -20.93 -24.54
C LYS B 128 9.66 -19.84 -25.57
N LYS B 129 9.70 -20.23 -26.84
CA LYS B 129 9.52 -19.32 -27.96
C LYS B 129 8.04 -19.17 -28.26
N GLU B 130 7.56 -17.92 -28.29
CA GLU B 130 6.16 -17.62 -28.53
C GLU B 130 6.03 -16.56 -29.62
N TYR B 131 4.82 -16.45 -30.16
CA TYR B 131 4.53 -15.52 -31.24
C TYR B 131 3.19 -14.84 -30.98
N ALA B 132 2.98 -13.73 -31.66
CA ALA B 132 1.75 -12.94 -31.51
C ALA B 132 1.48 -12.26 -32.85
N LEU B 133 0.66 -11.21 -32.84
CA LEU B 133 0.51 -10.28 -33.96
C LEU B 133 0.30 -8.89 -33.36
N PHE B 134 1.41 -8.17 -33.16
CA PHE B 134 1.35 -6.82 -32.62
C PHE B 134 1.05 -5.82 -33.73
N TYR B 135 0.36 -4.75 -33.38
CA TYR B 135 0.04 -3.71 -34.35
C TYR B 135 1.28 -2.89 -34.67
N LYS B 136 1.27 -2.28 -35.86
CA LYS B 136 2.39 -1.46 -36.30
C LYS B 136 2.66 -0.21 -35.44
N PRO B 137 1.70 0.58 -34.96
CA PRO B 137 2.07 1.72 -34.09
C PRO B 137 2.53 1.34 -32.70
N ASP B 138 2.60 0.06 -32.34
CA ASP B 138 3.15 -0.38 -31.07
C ASP B 138 4.51 -1.04 -31.22
N ILE B 139 5.17 -0.83 -32.34
CA ILE B 139 6.43 -1.49 -32.67
C ILE B 139 7.43 -0.42 -33.07
N VAL B 140 8.57 -0.38 -32.39
CA VAL B 140 9.59 0.65 -32.57
C VAL B 140 10.85 -0.01 -33.12
N PRO B 141 11.40 0.47 -34.24
CA PRO B 141 12.60 -0.14 -34.80
C PRO B 141 13.90 0.29 -34.14
N LEU B 142 14.31 -0.38 -33.06
CA LEU B 142 15.64 -0.14 -32.52
C LEU B 142 16.67 -0.69 -33.50
N SER B 143 17.68 0.12 -33.81
CA SER B 143 18.63 -0.25 -34.85
C SER B 143 19.92 0.53 -34.69
N GLU B 144 20.98 -0.01 -35.28
CA GLU B 144 22.26 0.65 -35.42
C GLU B 144 22.71 0.72 -36.88
N THR B 145 22.05 -0.01 -37.77
CA THR B 145 22.34 -0.04 -39.19
C THR B 145 21.02 -0.30 -39.91
N ASN B 146 21.10 -0.72 -41.18
CA ASN B 146 19.91 -1.05 -41.96
C ASN B 146 19.47 -2.47 -41.64
N ASN B 147 18.91 -2.63 -40.44
CA ASN B 147 18.41 -3.92 -39.96
C ASN B 147 16.89 -3.92 -40.01
N THR B 148 16.32 -4.92 -40.68
CA THR B 148 14.88 -5.03 -40.88
C THR B 148 14.30 -6.24 -40.15
N SER B 149 14.93 -6.67 -39.06
CA SER B 149 14.44 -7.82 -38.32
C SER B 149 14.50 -7.63 -36.81
N GLU B 150 14.87 -6.46 -36.32
CA GLU B 150 14.93 -6.20 -34.88
C GLU B 150 13.90 -5.14 -34.53
N TYR B 151 13.04 -5.46 -33.56
CA TYR B 151 11.97 -4.58 -33.14
C TYR B 151 11.71 -4.80 -31.65
N ARG B 152 11.09 -3.80 -31.01
CA ARG B 152 10.80 -3.87 -29.59
C ARG B 152 9.50 -3.15 -29.30
N LEU B 153 9.02 -3.29 -28.06
CA LEU B 153 7.77 -2.68 -27.64
C LEU B 153 8.01 -1.23 -27.22
N ILE B 154 6.98 -0.41 -27.36
CA ILE B 154 7.15 1.03 -27.22
C ILE B 154 7.18 1.52 -25.76
N ASN B 155 6.46 0.87 -24.85
CA ASN B 155 6.38 1.39 -23.48
C ASN B 155 7.50 0.89 -22.58
N CYS B 156 8.38 0.02 -23.07
CA CYS B 156 9.56 -0.36 -22.30
C CYS B 156 10.62 0.72 -22.31
N ASN B 157 10.54 1.66 -23.26
CA ASN B 157 11.49 2.74 -23.37
C ASN B 157 11.31 3.80 -22.28
N THR B 158 10.06 4.20 -22.01
CA THR B 158 9.87 5.30 -21.08
C THR B 158 9.44 4.87 -19.68
N SER B 159 8.25 4.27 -19.54
CA SER B 159 7.71 3.98 -18.21
C SER B 159 6.56 2.99 -18.22
N ALA B 160 6.76 1.82 -17.61
CA ALA B 160 5.77 0.80 -17.25
C ALA B 160 5.02 0.15 -18.41
N CYS B 161 4.42 -1.01 -18.16
CA CYS B 161 3.64 -1.74 -19.16
C CYS B 161 2.42 -2.38 -18.51
N THR B 162 1.75 -1.67 -17.60
CA THR B 162 0.70 -2.24 -16.77
C THR B 162 -0.56 -2.56 -17.58
N GLN B 163 -0.79 -3.85 -17.84
CA GLN B 163 -1.95 -4.30 -18.59
C GLN B 163 -3.24 -4.08 -17.80
N ALA B 164 -4.30 -3.73 -18.52
CA ALA B 164 -5.62 -3.70 -17.92
C ALA B 164 -6.12 -5.12 -17.64
N CYS B 165 -6.89 -5.27 -16.57
CA CYS B 165 -7.41 -6.57 -16.19
C CYS B 165 -8.50 -7.00 -17.17
N PRO B 166 -8.54 -8.28 -17.57
CA PRO B 166 -9.56 -8.73 -18.52
C PRO B 166 -10.85 -9.16 -17.87
N LYS B 167 -11.34 -8.37 -16.93
CA LYS B 167 -12.64 -8.55 -16.29
C LYS B 167 -13.44 -7.27 -16.27
N VAL B 168 -12.80 -6.13 -16.04
CA VAL B 168 -13.46 -4.83 -16.03
C VAL B 168 -13.79 -4.41 -17.45
N THR B 169 -14.65 -3.42 -17.60
CA THR B 169 -15.04 -2.94 -18.92
C THR B 169 -15.04 -1.42 -18.93
N PHE B 170 -14.95 -0.85 -20.14
CA PHE B 170 -14.94 0.58 -20.33
C PHE B 170 -16.31 1.12 -20.77
N GLU B 171 -17.37 0.45 -20.35
CA GLU B 171 -18.72 0.89 -20.71
C GLU B 171 -19.10 2.14 -19.94
N PRO B 172 -19.48 3.23 -20.60
CA PRO B 172 -19.82 4.48 -19.87
C PRO B 172 -21.25 4.53 -19.34
N ILE B 173 -21.46 3.93 -18.17
CA ILE B 173 -22.76 3.99 -17.52
C ILE B 173 -22.89 5.37 -16.88
N PRO B 174 -24.09 5.92 -16.74
CA PRO B 174 -24.22 7.29 -16.18
C PRO B 174 -23.98 7.31 -14.67
N ILE B 175 -23.53 8.47 -14.20
CA ILE B 175 -23.35 8.75 -12.78
C ILE B 175 -23.98 10.11 -12.48
N HIS B 176 -24.28 10.32 -11.21
CA HIS B 176 -24.84 11.58 -10.74
C HIS B 176 -24.00 12.08 -9.58
N TYR B 177 -23.79 13.40 -9.53
CA TYR B 177 -23.03 14.02 -8.45
C TYR B 177 -23.99 14.69 -7.48
N CYS B 178 -23.87 14.33 -6.20
CA CYS B 178 -24.75 14.85 -5.15
C CYS B 178 -23.95 15.71 -4.19
N ALA B 179 -24.48 16.89 -3.88
CA ALA B 179 -23.87 17.80 -2.93
C ALA B 179 -24.01 17.27 -1.51
N PRO B 180 -23.01 17.54 -0.64
CA PRO B 180 -23.10 17.07 0.74
C PRO B 180 -24.10 17.84 1.59
N ALA B 181 -24.12 17.54 2.89
CA ALA B 181 -25.06 18.20 3.80
C ALA B 181 -24.69 19.67 3.98
N GLY B 182 -25.72 20.53 3.97
CA GLY B 182 -25.49 21.96 4.07
C GLY B 182 -25.12 22.64 2.78
N TYR B 183 -25.22 21.95 1.66
CA TYR B 183 -24.87 22.51 0.35
C TYR B 183 -25.97 22.17 -0.64
N ALA B 184 -26.06 22.97 -1.70
CA ALA B 184 -27.08 22.77 -2.73
C ALA B 184 -26.43 22.92 -4.10
N ILE B 185 -27.18 22.60 -5.15
CA ILE B 185 -26.69 22.74 -6.51
C ILE B 185 -27.68 23.58 -7.29
N LEU B 186 -27.23 24.72 -7.79
CA LEU B 186 -28.08 25.60 -8.60
C LEU B 186 -27.91 25.23 -10.07
N LYS B 187 -29.03 25.03 -10.75
CA LYS B 187 -29.06 24.63 -12.14
C LYS B 187 -29.85 25.66 -12.94
N CYS B 188 -29.27 26.15 -14.03
CA CYS B 188 -29.91 27.16 -14.86
C CYS B 188 -30.68 26.50 -15.99
N ASN B 189 -31.96 26.85 -16.12
CA ASN B 189 -32.83 26.26 -17.12
C ASN B 189 -33.06 27.17 -18.33
N ASP B 190 -32.27 28.23 -18.47
CA ASP B 190 -32.45 29.14 -19.60
C ASP B 190 -31.94 28.50 -20.88
N GLU B 191 -32.77 28.52 -21.92
CA GLU B 191 -32.42 27.90 -23.19
C GLU B 191 -31.41 28.71 -23.99
N THR B 192 -31.33 30.02 -23.77
CA THR B 192 -30.43 30.89 -24.51
C THR B 192 -29.23 31.23 -23.61
N PHE B 193 -28.75 30.23 -22.89
CA PHE B 193 -27.60 30.40 -22.01
C PHE B 193 -26.32 30.35 -22.82
N ASN B 194 -25.58 31.45 -22.82
CA ASN B 194 -24.37 31.57 -23.63
C ASN B 194 -23.11 31.10 -22.89
N GLY B 195 -23.24 30.64 -21.65
CA GLY B 195 -22.09 30.09 -20.94
C GLY B 195 -21.67 30.90 -19.74
N THR B 196 -21.64 32.22 -19.86
CA THR B 196 -21.27 33.11 -18.77
C THR B 196 -22.31 34.22 -18.66
N GLY B 197 -22.71 34.52 -17.43
CA GLY B 197 -23.63 35.62 -17.20
C GLY B 197 -24.80 35.24 -16.31
N PRO B 198 -25.76 36.15 -16.15
CA PRO B 198 -26.89 35.88 -15.27
C PRO B 198 -27.91 34.92 -15.87
N CYS B 199 -28.61 34.24 -14.98
CA CYS B 199 -29.70 33.34 -15.34
C CYS B 199 -30.88 33.64 -14.43
N SER B 200 -32.10 33.55 -14.99
CA SER B 200 -33.30 33.95 -14.29
C SER B 200 -34.28 32.80 -14.06
N ASN B 201 -33.86 31.56 -14.25
CA ASN B 201 -34.71 30.39 -14.00
C ASN B 201 -33.93 29.35 -13.21
N VAL B 202 -33.26 29.81 -12.14
CA VAL B 202 -32.41 28.96 -11.33
C VAL B 202 -33.26 28.03 -10.48
N SER B 203 -32.96 26.73 -10.54
CA SER B 203 -33.63 25.72 -9.73
C SER B 203 -32.63 25.01 -8.84
N THR B 204 -33.04 24.70 -7.61
CA THR B 204 -32.18 24.06 -6.64
C THR B 204 -32.39 22.55 -6.66
N VAL B 205 -31.29 21.80 -6.79
CA VAL B 205 -31.33 20.36 -6.86
C VAL B 205 -30.23 19.82 -5.94
N GLN B 206 -30.38 18.55 -5.55
CA GLN B 206 -29.39 17.86 -4.72
C GLN B 206 -28.43 17.02 -5.55
N CYS B 207 -28.96 16.24 -6.49
CA CYS B 207 -28.14 15.36 -7.33
C CYS B 207 -28.29 15.74 -8.79
N THR B 208 -27.19 15.66 -9.53
CA THR B 208 -27.16 16.06 -10.93
C THR B 208 -27.83 14.99 -11.80
N HIS B 209 -27.97 15.30 -13.09
CA HIS B 209 -28.56 14.38 -14.04
C HIS B 209 -27.51 13.38 -14.54
N GLY B 210 -27.92 12.53 -15.47
CA GLY B 210 -27.04 11.48 -15.98
C GLY B 210 -25.87 11.98 -16.80
N ILE B 211 -24.66 11.74 -16.31
CA ILE B 211 -23.43 12.16 -16.97
C ILE B 211 -22.66 10.90 -17.34
N ARG B 212 -22.33 10.77 -18.63
CA ARG B 212 -21.56 9.63 -19.12
C ARG B 212 -20.13 10.07 -19.35
N PRO B 213 -19.16 9.56 -18.58
CA PRO B 213 -17.75 9.98 -18.77
C PRO B 213 -17.09 9.28 -19.96
N VAL B 214 -17.47 9.72 -21.16
CA VAL B 214 -16.94 9.13 -22.39
C VAL B 214 -15.52 9.63 -22.64
N VAL B 215 -14.69 8.75 -23.15
CA VAL B 215 -13.31 9.06 -23.50
C VAL B 215 -13.31 9.42 -24.98
N SER B 216 -13.24 10.70 -25.29
CA SER B 216 -13.31 11.13 -26.68
C SER B 216 -12.59 12.46 -26.87
N THR B 217 -12.01 12.62 -28.06
CA THR B 217 -11.37 13.87 -28.47
C THR B 217 -11.84 14.22 -29.87
N GLN B 218 -11.81 15.53 -30.17
CA GLN B 218 -12.08 16.14 -31.47
C GLN B 218 -13.55 16.04 -31.92
N LEU B 219 -14.37 15.30 -31.17
CA LEU B 219 -15.75 15.04 -31.53
C LEU B 219 -16.42 14.42 -30.31
N LEU B 220 -17.63 14.85 -30.00
CA LEU B 220 -18.33 14.39 -28.81
C LEU B 220 -19.21 13.18 -29.14
N LEU B 221 -19.15 12.18 -28.27
CA LEU B 221 -19.99 10.98 -28.36
C LEU B 221 -21.25 11.22 -27.53
N ASN B 222 -21.93 10.13 -27.14
CA ASN B 222 -23.18 10.10 -26.37
C ASN B 222 -23.24 11.13 -25.25
N GLY B 223 -24.32 11.89 -25.22
CA GLY B 223 -24.46 12.94 -24.22
C GLY B 223 -25.82 13.57 -24.31
N SER B 224 -26.03 14.57 -23.45
CA SER B 224 -27.31 15.26 -23.38
C SER B 224 -27.44 16.27 -24.51
N LEU B 225 -28.60 16.28 -25.16
CA LEU B 225 -28.87 17.17 -26.27
C LEU B 225 -29.28 18.56 -25.76
N ALA B 226 -29.53 19.46 -26.70
CA ALA B 226 -29.99 20.81 -26.36
C ALA B 226 -31.51 20.82 -26.34
N GLU B 227 -32.09 22.02 -26.28
CA GLU B 227 -33.54 22.15 -26.19
C GLU B 227 -34.15 22.87 -27.38
N LYS B 228 -33.57 23.98 -27.81
CA LYS B 228 -34.16 24.78 -28.88
C LYS B 228 -33.29 24.85 -30.13
N GLU B 229 -32.02 25.21 -30.00
CA GLU B 229 -31.18 25.41 -31.18
C GLU B 229 -29.73 25.11 -30.81
N ILE B 230 -28.86 25.29 -31.82
CA ILE B 230 -27.43 25.06 -31.63
C ILE B 230 -26.85 26.18 -30.79
N VAL B 231 -26.05 25.82 -29.79
CA VAL B 231 -25.52 26.79 -28.83
C VAL B 231 -23.99 26.83 -28.95
N ILE B 232 -23.44 28.04 -28.94
CA ILE B 232 -22.01 28.28 -29.00
C ILE B 232 -21.49 28.55 -27.59
N ARG B 233 -20.44 27.85 -27.19
CA ARG B 233 -19.82 28.06 -25.88
C ARG B 233 -18.37 28.47 -26.08
N SER B 234 -18.04 29.65 -25.54
CA SER B 234 -16.67 30.17 -25.54
C SER B 234 -16.57 31.19 -24.43
N GLU B 235 -15.34 31.49 -24.02
CA GLU B 235 -15.14 32.44 -22.94
C GLU B 235 -14.74 33.83 -23.41
N ASN B 236 -14.02 33.95 -24.53
CA ASN B 236 -13.69 35.29 -25.00
C ASN B 236 -14.05 35.52 -26.46
N LEU B 237 -13.88 34.51 -27.33
CA LEU B 237 -14.13 34.60 -28.78
C LEU B 237 -13.31 35.71 -29.43
N THR B 238 -12.09 35.93 -28.94
CA THR B 238 -11.21 36.97 -29.46
C THR B 238 -9.93 36.42 -30.03
N ASN B 239 -9.21 35.57 -29.28
CA ASN B 239 -7.96 35.00 -29.75
C ASN B 239 -8.19 33.64 -30.41
N ASN B 240 -7.10 33.08 -30.91
CA ASN B 240 -7.12 31.80 -31.62
C ASN B 240 -6.67 30.63 -30.76
N ALA B 241 -6.51 30.83 -29.45
CA ALA B 241 -5.98 29.79 -28.56
C ALA B 241 -7.00 29.33 -27.53
N LYS B 242 -8.29 29.56 -27.77
CA LYS B 242 -9.34 29.15 -26.85
C LYS B 242 -10.32 28.25 -27.59
N ILE B 243 -10.55 27.06 -27.04
CA ILE B 243 -11.36 26.04 -27.68
C ILE B 243 -12.83 26.41 -27.57
N ILE B 244 -13.55 26.36 -28.70
CA ILE B 244 -14.97 26.69 -28.75
C ILE B 244 -15.76 25.41 -28.88
N ILE B 245 -16.89 25.33 -28.19
CA ILE B 245 -17.72 24.13 -28.13
C ILE B 245 -19.03 24.41 -28.85
N VAL B 246 -19.37 23.56 -29.80
CA VAL B 246 -20.64 23.64 -30.53
C VAL B 246 -21.55 22.56 -29.98
N HIS B 247 -22.71 22.96 -29.47
CA HIS B 247 -23.67 22.03 -28.89
C HIS B 247 -24.86 21.93 -29.84
N LEU B 248 -25.11 20.72 -30.34
CA LEU B 248 -26.05 20.45 -31.41
C LEU B 248 -27.46 20.20 -30.88
N HIS B 249 -28.39 19.99 -31.81
CA HIS B 249 -29.79 19.74 -31.52
C HIS B 249 -30.31 18.44 -32.13
N THR B 250 -29.87 18.10 -33.34
CA THR B 250 -30.30 16.88 -34.00
C THR B 250 -29.13 15.91 -34.09
N PRO B 251 -29.27 14.68 -33.58
CA PRO B 251 -28.16 13.73 -33.65
C PRO B 251 -27.95 13.19 -35.06
N VAL B 252 -26.73 12.76 -35.33
CA VAL B 252 -26.33 12.16 -36.60
C VAL B 252 -25.77 10.78 -36.31
N GLU B 253 -26.28 9.76 -37.01
CA GLU B 253 -25.87 8.40 -36.73
C GLU B 253 -24.46 8.12 -37.24
N ILE B 254 -23.65 7.49 -36.40
CA ILE B 254 -22.28 7.12 -36.73
C ILE B 254 -22.04 5.68 -36.30
N VAL B 255 -21.50 4.87 -37.21
CA VAL B 255 -21.16 3.48 -36.88
C VAL B 255 -19.68 3.26 -37.18
N CYS B 256 -19.10 2.26 -36.52
CA CYS B 256 -17.71 1.89 -36.75
C CYS B 256 -17.59 0.38 -36.68
N THR B 257 -16.90 -0.22 -37.65
CA THR B 257 -16.81 -1.68 -37.73
C THR B 257 -15.35 -2.13 -37.78
N ARG B 258 -15.15 -3.44 -38.00
CA ARG B 258 -13.84 -4.06 -37.97
C ARG B 258 -13.92 -5.43 -38.62
N PRO B 259 -12.84 -5.92 -39.26
CA PRO B 259 -12.80 -7.33 -39.67
C PRO B 259 -12.53 -8.30 -38.51
N ASN B 260 -12.35 -9.58 -38.83
CA ASN B 260 -12.29 -10.64 -37.82
C ASN B 260 -10.87 -10.85 -37.29
N ASN B 261 -10.81 -11.48 -36.11
CA ASN B 261 -9.58 -11.99 -35.51
C ASN B 261 -9.83 -13.42 -35.07
N ASN B 262 -8.76 -14.12 -34.67
CA ASN B 262 -8.90 -15.52 -34.29
C ASN B 262 -9.42 -15.64 -32.86
N THR B 263 -8.60 -15.24 -31.89
CA THR B 263 -8.92 -15.40 -30.48
C THR B 263 -7.91 -14.59 -29.67
N ARG B 264 -8.01 -14.72 -28.35
CA ARG B 264 -7.00 -14.20 -27.43
C ARG B 264 -5.99 -15.31 -27.19
N LYS B 265 -4.79 -15.16 -27.74
CA LYS B 265 -3.74 -16.13 -27.46
C LYS B 265 -3.20 -15.88 -26.07
N SER B 266 -3.30 -16.89 -25.20
CA SER B 266 -2.88 -16.74 -23.81
C SER B 266 -1.39 -17.05 -23.69
N VAL B 267 -0.61 -16.10 -23.21
CA VAL B 267 0.82 -16.26 -23.01
C VAL B 267 1.13 -16.01 -21.54
N ARG B 268 1.81 -16.97 -20.91
CA ARG B 268 2.17 -16.87 -19.50
C ARG B 268 3.56 -16.26 -19.35
N ILE B 269 3.72 -15.41 -18.34
CA ILE B 269 5.02 -14.82 -18.06
C ILE B 269 5.36 -14.99 -16.59
N GLY B 270 4.79 -16.02 -15.96
CA GLY B 270 5.09 -16.31 -14.58
C GLY B 270 3.95 -16.96 -13.85
N PRO B 271 4.02 -16.96 -12.51
CA PRO B 271 2.93 -17.54 -11.72
C PRO B 271 1.67 -16.68 -11.71
N GLY B 272 0.66 -17.13 -12.45
CA GLY B 272 -0.62 -16.44 -12.51
C GLY B 272 -0.74 -15.31 -13.50
N GLN B 273 0.33 -14.57 -13.72
CA GLN B 273 0.33 -13.42 -14.63
C GLN B 273 0.33 -13.93 -16.06
N THR B 274 -0.85 -13.98 -16.67
CA THR B 274 -1.01 -14.35 -18.07
C THR B 274 -1.59 -13.17 -18.83
N PHE B 275 -1.15 -12.96 -20.07
CA PHE B 275 -1.72 -11.88 -20.86
C PHE B 275 -2.28 -12.43 -22.16
N TYR B 276 -3.29 -11.75 -22.68
CA TYR B 276 -3.98 -12.15 -23.90
C TYR B 276 -3.48 -11.29 -25.05
N ALA B 277 -2.71 -11.88 -25.95
CA ALA B 277 -2.23 -11.19 -27.13
C ALA B 277 -3.10 -11.55 -28.33
N THR B 278 -2.88 -10.83 -29.43
CA THR B 278 -3.62 -11.08 -30.65
C THR B 278 -3.12 -12.37 -31.30
N GLY B 279 -4.05 -13.24 -31.67
CA GLY B 279 -3.68 -14.53 -32.23
C GLY B 279 -3.47 -14.48 -33.72
N ASP B 280 -4.23 -15.27 -34.47
CA ASP B 280 -4.13 -15.30 -35.92
C ASP B 280 -5.24 -14.42 -36.50
N ILE B 281 -5.38 -14.40 -37.82
CA ILE B 281 -6.49 -13.74 -38.51
C ILE B 281 -7.01 -14.72 -39.54
N ILE B 282 -8.29 -15.05 -39.45
CA ILE B 282 -8.93 -15.97 -40.37
C ILE B 282 -9.80 -15.19 -41.33
N GLY B 283 -9.89 -15.68 -42.56
CA GLY B 283 -10.58 -14.97 -43.62
C GLY B 283 -9.73 -13.84 -44.17
N ASP B 284 -10.34 -13.09 -45.09
CA ASP B 284 -9.65 -11.95 -45.68
C ASP B 284 -9.62 -10.80 -44.70
N ILE B 285 -8.62 -9.92 -44.87
CA ILE B 285 -8.43 -8.77 -44.00
C ILE B 285 -8.97 -7.52 -44.69
N LYS B 286 -9.68 -6.69 -43.92
CA LYS B 286 -10.24 -5.44 -44.42
C LYS B 286 -9.80 -4.30 -43.52
N GLN B 287 -10.37 -3.11 -43.70
CA GLN B 287 -10.01 -1.96 -42.90
C GLN B 287 -11.10 -1.66 -41.87
N ALA B 288 -10.69 -1.07 -40.75
CA ALA B 288 -11.62 -0.66 -39.71
C ALA B 288 -12.08 0.76 -40.03
N HIS B 289 -13.35 0.90 -40.39
CA HIS B 289 -13.87 2.16 -40.90
C HIS B 289 -15.09 2.60 -40.12
N CYS B 290 -15.34 3.91 -40.17
CA CYS B 290 -16.50 4.53 -39.54
C CYS B 290 -17.36 5.20 -40.60
N ASN B 291 -18.67 4.93 -40.57
CA ASN B 291 -19.62 5.47 -41.53
C ASN B 291 -20.50 6.52 -40.87
N ILE B 292 -20.66 7.66 -41.56
CA ILE B 292 -21.51 8.76 -41.12
C ILE B 292 -22.39 9.18 -42.30
N SER B 293 -23.67 9.45 -42.03
CA SER B 293 -24.60 9.83 -43.08
C SER B 293 -24.21 11.15 -43.73
N GLU B 294 -24.47 11.25 -45.04
CA GLU B 294 -24.00 12.40 -45.82
C GLU B 294 -24.90 13.62 -45.63
N GLU B 295 -26.19 13.48 -45.93
CA GLU B 295 -27.08 14.64 -45.94
C GLU B 295 -27.36 15.16 -44.53
N LYS B 296 -27.38 14.27 -43.54
CA LYS B 296 -27.53 14.71 -42.14
C LYS B 296 -26.33 15.52 -41.71
N TRP B 297 -25.12 15.10 -42.06
CA TRP B 297 -23.94 15.88 -41.74
C TRP B 297 -23.90 17.19 -42.52
N ASN B 298 -24.39 17.17 -43.76
CA ASN B 298 -24.37 18.38 -44.58
C ASN B 298 -25.31 19.45 -44.04
N ASP B 299 -26.58 19.09 -43.78
CA ASP B 299 -27.47 20.14 -43.26
C ASP B 299 -27.23 20.43 -41.78
N THR B 300 -26.58 19.52 -41.05
CA THR B 300 -26.15 19.85 -39.69
C THR B 300 -25.04 20.89 -39.71
N LEU B 301 -24.06 20.74 -40.61
CA LEU B 301 -23.02 21.75 -40.74
C LEU B 301 -23.57 23.05 -41.31
N GLN B 302 -24.62 22.97 -42.15
CA GLN B 302 -25.28 24.18 -42.61
C GLN B 302 -25.99 24.91 -41.47
N LYS B 303 -26.59 24.14 -40.54
CA LYS B 303 -27.23 24.75 -39.37
C LYS B 303 -26.19 25.38 -38.45
N VAL B 304 -25.04 24.72 -38.27
CA VAL B 304 -23.93 25.29 -37.50
C VAL B 304 -23.43 26.57 -38.17
N GLY B 305 -23.40 26.59 -39.51
CA GLY B 305 -22.98 27.79 -40.22
C GLY B 305 -23.95 28.96 -40.06
N ILE B 306 -25.25 28.69 -40.21
CA ILE B 306 -26.22 29.78 -40.09
C ILE B 306 -26.39 30.23 -38.65
N GLU B 307 -26.01 29.40 -37.68
CA GLU B 307 -26.06 29.85 -36.30
C GLU B 307 -24.78 30.56 -35.90
N LEU B 308 -23.63 30.14 -36.42
CA LEU B 308 -22.35 30.79 -36.15
C LEU B 308 -22.17 32.09 -36.93
N GLN B 309 -23.00 32.33 -37.95
CA GLN B 309 -22.94 33.60 -38.66
C GLN B 309 -23.45 34.78 -37.85
N LYS B 310 -24.10 34.54 -36.71
CA LYS B 310 -24.56 35.64 -35.86
C LYS B 310 -23.38 36.35 -35.18
N HIS B 311 -22.34 35.61 -34.82
CA HIS B 311 -21.16 36.20 -34.18
C HIS B 311 -20.16 36.77 -35.17
N PHE B 312 -20.34 36.52 -36.46
CA PHE B 312 -19.46 37.08 -37.50
C PHE B 312 -20.36 37.51 -38.64
N PRO B 313 -20.68 38.82 -38.73
CA PRO B 313 -21.73 39.28 -39.66
C PRO B 313 -21.33 39.23 -41.14
N ASN B 314 -20.11 39.64 -41.46
CA ASN B 314 -19.71 39.71 -42.86
C ASN B 314 -18.44 38.91 -43.11
N LYS B 315 -18.40 37.69 -42.60
CA LYS B 315 -17.25 36.81 -42.79
C LYS B 315 -17.73 35.41 -43.12
N THR B 316 -17.07 34.78 -44.08
CA THR B 316 -17.37 33.40 -44.45
C THR B 316 -16.50 32.45 -43.65
N ILE B 317 -17.01 31.24 -43.41
CA ILE B 317 -16.32 30.26 -42.59
C ILE B 317 -15.83 29.11 -43.46
N LYS B 318 -14.71 28.53 -43.08
CA LYS B 318 -14.10 27.43 -43.81
C LYS B 318 -13.68 26.35 -42.82
N TYR B 319 -13.49 25.13 -43.34
CA TYR B 319 -12.97 24.04 -42.54
C TYR B 319 -11.92 23.28 -43.35
N ASN B 320 -10.92 22.76 -42.66
CA ASN B 320 -9.91 21.90 -43.28
C ASN B 320 -9.39 20.94 -42.23
N GLN B 321 -8.23 20.36 -42.49
CA GLN B 321 -7.65 19.32 -41.66
C GLN B 321 -7.18 19.87 -40.30
N SER B 322 -6.68 18.97 -39.46
CA SER B 322 -6.11 19.36 -38.19
C SER B 322 -4.79 20.10 -38.41
N ALA B 323 -4.41 20.89 -37.41
CA ALA B 323 -3.23 21.76 -37.55
C ALA B 323 -1.93 21.04 -37.22
N GLY B 324 -1.69 19.89 -37.84
CA GLY B 324 -0.43 19.18 -37.67
C GLY B 324 -0.26 18.49 -36.33
N GLY B 325 0.73 17.60 -36.25
CA GLY B 325 1.02 16.88 -35.02
C GLY B 325 1.17 15.40 -35.29
N ASP B 326 1.17 14.63 -34.21
CA ASP B 326 1.32 13.18 -34.29
C ASP B 326 -0.04 12.51 -34.38
N MET B 327 -0.06 11.19 -34.16
CA MET B 327 -1.28 10.39 -34.30
C MET B 327 -2.30 10.71 -33.21
N GLU B 328 -1.83 10.96 -31.98
CA GLU B 328 -2.73 11.01 -30.83
C GLU B 328 -3.58 12.28 -30.76
N ILE B 329 -3.18 13.36 -31.43
CA ILE B 329 -3.89 14.62 -31.30
C ILE B 329 -4.66 15.00 -32.56
N THR B 330 -4.22 14.57 -33.75
CA THR B 330 -4.86 14.98 -34.99
C THR B 330 -6.03 14.09 -35.39
N THR B 331 -6.26 12.99 -34.68
CA THR B 331 -7.30 12.03 -35.03
C THR B 331 -8.34 11.96 -33.93
N HIS B 332 -9.61 11.79 -34.34
CA HIS B 332 -10.71 11.58 -33.42
C HIS B 332 -10.55 10.22 -32.75
N SER B 333 -10.31 10.20 -31.44
CA SER B 333 -9.98 8.99 -30.72
C SER B 333 -11.07 8.66 -29.71
N PHE B 334 -11.43 7.38 -29.64
CA PHE B 334 -12.46 6.91 -28.71
C PHE B 334 -12.23 5.43 -28.47
N ASN B 335 -13.19 4.77 -27.83
CA ASN B 335 -13.12 3.34 -27.59
C ASN B 335 -14.51 2.72 -27.74
N CYS B 336 -14.52 1.44 -28.07
CA CYS B 336 -15.78 0.68 -28.19
C CYS B 336 -15.49 -0.78 -27.91
N GLY B 337 -16.31 -1.38 -27.05
CA GLY B 337 -16.20 -2.79 -26.74
C GLY B 337 -14.92 -3.22 -26.07
N GLY B 338 -14.15 -2.28 -25.53
CA GLY B 338 -12.85 -2.57 -24.99
C GLY B 338 -11.69 -2.41 -25.95
N GLU B 339 -11.93 -1.88 -27.15
CA GLU B 339 -10.88 -1.68 -28.13
C GLU B 339 -10.90 -0.24 -28.61
N PHE B 340 -9.72 0.36 -28.74
CA PHE B 340 -9.58 1.79 -29.00
C PHE B 340 -9.50 2.08 -30.49
N PHE B 341 -9.93 3.28 -30.86
CA PHE B 341 -9.95 3.74 -32.25
C PHE B 341 -9.34 5.12 -32.33
N TYR B 342 -8.49 5.32 -33.33
CA TYR B 342 -7.89 6.62 -33.65
C TYR B 342 -8.16 6.88 -35.11
N CYS B 343 -9.09 7.78 -35.43
CA CYS B 343 -9.55 7.86 -36.81
C CYS B 343 -9.44 9.24 -37.42
N ASN B 344 -9.01 9.26 -38.68
CA ASN B 344 -8.79 10.47 -39.46
C ASN B 344 -10.12 11.14 -39.78
N THR B 345 -10.16 12.47 -39.71
CA THR B 345 -11.35 13.25 -39.98
C THR B 345 -11.17 14.15 -41.20
N SER B 346 -10.58 13.59 -42.27
CA SER B 346 -10.31 14.38 -43.46
C SER B 346 -11.57 14.65 -44.28
N ASN B 347 -12.53 13.72 -44.27
CA ASN B 347 -13.70 13.81 -45.13
C ASN B 347 -14.92 14.38 -44.41
N LEU B 348 -14.76 14.88 -43.19
CA LEU B 348 -15.88 15.48 -42.47
C LEU B 348 -15.80 16.99 -42.40
N PHE B 349 -14.60 17.55 -42.39
CA PHE B 349 -14.41 18.98 -42.24
C PHE B 349 -13.79 19.55 -43.50
N ASN B 350 -14.31 19.15 -44.65
CA ASN B 350 -13.82 19.57 -45.96
C ASN B 350 -14.94 20.36 -46.63
N GLY B 351 -14.99 21.66 -46.37
CA GLY B 351 -16.02 22.49 -46.95
C GLY B 351 -15.95 23.91 -46.40
N THR B 352 -16.95 24.69 -46.81
CA THR B 352 -17.02 26.10 -46.41
C THR B 352 -18.46 26.56 -46.50
N TYR B 353 -18.74 27.67 -45.82
CA TYR B 353 -20.05 28.32 -45.87
C TYR B 353 -19.86 29.81 -46.07
N ASN B 354 -20.59 30.38 -47.03
CA ASN B 354 -20.47 31.77 -47.41
C ASN B 354 -21.72 32.58 -47.10
N GLY B 355 -22.71 31.99 -46.43
CA GLY B 355 -23.92 32.69 -46.06
C GLY B 355 -25.16 32.35 -46.88
N THR B 356 -24.99 31.67 -48.00
CA THR B 356 -26.12 31.29 -48.86
C THR B 356 -26.53 29.86 -48.54
N TYR B 357 -27.74 29.69 -48.03
CA TYR B 357 -28.23 28.37 -47.62
C TYR B 357 -28.53 27.50 -48.84
N ILE B 358 -28.24 26.21 -48.71
CA ILE B 358 -28.55 25.22 -49.75
C ILE B 358 -29.49 24.19 -49.13
N SER B 359 -30.65 24.01 -49.76
CA SER B 359 -31.62 23.02 -49.31
C SER B 359 -31.38 21.69 -50.00
N THR B 360 -31.44 20.61 -49.23
CA THR B 360 -31.24 19.26 -49.72
C THR B 360 -32.57 18.51 -49.61
N ASN B 361 -33.30 18.44 -50.71
CA ASN B 361 -34.60 17.76 -50.76
C ASN B 361 -34.49 16.61 -51.76
N SER B 362 -34.06 15.45 -51.26
CA SER B 362 -33.93 14.25 -52.09
C SER B 362 -34.03 13.04 -51.17
N SER B 363 -35.09 12.25 -51.35
CA SER B 363 -35.31 11.09 -50.50
C SER B 363 -34.39 9.93 -50.87
N ALA B 364 -34.04 9.79 -52.14
CA ALA B 364 -33.21 8.68 -52.61
C ALA B 364 -31.72 8.96 -52.49
N ASN B 365 -31.32 10.14 -52.00
CA ASN B 365 -29.92 10.49 -51.87
C ASN B 365 -29.33 10.08 -50.52
N SER B 366 -30.11 9.39 -49.67
CA SER B 366 -29.61 8.97 -48.36
C SER B 366 -28.70 7.75 -48.44
N THR B 367 -28.56 7.13 -49.61
CA THR B 367 -27.69 5.98 -49.76
C THR B 367 -26.22 6.37 -49.62
N SER B 368 -25.84 7.56 -50.11
CA SER B 368 -24.47 8.01 -50.03
C SER B 368 -24.06 8.29 -48.59
N THR B 369 -22.86 7.82 -48.23
CA THR B 369 -22.33 7.94 -46.88
C THR B 369 -20.92 8.52 -46.95
N ILE B 370 -20.34 8.74 -45.77
CA ILE B 370 -18.96 9.20 -45.63
C ILE B 370 -18.21 8.14 -44.84
N THR B 371 -17.10 7.65 -45.39
CA THR B 371 -16.29 6.61 -44.79
C THR B 371 -15.00 7.22 -44.24
N LEU B 372 -14.65 6.80 -43.03
CA LEU B 372 -13.44 7.23 -42.33
C LEU B 372 -12.58 6.00 -42.11
N GLN B 373 -11.49 5.89 -42.86
CA GLN B 373 -10.60 4.73 -42.76
C GLN B 373 -9.55 5.00 -41.70
N CYS B 374 -9.25 3.98 -40.89
CA CYS B 374 -8.37 4.15 -39.74
C CYS B 374 -7.83 2.84 -39.23
N ARG B 375 -6.82 2.96 -38.36
CA ARG B 375 -6.08 1.87 -37.76
C ARG B 375 -6.44 1.77 -36.27
N ILE B 376 -5.88 0.76 -35.62
CA ILE B 376 -6.15 0.46 -34.22
C ILE B 376 -4.83 0.46 -33.45
N LYS B 377 -4.80 1.16 -32.32
CA LYS B 377 -3.70 1.09 -31.37
C LYS B 377 -4.07 0.15 -30.23
N GLN B 378 -3.06 -0.28 -29.48
CA GLN B 378 -3.28 -1.15 -28.33
C GLN B 378 -2.66 -0.65 -27.04
N ILE B 379 -1.70 0.27 -27.09
CA ILE B 379 -1.11 0.87 -25.89
C ILE B 379 -1.55 2.33 -25.86
N ILE B 380 -2.21 2.73 -24.77
CA ILE B 380 -2.82 4.04 -24.66
C ILE B 380 -1.99 4.89 -23.69
N ASN B 381 -1.65 6.10 -24.12
CA ASN B 381 -0.86 7.03 -23.34
C ASN B 381 -1.66 8.28 -23.01
N MET B 382 -2.92 8.09 -22.58
CA MET B 382 -3.84 9.22 -22.46
C MET B 382 -3.57 10.02 -21.19
N TRP B 383 -4.45 11.00 -20.93
CA TRP B 383 -4.44 11.98 -19.85
C TRP B 383 -3.27 12.96 -19.92
N GLN B 384 -2.48 12.92 -21.01
CA GLN B 384 -1.32 13.80 -21.26
C GLN B 384 -0.32 13.76 -20.11
N GLY B 385 -0.05 12.56 -19.62
CA GLY B 385 0.80 12.38 -18.45
C GLY B 385 0.04 11.67 -17.35
N VAL B 386 0.78 11.04 -16.42
CA VAL B 386 0.35 10.22 -15.28
C VAL B 386 -0.75 9.23 -15.71
N GLY B 387 -0.59 8.67 -16.90
CA GLY B 387 -1.63 7.86 -17.51
C GLY B 387 -1.60 6.37 -17.18
N ARG B 388 -0.47 5.87 -16.66
CA ARG B 388 -0.26 4.46 -16.33
C ARG B 388 -0.46 3.58 -17.57
N CYS B 389 0.51 3.71 -18.48
CA CYS B 389 0.54 3.16 -19.84
C CYS B 389 0.06 1.71 -19.95
N MET B 390 -1.05 1.50 -20.64
CA MET B 390 -1.69 0.19 -20.65
C MET B 390 -1.24 -0.70 -21.79
N TYR B 391 -1.96 -1.81 -21.95
CA TYR B 391 -1.92 -2.67 -23.12
C TYR B 391 -3.33 -3.27 -23.20
N ALA B 392 -4.15 -2.72 -24.08
CA ALA B 392 -5.55 -3.13 -24.16
C ALA B 392 -5.65 -4.52 -24.78
N PRO B 393 -6.31 -5.48 -24.12
CA PRO B 393 -6.44 -6.81 -24.70
C PRO B 393 -7.42 -6.79 -25.87
N PRO B 394 -7.20 -7.64 -26.88
CA PRO B 394 -8.08 -7.64 -28.04
C PRO B 394 -9.37 -8.40 -27.78
N ILE B 395 -10.29 -8.29 -28.74
CA ILE B 395 -11.57 -8.98 -28.69
C ILE B 395 -11.57 -10.03 -29.80
N ALA B 396 -12.27 -11.13 -29.56
CA ALA B 396 -12.20 -12.28 -30.47
C ALA B 396 -12.91 -12.00 -31.79
N GLY B 397 -14.23 -11.75 -31.74
CA GLY B 397 -15.01 -11.55 -32.94
C GLY B 397 -15.01 -10.11 -33.41
N ASN B 398 -15.83 -9.85 -34.41
CA ASN B 398 -16.02 -8.50 -34.91
C ASN B 398 -16.87 -7.70 -33.94
N ILE B 399 -16.74 -6.37 -34.01
CA ILE B 399 -17.45 -5.48 -33.11
C ILE B 399 -18.21 -4.44 -33.91
N THR B 400 -19.19 -3.82 -33.26
CA THR B 400 -19.99 -2.76 -33.85
C THR B 400 -20.07 -1.58 -32.87
N CYS B 401 -20.26 -0.39 -33.43
CA CYS B 401 -20.21 0.85 -32.66
C CYS B 401 -21.38 1.75 -33.04
N ARG B 402 -22.61 1.23 -32.95
CA ARG B 402 -23.80 2.02 -33.24
C ARG B 402 -23.97 3.09 -32.19
N SER B 403 -23.46 4.29 -32.48
CA SER B 403 -23.32 5.36 -31.51
C SER B 403 -24.16 6.56 -31.90
N ASN B 404 -23.99 7.65 -31.14
CA ASN B 404 -24.73 8.89 -31.29
C ASN B 404 -23.74 10.03 -31.10
N ILE B 405 -24.01 11.17 -31.74
CA ILE B 405 -23.11 12.32 -31.71
C ILE B 405 -23.84 13.48 -31.02
N THR B 406 -23.09 14.26 -30.26
CA THR B 406 -23.76 15.33 -29.51
C THR B 406 -23.15 16.70 -29.74
N GLY B 407 -21.83 16.83 -29.78
CA GLY B 407 -21.22 18.13 -29.88
C GLY B 407 -19.94 18.09 -30.68
N LEU B 408 -19.37 19.27 -30.89
CA LEU B 408 -18.14 19.44 -31.65
C LEU B 408 -17.19 20.37 -30.91
N LEU B 409 -15.90 20.10 -31.06
CA LEU B 409 -14.85 20.93 -30.48
C LEU B 409 -14.07 21.57 -31.62
N LEU B 410 -14.04 22.91 -31.66
CA LEU B 410 -13.42 23.64 -32.76
C LEU B 410 -12.41 24.62 -32.18
N THR B 411 -11.56 25.15 -33.07
CA THR B 411 -10.54 26.11 -32.71
C THR B 411 -10.25 26.98 -33.92
N ARG B 412 -10.36 28.29 -33.75
CA ARG B 412 -10.11 29.22 -34.85
C ARG B 412 -8.62 29.34 -35.13
N ASP B 413 -8.27 29.51 -36.40
CA ASP B 413 -6.90 29.69 -36.84
C ASP B 413 -6.57 31.18 -36.93
N GLY B 414 -5.27 31.47 -36.84
CA GLY B 414 -4.82 32.85 -36.92
C GLY B 414 -4.86 33.36 -38.34
N GLY B 415 -5.54 34.49 -38.55
CA GLY B 415 -5.67 35.06 -39.89
C GLY B 415 -4.57 36.06 -40.20
N THR B 416 -4.64 36.60 -41.42
CA THR B 416 -3.72 37.59 -41.93
C THR B 416 -4.45 38.91 -42.14
N ASN B 417 -3.76 39.88 -42.75
CA ASN B 417 -4.38 41.17 -43.03
C ASN B 417 -5.43 41.04 -44.12
N SER B 418 -6.57 41.70 -43.91
CA SER B 418 -7.73 41.70 -44.81
C SER B 418 -8.24 40.28 -45.07
N ASN B 419 -8.22 39.43 -44.04
CA ASN B 419 -8.65 38.05 -44.14
C ASN B 419 -10.11 37.97 -43.69
N GLU B 420 -11.02 38.08 -44.64
CA GLU B 420 -12.45 37.98 -44.36
C GLU B 420 -12.94 36.54 -44.33
N THR B 421 -12.12 35.59 -44.74
CA THR B 421 -12.47 34.17 -44.75
C THR B 421 -11.53 33.45 -43.78
N GLU B 422 -12.01 33.19 -42.58
CA GLU B 422 -11.23 32.48 -41.57
C GLU B 422 -11.70 31.03 -41.47
N THR B 423 -10.82 30.19 -40.93
CA THR B 423 -11.05 28.76 -40.86
C THR B 423 -11.27 28.31 -39.42
N PHE B 424 -11.88 27.14 -39.28
CA PHE B 424 -12.17 26.53 -37.99
C PHE B 424 -11.66 25.09 -38.00
N ARG B 425 -10.52 24.84 -37.36
CA ARG B 425 -10.07 23.45 -37.40
C ARG B 425 -10.46 22.74 -36.12
N PRO B 426 -10.82 21.45 -36.17
CA PRO B 426 -11.17 20.73 -34.94
C PRO B 426 -9.93 20.29 -34.19
N ALA B 427 -10.01 20.37 -32.86
CA ALA B 427 -8.89 19.97 -32.01
C ALA B 427 -9.43 19.57 -30.65
N GLY B 428 -8.72 18.63 -30.02
CA GLY B 428 -9.08 18.17 -28.70
C GLY B 428 -8.20 18.78 -27.63
N GLY B 429 -7.21 18.03 -27.17
CA GLY B 429 -6.26 18.54 -26.18
C GLY B 429 -6.53 18.04 -24.78
N ASP B 430 -6.90 18.94 -23.89
CA ASP B 430 -7.17 18.58 -22.51
C ASP B 430 -8.49 17.81 -22.40
N MET B 431 -8.58 16.97 -21.36
CA MET B 431 -9.73 16.12 -21.17
C MET B 431 -10.91 16.86 -20.52
N ARG B 432 -10.66 18.02 -19.92
CA ARG B 432 -11.68 18.72 -19.14
C ARG B 432 -12.81 19.30 -19.98
N ASP B 433 -12.65 19.36 -21.30
CA ASP B 433 -13.64 20.01 -22.15
C ASP B 433 -14.95 19.22 -22.24
N ASN B 434 -14.88 17.88 -22.26
CA ASN B 434 -16.08 17.07 -22.38
C ASN B 434 -16.94 17.16 -21.12
N TRP B 435 -16.31 17.00 -19.96
CA TRP B 435 -17.03 17.13 -18.70
C TRP B 435 -17.40 18.57 -18.40
N ARG B 436 -16.72 19.54 -18.98
CA ARG B 436 -17.17 20.93 -18.87
C ARG B 436 -18.37 21.19 -19.76
N SER B 437 -18.46 20.48 -20.89
CA SER B 437 -19.62 20.60 -21.74
C SER B 437 -20.83 19.89 -21.14
N GLU B 438 -20.60 18.87 -20.31
CA GLU B 438 -21.69 18.16 -19.66
C GLU B 438 -22.04 18.72 -18.28
N LEU B 439 -21.39 19.80 -17.84
CA LEU B 439 -21.65 20.39 -16.53
C LEU B 439 -21.77 21.90 -16.62
N TYR B 440 -22.42 22.39 -17.68
CA TYR B 440 -22.63 23.83 -17.82
C TYR B 440 -23.75 24.33 -16.91
N LYS B 441 -24.74 23.48 -16.62
CA LYS B 441 -25.93 23.91 -15.90
C LYS B 441 -25.64 24.14 -14.42
N TYR B 442 -24.86 23.27 -13.81
CA TYR B 442 -24.79 23.19 -12.36
C TYR B 442 -23.72 24.09 -11.75
N LYS B 443 -23.95 24.49 -10.51
CA LYS B 443 -22.98 25.23 -9.71
C LYS B 443 -23.23 24.93 -8.24
N VAL B 444 -22.18 24.53 -7.53
CA VAL B 444 -22.28 24.19 -6.11
C VAL B 444 -22.42 25.48 -5.30
N VAL B 445 -23.24 25.44 -4.24
CA VAL B 445 -23.51 26.64 -3.46
C VAL B 445 -23.65 26.26 -1.99
N LYS B 446 -23.22 27.15 -1.10
CA LYS B 446 -23.26 26.95 0.34
C LYS B 446 -24.28 27.89 0.96
N ILE B 447 -25.08 27.37 1.91
CA ILE B 447 -26.11 28.17 2.56
C ILE B 447 -25.66 28.57 3.95
N GLU B 448 -25.96 29.81 4.33
CA GLU B 448 -25.66 30.33 5.67
C GLU B 448 -26.96 30.52 6.43
N PRO B 449 -27.27 29.69 7.44
CA PRO B 449 -28.57 29.81 8.11
C PRO B 449 -28.69 30.98 9.08
N LEU B 450 -27.61 31.70 9.38
CA LEU B 450 -27.68 32.81 10.31
C LEU B 450 -27.98 34.11 9.59
N GLY B 451 -28.68 35.01 10.28
CA GLY B 451 -28.96 36.32 9.71
C GLY B 451 -29.44 37.28 10.77
N VAL B 452 -29.58 38.54 10.37
CA VAL B 452 -30.08 39.60 11.23
C VAL B 452 -31.14 40.38 10.47
N ALA B 453 -32.02 41.04 11.22
CA ALA B 453 -33.15 41.75 10.63
C ALA B 453 -33.63 42.80 11.60
N PRO B 454 -34.19 43.91 11.11
CA PRO B 454 -34.75 44.94 12.00
C PRO B 454 -36.22 44.70 12.31
N THR B 455 -36.57 44.85 13.58
CA THR B 455 -37.96 44.82 14.04
C THR B 455 -38.04 45.55 15.38
N ARG B 456 -39.16 45.41 16.06
CA ARG B 456 -39.42 46.07 17.34
C ARG B 456 -39.54 45.06 18.48
N CYS B 457 -38.65 44.06 18.50
CA CYS B 457 -38.71 43.05 19.54
C CYS B 457 -37.91 43.46 20.76
N LYS B 458 -38.55 43.34 21.93
CA LYS B 458 -37.92 43.68 23.21
C LYS B 458 -37.90 42.42 24.05
N ARG B 459 -36.73 41.91 24.39
CA ARG B 459 -36.66 40.71 25.22
C ARG B 459 -36.99 41.07 26.67
N ARG B 460 -37.89 40.30 27.28
CA ARG B 460 -38.34 40.56 28.63
C ARG B 460 -37.29 40.12 29.64
N VAL B 461 -37.13 40.93 30.69
CA VAL B 461 -36.17 40.62 31.75
C VAL B 461 -36.89 40.03 32.96
N GLU C 2 -30.08 26.95 56.51
CA GLU C 2 -29.11 26.48 57.49
C GLU C 2 -28.44 25.20 57.03
N ASN C 3 -29.08 24.50 56.08
CA ASN C 3 -28.54 23.28 55.51
C ASN C 3 -27.78 23.62 54.23
N LEU C 4 -27.31 22.56 53.55
CA LEU C 4 -26.51 22.72 52.35
C LEU C 4 -27.18 22.01 51.19
N TRP C 5 -27.01 22.58 49.99
CA TRP C 5 -27.55 22.00 48.76
C TRP C 5 -26.46 21.95 47.70
N VAL C 6 -26.55 20.93 46.84
CA VAL C 6 -25.52 20.73 45.82
C VAL C 6 -25.68 21.77 44.72
N THR C 7 -24.56 22.37 44.33
CA THR C 7 -24.53 23.38 43.27
C THR C 7 -23.46 22.98 42.27
N VAL C 8 -23.85 22.88 41.00
CA VAL C 8 -22.93 22.51 39.93
C VAL C 8 -22.28 23.79 39.39
N TYR C 9 -20.99 23.71 39.11
CA TYR C 9 -20.21 24.83 38.62
C TYR C 9 -19.56 24.45 37.30
N TYR C 10 -19.71 25.33 36.30
CA TYR C 10 -19.12 25.16 34.98
C TYR C 10 -17.96 26.13 34.83
N GLY C 11 -16.83 25.63 34.36
CA GLY C 11 -15.62 26.43 34.28
C GLY C 11 -14.66 26.24 35.41
N VAL C 12 -14.72 25.13 36.12
CA VAL C 12 -13.83 24.88 37.27
C VAL C 12 -12.42 24.60 36.76
N PRO C 13 -11.41 25.32 37.25
CA PRO C 13 -10.02 25.06 36.80
C PRO C 13 -9.31 23.94 37.56
N VAL C 14 -9.54 22.70 37.10
CA VAL C 14 -8.87 21.54 37.67
C VAL C 14 -8.24 20.73 36.55
N TRP C 15 -7.13 20.06 36.88
CA TRP C 15 -6.30 19.32 35.94
C TRP C 15 -6.36 17.82 36.18
N LYS C 16 -6.09 17.07 35.11
CA LYS C 16 -5.90 15.63 35.16
C LYS C 16 -4.78 15.28 34.19
N GLU C 17 -3.92 14.35 34.60
CA GLU C 17 -2.82 13.92 33.74
C GLU C 17 -3.33 12.90 32.73
N ALA C 18 -3.13 13.17 31.45
CA ALA C 18 -3.61 12.30 30.40
C ALA C 18 -2.74 12.47 29.15
N LYS C 19 -2.88 11.52 28.24
CA LYS C 19 -2.12 11.50 26.99
C LYS C 19 -3.08 11.59 25.81
N THR C 20 -2.66 12.30 24.76
CA THR C 20 -3.51 12.47 23.59
C THR C 20 -2.63 12.79 22.38
N THR C 21 -3.24 12.71 21.21
CA THR C 21 -2.56 13.09 19.98
C THR C 21 -2.44 14.61 19.91
N LEU C 22 -1.45 15.07 19.12
CA LEU C 22 -1.14 16.49 19.03
C LEU C 22 -1.19 16.95 17.58
N PHE C 23 -1.34 18.27 17.43
CA PHE C 23 -1.45 18.92 16.13
C PHE C 23 -0.07 19.09 15.49
N CYS C 24 -0.03 19.90 14.44
CA CYS C 24 1.21 20.40 13.86
C CYS C 24 1.00 21.86 13.47
N ALA C 25 1.96 22.70 13.80
CA ALA C 25 1.90 24.12 13.47
C ALA C 25 3.21 24.56 12.86
N SER C 26 3.14 25.30 11.76
CA SER C 26 4.32 25.80 11.07
C SER C 26 4.04 27.19 10.56
N ASP C 27 5.11 27.93 10.29
CA ASP C 27 4.98 29.28 9.78
C ASP C 27 4.51 29.27 8.32
N ALA C 28 3.85 30.36 7.93
CA ALA C 28 3.30 30.48 6.58
C ALA C 28 4.37 30.75 5.52
N ARG C 29 5.59 31.09 5.92
CA ARG C 29 6.66 31.38 4.97
C ARG C 29 7.22 30.13 4.30
N ALA C 30 6.92 28.94 4.82
CA ALA C 30 7.45 27.70 4.26
C ALA C 30 6.54 27.08 3.20
N TYR C 31 5.42 27.71 2.88
CA TYR C 31 4.49 27.20 1.88
C TYR C 31 4.69 27.81 0.50
N GLU C 32 5.59 28.78 0.36
CA GLU C 32 5.76 29.47 -0.92
C GLU C 32 6.54 28.63 -1.94
N LYS C 33 7.27 27.61 -1.49
CA LYS C 33 8.05 26.80 -2.42
C LYS C 33 7.13 25.87 -3.20
N GLU C 34 7.29 25.87 -4.53
CA GLU C 34 6.43 25.09 -5.40
C GLU C 34 6.88 23.63 -5.52
N VAL C 35 8.06 23.28 -5.03
CA VAL C 35 8.55 21.91 -5.03
C VAL C 35 8.31 21.32 -3.64
N HIS C 36 7.79 20.09 -3.61
CA HIS C 36 7.51 19.44 -2.34
C HIS C 36 8.81 19.01 -1.68
N ASN C 37 9.04 19.50 -0.47
CA ASN C 37 10.31 19.31 0.21
C ASN C 37 10.05 19.27 1.72
N VAL C 38 11.12 19.52 2.50
CA VAL C 38 11.23 19.51 3.97
C VAL C 38 10.49 18.33 4.62
N TRP C 39 10.63 17.15 3.99
CA TRP C 39 9.99 15.87 4.35
C TRP C 39 8.52 16.03 4.75
N ALA C 40 7.74 16.64 3.85
CA ALA C 40 6.29 16.79 3.94
C ALA C 40 5.86 17.53 5.21
N THR C 41 6.22 18.81 5.26
CA THR C 41 5.84 19.65 6.38
C THR C 41 5.01 20.79 5.79
N HIS C 42 4.06 20.42 4.93
CA HIS C 42 3.18 21.37 4.29
C HIS C 42 1.71 21.21 4.68
N ALA C 43 1.35 20.11 5.35
CA ALA C 43 -0.03 19.84 5.70
C ALA C 43 -0.42 20.35 7.08
N CYS C 44 0.49 21.00 7.79
CA CYS C 44 0.17 21.54 9.11
C CYS C 44 -0.67 22.80 8.99
N VAL C 45 -1.48 23.05 10.00
CA VAL C 45 -2.31 24.25 10.04
C VAL C 45 -1.40 25.44 10.30
N PRO C 46 -1.69 26.62 9.72
CA PRO C 46 -0.81 27.78 9.96
C PRO C 46 -1.00 28.32 11.38
N THR C 47 0.12 28.52 12.07
CA THR C 47 0.06 29.06 13.43
C THR C 47 -0.28 30.53 13.41
N ASP C 48 -0.89 30.99 14.49
CA ASP C 48 -1.27 32.40 14.61
C ASP C 48 -0.03 33.24 14.90
N PRO C 49 0.03 34.49 14.36
CA PRO C 49 1.15 35.39 14.66
C PRO C 49 0.96 36.19 15.94
N SER C 50 0.56 35.50 17.02
CA SER C 50 0.32 36.09 18.32
C SER C 50 0.41 35.00 19.38
N PRO C 51 1.60 34.74 19.92
CA PRO C 51 1.75 33.68 20.92
C PRO C 51 1.14 34.09 22.25
N GLN C 52 0.28 33.23 22.78
CA GLN C 52 -0.42 33.48 24.04
C GLN C 52 0.21 32.63 25.13
N GLU C 53 0.60 33.28 26.23
CA GLU C 53 1.22 32.60 27.36
C GLU C 53 0.67 33.23 28.63
N LEU C 54 -0.12 32.46 29.38
CA LEU C 54 -0.73 32.92 30.62
C LEU C 54 0.00 32.28 31.80
N VAL C 55 0.42 33.11 32.75
CA VAL C 55 1.15 32.64 33.91
C VAL C 55 0.16 32.32 35.04
N LEU C 56 0.38 31.19 35.71
CA LEU C 56 -0.47 30.80 36.83
C LEU C 56 -0.03 31.52 38.09
N GLY C 57 -0.99 31.79 38.96
CA GLY C 57 -0.75 32.63 40.11
C GLY C 57 0.12 32.09 41.22
N ASN C 58 -0.38 31.12 41.97
CA ASN C 58 0.32 30.64 43.17
C ASN C 58 0.22 29.12 43.28
N VAL C 59 0.46 28.42 42.18
CA VAL C 59 0.34 26.97 42.16
C VAL C 59 1.69 26.35 41.79
N THR C 60 1.94 25.17 42.35
CA THR C 60 3.11 24.37 42.04
C THR C 60 2.69 23.13 41.26
N GLU C 61 3.62 22.54 40.54
CA GLU C 61 3.28 21.39 39.71
C GLU C 61 4.47 20.45 39.62
N ASN C 62 4.20 19.15 39.73
CA ASN C 62 5.23 18.13 39.55
C ASN C 62 5.60 18.01 38.08
N PHE C 63 6.87 17.74 37.81
CA PHE C 63 7.36 17.62 36.45
C PHE C 63 8.30 16.43 36.35
N ASN C 64 8.17 15.69 35.25
CA ASN C 64 9.02 14.53 35.00
C ASN C 64 9.19 14.39 33.50
N MET C 65 10.41 14.62 33.00
CA MET C 65 10.67 14.54 31.58
C MET C 65 11.20 13.19 31.14
N TRP C 66 11.69 12.36 32.06
CA TRP C 66 12.17 11.03 31.70
C TRP C 66 11.03 10.06 31.43
N LYS C 67 9.83 10.34 31.92
CA LYS C 67 8.63 9.56 31.61
C LYS C 67 7.61 10.54 31.03
N ASN C 68 7.72 10.77 29.72
CA ASN C 68 6.90 11.76 29.04
C ASN C 68 6.27 11.11 27.80
N ASP C 69 5.10 11.63 27.42
CA ASP C 69 4.43 11.14 26.23
C ASP C 69 4.70 11.99 24.99
N MET C 70 5.17 13.22 25.17
CA MET C 70 5.48 14.07 24.02
C MET C 70 6.73 13.60 23.30
N VAL C 71 7.69 13.04 24.04
CA VAL C 71 8.93 12.56 23.45
C VAL C 71 8.67 11.32 22.60
N ASP C 72 7.86 10.39 23.10
CA ASP C 72 7.54 9.17 22.35
C ASP C 72 6.74 9.48 21.10
N GLN C 73 5.78 10.42 21.20
CA GLN C 73 5.01 10.82 20.03
C GLN C 73 5.87 11.58 19.02
N MET C 74 6.83 12.38 19.51
CA MET C 74 7.79 13.03 18.61
C MET C 74 8.64 12.02 17.86
N HIS C 75 9.14 11.00 18.57
CA HIS C 75 9.98 9.98 17.95
C HIS C 75 9.19 9.15 16.94
N GLU C 76 7.96 8.78 17.28
CA GLU C 76 7.15 8.00 16.36
C GLU C 76 6.72 8.82 15.14
N ASP C 77 6.45 10.12 15.34
CA ASP C 77 6.10 10.99 14.22
C ASP C 77 7.27 11.16 13.26
N ILE C 78 8.48 11.36 13.80
CA ILE C 78 9.66 11.52 12.95
C ILE C 78 9.98 10.21 12.23
N ILE C 79 9.81 9.06 12.90
CA ILE C 79 10.05 7.76 12.28
C ILE C 79 9.06 7.51 11.15
N SER C 80 7.77 7.77 11.39
CA SER C 80 6.77 7.49 10.37
C SER C 80 6.85 8.46 9.20
N LEU C 81 7.21 9.72 9.46
CA LEU C 81 7.32 10.69 8.38
C LEU C 81 8.61 10.51 7.59
N TRP C 82 9.66 9.99 8.22
CA TRP C 82 10.86 9.60 7.47
C TRP C 82 10.59 8.38 6.61
N ASP C 83 9.77 7.45 7.12
CA ASP C 83 9.42 6.27 6.34
C ASP C 83 8.42 6.59 5.24
N GLN C 84 7.67 7.68 5.37
CA GLN C 84 6.63 8.00 4.40
C GLN C 84 7.17 8.76 3.20
N SER C 85 8.23 9.54 3.37
CA SER C 85 8.74 10.38 2.28
C SER C 85 9.50 9.60 1.23
N LEU C 86 9.89 8.34 1.50
CA LEU C 86 10.62 7.52 0.54
C LEU C 86 9.71 6.53 -0.19
N LYS C 87 8.40 6.63 -0.03
CA LYS C 87 7.49 5.70 -0.70
C LYS C 87 7.47 5.82 -2.23
N PRO C 88 7.37 7.02 -2.88
CA PRO C 88 7.36 7.00 -4.35
C PRO C 88 8.75 7.14 -4.96
N CYS C 89 9.80 6.93 -4.17
CA CYS C 89 11.15 7.12 -4.64
C CYS C 89 11.68 5.87 -5.36
N VAL C 90 12.89 5.99 -5.89
CA VAL C 90 13.50 4.93 -6.67
C VAL C 90 14.03 3.84 -5.76
N LYS C 91 13.84 2.59 -6.16
CA LYS C 91 14.36 1.44 -5.43
C LYS C 91 15.68 1.00 -6.05
N LEU C 92 16.67 0.75 -5.21
CA LEU C 92 17.99 0.32 -5.68
C LEU C 92 18.11 -1.21 -5.69
N THR C 93 17.15 -1.87 -6.33
CA THR C 93 17.24 -3.32 -6.46
C THR C 93 18.31 -3.79 -7.47
N PRO C 94 18.41 -3.29 -8.69
CA PRO C 94 19.42 -3.84 -9.61
C PRO C 94 20.84 -3.36 -9.38
N LEU C 95 21.16 -2.73 -8.24
CA LEU C 95 22.52 -2.31 -7.94
C LEU C 95 23.24 -3.26 -7.01
N CYS C 96 22.81 -4.51 -6.93
CA CYS C 96 23.45 -5.52 -6.11
C CYS C 96 24.50 -6.31 -6.87
N VAL C 97 24.84 -5.87 -8.09
CA VAL C 97 25.79 -6.58 -8.95
C VAL C 97 27.19 -6.43 -8.37
N THR C 98 28.04 -7.44 -8.60
CA THR C 98 29.46 -7.37 -8.24
C THR C 98 30.14 -6.19 -8.92
N LEU C 99 30.92 -5.46 -8.14
CA LEU C 99 31.57 -4.24 -8.61
C LEU C 99 33.04 -4.54 -8.86
N ILE C 100 33.50 -4.36 -10.10
CA ILE C 100 34.90 -4.56 -10.44
C ILE C 100 35.60 -3.23 -10.20
N CYS C 101 36.22 -3.10 -9.04
CA CYS C 101 36.71 -1.82 -8.55
C CYS C 101 38.23 -1.76 -8.70
N SER C 102 38.75 -0.56 -8.92
CA SER C 102 40.18 -0.34 -9.01
C SER C 102 40.49 1.12 -8.72
N ASP C 103 41.75 1.40 -8.40
CA ASP C 103 42.21 2.76 -8.20
C ASP C 103 42.27 3.47 -9.54
N ALA C 104 42.00 4.78 -9.52
CA ALA C 104 41.99 5.57 -10.73
C ALA C 104 43.42 5.77 -11.26
N GLY C 105 43.53 5.87 -12.58
CA GLY C 105 44.83 6.08 -13.20
C GLY C 105 45.43 7.43 -12.91
N SER C 106 44.59 8.47 -12.89
CA SER C 106 45.05 9.83 -12.63
C SER C 106 44.97 10.11 -11.13
N GLY C 107 46.11 10.46 -10.54
CA GLY C 107 46.13 10.81 -9.14
C GLY C 107 46.02 9.59 -8.23
N GLY C 108 45.82 9.89 -6.94
CA GLY C 108 45.64 8.85 -5.95
C GLY C 108 44.19 8.62 -5.62
N VAL C 109 43.44 9.73 -5.47
CA VAL C 109 42.05 9.87 -5.04
C VAL C 109 41.70 8.86 -3.94
N GLU C 110 42.32 9.05 -2.78
CA GLU C 110 42.09 8.18 -1.64
C GLU C 110 40.67 8.38 -1.09
N GLU C 111 40.16 7.33 -0.44
CA GLU C 111 38.87 7.16 0.24
C GLU C 111 37.75 6.99 -0.81
N MET C 112 38.08 6.99 -2.10
CA MET C 112 37.15 6.69 -3.17
C MET C 112 37.70 5.57 -4.05
N LYS C 113 36.79 4.79 -4.63
CA LYS C 113 37.14 3.75 -5.58
C LYS C 113 36.27 3.90 -6.82
N ASN C 114 36.74 3.36 -7.94
CA ASN C 114 36.03 3.55 -9.21
C ASN C 114 34.75 2.73 -9.26
N CYS C 115 34.86 1.40 -9.17
CA CYS C 115 33.74 0.47 -9.02
C CYS C 115 32.78 0.52 -10.22
N SER C 116 33.30 0.11 -11.36
CA SER C 116 32.51 0.04 -12.59
C SER C 116 31.72 -1.26 -12.63
N PHE C 117 30.44 -1.17 -13.03
CA PHE C 117 29.58 -2.35 -13.07
C PHE C 117 28.89 -2.47 -14.42
N ASN C 118 27.93 -3.40 -14.51
CA ASN C 118 27.09 -3.53 -15.69
C ASN C 118 25.63 -3.55 -15.26
N THR C 119 24.75 -3.05 -16.12
CA THR C 119 23.35 -2.90 -15.79
C THR C 119 22.49 -3.07 -17.04
N THR C 120 21.23 -3.38 -16.82
CA THR C 120 20.30 -3.62 -17.91
C THR C 120 19.83 -2.31 -18.53
N THR C 121 19.63 -2.36 -19.84
CA THR C 121 19.07 -1.25 -20.60
C THR C 121 17.55 -1.42 -20.66
N GLU C 122 16.89 -0.72 -21.58
CA GLU C 122 15.45 -0.90 -21.79
C GLU C 122 15.11 -2.30 -22.30
N ILE C 123 16.07 -3.01 -22.90
CA ILE C 123 15.89 -4.39 -23.29
C ILE C 123 16.37 -5.29 -22.14
N ARG C 124 15.57 -6.31 -21.82
CA ARG C 124 15.96 -7.26 -20.78
C ARG C 124 17.12 -8.15 -21.21
N ASP C 125 17.39 -8.27 -22.51
CA ASP C 125 18.46 -9.14 -22.99
C ASP C 125 19.81 -8.42 -22.94
N LYS C 126 19.89 -7.24 -23.53
CA LYS C 126 21.16 -6.52 -23.61
C LYS C 126 21.51 -5.86 -22.28
N GLU C 127 22.81 -5.80 -22.00
CA GLU C 127 23.33 -5.15 -20.80
C GLU C 127 24.51 -4.29 -21.20
N LYS C 128 24.69 -3.16 -20.50
CA LYS C 128 25.73 -2.20 -20.81
C LYS C 128 26.54 -1.87 -19.58
N LYS C 129 27.81 -1.51 -19.80
CA LYS C 129 28.74 -1.21 -18.71
C LYS C 129 28.67 0.26 -18.34
N GLU C 130 28.69 0.53 -17.04
CA GLU C 130 28.69 1.89 -16.50
C GLU C 130 29.74 2.00 -15.41
N TYR C 131 29.95 3.23 -14.93
CA TYR C 131 30.95 3.48 -13.90
C TYR C 131 30.48 4.61 -13.01
N ALA C 132 31.07 4.69 -11.82
CA ALA C 132 30.68 5.67 -10.81
C ALA C 132 31.91 6.01 -9.97
N LEU C 133 31.68 6.55 -8.78
CA LEU C 133 32.74 6.74 -7.78
C LEU C 133 32.09 6.57 -6.41
N PHE C 134 32.15 5.35 -5.87
CA PHE C 134 31.55 5.07 -4.58
C PHE C 134 32.56 5.30 -3.46
N TYR C 135 32.02 5.66 -2.29
CA TYR C 135 32.87 5.94 -1.14
C TYR C 135 33.41 4.65 -0.54
N LYS C 136 34.52 4.78 0.20
CA LYS C 136 35.12 3.61 0.84
C LYS C 136 34.27 2.93 1.92
N PRO C 137 33.58 3.62 2.86
CA PRO C 137 32.79 2.87 3.86
C PRO C 137 31.52 2.24 3.31
N ASP C 138 31.14 2.49 2.07
CA ASP C 138 29.96 1.90 1.46
C ASP C 138 30.29 0.66 0.64
N ILE C 139 31.52 0.16 0.73
CA ILE C 139 32.00 -0.93 -0.12
C ILE C 139 32.57 -2.01 0.79
N VAL C 140 32.09 -3.25 0.62
CA VAL C 140 32.49 -4.38 1.45
C VAL C 140 33.20 -5.40 0.56
N PRO C 141 34.42 -5.82 0.93
CA PRO C 141 35.13 -6.84 0.13
C PRO C 141 34.63 -8.26 0.31
N LEU C 142 33.64 -8.69 -0.47
CA LEU C 142 33.29 -10.11 -0.47
C LEU C 142 34.46 -10.90 -1.05
N SER C 143 34.79 -12.02 -0.42
CA SER C 143 36.01 -12.72 -0.79
C SER C 143 35.90 -14.18 -0.43
N GLU C 144 36.36 -15.04 -1.35
CA GLU C 144 36.57 -16.45 -1.11
C GLU C 144 38.04 -16.83 -1.20
N THR C 145 38.89 -15.93 -1.70
CA THR C 145 40.32 -16.11 -1.80
C THR C 145 40.96 -14.72 -1.67
N ASN C 146 42.22 -14.60 -2.07
CA ASN C 146 42.90 -13.30 -2.03
C ASN C 146 42.67 -12.53 -3.33
N ASN C 147 41.40 -12.20 -3.57
CA ASN C 147 40.99 -11.44 -4.74
C ASN C 147 40.83 -9.97 -4.33
N THR C 148 41.55 -9.09 -5.01
CA THR C 148 41.58 -7.67 -4.67
C THR C 148 40.82 -6.81 -5.67
N SER C 149 39.83 -7.40 -6.35
CA SER C 149 39.04 -6.68 -7.33
C SER C 149 37.53 -6.86 -7.18
N GLU C 150 37.07 -7.88 -6.46
CA GLU C 150 35.64 -8.14 -6.31
C GLU C 150 35.12 -7.38 -5.09
N TYR C 151 34.13 -6.53 -5.33
CA TYR C 151 33.50 -5.72 -4.29
C TYR C 151 32.01 -5.66 -4.55
N ARG C 152 31.24 -5.38 -3.51
CA ARG C 152 29.79 -5.29 -3.63
C ARG C 152 29.29 -4.14 -2.77
N LEU C 153 28.01 -3.81 -2.96
CA LEU C 153 27.42 -2.71 -2.23
C LEU C 153 27.03 -3.19 -0.83
N ILE C 154 27.16 -2.30 0.16
CA ILE C 154 27.00 -2.71 1.56
C ILE C 154 25.55 -3.03 1.90
N ASN C 155 24.58 -2.30 1.36
CA ASN C 155 23.19 -2.50 1.78
C ASN C 155 22.48 -3.63 1.05
N CYS C 156 23.15 -4.30 0.10
CA CYS C 156 22.59 -5.48 -0.56
C CYS C 156 22.75 -6.73 0.28
N ASN C 157 23.36 -6.60 1.46
CA ASN C 157 23.57 -7.69 2.40
C ASN C 157 22.53 -7.72 3.52
N THR C 158 22.01 -6.56 3.93
CA THR C 158 21.07 -6.53 5.05
C THR C 158 19.61 -6.39 4.62
N SER C 159 19.23 -5.28 3.98
CA SER C 159 17.82 -4.96 3.74
C SER C 159 17.71 -3.75 2.82
N ALA C 160 16.46 -3.27 2.66
CA ALA C 160 16.08 -1.97 2.10
C ALA C 160 16.44 -1.73 0.64
N CYS C 161 17.56 -1.04 0.41
CA CYS C 161 18.02 -0.57 -0.90
C CYS C 161 17.01 0.38 -1.55
N THR C 162 16.84 1.54 -0.92
CA THR C 162 15.94 2.58 -1.39
C THR C 162 16.67 3.91 -1.50
N GLN C 163 16.59 4.55 -2.66
CA GLN C 163 17.18 5.85 -2.92
C GLN C 163 16.26 6.94 -2.40
N ALA C 164 16.85 8.08 -2.00
CA ALA C 164 16.07 9.26 -1.69
C ALA C 164 15.67 9.97 -2.97
N CYS C 165 14.52 10.64 -2.94
CA CYS C 165 14.04 11.37 -4.10
C CYS C 165 14.87 12.64 -4.30
N PRO C 166 15.19 12.99 -5.55
CA PRO C 166 16.05 14.16 -5.77
C PRO C 166 15.30 15.48 -5.86
N LYS C 167 14.31 15.69 -4.99
CA LYS C 167 13.60 16.96 -4.93
C LYS C 167 13.32 17.44 -3.51
N VAL C 168 13.47 16.59 -2.50
CA VAL C 168 13.18 16.98 -1.13
C VAL C 168 14.45 17.53 -0.49
N THR C 169 14.27 18.24 0.62
CA THR C 169 15.37 18.82 1.37
C THR C 169 15.34 18.28 2.80
N PHE C 170 16.51 18.25 3.43
CA PHE C 170 16.63 17.74 4.79
C PHE C 170 16.88 18.85 5.80
N GLU C 171 16.51 20.09 5.48
CA GLU C 171 16.73 21.18 6.39
C GLU C 171 15.76 21.11 7.57
N PRO C 172 16.19 21.53 8.76
CA PRO C 172 15.31 21.47 9.95
C PRO C 172 14.35 22.65 10.08
N ILE C 173 13.22 22.55 9.39
CA ILE C 173 12.17 23.58 9.52
C ILE C 173 11.50 23.45 10.88
N PRO C 174 11.24 24.55 11.59
CA PRO C 174 10.62 24.43 12.92
C PRO C 174 9.18 23.97 12.86
N ILE C 175 8.78 23.21 13.88
CA ILE C 175 7.42 22.73 14.04
C ILE C 175 6.97 22.96 15.47
N HIS C 176 5.65 23.07 15.65
CA HIS C 176 5.05 23.23 16.96
C HIS C 176 4.02 22.14 17.16
N TYR C 177 4.03 21.52 18.35
CA TYR C 177 3.08 20.47 18.70
C TYR C 177 1.99 21.08 19.57
N CYS C 178 0.75 21.06 19.08
CA CYS C 178 -0.34 21.75 19.76
C CYS C 178 -1.41 20.77 20.23
N ALA C 179 -1.83 20.94 21.48
CA ALA C 179 -2.86 20.10 22.07
C ALA C 179 -4.24 20.50 21.53
N PRO C 180 -5.17 19.55 21.44
CA PRO C 180 -6.52 19.89 20.96
C PRO C 180 -7.35 20.65 21.98
N ALA C 181 -8.61 20.90 21.65
CA ALA C 181 -9.51 21.59 22.57
C ALA C 181 -9.80 20.72 23.78
N GLY C 182 -9.90 21.35 24.94
CA GLY C 182 -10.04 20.63 26.18
C GLY C 182 -8.75 20.17 26.80
N TYR C 183 -7.60 20.55 26.22
CA TYR C 183 -6.30 20.19 26.73
C TYR C 183 -5.42 21.44 26.76
N ALA C 184 -4.42 21.43 27.64
CA ALA C 184 -3.48 22.53 27.76
C ALA C 184 -2.10 21.94 27.97
N ILE C 185 -1.07 22.81 27.96
CA ILE C 185 0.29 22.37 28.17
C ILE C 185 0.88 23.22 29.30
N LEU C 186 1.30 22.55 30.38
CA LEU C 186 1.95 23.23 31.48
C LEU C 186 3.43 23.33 31.18
N LYS C 187 3.98 24.55 31.31
CA LYS C 187 5.37 24.83 31.00
C LYS C 187 6.05 25.43 32.22
N CYS C 188 7.19 24.87 32.59
CA CYS C 188 7.92 25.32 33.78
C CYS C 188 8.99 26.33 33.39
N ASN C 189 8.93 27.52 33.97
CA ASN C 189 9.84 28.61 33.64
C ASN C 189 10.95 28.78 34.67
N ASP C 190 11.20 27.76 35.50
CA ASP C 190 12.24 27.84 36.51
C ASP C 190 13.62 27.71 35.85
N GLU C 191 14.52 28.63 36.20
CA GLU C 191 15.86 28.61 35.62
C GLU C 191 16.71 27.49 36.18
N THR C 192 16.50 27.12 37.44
CA THR C 192 17.26 26.07 38.11
C THR C 192 16.52 24.74 38.10
N PHE C 193 15.81 24.44 37.02
CA PHE C 193 15.05 23.21 36.91
C PHE C 193 15.99 22.02 36.72
N ASN C 194 15.98 21.10 37.69
CA ASN C 194 16.85 19.94 37.62
C ASN C 194 16.41 18.96 36.53
N GLY C 195 15.11 18.85 36.30
CA GLY C 195 14.60 17.94 35.30
C GLY C 195 13.47 17.08 35.83
N THR C 196 13.43 16.88 37.14
CA THR C 196 12.39 16.10 37.79
C THR C 196 12.13 16.69 39.17
N GLY C 197 10.88 17.06 39.43
CA GLY C 197 10.53 17.62 40.72
C GLY C 197 9.48 18.70 40.64
N PRO C 198 9.37 19.50 41.70
CA PRO C 198 8.34 20.55 41.71
C PRO C 198 8.78 21.80 40.95
N CYS C 199 7.78 22.52 40.45
CA CYS C 199 7.98 23.80 39.78
C CYS C 199 7.01 24.81 40.37
N SER C 200 7.52 26.02 40.62
CA SER C 200 6.73 27.06 41.27
C SER C 200 6.38 28.22 40.35
N ASN C 201 6.83 28.20 39.10
CA ASN C 201 6.49 29.24 38.13
C ASN C 201 5.90 28.61 36.88
N VAL C 202 4.98 27.66 37.08
CA VAL C 202 4.35 26.97 35.96
C VAL C 202 3.35 27.91 35.27
N SER C 203 3.29 27.81 33.94
CA SER C 203 2.40 28.65 33.15
C SER C 203 1.64 27.78 32.16
N THR C 204 0.37 28.11 31.96
CA THR C 204 -0.43 27.41 30.96
C THR C 204 -0.15 27.98 29.57
N VAL C 205 0.02 27.09 28.60
CA VAL C 205 0.43 27.42 27.25
C VAL C 205 -0.45 26.61 26.31
N GLN C 206 -0.89 27.24 25.22
CA GLN C 206 -1.51 26.48 24.13
C GLN C 206 -0.50 25.52 23.52
N CYS C 207 0.58 26.07 22.93
CA CYS C 207 1.62 25.20 22.37
C CYS C 207 2.97 25.90 22.26
N THR C 208 3.96 25.06 21.95
CA THR C 208 5.38 25.31 22.21
C THR C 208 5.97 26.35 21.26
N HIS C 209 7.28 26.55 21.40
CA HIS C 209 8.04 27.45 20.54
C HIS C 209 8.51 26.67 19.32
N GLY C 210 9.40 27.28 18.53
CA GLY C 210 9.92 26.63 17.34
C GLY C 210 10.90 25.52 17.67
N ILE C 211 10.50 24.27 17.46
CA ILE C 211 11.33 23.12 17.75
C ILE C 211 12.04 22.69 16.47
N ARG C 212 13.37 22.69 16.51
CA ARG C 212 14.17 22.29 15.35
C ARG C 212 14.46 20.80 15.45
N PRO C 213 13.95 19.97 14.56
CA PRO C 213 14.22 18.52 14.64
C PRO C 213 15.50 18.13 13.91
N VAL C 214 16.63 18.54 14.47
CA VAL C 214 17.92 18.22 13.87
C VAL C 214 18.26 16.76 14.13
N VAL C 215 19.18 16.23 13.33
CA VAL C 215 19.68 14.87 13.47
C VAL C 215 21.14 14.99 13.87
N SER C 216 21.46 14.57 15.09
CA SER C 216 22.82 14.70 15.58
C SER C 216 23.11 13.66 16.65
N THR C 217 24.39 13.34 16.79
CA THR C 217 24.90 12.50 17.87
C THR C 217 26.03 13.26 18.54
N GLN C 218 26.37 12.82 19.76
CA GLN C 218 27.36 13.43 20.65
C GLN C 218 27.03 14.89 20.91
N LEU C 219 27.62 15.79 20.13
CA LEU C 219 27.29 17.21 20.24
C LEU C 219 25.90 17.47 19.66
N LEU C 220 25.30 18.57 20.12
CA LEU C 220 23.96 18.97 19.70
C LEU C 220 24.04 20.19 18.81
N LEU C 221 23.35 20.15 17.67
CA LEU C 221 23.31 21.25 16.72
C LEU C 221 22.25 22.28 17.14
N ASN C 222 21.81 23.11 16.19
CA ASN C 222 20.87 24.23 16.37
C ASN C 222 19.72 23.93 17.31
N GLY C 223 19.52 24.81 18.28
CA GLY C 223 18.48 24.61 19.28
C GLY C 223 18.41 25.81 20.20
N SER C 224 17.46 25.74 21.12
CA SER C 224 17.28 26.81 22.08
C SER C 224 18.35 26.74 23.16
N LEU C 225 18.78 27.91 23.64
CA LEU C 225 19.79 27.98 24.67
C LEU C 225 19.14 27.86 26.06
N ALA C 226 19.94 28.01 27.10
CA ALA C 226 19.42 28.04 28.46
C ALA C 226 19.02 29.48 28.80
N GLU C 227 18.72 29.74 30.06
CA GLU C 227 18.28 31.07 30.48
C GLU C 227 19.34 31.84 31.25
N LYS C 228 19.89 31.25 32.30
CA LYS C 228 20.85 31.93 33.16
C LYS C 228 22.23 31.30 33.10
N GLU C 229 22.35 29.99 33.33
CA GLU C 229 23.63 29.32 33.40
C GLU C 229 23.56 28.00 32.65
N ILE C 230 24.66 27.25 32.69
CA ILE C 230 24.69 25.89 32.21
C ILE C 230 23.79 25.04 33.10
N VAL C 231 23.05 24.11 32.51
CA VAL C 231 22.16 23.28 33.32
C VAL C 231 22.43 21.81 32.98
N ILE C 232 22.58 20.99 34.00
CA ILE C 232 22.97 19.58 33.85
C ILE C 232 21.77 18.70 34.21
N ARG C 233 21.43 17.76 33.33
CA ARG C 233 20.31 16.85 33.54
C ARG C 233 20.78 15.41 33.55
N SER C 234 20.23 14.63 34.47
CA SER C 234 20.51 13.20 34.53
C SER C 234 19.31 12.51 35.16
N GLU C 235 19.18 11.21 34.87
CA GLU C 235 18.07 10.44 35.43
C GLU C 235 18.33 10.10 36.89
N ASN C 236 19.50 9.56 37.20
CA ASN C 236 19.83 9.17 38.56
C ASN C 236 21.14 9.79 39.01
N LEU C 237 22.07 9.97 38.07
CA LEU C 237 23.41 10.54 38.29
C LEU C 237 24.22 9.67 39.26
N THR C 238 23.90 8.38 39.34
CA THR C 238 24.66 7.42 40.13
C THR C 238 25.20 6.29 39.28
N ASN C 239 24.37 5.70 38.42
CA ASN C 239 24.81 4.62 37.56
C ASN C 239 25.56 5.18 36.34
N ASN C 240 26.24 4.28 35.64
CA ASN C 240 27.05 4.62 34.49
C ASN C 240 26.36 4.35 33.17
N ALA C 241 25.06 4.03 33.19
CA ALA C 241 24.33 3.69 31.98
C ALA C 241 23.31 4.76 31.58
N LYS C 242 23.23 5.86 32.31
CA LYS C 242 22.30 6.93 31.99
C LYS C 242 23.04 8.08 31.32
N ILE C 243 22.57 8.47 30.13
CA ILE C 243 23.22 9.52 29.36
C ILE C 243 22.92 10.87 29.98
N ILE C 244 23.98 11.58 30.36
CA ILE C 244 23.84 12.87 31.03
C ILE C 244 23.87 13.98 29.99
N ILE C 245 22.95 14.94 30.12
CA ILE C 245 22.76 16.00 29.12
C ILE C 245 23.25 17.30 29.71
N VAL C 246 24.10 18.01 28.97
CA VAL C 246 24.61 19.31 29.37
C VAL C 246 24.00 20.34 28.44
N HIS C 247 23.30 21.32 29.02
CA HIS C 247 22.63 22.37 28.26
C HIS C 247 23.42 23.66 28.45
N LEU C 248 23.98 24.16 27.36
CA LEU C 248 24.90 25.29 27.37
C LEU C 248 24.15 26.62 27.40
N HIS C 249 24.92 27.69 27.59
CA HIS C 249 24.43 29.06 27.62
C HIS C 249 25.07 29.95 26.57
N THR C 250 26.38 29.84 26.37
CA THR C 250 27.07 30.60 25.34
C THR C 250 27.42 29.69 24.19
N PRO C 251 26.89 29.92 22.98
CA PRO C 251 27.17 29.03 21.86
C PRO C 251 28.60 29.18 21.34
N VAL C 252 29.07 28.12 20.69
CA VAL C 252 30.39 28.08 20.07
C VAL C 252 30.19 27.85 18.58
N GLU C 253 30.82 28.69 17.76
CA GLU C 253 30.63 28.60 16.32
C GLU C 253 31.37 27.41 15.75
N ILE C 254 30.70 26.66 14.86
CA ILE C 254 31.26 25.48 14.22
C ILE C 254 30.95 25.54 12.72
N VAL C 255 31.97 25.30 11.89
CA VAL C 255 31.79 25.28 10.44
C VAL C 255 32.33 23.97 9.89
N CYS C 256 31.84 23.57 8.71
CA CYS C 256 32.28 22.35 8.06
C CYS C 256 32.32 22.55 6.55
N THR C 257 33.35 22.00 5.90
CA THR C 257 33.51 22.21 4.46
C THR C 257 33.69 20.91 3.68
N ARG C 258 34.05 21.02 2.40
CA ARG C 258 34.11 19.89 1.48
C ARG C 258 34.87 20.33 0.22
N PRO C 259 35.46 19.36 -0.53
CA PRO C 259 35.98 19.68 -1.87
C PRO C 259 34.90 19.70 -2.94
N ASN C 260 35.30 19.82 -4.21
CA ASN C 260 34.38 20.00 -5.33
C ASN C 260 34.21 18.70 -6.10
N ASN C 261 32.97 18.25 -6.24
CA ASN C 261 32.65 17.12 -7.10
C ASN C 261 32.39 17.61 -8.52
N ASN C 262 32.19 16.67 -9.44
CA ASN C 262 31.91 17.04 -10.83
C ASN C 262 30.44 17.38 -11.02
N THR C 263 29.56 16.39 -10.88
CA THR C 263 28.12 16.55 -11.04
C THR C 263 27.46 15.28 -10.54
N ARG C 264 26.16 15.18 -10.75
CA ARG C 264 25.39 13.98 -10.45
C ARG C 264 25.26 13.21 -11.75
N LYS C 265 26.08 12.19 -11.93
CA LYS C 265 26.01 11.38 -13.14
C LYS C 265 24.76 10.51 -13.09
N SER C 266 23.90 10.65 -14.10
CA SER C 266 22.63 9.95 -14.14
C SER C 266 22.79 8.62 -14.85
N VAL C 267 22.51 7.53 -14.16
CA VAL C 267 22.59 6.18 -14.71
C VAL C 267 21.20 5.57 -14.66
N ARG C 268 20.76 5.02 -15.79
CA ARG C 268 19.44 4.41 -15.90
C ARG C 268 19.54 2.92 -15.61
N ILE C 269 18.68 2.43 -14.72
CA ILE C 269 18.65 1.02 -14.35
C ILE C 269 17.29 0.39 -14.61
N GLY C 270 16.50 0.98 -15.51
CA GLY C 270 15.19 0.44 -15.82
C GLY C 270 14.31 1.46 -16.52
N PRO C 271 13.03 1.13 -16.67
CA PRO C 271 12.10 2.07 -17.30
C PRO C 271 11.73 3.24 -16.39
N GLY C 272 12.30 4.40 -16.66
CA GLY C 272 11.99 5.60 -15.89
C GLY C 272 12.81 5.78 -14.62
N GLN C 273 13.20 4.68 -13.98
CA GLN C 273 13.94 4.73 -12.73
C GLN C 273 15.41 4.93 -13.01
N THR C 274 15.95 6.07 -12.59
CA THR C 274 17.36 6.40 -12.74
C THR C 274 17.92 6.81 -11.39
N PHE C 275 19.24 6.68 -11.23
CA PHE C 275 19.88 7.12 -9.99
C PHE C 275 21.08 7.99 -10.32
N TYR C 276 21.44 8.83 -9.36
CA TYR C 276 22.51 9.81 -9.54
C TYR C 276 23.69 9.42 -8.68
N ALA C 277 24.80 9.11 -9.32
CA ALA C 277 26.03 8.72 -8.63
C ALA C 277 27.08 9.80 -8.82
N THR C 278 28.23 9.58 -8.20
CA THR C 278 29.34 10.52 -8.31
C THR C 278 30.09 10.26 -9.60
N GLY C 279 30.28 11.31 -10.39
CA GLY C 279 30.97 11.18 -11.67
C GLY C 279 32.46 11.28 -11.50
N ASP C 280 33.09 12.26 -12.14
CA ASP C 280 34.51 12.51 -11.96
C ASP C 280 34.70 13.44 -10.76
N ILE C 281 35.91 13.97 -10.60
CA ILE C 281 36.18 15.03 -9.63
C ILE C 281 37.06 16.06 -10.33
N ILE C 282 36.57 17.29 -10.43
CA ILE C 282 37.32 18.38 -11.04
C ILE C 282 37.95 19.19 -9.92
N GLY C 283 39.27 19.37 -10.00
CA GLY C 283 40.03 20.09 -8.98
C GLY C 283 41.10 19.20 -8.37
N ASP C 284 41.30 19.35 -7.08
CA ASP C 284 42.22 18.54 -6.32
C ASP C 284 41.45 17.66 -5.34
N ILE C 285 42.18 16.88 -4.56
CA ILE C 285 41.61 16.02 -3.54
C ILE C 285 42.00 16.59 -2.18
N LYS C 286 41.00 17.04 -1.42
CA LYS C 286 41.23 17.63 -0.12
C LYS C 286 40.26 17.01 0.88
N GLN C 287 40.66 16.99 2.14
CA GLN C 287 39.86 16.37 3.19
C GLN C 287 38.66 17.24 3.55
N ALA C 288 37.56 16.57 3.89
CA ALA C 288 36.34 17.24 4.34
C ALA C 288 36.42 17.37 5.85
N HIS C 289 36.58 18.59 6.34
CA HIS C 289 36.88 18.83 7.74
C HIS C 289 35.85 19.78 8.36
N CYS C 290 36.01 19.96 9.67
CA CYS C 290 35.21 20.90 10.46
C CYS C 290 36.12 21.71 11.37
N ASN C 291 35.71 22.93 11.66
CA ASN C 291 36.49 23.87 12.46
C ASN C 291 35.65 24.42 13.61
N ILE C 292 36.29 24.48 14.78
CA ILE C 292 35.69 25.00 16.01
C ILE C 292 36.70 25.96 16.65
N SER C 293 36.21 27.10 17.16
CA SER C 293 37.09 28.06 17.83
C SER C 293 37.69 27.44 19.10
N GLU C 294 38.95 27.82 19.37
CA GLU C 294 39.72 27.17 20.44
C GLU C 294 39.35 27.70 21.82
N GLU C 295 39.44 29.01 22.01
CA GLU C 295 39.24 29.57 23.34
C GLU C 295 37.78 29.51 23.78
N LYS C 296 36.84 29.61 22.84
CA LYS C 296 35.43 29.46 23.15
C LYS C 296 35.12 28.06 23.64
N TRP C 297 35.67 27.04 22.95
CA TRP C 297 35.50 25.66 23.40
C TRP C 297 36.18 25.43 24.73
N ASN C 298 37.35 26.06 24.94
CA ASN C 298 38.09 25.86 26.18
C ASN C 298 37.36 26.43 27.39
N ASP C 299 36.90 27.69 27.32
CA ASP C 299 36.21 28.21 28.49
C ASP C 299 34.77 27.70 28.60
N THR C 300 34.17 27.22 27.51
CA THR C 300 32.87 26.55 27.62
C THR C 300 33.02 25.23 28.38
N LEU C 301 34.04 24.44 28.03
CA LEU C 301 34.30 23.21 28.79
C LEU C 301 34.77 23.53 30.20
N GLN C 302 35.41 24.67 30.42
CA GLN C 302 35.80 25.07 31.77
C GLN C 302 34.57 25.40 32.62
N LYS C 303 33.59 26.10 32.04
CA LYS C 303 32.36 26.39 32.77
C LYS C 303 31.58 25.12 33.08
N VAL C 304 31.55 24.19 32.11
CA VAL C 304 30.94 22.88 32.33
C VAL C 304 31.68 22.14 33.44
N GLY C 305 33.00 22.29 33.51
CA GLY C 305 33.76 21.69 34.61
C GLY C 305 33.46 22.29 35.96
N ILE C 306 33.41 23.62 36.05
CA ILE C 306 33.21 24.28 37.34
C ILE C 306 31.79 24.08 37.85
N GLU C 307 30.84 23.73 36.98
CA GLU C 307 29.50 23.44 37.50
C GLU C 307 29.20 21.95 37.58
N LEU C 308 29.93 21.11 36.85
CA LEU C 308 29.85 19.67 37.05
C LEU C 308 30.61 19.23 38.30
N GLN C 309 31.50 20.09 38.81
CA GLN C 309 32.16 19.81 40.09
C GLN C 309 31.26 20.06 41.29
N LYS C 310 30.05 20.59 41.10
CA LYS C 310 29.12 20.78 42.21
C LYS C 310 28.63 19.44 42.76
N HIS C 311 28.33 18.49 41.87
CA HIS C 311 27.86 17.18 42.30
C HIS C 311 29.00 16.26 42.73
N PHE C 312 30.24 16.60 42.38
CA PHE C 312 31.42 15.85 42.80
C PHE C 312 32.39 16.87 43.39
N PRO C 313 32.23 17.24 44.66
CA PRO C 313 32.99 18.39 45.19
C PRO C 313 34.46 18.11 45.43
N ASN C 314 34.81 16.90 45.87
CA ASN C 314 36.18 16.56 46.18
C ASN C 314 36.80 15.65 45.11
N LYS C 315 36.43 15.87 43.85
CA LYS C 315 36.93 15.06 42.76
C LYS C 315 37.23 15.96 41.56
N THR C 316 38.15 15.50 40.72
CA THR C 316 38.51 16.17 39.48
C THR C 316 37.96 15.39 38.30
N ILE C 317 37.69 16.09 37.20
CA ILE C 317 37.08 15.44 36.05
C ILE C 317 38.08 15.41 34.89
N LYS C 318 37.79 14.53 33.93
CA LYS C 318 38.70 14.24 32.83
C LYS C 318 37.86 13.88 31.61
N TYR C 319 38.44 13.99 30.42
CA TYR C 319 37.73 13.67 29.19
C TYR C 319 38.62 12.87 28.26
N ASN C 320 37.99 11.98 27.49
CA ASN C 320 38.64 11.25 26.40
C ASN C 320 37.58 10.82 25.41
N GLN C 321 37.96 9.93 24.49
CA GLN C 321 37.09 9.52 23.39
C GLN C 321 36.09 8.46 23.87
N SER C 322 35.34 7.89 22.92
CA SER C 322 34.42 6.82 23.24
C SER C 322 35.18 5.51 23.45
N ALA C 323 34.48 4.53 24.02
CA ALA C 323 35.09 3.24 24.36
C ALA C 323 34.96 2.23 23.22
N GLY C 324 35.40 2.63 22.02
CA GLY C 324 35.40 1.73 20.89
C GLY C 324 34.02 1.51 20.31
N GLY C 325 33.98 0.77 19.20
CA GLY C 325 32.76 0.45 18.51
C GLY C 325 32.92 0.65 17.02
N ASP C 326 31.78 0.76 16.34
CA ASP C 326 31.75 0.93 14.89
C ASP C 326 31.80 2.41 14.53
N MET C 327 31.55 2.71 13.26
CA MET C 327 31.66 4.08 12.75
C MET C 327 30.48 4.96 13.18
N GLU C 328 29.27 4.40 13.18
CA GLU C 328 28.07 5.21 13.34
C GLU C 328 27.85 5.67 14.77
N ILE C 329 28.36 4.94 15.76
CA ILE C 329 28.12 5.25 17.16
C ILE C 329 29.24 6.10 17.75
N THR C 330 30.49 5.83 17.38
CA THR C 330 31.63 6.51 17.98
C THR C 330 31.91 7.90 17.39
N THR C 331 31.19 8.30 16.35
CA THR C 331 31.47 9.57 15.67
C THR C 331 30.26 10.49 15.73
N HIS C 332 30.55 11.79 15.87
CA HIS C 332 29.54 12.83 15.77
C HIS C 332 29.03 12.90 14.33
N SER C 333 27.76 12.59 14.12
CA SER C 333 27.19 12.47 12.78
C SER C 333 26.03 13.45 12.63
N PHE C 334 25.96 14.10 11.48
CA PHE C 334 24.92 15.08 11.22
C PHE C 334 24.72 15.22 9.71
N ASN C 335 23.87 16.18 9.32
CA ASN C 335 23.51 16.42 7.94
C ASN C 335 23.77 17.86 7.59
N CYS C 336 24.11 18.10 6.33
CA CYS C 336 24.26 19.46 5.80
C CYS C 336 24.09 19.41 4.29
N GLY C 337 23.08 20.14 3.79
CA GLY C 337 22.82 20.24 2.37
C GLY C 337 22.44 18.93 1.70
N GLY C 338 21.92 17.97 2.45
CA GLY C 338 21.66 16.66 1.91
C GLY C 338 22.85 15.72 1.90
N GLU C 339 23.96 16.11 2.52
CA GLU C 339 25.15 15.28 2.64
C GLU C 339 25.42 14.97 4.09
N PHE C 340 25.75 13.71 4.38
CA PHE C 340 25.93 13.25 5.75
C PHE C 340 27.40 13.32 6.15
N PHE C 341 27.64 13.70 7.39
CA PHE C 341 28.99 13.82 7.92
C PHE C 341 29.12 12.94 9.17
N TYR C 342 30.23 12.20 9.24
CA TYR C 342 30.58 11.35 10.38
C TYR C 342 31.99 11.71 10.81
N CYS C 343 32.14 12.47 11.90
CA CYS C 343 33.46 12.94 12.29
C CYS C 343 33.79 12.59 13.73
N ASN C 344 35.01 12.08 13.95
CA ASN C 344 35.51 11.77 15.28
C ASN C 344 35.75 13.06 16.06
N THR C 345 35.52 12.99 17.36
CA THR C 345 35.66 14.12 18.25
C THR C 345 36.81 13.93 19.24
N SER C 346 37.93 13.39 18.75
CA SER C 346 39.08 13.14 19.62
C SER C 346 39.77 14.42 20.04
N ASN C 347 39.81 15.42 19.16
CA ASN C 347 40.47 16.69 19.48
C ASN C 347 39.59 17.62 20.29
N LEU C 348 38.31 17.29 20.49
CA LEU C 348 37.40 18.14 21.25
C LEU C 348 37.25 17.72 22.70
N PHE C 349 37.56 16.47 23.04
CA PHE C 349 37.37 15.98 24.39
C PHE C 349 38.70 15.53 24.97
N ASN C 350 39.74 16.37 24.82
CA ASN C 350 41.09 16.05 25.25
C ASN C 350 41.48 17.07 26.33
N GLY C 351 41.18 16.77 27.57
CA GLY C 351 41.51 17.68 28.65
C GLY C 351 41.02 17.15 29.98
N THR C 352 41.22 17.98 31.01
CA THR C 352 40.80 17.65 32.36
C THR C 352 40.62 18.95 33.14
N TYR C 353 39.88 18.85 34.25
CA TYR C 353 39.68 19.98 35.15
C TYR C 353 39.94 19.50 36.58
N ASN C 354 40.86 20.17 37.27
CA ASN C 354 41.31 19.78 38.60
C ASN C 354 40.79 20.71 39.69
N GLY C 355 39.92 21.65 39.37
CA GLY C 355 39.39 22.57 40.36
C GLY C 355 40.01 23.95 40.34
N THR C 356 40.91 24.23 39.41
CA THR C 356 41.57 25.53 39.30
C THR C 356 41.21 26.16 37.97
N TYR C 357 40.65 27.37 38.02
CA TYR C 357 40.26 28.08 36.81
C TYR C 357 41.50 28.68 36.16
N ILE C 358 41.63 28.49 34.85
CA ILE C 358 42.72 29.05 34.07
C ILE C 358 42.10 30.01 33.05
N SER C 359 42.26 31.31 33.29
CA SER C 359 41.69 32.30 32.40
C SER C 359 42.53 32.43 31.13
N THR C 360 41.90 32.93 30.07
CA THR C 360 42.54 33.13 28.77
C THR C 360 42.32 34.58 28.36
N ASN C 361 43.21 35.46 28.80
CA ASN C 361 43.13 36.88 28.49
C ASN C 361 44.16 37.20 27.40
N SER C 362 43.76 36.93 26.15
CA SER C 362 44.62 37.20 25.00
C SER C 362 43.72 37.40 23.79
N SER C 363 43.51 38.67 23.42
CA SER C 363 42.67 39.01 22.28
C SER C 363 43.39 38.85 20.94
N ALA C 364 44.71 38.69 20.96
CA ALA C 364 45.49 38.52 19.74
C ALA C 364 45.76 37.06 19.40
N ASN C 365 45.21 36.13 20.17
CA ASN C 365 45.43 34.70 19.94
C ASN C 365 44.14 33.99 19.55
N SER C 366 43.33 34.62 18.71
CA SER C 366 42.11 34.02 18.18
C SER C 366 42.37 33.25 16.90
N THR C 367 43.62 33.20 16.44
CA THR C 367 43.97 32.49 15.22
C THR C 367 43.84 30.97 15.39
N SER C 368 44.16 30.47 16.58
CA SER C 368 44.16 29.03 16.84
C SER C 368 42.76 28.46 16.79
N THR C 369 42.59 27.35 16.08
CA THR C 369 41.32 26.66 15.93
C THR C 369 41.54 25.17 16.06
N ILE C 370 40.47 24.44 16.33
CA ILE C 370 40.48 22.99 16.42
C ILE C 370 39.86 22.44 15.15
N THR C 371 40.59 21.54 14.50
CA THR C 371 40.16 20.93 13.24
C THR C 371 39.77 19.48 13.48
N LEU C 372 38.78 19.03 12.72
CA LEU C 372 38.24 17.68 12.81
C LEU C 372 38.21 17.11 11.40
N GLN C 373 39.10 16.16 11.11
CA GLN C 373 39.15 15.54 9.79
C GLN C 373 38.26 14.31 9.75
N CYS C 374 37.54 14.13 8.64
CA CYS C 374 36.56 13.06 8.55
C CYS C 374 36.21 12.74 7.11
N ARG C 375 35.41 11.68 6.97
CA ARG C 375 34.92 11.15 5.70
C ARG C 375 33.41 11.29 5.63
N ILE C 376 32.84 10.88 4.50
CA ILE C 376 31.42 11.05 4.21
C ILE C 376 30.86 9.72 3.74
N LYS C 377 29.76 9.28 4.35
CA LYS C 377 29.05 8.11 3.88
C LYS C 377 27.87 8.51 3.00
N GLN C 378 27.39 7.56 2.22
CA GLN C 378 26.22 7.77 1.37
C GLN C 378 25.07 6.83 1.72
N ILE C 379 25.33 5.55 1.92
CA ILE C 379 24.31 4.62 2.36
C ILE C 379 24.15 4.77 3.86
N ILE C 380 22.93 5.05 4.30
CA ILE C 380 22.64 5.53 5.65
C ILE C 380 21.85 4.46 6.39
N ASN C 381 22.29 4.13 7.60
CA ASN C 381 21.61 3.15 8.44
C ASN C 381 21.15 3.73 9.77
N MET C 382 20.51 4.91 9.77
CA MET C 382 20.14 5.51 11.04
C MET C 382 18.97 4.78 11.71
N TRP C 383 18.61 5.28 12.89
CA TRP C 383 17.58 4.82 13.83
C TRP C 383 17.89 3.49 14.50
N GLN C 384 19.03 2.85 14.17
CA GLN C 384 19.46 1.55 14.72
C GLN C 384 18.40 0.47 14.53
N GLY C 385 17.82 0.45 13.33
CA GLY C 385 16.74 -0.46 13.02
C GLY C 385 15.51 0.29 12.55
N VAL C 386 14.63 -0.42 11.82
CA VAL C 386 13.37 0.04 11.18
C VAL C 386 13.59 1.36 10.44
N GLY C 387 14.74 1.50 9.80
CA GLY C 387 15.14 2.77 9.20
C GLY C 387 14.87 2.94 7.73
N ARG C 388 14.79 1.83 6.98
CA ARG C 388 14.60 1.83 5.53
C ARG C 388 15.71 2.62 4.84
N CYS C 389 16.90 2.00 4.88
CA CYS C 389 18.21 2.57 4.55
C CYS C 389 18.23 3.43 3.29
N MET C 390 18.63 4.69 3.48
CA MET C 390 18.58 5.71 2.45
C MET C 390 19.89 5.78 1.70
N TYR C 391 19.83 5.95 0.39
CA TYR C 391 20.99 6.27 -0.43
C TYR C 391 20.89 7.76 -0.74
N ALA C 392 21.70 8.56 -0.08
CA ALA C 392 21.67 10.01 -0.29
C ALA C 392 22.40 10.35 -1.59
N PRO C 393 21.74 11.04 -2.53
CA PRO C 393 22.44 11.43 -3.76
C PRO C 393 23.46 12.52 -3.48
N PRO C 394 24.53 12.61 -4.26
CA PRO C 394 25.55 13.61 -4.00
C PRO C 394 25.13 15.01 -4.45
N ILE C 395 25.88 16.00 -3.97
CA ILE C 395 25.66 17.40 -4.26
C ILE C 395 26.82 17.91 -5.10
N ALA C 396 26.50 18.67 -6.15
CA ALA C 396 27.51 19.06 -7.15
C ALA C 396 28.53 20.04 -6.58
N GLY C 397 28.09 21.22 -6.17
CA GLY C 397 28.99 22.25 -5.71
C GLY C 397 29.49 21.99 -4.31
N ASN C 398 30.36 22.88 -3.84
CA ASN C 398 30.85 22.78 -2.48
C ASN C 398 29.78 23.23 -1.49
N ILE C 399 29.82 22.65 -0.30
CA ILE C 399 28.81 22.89 0.71
C ILE C 399 29.47 23.41 1.99
N THR C 400 28.69 24.14 2.78
CA THR C 400 29.16 24.76 4.02
C THR C 400 28.07 24.61 5.07
N CYS C 401 28.49 24.37 6.32
CA CYS C 401 27.58 24.10 7.44
C CYS C 401 27.88 25.07 8.59
N ARG C 402 27.84 26.37 8.28
CA ARG C 402 28.00 27.38 9.32
C ARG C 402 26.85 27.28 10.31
N SER C 403 27.14 26.75 11.50
CA SER C 403 26.09 26.35 12.43
C SER C 403 26.34 26.82 13.85
N ASN C 404 25.54 26.29 14.78
CA ASN C 404 25.55 26.69 16.19
C ASN C 404 25.49 25.41 17.03
N ILE C 405 26.20 25.39 18.15
CA ILE C 405 26.22 24.25 19.07
C ILE C 405 25.50 24.65 20.34
N THR C 406 24.71 23.74 20.91
CA THR C 406 23.91 24.10 22.08
C THR C 406 23.95 23.11 23.22
N GLY C 407 24.40 21.88 23.02
CA GLY C 407 24.34 20.90 24.09
C GLY C 407 25.32 19.78 23.89
N LEU C 408 25.57 19.04 24.97
CA LEU C 408 26.48 17.92 24.96
C LEU C 408 25.81 16.69 25.57
N LEU C 409 26.18 15.52 25.05
CA LEU C 409 25.65 14.24 25.52
C LEU C 409 26.82 13.40 26.03
N LEU C 410 26.94 13.28 27.34
CA LEU C 410 28.07 12.59 27.95
C LEU C 410 27.61 11.33 28.65
N THR C 411 28.59 10.55 29.09
CA THR C 411 28.38 9.28 29.79
C THR C 411 29.59 8.98 30.65
N ARG C 412 29.35 8.61 31.91
CA ARG C 412 30.42 8.25 32.81
C ARG C 412 30.98 6.87 32.48
N ASP C 413 32.16 6.58 33.00
CA ASP C 413 32.82 5.30 32.80
C ASP C 413 32.72 4.45 34.07
N GLY C 414 33.38 3.30 34.03
CA GLY C 414 33.45 2.45 35.21
C GLY C 414 34.47 2.98 36.19
N GLY C 415 34.00 3.57 37.29
CA GLY C 415 34.89 4.14 38.27
C GLY C 415 35.45 3.08 39.20
N THR C 416 36.77 3.07 39.37
CA THR C 416 37.42 2.12 40.26
C THR C 416 37.36 2.64 41.70
N ASN C 417 37.86 1.82 42.63
CA ASN C 417 37.82 2.17 44.04
C ASN C 417 38.82 3.27 44.35
N SER C 418 38.40 4.23 45.20
CA SER C 418 39.19 5.39 45.63
C SER C 418 39.68 6.21 44.42
N ASN C 419 38.78 6.44 43.47
CA ASN C 419 39.11 7.19 42.26
C ASN C 419 38.63 8.63 42.39
N GLU C 420 39.50 9.57 42.03
CA GLU C 420 39.16 10.98 42.04
C GLU C 420 39.34 11.65 40.68
N THR C 421 39.70 10.89 39.65
CA THR C 421 39.94 11.40 38.30
C THR C 421 39.10 10.64 37.28
N GLU C 422 37.80 10.50 37.55
CA GLU C 422 36.91 9.80 36.64
C GLU C 422 36.71 10.61 35.35
N THR C 423 36.44 9.90 34.26
CA THR C 423 36.38 10.50 32.94
C THR C 423 34.95 10.53 32.42
N PHE C 424 34.69 11.51 31.55
CA PHE C 424 33.43 11.63 30.84
C PHE C 424 33.67 11.38 29.35
N ARG C 425 32.79 10.62 28.72
CA ARG C 425 32.95 10.32 27.31
C ARG C 425 31.73 10.79 26.52
N PRO C 426 31.89 11.15 25.26
CA PRO C 426 30.73 11.46 24.42
C PRO C 426 29.89 10.23 24.17
N ALA C 427 28.59 10.44 24.01
CA ALA C 427 27.62 9.36 23.92
C ALA C 427 26.83 9.44 22.62
N GLY C 428 26.43 8.26 22.13
CA GLY C 428 25.56 8.17 20.98
C GLY C 428 24.14 7.86 21.41
N GLY C 429 23.76 6.60 21.32
CA GLY C 429 22.46 6.17 21.81
C GLY C 429 21.33 6.45 20.84
N ASP C 430 20.12 6.29 21.36
CA ASP C 430 18.92 6.48 20.57
C ASP C 430 18.68 7.97 20.30
N MET C 431 17.75 8.24 19.39
CA MET C 431 17.47 9.60 18.95
C MET C 431 16.50 10.33 19.89
N ARG C 432 15.97 9.65 20.89
CA ARG C 432 15.01 10.27 21.81
C ARG C 432 15.64 11.33 22.70
N ASP C 433 16.96 11.30 22.88
CA ASP C 433 17.63 12.17 23.83
C ASP C 433 17.63 13.63 23.39
N ASN C 434 17.73 13.89 22.08
CA ASN C 434 17.73 15.26 21.59
C ASN C 434 16.37 15.92 21.80
N TRP C 435 15.30 15.21 21.45
CA TRP C 435 13.96 15.76 21.65
C TRP C 435 13.58 15.80 23.12
N ARG C 436 14.14 14.91 23.93
CA ARG C 436 13.92 15.00 25.37
C ARG C 436 14.66 16.18 25.96
N SER C 437 15.83 16.53 25.40
CA SER C 437 16.53 17.75 25.80
C SER C 437 15.84 19.00 25.28
N GLU C 438 15.00 18.87 24.25
CA GLU C 438 14.22 19.99 23.74
C GLU C 438 12.85 20.12 24.42
N LEU C 439 12.21 19.02 24.76
CA LEU C 439 10.87 19.01 25.36
C LEU C 439 10.92 18.86 26.88
N TYR C 440 11.91 19.46 27.54
CA TYR C 440 12.02 19.34 28.99
C TYR C 440 10.99 20.19 29.71
N LYS C 441 10.59 21.32 29.12
CA LYS C 441 9.77 22.30 29.82
C LYS C 441 8.30 21.89 29.92
N TYR C 442 7.83 21.03 29.03
CA TYR C 442 6.41 20.95 28.76
C TYR C 442 5.80 19.63 29.24
N LYS C 443 4.53 19.71 29.64
CA LYS C 443 3.76 18.54 30.05
C LYS C 443 2.32 18.72 29.62
N VAL C 444 1.78 17.77 28.87
CA VAL C 444 0.40 17.85 28.39
C VAL C 444 -0.54 17.52 29.54
N VAL C 445 -1.71 18.18 29.58
CA VAL C 445 -2.63 18.02 30.69
C VAL C 445 -4.05 18.25 30.17
N LYS C 446 -5.03 17.65 30.83
CA LYS C 446 -6.44 17.75 30.45
C LYS C 446 -7.19 18.56 31.50
N ILE C 447 -7.93 19.58 31.05
CA ILE C 447 -8.70 20.42 31.96
C ILE C 447 -10.10 19.85 32.09
N GLU C 448 -10.66 19.92 33.30
CA GLU C 448 -12.02 19.44 33.53
C GLU C 448 -12.91 20.59 33.98
N PRO C 449 -13.78 21.10 33.12
CA PRO C 449 -14.51 22.34 33.48
C PRO C 449 -15.78 22.13 34.31
N LEU C 450 -15.96 20.96 34.92
CA LEU C 450 -17.16 20.69 35.72
C LEU C 450 -16.78 20.44 37.17
N GLY C 451 -17.66 20.87 38.08
CA GLY C 451 -17.45 20.57 39.49
C GLY C 451 -18.75 20.71 40.27
N VAL C 452 -18.72 20.24 41.51
CA VAL C 452 -19.86 20.36 42.42
C VAL C 452 -19.35 20.94 43.74
N ALA C 453 -20.25 21.65 44.43
CA ALA C 453 -19.90 22.25 45.72
C ALA C 453 -21.18 22.47 46.52
N PRO C 454 -21.12 22.34 47.85
CA PRO C 454 -22.30 22.63 48.67
C PRO C 454 -22.43 24.13 48.92
N THR C 455 -23.63 24.66 48.71
CA THR C 455 -23.94 26.07 48.88
C THR C 455 -25.20 26.22 49.73
N ARG C 456 -25.53 27.48 50.04
CA ARG C 456 -26.77 27.82 50.72
C ARG C 456 -27.93 28.05 49.76
N CYS C 457 -27.66 28.08 48.46
CA CYS C 457 -28.69 28.33 47.46
C CYS C 457 -29.57 27.10 47.27
N LYS C 458 -30.86 27.35 47.08
CA LYS C 458 -31.83 26.30 46.81
C LYS C 458 -32.72 26.74 45.65
N ARG C 459 -33.03 25.80 44.76
CA ARG C 459 -33.84 26.11 43.59
C ARG C 459 -35.30 26.32 44.00
N ARG C 460 -36.02 27.04 43.15
CA ARG C 460 -37.44 27.28 43.37
C ARG C 460 -38.23 25.99 43.15
N VAL C 461 -39.20 25.76 44.03
CA VAL C 461 -40.03 24.57 43.93
C VAL C 461 -41.26 24.86 43.08
N LEU D 9 -30.16 2.39 37.72
CA LEU D 9 -30.22 1.05 37.13
C LEU D 9 -29.14 0.89 36.08
N GLY D 10 -29.54 0.67 34.83
CA GLY D 10 -28.58 0.48 33.76
C GLY D 10 -29.17 0.65 32.38
N PHE D 11 -28.71 -0.19 31.44
CA PHE D 11 -29.13 -0.12 30.04
C PHE D 11 -30.57 -0.61 29.94
N LEU D 12 -31.51 0.33 29.76
CA LEU D 12 -32.93 0.07 29.55
C LEU D 12 -33.55 -0.76 30.68
N GLY D 13 -33.54 -0.17 31.88
CA GLY D 13 -34.05 -0.88 33.05
C GLY D 13 -35.53 -1.16 32.97
N ALA D 14 -36.32 -0.16 32.60
CA ALA D 14 -37.76 -0.31 32.42
C ALA D 14 -38.10 -0.55 30.95
N ALA D 15 -37.45 -1.55 30.34
CA ALA D 15 -37.65 -1.81 28.92
C ALA D 15 -38.97 -2.53 28.62
N GLY D 16 -39.61 -3.11 29.62
CA GLY D 16 -40.84 -3.82 29.39
C GLY D 16 -41.92 -3.56 30.42
N SER D 17 -41.67 -2.62 31.32
CA SER D 17 -42.56 -2.39 32.45
C SER D 17 -43.76 -1.53 32.04
N THR D 18 -44.48 -1.04 33.04
CA THR D 18 -45.67 -0.23 32.85
C THR D 18 -45.28 1.12 32.21
N MET D 19 -46.20 1.65 31.39
CA MET D 19 -46.03 2.93 30.70
C MET D 19 -45.77 4.06 31.69
N GLY D 20 -46.54 4.09 32.78
CA GLY D 20 -46.34 5.10 33.81
C GLY D 20 -45.03 4.97 34.55
N ALA D 21 -44.59 3.74 34.81
CA ALA D 21 -43.32 3.52 35.50
C ALA D 21 -42.11 3.75 34.60
N ALA D 22 -42.30 3.84 33.29
CA ALA D 22 -41.22 4.11 32.35
C ALA D 22 -40.97 5.59 32.15
N SER D 23 -41.75 6.46 32.80
CA SER D 23 -41.56 7.89 32.68
C SER D 23 -40.63 8.46 33.74
N MET D 24 -40.22 7.66 34.74
CA MET D 24 -39.28 8.11 35.75
C MET D 24 -37.90 7.48 35.58
N THR D 25 -37.58 6.99 34.39
CA THR D 25 -36.28 6.37 34.12
C THR D 25 -35.62 6.95 32.87
N LEU D 26 -35.98 8.18 32.49
CA LEU D 26 -35.44 8.77 31.28
C LEU D 26 -34.00 9.24 31.48
N THR D 27 -33.61 9.59 32.70
CA THR D 27 -32.28 10.14 32.94
C THR D 27 -31.21 9.05 32.89
N VAL D 28 -31.48 7.89 33.50
CA VAL D 28 -30.47 6.84 33.59
C VAL D 28 -30.33 6.03 32.30
N GLN D 29 -31.14 6.33 31.29
CA GLN D 29 -31.06 5.64 30.01
C GLN D 29 -30.52 6.52 28.89
N ALA D 30 -30.91 7.79 28.84
CA ALA D 30 -30.41 8.73 27.85
C ALA D 30 -28.99 9.21 28.11
N ARG D 31 -28.41 8.86 29.26
CA ARG D 31 -27.06 9.28 29.60
C ARG D 31 -25.99 8.55 28.80
N ASN D 32 -26.28 7.34 28.31
CA ASN D 32 -25.28 6.50 27.64
C ASN D 32 -25.27 6.66 26.12
N LEU D 33 -25.79 7.77 25.60
CA LEU D 33 -25.81 7.99 24.16
C LEU D 33 -24.46 8.41 23.59
N LEU D 34 -23.48 8.74 24.43
CA LEU D 34 -22.14 9.10 23.96
C LEU D 34 -21.00 8.34 24.63
N SER D 35 -21.24 7.68 25.76
CA SER D 35 -20.17 6.95 26.43
C SER D 35 -19.88 5.63 25.74
N THR D 58 -4.93 1.12 10.74
CA THR D 58 -5.08 -0.32 10.67
C THR D 58 -6.52 -0.69 10.29
N VAL D 59 -6.81 -2.00 10.31
CA VAL D 59 -8.16 -2.48 10.00
C VAL D 59 -9.11 -2.11 11.12
N TRP D 60 -8.69 -2.29 12.38
CA TRP D 60 -9.53 -2.06 13.54
C TRP D 60 -9.34 -0.66 14.13
N GLY D 61 -8.95 0.30 13.29
CA GLY D 61 -8.87 1.68 13.71
C GLY D 61 -9.87 2.54 12.96
N ILE D 62 -10.16 2.15 11.71
CA ILE D 62 -11.13 2.88 10.91
C ILE D 62 -12.55 2.63 11.45
N LYS D 63 -12.84 1.38 11.84
CA LYS D 63 -14.18 1.01 12.28
C LYS D 63 -14.57 1.71 13.59
N GLN D 64 -13.62 1.81 14.53
CA GLN D 64 -13.88 2.47 15.81
C GLN D 64 -14.16 3.96 15.63
N LEU D 65 -13.37 4.62 14.78
CA LEU D 65 -13.56 6.05 14.53
C LEU D 65 -14.86 6.29 13.78
N GLN D 66 -15.18 5.44 12.80
CA GLN D 66 -16.43 5.58 12.04
C GLN D 66 -17.64 5.38 12.95
N ALA D 67 -17.57 4.40 13.86
CA ALA D 67 -18.65 4.17 14.80
C ALA D 67 -18.83 5.34 15.75
N ARG D 68 -17.72 5.94 16.22
CA ARG D 68 -17.79 7.10 17.09
C ARG D 68 -18.41 8.30 16.38
N VAL D 69 -18.03 8.53 15.12
CA VAL D 69 -18.59 9.63 14.34
C VAL D 69 -20.09 9.42 14.10
N LEU D 70 -20.50 8.19 13.77
CA LEU D 70 -21.93 7.97 13.53
C LEU D 70 -22.75 8.04 14.81
N ALA D 71 -22.15 7.71 15.96
CA ALA D 71 -22.83 7.93 17.24
C ALA D 71 -23.07 9.42 17.49
N VAL D 72 -22.06 10.25 17.16
CA VAL D 72 -22.22 11.70 17.24
C VAL D 72 -23.31 12.17 16.27
N GLU D 73 -23.37 11.55 15.09
CA GLU D 73 -24.39 11.91 14.09
C GLU D 73 -25.79 11.65 14.60
N ARG D 74 -26.01 10.47 15.18
CA ARG D 74 -27.33 10.11 15.69
C ARG D 74 -27.74 10.99 16.87
N TYR D 75 -26.81 11.28 17.78
CA TYR D 75 -27.14 12.14 18.92
C TYR D 75 -27.45 13.56 18.47
N LEU D 76 -26.66 14.10 17.54
CA LEU D 76 -26.91 15.47 17.08
C LEU D 76 -28.19 15.58 16.28
N ARG D 77 -28.54 14.54 15.52
CA ARG D 77 -29.83 14.54 14.83
C ARG D 77 -31.00 14.51 15.81
N ASP D 78 -30.90 13.69 16.86
CA ASP D 78 -31.95 13.64 17.87
C ASP D 78 -32.08 14.96 18.63
N GLN D 79 -30.94 15.58 18.98
CA GLN D 79 -30.98 16.83 19.74
C GLN D 79 -31.49 17.97 18.88
N GLN D 80 -31.13 17.99 17.60
CA GLN D 80 -31.65 19.02 16.70
C GLN D 80 -33.14 18.86 16.47
N LEU D 81 -33.61 17.62 16.32
CA LEU D 81 -35.04 17.36 16.15
C LEU D 81 -35.82 17.73 17.40
N LEU D 82 -35.22 17.58 18.59
CA LEU D 82 -35.87 18.12 19.78
C LEU D 82 -35.81 19.63 19.82
N GLY D 83 -34.77 20.24 19.25
CA GLY D 83 -34.62 21.68 19.30
C GLY D 83 -35.46 22.45 18.30
N ILE D 84 -36.01 21.78 17.29
CA ILE D 84 -36.86 22.48 16.31
C ILE D 84 -38.17 22.95 16.94
N TRP D 85 -38.87 22.06 17.65
CA TRP D 85 -40.19 22.41 18.15
C TRP D 85 -40.18 22.92 19.59
N GLY D 86 -39.12 23.61 19.99
CA GLY D 86 -39.08 24.31 21.28
C GLY D 86 -39.09 23.43 22.51
N CYS D 87 -38.45 22.27 22.45
CA CYS D 87 -38.34 21.38 23.60
C CYS D 87 -36.88 21.00 23.81
N SER D 88 -36.02 22.01 23.78
CA SER D 88 -34.58 21.80 23.93
C SER D 88 -34.20 21.87 25.40
N GLY D 89 -33.40 20.91 25.84
CA GLY D 89 -32.97 20.85 27.22
C GLY D 89 -34.01 20.35 28.20
N LYS D 90 -35.11 19.80 27.72
CA LYS D 90 -36.17 19.29 28.57
C LYS D 90 -36.44 17.83 28.21
N LEU D 91 -36.50 16.97 29.24
CA LEU D 91 -36.79 15.57 29.00
C LEU D 91 -38.26 15.36 28.64
N ILE D 92 -39.17 16.04 29.34
CA ILE D 92 -40.60 15.98 29.05
C ILE D 92 -41.06 17.39 28.70
N CYS D 93 -41.63 17.54 27.49
CA CYS D 93 -42.08 18.83 27.00
C CYS D 93 -43.49 18.70 26.46
N CYS D 94 -44.27 19.76 26.60
CA CYS D 94 -45.66 19.77 26.17
C CYS D 94 -45.86 20.73 25.01
N THR D 95 -46.63 20.32 24.02
CA THR D 95 -46.99 21.14 22.88
C THR D 95 -48.49 21.38 22.86
N ASN D 96 -48.91 22.39 22.11
CA ASN D 96 -50.32 22.78 22.06
C ASN D 96 -51.03 22.26 20.81
N VAL D 97 -50.44 21.32 20.08
CA VAL D 97 -51.10 20.75 18.90
C VAL D 97 -52.21 19.80 19.36
N PRO D 98 -53.39 19.83 18.75
CA PRO D 98 -54.44 18.87 19.12
C PRO D 98 -54.07 17.45 18.68
N TRP D 99 -54.62 16.48 19.40
CA TRP D 99 -54.37 15.06 19.14
C TRP D 99 -55.56 14.50 18.38
N ASN D 100 -55.32 14.10 17.13
CA ASN D 100 -56.38 13.52 16.32
C ASN D 100 -56.70 12.11 16.79
N SER D 101 -57.99 11.79 16.88
CA SER D 101 -58.42 10.49 17.34
C SER D 101 -58.23 9.39 16.32
N SER D 102 -57.98 9.73 15.05
CA SER D 102 -57.80 8.72 14.01
C SER D 102 -56.46 8.02 14.11
N TRP D 103 -55.49 8.59 14.83
CA TRP D 103 -54.17 7.97 14.94
C TRP D 103 -54.20 6.76 15.85
N SER D 104 -54.88 6.86 16.99
CA SER D 104 -54.90 5.78 17.97
C SER D 104 -56.29 5.21 18.19
N ASN D 105 -57.27 6.06 18.51
CA ASN D 105 -58.64 5.70 18.89
C ASN D 105 -58.57 4.73 20.09
N ARG D 106 -58.11 5.27 21.21
CA ARG D 106 -57.85 4.48 22.40
C ARG D 106 -57.98 5.34 23.64
N ASN D 107 -58.24 4.69 24.77
CA ASN D 107 -58.41 5.38 26.04
C ASN D 107 -57.07 5.64 26.72
N LEU D 108 -57.04 6.67 27.56
CA LEU D 108 -55.78 7.11 28.17
C LEU D 108 -55.33 6.17 29.30
N SER D 109 -56.29 5.66 30.07
CA SER D 109 -55.96 4.97 31.33
C SER D 109 -55.26 3.65 31.07
N GLU D 110 -55.80 2.82 30.17
CA GLU D 110 -55.16 1.54 29.91
C GLU D 110 -53.90 1.70 29.07
N ILE D 111 -53.76 2.80 28.32
CA ILE D 111 -52.51 3.09 27.64
C ILE D 111 -51.41 3.39 28.65
N TRP D 112 -51.71 4.24 29.63
CA TRP D 112 -50.67 4.66 30.57
C TRP D 112 -50.45 3.67 31.69
N ASP D 113 -51.37 2.73 31.94
CA ASP D 113 -51.18 1.73 32.98
C ASP D 113 -51.08 0.30 32.48
N ASN D 114 -51.16 0.06 31.17
CA ASN D 114 -51.16 -1.33 30.70
C ASN D 114 -50.32 -1.60 29.46
N MET D 115 -49.87 -0.60 28.72
CA MET D 115 -49.20 -0.81 27.45
C MET D 115 -47.73 -0.44 27.55
N THR D 116 -46.87 -1.38 27.15
CA THR D 116 -45.43 -1.14 27.09
C THR D 116 -45.14 -0.21 25.91
N TRP D 117 -44.03 0.53 25.99
CA TRP D 117 -43.63 1.49 24.97
C TRP D 117 -43.42 0.86 23.59
N LEU D 118 -43.06 -0.43 23.54
CA LEU D 118 -42.65 -1.05 22.29
C LEU D 118 -43.80 -1.20 21.29
N GLN D 119 -44.90 -1.84 21.71
CA GLN D 119 -46.03 -1.97 20.78
C GLN D 119 -46.77 -0.65 20.58
N TRP D 120 -46.64 0.29 21.51
CA TRP D 120 -47.16 1.63 21.29
C TRP D 120 -46.41 2.32 20.15
N ASP D 121 -45.08 2.24 20.15
CA ASP D 121 -44.31 2.79 19.05
C ASP D 121 -44.51 2.00 17.76
N LYS D 122 -44.83 0.71 17.88
CA LYS D 122 -45.17 -0.08 16.70
C LYS D 122 -46.50 0.39 16.09
N GLU D 123 -47.47 0.74 16.93
CA GLU D 123 -48.77 1.20 16.44
C GLU D 123 -48.69 2.60 15.85
N ILE D 124 -47.95 3.51 16.48
CA ILE D 124 -47.92 4.91 16.02
C ILE D 124 -46.90 5.10 14.88
N SER D 125 -46.12 4.06 14.54
CA SER D 125 -45.08 4.16 13.50
C SER D 125 -45.62 4.45 12.11
N ASN D 126 -46.91 4.25 11.87
CA ASN D 126 -47.51 4.56 10.59
C ASN D 126 -47.90 6.03 10.45
N TYR D 127 -47.73 6.83 11.52
CA TYR D 127 -48.20 8.22 11.48
C TYR D 127 -47.22 9.19 12.15
N THR D 128 -45.93 8.88 12.20
CA THR D 128 -44.98 9.74 12.92
C THR D 128 -44.67 11.02 12.16
N GLN D 129 -44.63 10.97 10.83
CA GLN D 129 -44.26 12.15 10.05
C GLN D 129 -45.32 13.24 10.13
N ILE D 130 -46.60 12.85 10.20
CA ILE D 130 -47.68 13.82 10.35
C ILE D 130 -47.58 14.52 11.69
N ILE D 131 -47.24 13.77 12.75
CA ILE D 131 -47.07 14.35 14.08
C ILE D 131 -45.88 15.29 14.12
N TYR D 132 -44.78 14.91 13.46
CA TYR D 132 -43.59 15.77 13.42
C TYR D 132 -43.87 17.07 12.67
N GLY D 133 -44.57 16.98 11.53
CA GLY D 133 -44.95 18.17 10.81
C GLY D 133 -45.92 19.06 11.56
N LEU D 134 -46.85 18.45 12.31
CA LEU D 134 -47.79 19.22 13.10
C LEU D 134 -47.12 19.95 14.26
N LEU D 135 -46.17 19.28 14.94
CA LEU D 135 -45.38 19.96 15.97
C LEU D 135 -44.54 21.09 15.40
N GLU D 136 -43.96 20.87 14.21
CA GLU D 136 -43.17 21.92 13.56
C GLU D 136 -44.02 23.14 13.22
N GLU D 137 -45.20 22.92 12.62
CA GLU D 137 -46.09 24.00 12.27
C GLU D 137 -46.64 24.72 13.50
N SER D 138 -46.97 23.95 14.55
CA SER D 138 -47.47 24.55 15.78
C SER D 138 -46.41 25.39 16.48
N GLN D 139 -45.16 24.93 16.46
CA GLN D 139 -44.06 25.71 17.04
C GLN D 139 -43.84 27.01 16.28
N ASN D 140 -43.86 26.95 14.94
CA ASN D 140 -43.67 28.16 14.15
C ASN D 140 -44.83 29.15 14.33
N GLN D 141 -46.07 28.64 14.40
CA GLN D 141 -47.22 29.50 14.60
C GLN D 141 -47.22 30.12 16.00
N GLN D 142 -46.86 29.33 17.02
CA GLN D 142 -46.77 29.85 18.38
C GLN D 142 -45.67 30.90 18.51
N GLU D 143 -44.54 30.68 17.84
CA GLU D 143 -43.48 31.67 17.87
C GLU D 143 -43.89 32.96 17.16
N LYS D 144 -44.64 32.86 16.06
CA LYS D 144 -45.10 34.06 15.38
C LYS D 144 -46.11 34.83 16.22
N ASN D 145 -47.00 34.12 16.92
CA ASN D 145 -47.93 34.80 17.83
C ASN D 145 -47.20 35.43 19.00
N GLU D 146 -46.15 34.78 19.50
CA GLU D 146 -45.36 35.36 20.59
C GLU D 146 -44.60 36.60 20.10
N GLN D 147 -44.12 36.57 18.86
CA GLN D 147 -43.44 37.73 18.27
C GLN D 147 -44.42 38.89 18.08
N ASP D 148 -45.64 38.60 17.63
CA ASP D 148 -46.65 39.64 17.48
C ASP D 148 -47.04 40.24 18.83
N LEU D 149 -47.19 39.40 19.86
CA LEU D 149 -47.56 39.89 21.18
C LEU D 149 -46.41 40.69 21.80
N LEU D 150 -45.17 40.28 21.56
CA LEU D 150 -44.03 40.98 22.14
C LEU D 150 -43.72 42.28 21.41
N ALA D 151 -43.95 42.33 20.10
CA ALA D 151 -43.76 43.56 19.34
C ALA D 151 -44.96 44.48 19.43
N LEU D 152 -46.09 44.01 19.96
CA LEU D 152 -47.24 44.88 20.18
C LEU D 152 -46.95 45.91 21.26
N ASP D 153 -46.20 45.53 22.29
CA ASP D 153 -45.83 46.44 23.36
C ASP D 153 -44.76 47.43 22.90
N LEU E 9 -42.48 23.03 1.34
CA LEU E 9 -41.35 23.37 0.48
C LEU E 9 -40.05 22.84 1.06
N GLY E 10 -39.16 22.36 0.20
CA GLY E 10 -37.91 21.76 0.63
C GLY E 10 -36.74 22.73 0.65
N PHE E 11 -35.77 22.51 -0.23
CA PHE E 11 -34.60 23.39 -0.32
C PHE E 11 -35.01 24.76 -0.86
N LEU E 12 -34.80 25.79 -0.03
CA LEU E 12 -34.87 27.20 -0.43
C LEU E 12 -36.22 27.57 -1.02
N GLY E 13 -37.29 27.29 -0.28
CA GLY E 13 -38.63 27.57 -0.75
C GLY E 13 -38.97 29.04 -0.83
N ALA E 14 -38.26 29.88 -0.07
CA ALA E 14 -38.48 31.32 -0.05
C ALA E 14 -37.15 32.06 -0.18
N ALA E 15 -36.34 31.65 -1.16
CA ALA E 15 -35.06 32.31 -1.39
C ALA E 15 -35.22 33.62 -2.16
N GLY E 16 -36.41 33.92 -2.67
CA GLY E 16 -36.67 35.17 -3.35
C GLY E 16 -38.06 35.69 -3.06
N SER E 17 -38.72 35.09 -2.07
CA SER E 17 -40.09 35.45 -1.75
C SER E 17 -40.13 36.74 -0.95
N THR E 18 -41.32 37.10 -0.47
CA THR E 18 -41.52 38.32 0.30
C THR E 18 -40.83 38.19 1.66
N MET E 19 -40.21 39.29 2.09
CA MET E 19 -39.50 39.34 3.38
C MET E 19 -40.44 39.02 4.55
N GLY E 20 -41.66 39.56 4.52
CA GLY E 20 -42.62 39.22 5.55
C GLY E 20 -43.13 37.80 5.44
N ALA E 21 -43.13 37.22 4.24
CA ALA E 21 -43.57 35.85 4.03
C ALA E 21 -42.46 34.83 4.13
N ALA E 22 -41.20 35.27 4.25
CA ALA E 22 -40.08 34.36 4.42
C ALA E 22 -39.83 33.99 5.87
N SER E 23 -40.59 34.57 6.80
CA SER E 23 -40.46 34.29 8.22
C SER E 23 -41.35 33.14 8.67
N MET E 24 -42.06 32.49 7.75
CA MET E 24 -42.87 31.33 8.04
C MET E 24 -42.23 30.02 7.60
N THR E 25 -40.96 30.04 7.20
CA THR E 25 -40.37 28.87 6.56
C THR E 25 -38.92 28.61 7.00
N LEU E 26 -38.52 29.12 8.17
CA LEU E 26 -37.16 28.90 8.63
C LEU E 26 -36.93 27.49 9.14
N THR E 27 -38.01 26.73 9.42
CA THR E 27 -37.84 25.41 10.02
C THR E 27 -37.34 24.39 9.00
N VAL E 28 -37.87 24.43 7.78
CA VAL E 28 -37.52 23.42 6.78
C VAL E 28 -36.11 23.61 6.24
N GLN E 29 -35.56 24.82 6.30
CA GLN E 29 -34.18 25.06 5.90
C GLN E 29 -33.22 24.91 7.07
N ALA E 30 -33.72 24.66 8.28
CA ALA E 30 -32.89 24.35 9.44
C ALA E 30 -33.04 22.93 9.92
N ARG E 31 -34.10 22.23 9.48
CA ARG E 31 -34.25 20.81 9.80
C ARG E 31 -33.18 19.96 9.13
N ASN E 32 -32.76 20.36 7.93
CA ASN E 32 -31.83 19.59 7.12
C ASN E 32 -30.45 20.28 6.97
N LEU E 33 -29.64 20.14 8.01
CA LEU E 33 -28.24 20.55 7.99
C LEU E 33 -27.30 19.38 8.22
N LEU E 34 -27.79 18.21 8.64
CA LEU E 34 -26.98 17.02 8.81
C LEU E 34 -27.38 15.88 7.91
N SER E 35 -28.60 15.88 7.37
CA SER E 35 -29.06 14.84 6.48
C SER E 35 -28.75 15.17 5.02
N THR E 58 -9.59 3.88 2.39
CA THR E 58 -9.35 3.56 0.98
C THR E 58 -9.36 4.84 0.14
N VAL E 59 -9.96 4.74 -1.05
CA VAL E 59 -10.04 5.91 -1.94
C VAL E 59 -10.99 6.96 -1.37
N TRP E 60 -12.18 6.53 -0.95
CA TRP E 60 -13.20 7.44 -0.43
C TRP E 60 -13.67 6.97 0.94
N GLY E 61 -12.71 6.68 1.81
CA GLY E 61 -13.03 6.38 3.19
C GLY E 61 -12.57 7.51 4.08
N ILE E 62 -11.83 8.46 3.51
CA ILE E 62 -11.30 9.59 4.24
C ILE E 62 -11.93 10.91 3.78
N LYS E 63 -12.25 11.03 2.49
CA LYS E 63 -12.79 12.28 1.96
C LYS E 63 -14.20 12.54 2.49
N GLN E 64 -15.08 11.53 2.42
CA GLN E 64 -16.44 11.68 2.94
C GLN E 64 -16.43 11.80 4.46
N LEU E 65 -15.46 11.15 5.13
CA LEU E 65 -15.31 11.28 6.57
C LEU E 65 -14.94 12.70 6.96
N GLN E 66 -13.99 13.30 6.24
CA GLN E 66 -13.58 14.69 6.50
C GLN E 66 -14.72 15.66 6.20
N ALA E 67 -15.47 15.43 5.11
CA ALA E 67 -16.59 16.29 4.78
C ALA E 67 -17.71 16.18 5.83
N ARG E 68 -17.93 14.97 6.34
CA ARG E 68 -19.00 14.77 7.32
C ARG E 68 -18.63 15.40 8.66
N VAL E 69 -17.37 15.25 9.10
CA VAL E 69 -16.90 15.90 10.32
C VAL E 69 -16.91 17.42 10.16
N LEU E 70 -16.60 17.92 8.95
CA LEU E 70 -16.65 19.36 8.70
C LEU E 70 -18.08 19.88 8.77
N ALA E 71 -19.06 19.10 8.28
CA ALA E 71 -20.46 19.48 8.40
C ALA E 71 -20.92 19.50 9.85
N VAL E 72 -20.45 18.52 10.64
CA VAL E 72 -20.77 18.47 12.07
C VAL E 72 -20.21 19.69 12.81
N GLU E 73 -18.95 20.06 12.53
CA GLU E 73 -18.41 21.23 13.19
C GLU E 73 -19.00 22.53 12.65
N ARG E 74 -19.48 22.55 11.40
CA ARG E 74 -20.19 23.74 10.92
C ARG E 74 -21.50 23.94 11.69
N TYR E 75 -22.24 22.85 11.87
CA TYR E 75 -23.49 22.93 12.65
C TYR E 75 -23.21 23.25 14.12
N LEU E 76 -22.14 22.68 14.68
CA LEU E 76 -21.82 22.94 16.08
C LEU E 76 -21.33 24.37 16.29
N ARG E 77 -20.59 24.92 15.32
CA ARG E 77 -20.18 26.31 15.39
C ARG E 77 -21.38 27.24 15.30
N ASP E 78 -22.36 26.89 14.44
CA ASP E 78 -23.58 27.68 14.34
C ASP E 78 -24.38 27.62 15.65
N GLN E 79 -24.47 26.45 16.26
CA GLN E 79 -25.20 26.29 17.52
C GLN E 79 -24.50 27.03 18.67
N GLN E 80 -23.17 26.97 18.73
CA GLN E 80 -22.44 27.67 19.77
C GLN E 80 -22.50 29.18 19.58
N LEU E 81 -22.50 29.65 18.32
CA LEU E 81 -22.64 31.07 18.06
C LEU E 81 -24.05 31.56 18.38
N LEU E 82 -25.06 30.71 18.21
CA LEU E 82 -26.39 31.07 18.68
C LEU E 82 -26.46 31.11 20.20
N GLY E 83 -25.83 30.15 20.86
CA GLY E 83 -25.90 30.07 22.31
C GLY E 83 -25.02 31.08 23.03
N ILE E 84 -24.08 31.70 22.32
CA ILE E 84 -23.17 32.63 23.00
C ILE E 84 -23.85 33.96 23.31
N TRP E 85 -24.95 34.30 22.63
CA TRP E 85 -25.70 35.50 22.99
C TRP E 85 -27.11 35.16 23.48
N GLY E 86 -27.26 34.02 24.14
CA GLY E 86 -28.50 33.66 24.80
C GLY E 86 -29.69 33.43 23.89
N CYS E 87 -29.46 32.79 22.74
CA CYS E 87 -30.51 32.53 21.76
C CYS E 87 -30.44 31.08 21.28
N SER E 88 -30.30 30.16 22.23
CA SER E 88 -30.16 28.75 21.91
C SER E 88 -31.51 28.05 22.04
N GLY E 89 -31.83 27.20 21.06
CA GLY E 89 -33.09 26.49 21.07
C GLY E 89 -34.29 27.32 20.67
N LYS E 90 -34.05 28.54 20.17
CA LYS E 90 -35.12 29.43 19.75
C LYS E 90 -34.69 30.02 18.40
N LEU E 91 -35.56 29.90 17.40
CA LEU E 91 -35.24 30.30 16.03
C LEU E 91 -35.07 31.80 15.89
N ILE E 92 -36.11 32.57 16.19
CA ILE E 92 -36.06 34.02 16.10
C ILE E 92 -35.94 34.56 17.52
N CYS E 93 -34.73 34.96 17.91
CA CYS E 93 -34.44 35.48 19.23
C CYS E 93 -34.22 36.99 19.16
N CYS E 94 -34.49 37.65 20.28
CA CYS E 94 -34.43 39.11 20.34
C CYS E 94 -33.35 39.55 21.32
N THR E 95 -32.62 40.59 20.93
CA THR E 95 -31.50 41.11 21.71
C THR E 95 -31.72 42.60 21.92
N ASN E 96 -31.44 43.08 23.13
CA ASN E 96 -31.77 44.45 23.53
C ASN E 96 -30.78 45.49 23.02
N VAL E 97 -29.73 45.11 22.32
CA VAL E 97 -28.79 46.11 21.78
C VAL E 97 -29.46 46.85 20.63
N PRO E 98 -29.32 48.18 20.54
CA PRO E 98 -29.98 48.92 19.46
C PRO E 98 -29.21 48.82 18.14
N TRP E 99 -29.83 49.39 17.11
CA TRP E 99 -29.30 49.40 15.75
C TRP E 99 -28.97 50.84 15.39
N ASN E 100 -27.71 51.07 14.99
CA ASN E 100 -27.25 52.41 14.68
C ASN E 100 -27.78 52.86 13.31
N SER E 101 -27.96 54.18 13.17
CA SER E 101 -28.47 54.75 11.94
C SER E 101 -27.44 54.77 10.81
N SER E 102 -26.17 54.51 11.10
CA SER E 102 -25.12 54.51 10.09
C SER E 102 -24.97 53.19 9.37
N TRP E 103 -25.79 52.18 9.71
CA TRP E 103 -25.66 50.85 9.14
C TRP E 103 -26.65 50.59 8.00
N SER E 104 -27.91 50.94 8.17
CA SER E 104 -28.91 50.58 7.17
C SER E 104 -29.75 51.75 6.68
N ASN E 105 -30.05 52.71 7.57
CA ASN E 105 -30.80 53.97 7.40
C ASN E 105 -32.01 53.88 6.45
N ARG E 106 -32.77 52.79 6.55
CA ARG E 106 -33.83 52.49 5.60
C ARG E 106 -35.10 52.15 6.37
N ASN E 107 -36.24 52.48 5.76
CA ASN E 107 -37.53 52.33 6.43
C ASN E 107 -37.94 50.86 6.52
N LEU E 108 -38.51 50.50 7.68
CA LEU E 108 -38.78 49.09 8.02
C LEU E 108 -39.87 48.47 7.14
N SER E 109 -40.88 49.26 6.76
CA SER E 109 -42.06 48.70 6.09
C SER E 109 -41.72 48.13 4.72
N GLU E 110 -41.01 48.89 3.90
CA GLU E 110 -40.66 48.37 2.58
C GLU E 110 -39.51 47.37 2.62
N ILE E 111 -38.71 47.34 3.70
CA ILE E 111 -37.78 46.22 3.90
C ILE E 111 -38.56 44.94 4.10
N TRP E 112 -39.52 44.95 5.03
CA TRP E 112 -40.24 43.73 5.34
C TRP E 112 -41.33 43.39 4.32
N ASP E 113 -41.65 44.28 3.39
CA ASP E 113 -42.65 43.99 2.38
C ASP E 113 -42.15 43.99 0.94
N ASN E 114 -40.90 44.37 0.68
CA ASN E 114 -40.46 44.45 -0.70
C ASN E 114 -39.14 43.71 -0.97
N MET E 115 -38.22 43.73 -0.02
CA MET E 115 -36.88 43.20 -0.22
C MET E 115 -36.86 41.68 -0.02
N THR E 116 -35.73 41.07 -0.40
CA THR E 116 -35.48 39.66 -0.17
C THR E 116 -34.23 39.49 0.70
N TRP E 117 -33.90 38.23 0.99
CA TRP E 117 -32.78 37.96 1.89
C TRP E 117 -31.43 38.15 1.22
N LEU E 118 -31.34 37.90 -0.10
CA LEU E 118 -30.05 37.86 -0.78
C LEU E 118 -29.43 39.25 -0.89
N GLN E 119 -30.23 40.27 -1.23
CA GLN E 119 -29.70 41.63 -1.26
C GLN E 119 -29.35 42.14 0.13
N TRP E 120 -30.09 41.68 1.14
CA TRP E 120 -29.76 42.01 2.52
C TRP E 120 -28.41 41.43 2.92
N ASP E 121 -28.16 40.18 2.56
CA ASP E 121 -26.84 39.60 2.81
C ASP E 121 -25.77 40.24 1.94
N LYS E 122 -26.16 40.82 0.80
CA LYS E 122 -25.18 41.52 -0.04
C LYS E 122 -24.75 42.84 0.59
N GLU E 123 -25.68 43.59 1.21
CA GLU E 123 -25.31 44.90 1.71
C GLU E 123 -25.20 45.00 3.23
N ILE E 124 -25.26 43.89 3.97
CA ILE E 124 -25.06 43.93 5.41
C ILE E 124 -23.83 43.14 5.85
N SER E 125 -23.37 42.15 5.06
CA SER E 125 -22.32 41.22 5.48
C SER E 125 -20.96 41.86 5.75
N ASN E 126 -20.73 43.09 5.29
CA ASN E 126 -19.49 43.78 5.63
C ASN E 126 -19.53 44.40 7.02
N TYR E 127 -20.68 44.37 7.69
CA TYR E 127 -20.85 44.99 9.00
C TYR E 127 -21.17 43.98 10.09
N THR E 128 -21.02 42.67 9.82
CA THR E 128 -21.54 41.64 10.71
C THR E 128 -20.71 41.44 11.97
N GLN E 129 -19.39 41.66 11.89
CA GLN E 129 -18.51 41.35 13.03
C GLN E 129 -18.76 42.27 14.21
N ILE E 130 -18.94 43.57 13.96
CA ILE E 130 -19.22 44.49 15.06
C ILE E 130 -20.63 44.28 15.61
N ILE E 131 -21.57 43.81 14.79
CA ILE E 131 -22.89 43.45 15.28
C ILE E 131 -22.79 42.23 16.22
N TYR E 132 -21.97 41.24 15.83
CA TYR E 132 -21.76 40.07 16.69
C TYR E 132 -21.08 40.46 18.00
N GLY E 133 -20.13 41.39 17.94
CA GLY E 133 -19.49 41.88 19.16
C GLY E 133 -20.46 42.63 20.06
N LEU E 134 -21.37 43.42 19.46
CA LEU E 134 -22.37 44.13 20.24
C LEU E 134 -23.35 43.17 20.91
N LEU E 135 -23.76 42.11 20.20
CA LEU E 135 -24.62 41.09 20.79
C LEU E 135 -23.92 40.36 21.93
N GLU E 136 -22.62 40.07 21.76
CA GLU E 136 -21.86 39.41 22.81
C GLU E 136 -21.73 40.29 24.05
N GLU E 137 -21.47 41.59 23.85
CA GLU E 137 -21.37 42.50 25.00
C GLU E 137 -22.71 42.69 25.68
N SER E 138 -23.81 42.73 24.91
CA SER E 138 -25.14 42.85 25.50
C SER E 138 -25.51 41.61 26.30
N GLN E 139 -25.15 40.42 25.80
CA GLN E 139 -25.38 39.19 26.54
C GLN E 139 -24.55 39.15 27.82
N ASN E 140 -23.31 39.63 27.75
CA ASN E 140 -22.45 39.68 28.93
C ASN E 140 -23.05 40.62 29.99
N GLN E 141 -23.56 41.78 29.56
CA GLN E 141 -24.20 42.72 30.48
C GLN E 141 -25.47 42.13 31.09
N GLN E 142 -26.28 41.45 30.28
CA GLN E 142 -27.54 40.87 30.76
C GLN E 142 -27.25 39.75 31.76
N GLU E 143 -26.26 38.91 31.47
CA GLU E 143 -25.93 37.82 32.39
C GLU E 143 -25.30 38.35 33.67
N LYS E 144 -24.53 39.44 33.58
CA LYS E 144 -23.93 39.98 34.80
C LYS E 144 -24.98 40.65 35.68
N ASN E 145 -25.99 41.30 35.08
CA ASN E 145 -27.10 41.82 35.87
C ASN E 145 -27.92 40.69 36.47
N GLU E 146 -28.05 39.57 35.74
CA GLU E 146 -28.79 38.42 36.27
C GLU E 146 -28.09 37.81 37.47
N GLN E 147 -26.76 37.66 37.42
CA GLN E 147 -26.10 37.04 38.57
C GLN E 147 -26.02 38.01 39.74
N ASP E 148 -25.94 39.32 39.45
CA ASP E 148 -25.99 40.31 40.52
C ASP E 148 -27.34 40.32 41.21
N LEU E 149 -28.43 40.19 40.44
CA LEU E 149 -29.76 40.14 41.04
C LEU E 149 -29.97 38.83 41.81
N LEU E 150 -29.40 37.73 41.33
CA LEU E 150 -29.52 36.47 42.04
C LEU E 150 -28.71 36.47 43.32
N ALA E 151 -27.52 37.09 43.31
CA ALA E 151 -26.67 37.12 44.49
C ALA E 151 -27.16 38.12 45.53
N LEU E 152 -27.75 39.24 45.10
CA LEU E 152 -28.23 40.23 46.05
C LEU E 152 -29.49 39.78 46.77
N ASP E 153 -30.29 38.93 46.15
CA ASP E 153 -31.51 38.43 46.78
C ASP E 153 -31.19 37.35 47.80
N LEU F 9 -7.13 37.21 29.25
CA LEU F 9 -7.27 36.09 30.19
C LEU F 9 -8.07 34.96 29.54
N GLY F 10 -7.37 33.86 29.25
CA GLY F 10 -8.01 32.71 28.62
C GLY F 10 -8.09 31.50 29.51
N PHE F 11 -7.23 30.51 29.24
CA PHE F 11 -7.23 29.28 30.03
C PHE F 11 -6.65 29.52 31.41
N LEU F 12 -7.36 29.01 32.44
CA LEU F 12 -6.87 28.86 33.81
C LEU F 12 -6.45 30.20 34.42
N GLY F 13 -7.41 31.11 34.54
CA GLY F 13 -7.12 32.43 35.08
C GLY F 13 -6.77 32.41 36.55
N ALA F 14 -7.48 31.61 37.34
CA ALA F 14 -7.31 31.54 38.78
C ALA F 14 -7.26 30.08 39.25
N ALA F 15 -6.42 29.29 38.58
CA ALA F 15 -6.33 27.85 38.84
C ALA F 15 -5.77 27.50 40.21
N GLY F 16 -5.09 28.42 40.88
CA GLY F 16 -4.56 28.14 42.20
C GLY F 16 -4.98 29.17 43.23
N SER F 17 -6.10 29.83 42.99
CA SER F 17 -6.59 30.89 43.85
C SER F 17 -7.61 30.36 44.85
N THR F 18 -8.26 31.28 45.56
CA THR F 18 -9.24 30.94 46.58
C THR F 18 -10.52 30.39 45.92
N MET F 19 -11.25 29.57 46.67
CA MET F 19 -12.50 29.00 46.19
C MET F 19 -13.53 30.08 45.87
N GLY F 20 -13.67 31.08 46.74
CA GLY F 20 -14.60 32.16 46.48
C GLY F 20 -14.11 33.14 45.43
N ALA F 21 -12.79 33.23 45.26
CA ALA F 21 -12.23 34.14 44.27
C ALA F 21 -12.37 33.62 42.84
N ALA F 22 -12.60 32.32 42.67
CA ALA F 22 -12.75 31.74 41.34
C ALA F 22 -14.16 31.89 40.78
N SER F 23 -15.10 32.40 41.56
CA SER F 23 -16.48 32.51 41.10
C SER F 23 -16.67 33.67 40.12
N MET F 24 -15.93 34.76 40.28
CA MET F 24 -16.09 35.92 39.43
C MET F 24 -15.31 35.84 38.12
N THR F 25 -14.50 34.80 37.94
CA THR F 25 -13.70 34.64 36.73
C THR F 25 -14.16 33.46 35.88
N LEU F 26 -15.37 32.93 36.14
CA LEU F 26 -15.87 31.80 35.37
C LEU F 26 -16.30 32.20 33.96
N THR F 27 -16.58 33.48 33.73
CA THR F 27 -17.04 33.93 32.42
C THR F 27 -15.91 34.09 31.41
N VAL F 28 -14.65 33.99 31.83
CA VAL F 28 -13.51 34.13 30.93
C VAL F 28 -12.63 32.91 30.89
N GLN F 29 -12.85 31.92 31.75
CA GLN F 29 -12.01 30.71 31.77
C GLN F 29 -12.56 29.60 30.88
N ALA F 30 -13.87 29.58 30.64
CA ALA F 30 -14.50 28.53 29.85
C ALA F 30 -15.01 29.06 28.51
N ARG F 31 -14.24 29.92 27.86
CA ARG F 31 -14.63 30.50 26.58
C ARG F 31 -14.03 29.80 25.38
N ASN F 32 -12.91 29.10 25.53
CA ASN F 32 -12.17 28.52 24.41
C ASN F 32 -12.34 27.00 24.31
N LEU F 33 -13.53 26.48 24.58
CA LEU F 33 -13.76 25.05 24.46
C LEU F 33 -13.83 24.58 23.00
N LEU F 34 -14.04 25.49 22.05
CA LEU F 34 -14.01 25.13 20.64
C LEU F 34 -13.21 26.10 19.78
N SER F 35 -12.98 27.33 20.22
CA SER F 35 -12.20 28.29 19.44
C SER F 35 -10.70 28.03 19.63
N THR F 58 -1.72 11.37 4.33
CA THR F 58 -0.39 11.67 4.86
C THR F 58 -0.24 11.13 6.27
N VAL F 59 0.75 11.64 7.00
CA VAL F 59 0.99 11.26 8.38
C VAL F 59 0.39 12.27 9.35
N TRP F 60 0.58 13.56 9.07
CA TRP F 60 0.07 14.62 9.94
C TRP F 60 -1.27 15.16 9.47
N GLY F 61 -2.12 14.29 8.93
CA GLY F 61 -3.49 14.62 8.63
C GLY F 61 -4.42 13.74 9.44
N ILE F 62 -3.95 12.53 9.76
CA ILE F 62 -4.72 11.60 10.58
C ILE F 62 -4.77 12.07 12.03
N LYS F 63 -3.65 12.59 12.54
CA LYS F 63 -3.59 13.10 13.91
C LYS F 63 -4.48 14.33 14.07
N GLN F 64 -4.51 15.19 13.04
CA GLN F 64 -5.39 16.35 13.05
C GLN F 64 -6.85 15.93 13.07
N LEU F 65 -7.20 14.90 12.29
CA LEU F 65 -8.57 14.39 12.27
C LEU F 65 -8.96 13.78 13.62
N GLN F 66 -8.05 13.01 14.24
CA GLN F 66 -8.36 12.40 15.52
C GLN F 66 -8.50 13.44 16.63
N ALA F 67 -7.65 14.47 16.62
CA ALA F 67 -7.79 15.55 17.61
C ALA F 67 -9.07 16.34 17.37
N ARG F 68 -9.46 16.53 16.11
CA ARG F 68 -10.70 17.23 15.77
C ARG F 68 -11.93 16.47 16.28
N VAL F 69 -11.97 15.16 16.02
CA VAL F 69 -13.09 14.33 16.47
C VAL F 69 -13.12 14.26 17.99
N LEU F 70 -11.94 14.18 18.63
CA LEU F 70 -11.89 14.12 20.09
C LEU F 70 -12.35 15.43 20.74
N ALA F 71 -12.06 16.57 20.11
CA ALA F 71 -12.60 17.84 20.59
C ALA F 71 -14.13 17.89 20.47
N VAL F 72 -14.66 17.35 19.37
CA VAL F 72 -16.12 17.27 19.20
C VAL F 72 -16.75 16.39 20.28
N GLU F 73 -16.11 15.24 20.57
CA GLU F 73 -16.61 14.33 21.62
C GLU F 73 -16.62 15.00 22.98
N ARG F 74 -15.53 15.71 23.31
CA ARG F 74 -15.44 16.36 24.62
C ARG F 74 -16.47 17.46 24.77
N TYR F 75 -16.65 18.30 23.73
CA TYR F 75 -17.62 19.38 23.84
C TYR F 75 -19.05 18.87 23.89
N LEU F 76 -19.39 17.84 23.10
CA LEU F 76 -20.76 17.34 23.11
C LEU F 76 -21.08 16.58 24.40
N ARG F 77 -20.10 15.83 24.94
CA ARG F 77 -20.30 15.15 26.20
C ARG F 77 -20.49 16.14 27.35
N ASP F 78 -19.68 17.20 27.37
CA ASP F 78 -19.79 18.23 28.41
C ASP F 78 -21.14 18.93 28.31
N GLN F 79 -21.57 19.24 27.08
CA GLN F 79 -22.83 19.95 26.88
C GLN F 79 -24.03 19.10 27.29
N GLN F 80 -24.04 17.81 26.91
CA GLN F 80 -25.18 16.98 27.30
C GLN F 80 -25.17 16.68 28.79
N LEU F 81 -23.99 16.54 29.40
CA LEU F 81 -23.93 16.22 30.82
C LEU F 81 -24.34 17.43 31.66
N LEU F 82 -24.06 18.64 31.17
CA LEU F 82 -24.62 19.82 31.81
C LEU F 82 -26.10 20.00 31.49
N GLY F 83 -26.57 19.41 30.38
CA GLY F 83 -27.96 19.55 30.01
C GLY F 83 -28.94 18.53 30.57
N ILE F 84 -28.46 17.43 31.17
CA ILE F 84 -29.40 16.46 31.74
C ILE F 84 -30.11 17.04 32.97
N TRP F 85 -29.37 17.63 33.90
CA TRP F 85 -29.98 18.04 35.17
C TRP F 85 -30.43 19.50 35.15
N GLY F 86 -30.90 19.99 34.00
CA GLY F 86 -31.57 21.28 33.91
C GLY F 86 -30.73 22.50 34.19
N CYS F 87 -29.47 22.49 33.76
CA CYS F 87 -28.58 23.63 33.94
C CYS F 87 -27.89 23.96 32.63
N SER F 88 -28.63 23.87 31.53
CA SER F 88 -28.07 24.13 30.21
C SER F 88 -27.94 25.63 29.99
N GLY F 89 -26.73 26.07 29.65
CA GLY F 89 -26.46 27.47 29.37
C GLY F 89 -26.60 28.39 30.56
N LYS F 90 -26.20 27.93 31.75
CA LYS F 90 -26.33 28.75 32.96
C LYS F 90 -25.23 28.36 33.93
N LEU F 91 -24.33 29.30 34.21
CA LEU F 91 -23.32 29.09 35.23
C LEU F 91 -23.93 29.32 36.61
N ILE F 92 -23.33 28.68 37.63
CA ILE F 92 -23.77 28.67 39.02
C ILE F 92 -25.23 28.24 39.10
N CYS F 93 -25.48 26.97 38.80
CA CYS F 93 -26.84 26.44 38.80
C CYS F 93 -27.16 25.80 40.15
N CYS F 94 -28.36 26.09 40.66
CA CYS F 94 -28.78 25.61 41.96
C CYS F 94 -29.73 24.43 41.80
N THR F 95 -29.50 23.38 42.58
CA THR F 95 -30.28 22.14 42.50
C THR F 95 -30.81 21.82 43.89
N ASN F 96 -32.07 21.37 43.97
CA ASN F 96 -32.76 21.18 45.24
C ASN F 96 -32.43 19.85 45.92
N VAL F 97 -31.46 19.08 45.43
CA VAL F 97 -31.08 17.85 46.11
C VAL F 97 -30.34 18.18 47.40
N PRO F 98 -30.64 17.51 48.52
CA PRO F 98 -29.91 17.78 49.75
C PRO F 98 -28.47 17.29 49.69
N TRP F 99 -27.60 17.98 50.43
CA TRP F 99 -26.18 17.63 50.48
C TRP F 99 -25.96 16.69 51.67
N ASN F 100 -25.55 15.46 51.37
CA ASN F 100 -25.27 14.50 52.43
C ASN F 100 -23.99 14.87 53.16
N SER F 101 -23.96 14.61 54.46
CA SER F 101 -22.81 14.95 55.29
C SER F 101 -21.71 13.89 55.23
N SER F 102 -21.92 12.78 54.54
CA SER F 102 -20.92 11.73 54.46
C SER F 102 -19.89 11.97 53.38
N TRP F 103 -20.01 13.06 52.61
CA TRP F 103 -19.09 13.36 51.53
C TRP F 103 -17.96 14.30 51.93
N SER F 104 -18.24 15.32 52.75
CA SER F 104 -17.24 16.29 53.14
C SER F 104 -17.11 16.48 54.63
N ASN F 105 -18.22 16.45 55.37
CA ASN F 105 -18.35 16.60 56.85
C ASN F 105 -17.51 17.73 57.44
N ARG F 106 -17.37 18.83 56.70
CA ARG F 106 -16.58 19.98 57.12
C ARG F 106 -17.28 21.24 56.66
N ASN F 107 -17.18 22.32 57.46
CA ASN F 107 -18.01 23.49 57.25
C ASN F 107 -17.60 24.28 56.02
N LEU F 108 -18.57 25.06 55.50
CA LEU F 108 -18.42 25.74 54.22
C LEU F 108 -17.62 27.02 54.29
N SER F 109 -17.38 27.56 55.49
CA SER F 109 -16.68 28.84 55.62
C SER F 109 -15.23 28.72 55.18
N GLU F 110 -14.47 27.82 55.81
CA GLU F 110 -13.11 27.56 55.40
C GLU F 110 -13.03 26.87 54.04
N ILE F 111 -14.11 26.20 53.60
CA ILE F 111 -14.14 25.63 52.24
C ILE F 111 -14.13 26.75 51.21
N TRP F 112 -14.94 27.78 51.39
CA TRP F 112 -15.02 28.85 50.41
C TRP F 112 -14.05 29.99 50.66
N ASP F 113 -13.27 29.99 51.76
CA ASP F 113 -12.24 31.02 51.82
C ASP F 113 -10.86 30.47 52.19
N ASN F 114 -10.65 29.17 52.11
CA ASN F 114 -9.35 28.62 52.50
C ASN F 114 -8.73 27.69 51.47
N MET F 115 -9.55 26.94 50.73
CA MET F 115 -9.07 25.82 49.92
C MET F 115 -9.22 26.11 48.43
N THR F 116 -8.23 25.69 47.66
CA THR F 116 -8.29 25.82 46.21
C THR F 116 -9.09 24.67 45.61
N TRP F 117 -9.20 24.67 44.28
CA TRP F 117 -10.05 23.70 43.59
C TRP F 117 -9.43 22.32 43.49
N LEU F 118 -8.10 22.23 43.39
CA LEU F 118 -7.46 20.98 43.00
C LEU F 118 -7.54 19.91 44.09
N GLN F 119 -7.18 20.25 45.32
CA GLN F 119 -7.23 19.26 46.39
C GLN F 119 -8.67 18.95 46.80
N TRP F 120 -9.59 19.91 46.64
CA TRP F 120 -11.01 19.64 46.84
C TRP F 120 -11.52 18.63 45.83
N ASP F 121 -11.08 18.76 44.57
CA ASP F 121 -11.43 17.78 43.55
C ASP F 121 -10.78 16.44 43.86
N LYS F 122 -9.60 16.46 44.49
CA LYS F 122 -8.96 15.20 44.90
C LYS F 122 -9.76 14.49 45.98
N GLU F 123 -10.34 15.22 46.93
CA GLU F 123 -11.09 14.53 47.97
C GLU F 123 -12.57 14.33 47.65
N ILE F 124 -13.10 14.91 46.57
CA ILE F 124 -14.49 14.70 46.21
C ILE F 124 -14.65 13.63 45.13
N SER F 125 -13.54 13.22 44.48
CA SER F 125 -13.59 12.36 43.31
C SER F 125 -14.07 10.94 43.59
N ASN F 126 -14.13 10.52 44.85
CA ASN F 126 -14.64 9.20 45.16
C ASN F 126 -16.16 9.15 45.24
N TYR F 127 -16.84 10.29 45.21
CA TYR F 127 -18.29 10.35 45.39
C TYR F 127 -18.93 11.23 44.33
N THR F 128 -18.57 11.02 43.06
CA THR F 128 -19.12 11.80 41.96
C THR F 128 -20.29 11.12 41.27
N GLN F 129 -20.25 9.80 41.11
CA GLN F 129 -21.32 9.09 40.42
C GLN F 129 -22.62 9.11 41.22
N ILE F 130 -22.53 9.00 42.55
CA ILE F 130 -23.71 9.06 43.39
C ILE F 130 -24.32 10.44 43.35
N ILE F 131 -23.48 11.48 43.32
CA ILE F 131 -23.96 12.85 43.19
C ILE F 131 -24.64 13.07 41.84
N TYR F 132 -24.05 12.55 40.76
CA TYR F 132 -24.65 12.71 39.42
C TYR F 132 -25.99 11.97 39.34
N GLY F 133 -26.08 10.80 39.95
CA GLY F 133 -27.36 10.10 40.01
C GLY F 133 -28.40 10.84 40.82
N LEU F 134 -27.98 11.48 41.91
CA LEU F 134 -28.92 12.24 42.73
C LEU F 134 -29.45 13.47 42.01
N LEU F 135 -28.58 14.21 41.30
CA LEU F 135 -29.08 15.33 40.50
C LEU F 135 -29.96 14.87 39.34
N GLU F 136 -29.63 13.73 38.71
CA GLU F 136 -30.48 13.21 37.63
C GLU F 136 -31.87 12.85 38.13
N GLU F 137 -31.94 12.15 39.28
CA GLU F 137 -33.24 11.78 39.86
C GLU F 137 -34.02 13.01 40.31
N SER F 138 -33.33 13.99 40.91
CA SER F 138 -34.00 15.21 41.34
C SER F 138 -34.55 16.01 40.18
N GLN F 139 -33.80 16.13 39.09
CA GLN F 139 -34.24 16.84 37.89
C GLN F 139 -35.45 16.14 37.26
N ASN F 140 -35.40 14.81 37.18
CA ASN F 140 -36.51 14.09 36.56
C ASN F 140 -37.76 14.16 37.42
N GLN F 141 -37.61 14.14 38.75
CA GLN F 141 -38.75 14.29 39.65
C GLN F 141 -39.32 15.70 39.57
N GLN F 142 -38.45 16.70 39.40
CA GLN F 142 -38.88 18.08 39.21
C GLN F 142 -39.67 18.25 37.92
N GLU F 143 -39.21 17.57 36.86
CA GLU F 143 -39.91 17.63 35.58
C GLU F 143 -41.27 16.95 35.65
N LYS F 144 -41.35 15.82 36.37
CA LYS F 144 -42.65 15.16 36.55
C LYS F 144 -43.59 16.00 37.42
N ASN F 145 -43.04 16.70 38.42
CA ASN F 145 -43.86 17.59 39.25
C ASN F 145 -44.39 18.76 38.43
N GLU F 146 -43.56 19.33 37.55
CA GLU F 146 -44.02 20.41 36.68
C GLU F 146 -45.05 19.90 35.67
N GLN F 147 -44.88 18.66 35.21
CA GLN F 147 -45.86 18.00 34.35
C GLN F 147 -47.22 17.87 35.03
N ASP F 148 -47.22 17.40 36.29
CA ASP F 148 -48.47 17.25 37.02
C ASP F 148 -49.09 18.60 37.36
N LEU F 149 -48.25 19.60 37.66
CA LEU F 149 -48.75 20.93 37.98
C LEU F 149 -49.40 21.59 36.76
N LEU F 150 -48.79 21.46 35.59
CA LEU F 150 -49.37 22.07 34.40
C LEU F 150 -50.56 21.26 33.89
N ALA F 151 -50.59 19.95 34.14
CA ALA F 151 -51.76 19.16 33.77
C ALA F 151 -52.90 19.28 34.76
N LEU F 152 -52.66 19.83 35.96
CA LEU F 152 -53.73 20.00 36.93
C LEU F 152 -54.70 21.10 36.53
N ASP F 153 -54.25 22.07 35.73
CA ASP F 153 -55.11 23.15 35.30
C ASP F 153 -56.09 22.69 34.23
N GLN G 1 13.20 -69.41 24.43
CA GLN G 1 14.16 -68.37 24.75
C GLN G 1 14.86 -67.86 23.49
N VAL G 2 15.02 -66.55 23.39
CA VAL G 2 15.64 -65.96 22.20
C VAL G 2 17.16 -65.97 22.36
N GLN G 3 17.86 -65.88 21.23
CA GLN G 3 19.31 -65.89 21.24
C GLN G 3 19.85 -64.93 20.19
N LEU G 4 21.07 -64.46 20.44
CA LEU G 4 21.81 -63.61 19.51
C LEU G 4 23.16 -64.28 19.24
N VAL G 5 23.42 -64.63 17.99
CA VAL G 5 24.67 -65.25 17.62
C VAL G 5 25.48 -64.28 16.78
N GLN G 6 26.80 -64.37 16.90
CA GLN G 6 27.74 -63.47 16.23
C GLN G 6 28.81 -64.31 15.54
N SER G 7 29.73 -63.63 14.87
CA SER G 7 30.81 -64.31 14.14
C SER G 7 31.98 -64.60 15.08
N GLY G 8 33.10 -65.03 14.53
CA GLY G 8 34.26 -65.39 15.32
C GLY G 8 35.28 -64.27 15.41
N ALA G 9 36.40 -64.60 16.03
CA ALA G 9 37.50 -63.65 16.21
C ALA G 9 38.19 -63.38 14.87
N GLU G 10 38.72 -62.16 14.74
CA GLU G 10 39.37 -61.73 13.51
C GLU G 10 40.73 -61.13 13.80
N VAL G 11 41.72 -61.50 13.00
CA VAL G 11 43.07 -60.94 13.06
C VAL G 11 43.35 -60.19 11.75
N LYS G 12 43.52 -58.87 11.85
CA LYS G 12 43.67 -58.04 10.66
C LYS G 12 44.90 -57.15 10.77
N LYS G 13 45.03 -56.22 9.81
CA LYS G 13 46.08 -55.22 9.73
C LYS G 13 45.43 -53.86 9.52
N PRO G 14 46.09 -52.77 9.93
CA PRO G 14 45.52 -51.43 9.69
C PRO G 14 45.42 -51.10 8.21
N GLY G 15 44.40 -50.31 7.88
CA GLY G 15 44.12 -49.98 6.50
C GLY G 15 43.22 -50.97 5.79
N ALA G 16 42.46 -51.78 6.52
CA ALA G 16 41.59 -52.81 5.96
C ALA G 16 40.13 -52.51 6.34
N SER G 17 39.27 -53.49 6.09
CA SER G 17 37.87 -53.40 6.44
C SER G 17 37.46 -54.65 7.21
N VAL G 18 36.51 -54.48 8.14
CA VAL G 18 36.05 -55.57 8.99
C VAL G 18 34.52 -55.60 8.95
N LYS G 19 33.96 -56.81 8.85
CA LYS G 19 32.52 -57.02 8.82
C LYS G 19 32.12 -57.92 9.98
N VAL G 20 31.16 -57.44 10.78
CA VAL G 20 30.63 -58.16 11.93
C VAL G 20 29.15 -58.41 11.71
N SER G 21 28.73 -59.66 11.84
CA SER G 21 27.34 -60.05 11.60
C SER G 21 26.70 -60.52 12.89
N CYS G 22 25.47 -60.06 13.14
CA CYS G 22 24.70 -60.45 14.32
C CYS G 22 23.35 -60.97 13.87
N LYS G 23 23.00 -62.17 14.31
CA LYS G 23 21.74 -62.82 13.94
C LYS G 23 20.89 -63.08 15.16
N ALA G 24 19.62 -62.69 15.10
CA ALA G 24 18.68 -62.87 16.18
C ALA G 24 17.71 -64.01 15.86
N SER G 25 17.47 -64.87 16.85
CA SER G 25 16.57 -66.00 16.66
C SER G 25 15.61 -66.11 17.83
N GLY G 26 14.36 -66.45 17.53
CA GLY G 26 13.34 -66.69 18.54
C GLY G 26 12.25 -65.65 18.65
N TYR G 27 12.40 -64.49 18.01
CA TYR G 27 11.38 -63.45 18.13
C TYR G 27 11.35 -62.62 16.85
N THR G 28 10.27 -61.86 16.71
CA THR G 28 10.09 -60.96 15.57
C THR G 28 11.05 -59.78 15.72
N PHE G 29 12.17 -59.83 14.99
CA PHE G 29 13.19 -58.80 15.10
C PHE G 29 12.80 -57.51 14.40
N THR G 30 11.76 -57.55 13.55
CA THR G 30 11.36 -56.37 12.79
C THR G 30 10.74 -55.30 13.69
N GLY G 31 10.16 -55.70 14.81
CA GLY G 31 9.54 -54.74 15.71
C GLY G 31 10.42 -54.30 16.85
N TYR G 32 11.74 -54.49 16.74
CA TYR G 32 12.65 -54.11 17.79
C TYR G 32 13.88 -53.43 17.18
N TYR G 33 14.52 -52.58 17.99
CA TYR G 33 15.73 -51.89 17.58
C TYR G 33 16.95 -52.77 17.81
N MET G 34 18.07 -52.38 17.21
CA MET G 34 19.34 -53.06 17.39
C MET G 34 20.42 -52.00 17.61
N HIS G 35 21.14 -52.10 18.72
CA HIS G 35 22.24 -51.21 19.03
C HIS G 35 23.55 -51.99 19.07
N TRP G 36 24.64 -51.24 18.94
CA TRP G 36 25.98 -51.79 18.82
C TRP G 36 26.92 -51.10 19.80
N VAL G 37 27.72 -51.88 20.51
CA VAL G 37 28.73 -51.32 21.41
C VAL G 37 30.07 -52.00 21.15
N ARG G 38 31.13 -51.29 21.52
CA ARG G 38 32.50 -51.71 21.31
C ARG G 38 33.27 -51.61 22.62
N GLN G 39 34.06 -52.63 22.93
CA GLN G 39 34.78 -52.73 24.21
C GLN G 39 36.23 -53.11 23.98
N ALA G 40 37.12 -52.13 24.13
CA ALA G 40 38.53 -52.48 24.22
C ALA G 40 38.86 -52.87 25.66
N PRO G 41 39.72 -53.87 25.87
CA PRO G 41 40.03 -54.31 27.24
C PRO G 41 40.85 -53.29 28.02
N GLY G 42 40.25 -52.68 29.04
CA GLY G 42 40.96 -51.73 29.87
C GLY G 42 40.15 -50.52 30.27
N GLN G 43 39.17 -50.12 29.46
CA GLN G 43 38.35 -48.95 29.76
C GLN G 43 36.89 -49.35 29.67
N GLY G 44 36.01 -48.34 29.73
CA GLY G 44 34.58 -48.59 29.82
C GLY G 44 33.89 -48.79 28.47
N LEU G 45 32.56 -48.80 28.54
CA LEU G 45 31.73 -49.02 27.37
C LEU G 45 31.66 -47.78 26.48
N GLU G 46 31.44 -48.02 25.19
CA GLU G 46 31.26 -46.95 24.21
C GLU G 46 30.11 -47.34 23.29
N TRP G 47 29.37 -46.33 22.82
CA TRP G 47 28.11 -46.55 22.13
C TRP G 47 28.23 -46.17 20.66
N MET G 48 27.81 -47.09 19.78
CA MET G 48 27.71 -46.87 18.35
C MET G 48 26.25 -46.74 17.96
N GLY G 49 26.01 -46.39 16.69
CA GLY G 49 24.68 -46.06 16.22
C GLY G 49 23.73 -47.25 16.19
N TRP G 50 22.45 -46.92 16.00
CA TRP G 50 21.38 -47.92 15.99
C TRP G 50 20.83 -48.11 14.58
N ILE G 51 20.34 -49.31 14.32
CA ILE G 51 19.71 -49.65 13.05
C ILE G 51 18.25 -49.99 13.29
N ASN G 52 17.39 -49.54 12.39
CA ASN G 52 15.98 -49.86 12.40
C ASN G 52 15.74 -50.89 11.30
N PRO G 53 15.55 -52.17 11.64
CA PRO G 53 15.41 -53.18 10.57
C PRO G 53 14.13 -53.08 9.76
N ASN G 54 13.12 -52.38 10.26
CA ASN G 54 11.88 -52.23 9.52
C ASN G 54 12.02 -51.21 8.38
N SER G 55 12.97 -50.28 8.47
CA SER G 55 13.12 -49.27 7.44
C SER G 55 14.55 -49.01 6.99
N GLY G 56 15.56 -49.52 7.70
CA GLY G 56 16.94 -49.29 7.30
C GLY G 56 17.52 -47.95 7.70
N ARG G 57 16.87 -47.22 8.61
CA ARG G 57 17.37 -45.92 9.03
C ARG G 57 18.58 -46.07 9.94
N THR G 58 19.61 -45.26 9.68
CA THR G 58 20.83 -45.25 10.45
C THR G 58 21.02 -43.88 11.11
N ASN G 59 21.61 -43.89 12.31
CA ASN G 59 22.04 -42.65 12.95
C ASN G 59 23.21 -42.99 13.86
N TYR G 60 24.42 -42.75 13.38
CA TYR G 60 25.62 -43.04 14.15
C TYR G 60 25.89 -41.90 15.14
N ALA G 61 26.81 -42.15 16.06
CA ALA G 61 27.17 -41.17 17.06
C ALA G 61 28.22 -40.21 16.49
N GLN G 62 28.75 -39.34 17.36
CA GLN G 62 29.84 -38.47 16.95
C GLN G 62 31.13 -39.26 16.80
N LYS G 63 32.11 -38.62 16.13
CA LYS G 63 33.44 -39.14 15.74
C LYS G 63 33.39 -40.57 15.16
N PHE G 64 32.32 -40.90 14.44
CA PHE G 64 32.21 -42.17 13.74
C PHE G 64 31.53 -42.03 12.38
N GLN G 65 31.21 -40.81 11.94
CA GLN G 65 30.49 -40.64 10.69
C GLN G 65 31.43 -40.81 9.50
N GLY G 66 31.01 -41.62 8.52
CA GLY G 66 31.74 -41.79 7.29
C GLY G 66 32.63 -43.01 7.22
N ARG G 67 32.87 -43.69 8.34
CA ARG G 67 33.73 -44.87 8.33
C ARG G 67 33.03 -46.16 8.76
N VAL G 68 31.83 -46.08 9.33
CA VAL G 68 31.09 -47.27 9.76
C VAL G 68 29.74 -47.27 9.04
N THR G 69 29.36 -48.42 8.50
CA THR G 69 28.09 -48.60 7.82
C THR G 69 27.36 -49.80 8.40
N MET G 70 26.05 -49.66 8.59
CA MET G 70 25.21 -50.71 9.15
C MET G 70 24.09 -51.03 8.18
N THR G 71 23.86 -52.32 7.96
CA THR G 71 22.85 -52.77 7.00
C THR G 71 22.10 -53.97 7.55
N ARG G 72 20.78 -53.87 7.58
CA ARG G 72 19.95 -55.00 8.00
C ARG G 72 19.69 -55.93 6.81
N ASP G 73 19.32 -57.16 7.12
CA ASP G 73 19.00 -58.17 6.11
C ASP G 73 17.81 -58.91 6.70
N THR G 74 16.61 -58.58 6.22
CA THR G 74 15.38 -59.15 6.75
C THR G 74 15.06 -60.53 6.18
N SER G 75 15.76 -60.96 5.12
CA SER G 75 15.50 -62.27 4.55
C SER G 75 16.05 -63.38 5.45
N ILE G 76 17.26 -63.21 5.98
CA ILE G 76 17.88 -64.19 6.85
C ILE G 76 18.04 -63.66 8.27
N SER G 77 17.41 -62.52 8.58
CA SER G 77 17.31 -61.94 9.93
C SER G 77 18.68 -61.64 10.54
N THR G 78 19.51 -60.90 9.81
CA THR G 78 20.84 -60.55 10.28
C THR G 78 21.06 -59.05 10.21
N ALA G 79 22.15 -58.61 10.83
CA ALA G 79 22.59 -57.22 10.79
C ALA G 79 24.10 -57.19 10.58
N TYR G 80 24.55 -56.41 9.61
CA TYR G 80 25.96 -56.33 9.24
C TYR G 80 26.53 -54.96 9.58
N MET G 81 27.72 -54.97 10.17
CA MET G 81 28.55 -53.78 10.35
C MET G 81 29.78 -53.89 9.48
N GLU G 82 30.01 -52.88 8.64
CA GLU G 82 31.22 -52.78 7.84
C GLU G 82 31.96 -51.53 8.32
N LEU G 83 33.12 -51.74 8.93
CA LEU G 83 33.95 -50.66 9.45
C LEU G 83 35.28 -50.67 8.70
N SER G 84 35.61 -49.54 8.09
CA SER G 84 36.84 -49.40 7.32
C SER G 84 37.80 -48.44 8.02
N ARG G 85 39.05 -48.45 7.55
CA ARG G 85 40.15 -47.62 8.03
C ARG G 85 40.39 -47.81 9.53
N LEU G 86 40.74 -49.05 9.89
CA LEU G 86 41.01 -49.38 11.28
C LEU G 86 42.33 -48.76 11.73
N ARG G 87 42.44 -48.58 13.04
CA ARG G 87 43.62 -48.01 13.67
C ARG G 87 44.20 -49.02 14.66
N SER G 88 45.21 -48.58 15.40
CA SER G 88 45.87 -49.48 16.35
C SER G 88 45.02 -49.73 17.59
N ASP G 89 44.19 -48.77 17.98
CA ASP G 89 43.34 -48.90 19.15
C ASP G 89 42.00 -49.56 18.86
N ASP G 90 41.78 -50.02 17.63
CA ASP G 90 40.52 -50.65 17.27
C ASP G 90 40.43 -52.11 17.73
N THR G 91 41.50 -52.66 18.30
CA THR G 91 41.45 -54.00 18.89
C THR G 91 40.47 -54.04 20.07
N ALA G 92 39.38 -54.77 19.90
CA ALA G 92 38.26 -54.70 20.84
C ALA G 92 37.37 -55.92 20.63
N VAL G 93 36.23 -55.92 21.32
CA VAL G 93 35.18 -56.90 21.16
C VAL G 93 33.86 -56.15 20.93
N TYR G 94 33.07 -56.64 19.97
CA TYR G 94 31.85 -55.95 19.55
C TYR G 94 30.63 -56.73 20.02
N TYR G 95 29.64 -56.02 20.57
CA TYR G 95 28.41 -56.62 21.05
C TYR G 95 27.21 -55.97 20.36
N CYS G 96 26.22 -56.80 20.03
CA CYS G 96 24.94 -56.35 19.52
C CYS G 96 23.87 -56.57 20.57
N ALA G 97 22.99 -55.59 20.74
CA ALA G 97 21.97 -55.63 21.77
C ALA G 97 20.63 -55.21 21.21
N ARG G 98 19.56 -55.63 21.88
CA ARG G 98 18.19 -55.30 21.49
C ARG G 98 17.71 -54.09 22.29
N GLY G 99 17.30 -53.04 21.59
CA GLY G 99 16.88 -51.81 22.24
C GLY G 99 15.43 -51.81 22.67
N GLY G 100 14.74 -50.71 22.42
CA GLY G 100 13.35 -50.57 22.81
C GLY G 100 12.41 -51.22 21.81
N TRP G 101 11.13 -50.85 21.92
CA TRP G 101 10.09 -51.36 21.04
C TRP G 101 9.73 -50.29 20.03
N ILE G 102 9.63 -50.70 18.76
CA ILE G 102 9.20 -49.79 17.70
C ILE G 102 7.69 -49.67 17.77
N SER G 103 7.20 -48.44 17.97
CA SER G 103 5.78 -48.22 18.20
C SER G 103 5.08 -47.45 17.11
N LEU G 104 5.81 -46.81 16.19
CA LEU G 104 5.32 -45.98 15.08
C LEU G 104 4.55 -44.74 15.59
N TYR G 105 4.73 -44.37 16.86
CA TYR G 105 4.03 -43.22 17.43
C TYR G 105 4.93 -42.29 18.24
N TYR G 106 6.06 -42.76 18.77
CA TYR G 106 6.97 -41.91 19.50
C TYR G 106 8.39 -42.38 19.27
N ASP G 107 9.33 -41.45 19.31
CA ASP G 107 10.74 -41.75 19.07
C ASP G 107 11.30 -42.51 20.27
N SER G 108 11.42 -43.82 20.14
CA SER G 108 11.96 -44.68 21.17
C SER G 108 13.31 -45.26 20.75
N SER G 109 14.12 -44.45 20.08
CA SER G 109 15.43 -44.89 19.61
C SER G 109 16.51 -44.69 20.67
N GLY G 110 16.47 -43.58 21.39
CA GLY G 110 17.47 -43.26 22.38
C GLY G 110 17.26 -43.88 23.74
N TYR G 111 16.29 -44.78 23.88
CA TYR G 111 16.04 -45.43 25.15
C TYR G 111 17.14 -46.45 25.42
N PRO G 112 17.89 -46.35 26.53
CA PRO G 112 18.96 -47.29 26.83
C PRO G 112 18.48 -48.54 27.59
N ASN G 113 17.42 -49.16 27.09
CA ASN G 113 16.86 -50.36 27.70
C ASN G 113 17.34 -51.61 26.94
N PHE G 114 18.64 -51.86 26.99
CA PHE G 114 19.23 -52.98 26.27
C PHE G 114 19.05 -54.24 27.11
N ASP G 115 18.16 -55.13 26.68
CA ASP G 115 17.75 -56.27 27.49
C ASP G 115 18.61 -57.50 27.23
N TYR G 116 18.75 -57.91 25.98
CA TYR G 116 19.49 -59.10 25.60
C TYR G 116 20.74 -58.71 24.81
N TRP G 117 21.88 -59.31 25.17
CA TRP G 117 23.16 -59.00 24.56
C TRP G 117 23.78 -60.26 23.97
N GLY G 118 24.68 -60.06 23.01
CA GLY G 118 25.39 -61.17 22.40
C GLY G 118 26.74 -61.42 23.05
N GLN G 119 27.41 -62.48 22.58
CA GLN G 119 28.71 -62.85 23.13
C GLN G 119 29.84 -61.95 22.63
N GLY G 120 29.66 -61.29 21.49
CA GLY G 120 30.67 -60.37 20.99
C GLY G 120 31.72 -61.03 20.13
N THR G 121 32.27 -60.24 19.21
CA THR G 121 33.34 -60.69 18.32
C THR G 121 34.63 -59.96 18.69
N LEU G 122 35.70 -60.73 18.85
CA LEU G 122 37.00 -60.19 19.22
C LEU G 122 37.80 -59.92 17.95
N VAL G 123 37.97 -58.64 17.61
CA VAL G 123 38.78 -58.23 16.47
C VAL G 123 40.05 -57.59 16.97
N THR G 124 41.17 -57.88 16.31
CA THR G 124 42.46 -57.32 16.72
C THR G 124 43.31 -57.03 15.49
N VAL G 125 44.27 -56.13 15.68
CA VAL G 125 45.19 -55.70 14.63
C VAL G 125 46.61 -55.76 15.18
N SER G 126 47.57 -55.75 14.27
CA SER G 126 48.98 -55.77 14.65
C SER G 126 49.83 -54.96 13.68
N GLN H 1 -18.34 -10.04 -73.96
CA GLN H 1 -18.61 -11.02 -72.92
C GLN H 1 -17.31 -11.56 -72.33
N VAL H 2 -17.22 -11.56 -71.00
CA VAL H 2 -16.02 -12.04 -70.34
C VAL H 2 -15.94 -13.56 -70.42
N GLN H 3 -14.73 -14.09 -70.26
CA GLN H 3 -14.53 -15.52 -70.38
C GLN H 3 -13.42 -16.00 -69.44
N LEU H 4 -13.64 -17.19 -68.89
CA LEU H 4 -12.64 -17.91 -68.09
C LEU H 4 -12.20 -19.13 -68.89
N VAL H 5 -10.90 -19.24 -69.12
CA VAL H 5 -10.36 -20.32 -69.94
C VAL H 5 -9.30 -21.07 -69.13
N GLN H 6 -9.27 -22.40 -69.29
CA GLN H 6 -8.32 -23.26 -68.60
C GLN H 6 -7.46 -24.01 -69.61
N SER H 7 -6.61 -24.89 -69.10
CA SER H 7 -5.71 -25.67 -69.94
C SER H 7 -6.40 -26.97 -70.36
N GLY H 8 -5.64 -27.89 -70.95
CA GLY H 8 -6.17 -29.15 -71.41
C GLY H 8 -6.11 -30.24 -70.36
N ALA H 9 -6.46 -31.46 -70.79
CA ALA H 9 -6.42 -32.61 -69.91
C ALA H 9 -4.99 -33.04 -69.64
N GLU H 10 -4.77 -33.59 -68.45
CA GLU H 10 -3.43 -33.99 -68.02
C GLU H 10 -3.46 -35.39 -67.41
N VAL H 11 -2.42 -36.16 -67.73
CA VAL H 11 -2.18 -37.46 -67.11
C VAL H 11 -0.97 -37.32 -66.19
N LYS H 12 -1.02 -38.00 -65.05
CA LYS H 12 0.03 -37.88 -64.04
C LYS H 12 0.26 -39.22 -63.37
N LYS H 13 1.35 -39.30 -62.61
CA LYS H 13 1.72 -40.43 -61.80
C LYS H 13 1.65 -40.02 -60.32
N PRO H 14 1.41 -40.97 -59.41
CA PRO H 14 1.38 -40.63 -57.97
C PRO H 14 2.74 -40.17 -57.47
N GLY H 15 2.71 -39.29 -56.48
CA GLY H 15 3.93 -38.71 -55.95
C GLY H 15 4.55 -37.64 -56.83
N ALA H 16 3.73 -36.76 -57.41
CA ALA H 16 4.21 -35.72 -58.31
C ALA H 16 3.42 -34.45 -58.03
N SER H 17 3.52 -33.48 -58.95
CA SER H 17 2.81 -32.22 -58.84
C SER H 17 2.16 -31.92 -60.19
N VAL H 18 1.01 -31.24 -60.14
CA VAL H 18 0.23 -30.94 -61.33
C VAL H 18 -0.19 -29.46 -61.29
N LYS H 19 -0.15 -28.83 -62.48
CA LYS H 19 -0.52 -27.44 -62.69
C LYS H 19 -1.95 -27.34 -63.21
N VAL H 20 -2.73 -26.43 -62.63
CA VAL H 20 -3.95 -25.98 -63.31
C VAL H 20 -3.92 -24.46 -63.34
N SER H 21 -4.44 -23.88 -64.43
CA SER H 21 -4.39 -22.45 -64.62
C SER H 21 -5.72 -21.94 -65.17
N CYS H 22 -6.20 -20.83 -64.61
CA CYS H 22 -7.43 -20.19 -65.06
C CYS H 22 -7.12 -18.76 -65.46
N LYS H 23 -7.49 -18.40 -66.69
CA LYS H 23 -7.23 -17.07 -67.24
C LYS H 23 -8.55 -16.35 -67.48
N ALA H 24 -8.65 -15.12 -66.97
CA ALA H 24 -9.85 -14.30 -67.11
C ALA H 24 -9.61 -13.25 -68.18
N SER H 25 -10.60 -13.05 -69.05
CA SER H 25 -10.48 -12.07 -70.11
C SER H 25 -11.78 -11.27 -70.23
N GLY H 26 -11.63 -9.96 -70.40
CA GLY H 26 -12.76 -9.08 -70.67
C GLY H 26 -13.12 -8.10 -69.57
N TYR H 27 -12.51 -8.18 -68.39
CA TYR H 27 -12.89 -7.33 -67.28
C TYR H 27 -11.70 -7.16 -66.34
N THR H 28 -11.89 -6.32 -65.32
CA THR H 28 -10.89 -6.09 -64.30
C THR H 28 -10.84 -7.31 -63.39
N PHE H 29 -9.85 -8.18 -63.63
CA PHE H 29 -9.75 -9.46 -62.93
C PHE H 29 -9.48 -9.29 -61.45
N THR H 30 -8.81 -8.20 -61.07
CA THR H 30 -8.41 -7.94 -59.69
C THR H 30 -9.49 -7.22 -58.89
N GLY H 31 -10.73 -7.28 -59.33
CA GLY H 31 -11.83 -6.68 -58.58
C GLY H 31 -12.81 -7.72 -58.09
N TYR H 32 -12.51 -8.99 -58.31
CA TYR H 32 -13.37 -10.08 -57.91
C TYR H 32 -12.53 -11.21 -57.35
N TYR H 33 -13.16 -12.06 -56.54
CA TYR H 33 -12.50 -13.22 -55.96
C TYR H 33 -12.36 -14.31 -57.03
N MET H 34 -11.74 -15.42 -56.63
CA MET H 34 -11.59 -16.57 -57.52
C MET H 34 -11.53 -17.83 -56.67
N HIS H 35 -12.61 -18.60 -56.69
CA HIS H 35 -12.66 -19.85 -55.96
C HIS H 35 -12.23 -21.01 -56.86
N TRP H 36 -11.77 -22.08 -56.24
CA TRP H 36 -11.31 -23.27 -56.95
C TRP H 36 -12.08 -24.47 -56.42
N VAL H 37 -12.69 -25.26 -57.32
CA VAL H 37 -13.38 -26.49 -56.94
C VAL H 37 -13.01 -27.58 -57.92
N ARG H 38 -13.50 -28.79 -57.64
CA ARG H 38 -13.21 -29.97 -58.43
C ARG H 38 -14.34 -30.98 -58.26
N GLN H 39 -14.54 -31.81 -59.27
CA GLN H 39 -15.51 -32.89 -59.19
C GLN H 39 -14.97 -34.14 -59.85
N ALA H 40 -15.21 -35.25 -59.22
CA ALA H 40 -14.86 -36.57 -59.71
C ALA H 40 -15.97 -37.08 -60.64
N PRO H 41 -15.62 -37.88 -61.67
CA PRO H 41 -16.65 -38.35 -62.61
C PRO H 41 -17.64 -39.34 -61.98
N GLY H 42 -18.90 -38.91 -61.85
CA GLY H 42 -19.94 -39.73 -61.27
C GLY H 42 -20.27 -39.41 -59.83
N GLN H 43 -19.57 -38.47 -59.21
CA GLN H 43 -19.79 -38.09 -57.82
C GLN H 43 -20.13 -36.60 -57.74
N GLY H 44 -20.25 -36.11 -56.51
CA GLY H 44 -20.64 -34.73 -56.26
C GLY H 44 -19.50 -33.75 -56.36
N LEU H 45 -19.59 -32.68 -55.58
CA LEU H 45 -18.60 -31.62 -55.57
C LEU H 45 -18.23 -31.29 -54.13
N GLU H 46 -16.97 -30.87 -53.93
CA GLU H 46 -16.55 -30.35 -52.65
C GLU H 46 -15.69 -29.11 -52.87
N TRP H 47 -15.71 -28.22 -51.88
CA TRP H 47 -15.20 -26.87 -52.03
C TRP H 47 -13.75 -26.78 -51.53
N MET H 48 -12.92 -26.13 -52.33
CA MET H 48 -11.51 -25.89 -52.03
C MET H 48 -11.29 -24.39 -51.92
N GLY H 49 -10.04 -23.97 -51.82
CA GLY H 49 -9.71 -22.62 -51.44
C GLY H 49 -10.06 -21.54 -52.46
N TRP H 50 -9.93 -20.30 -52.00
CA TRP H 50 -10.18 -19.10 -52.77
C TRP H 50 -8.93 -18.23 -52.76
N ILE H 51 -8.65 -17.59 -53.90
CA ILE H 51 -7.50 -16.71 -54.05
C ILE H 51 -7.96 -15.28 -54.27
N ASN H 52 -7.34 -14.34 -53.58
CA ASN H 52 -7.57 -12.93 -53.80
C ASN H 52 -6.57 -12.42 -54.81
N PRO H 53 -7.00 -11.94 -55.98
CA PRO H 53 -6.03 -11.49 -57.00
C PRO H 53 -5.35 -10.17 -56.67
N ASN H 54 -5.85 -9.40 -55.69
CA ASN H 54 -5.19 -8.15 -55.35
C ASN H 54 -4.02 -8.41 -54.40
N SER H 55 -4.30 -8.97 -53.24
CA SER H 55 -3.29 -9.32 -52.26
C SER H 55 -2.78 -10.73 -52.54
N GLY H 56 -2.10 -11.35 -51.59
CA GLY H 56 -1.68 -12.73 -51.76
C GLY H 56 -2.31 -13.66 -50.74
N ARG H 57 -3.51 -13.31 -50.28
CA ARG H 57 -4.16 -14.07 -49.23
C ARG H 57 -4.66 -15.42 -49.74
N THR H 58 -4.44 -16.46 -48.94
CA THR H 58 -4.90 -17.81 -49.23
C THR H 58 -5.61 -18.37 -48.01
N ASN H 59 -6.63 -19.20 -48.26
CA ASN H 59 -7.33 -19.89 -47.19
C ASN H 59 -7.94 -21.16 -47.77
N TYR H 60 -7.37 -22.31 -47.40
CA TYR H 60 -7.81 -23.59 -47.91
C TYR H 60 -8.78 -24.25 -46.93
N ALA H 61 -9.45 -25.28 -47.41
CA ALA H 61 -10.40 -26.04 -46.61
C ALA H 61 -9.68 -27.16 -45.87
N GLN H 62 -10.46 -28.06 -45.27
CA GLN H 62 -9.90 -29.20 -44.55
C GLN H 62 -9.28 -30.19 -45.54
N LYS H 63 -8.40 -31.05 -45.00
CA LYS H 63 -7.63 -32.11 -45.70
C LYS H 63 -6.94 -31.62 -46.98
N PHE H 64 -6.56 -30.34 -47.00
CA PHE H 64 -5.81 -29.79 -48.12
C PHE H 64 -4.68 -28.86 -47.71
N GLN H 65 -4.61 -28.42 -46.45
CA GLN H 65 -3.58 -27.49 -46.00
C GLN H 65 -2.24 -28.21 -45.94
N GLY H 66 -1.40 -28.00 -46.94
CA GLY H 66 -0.10 -28.62 -46.96
C GLY H 66 0.36 -29.11 -48.32
N ARG H 67 -0.58 -29.41 -49.21
CA ARG H 67 -0.22 -29.93 -50.52
C ARG H 67 -0.90 -29.19 -51.67
N VAL H 68 -1.42 -27.99 -51.42
CA VAL H 68 -1.94 -27.13 -52.48
C VAL H 68 -1.26 -25.77 -52.35
N THR H 69 -1.14 -25.08 -53.49
CA THR H 69 -0.54 -23.75 -53.50
C THR H 69 -1.24 -22.94 -54.57
N MET H 70 -1.59 -21.69 -54.25
CA MET H 70 -2.38 -20.86 -55.14
C MET H 70 -1.58 -19.60 -55.43
N THR H 71 -1.47 -19.22 -56.71
CA THR H 71 -0.61 -18.12 -57.11
C THR H 71 -1.33 -17.26 -58.14
N ARG H 72 -1.18 -15.95 -58.04
CA ARG H 72 -1.74 -15.02 -59.00
C ARG H 72 -0.69 -14.57 -60.01
N ASP H 73 -1.16 -14.00 -61.11
CA ASP H 73 -0.27 -13.37 -62.09
C ASP H 73 -1.01 -12.19 -62.69
N THR H 74 -0.57 -10.98 -62.31
CA THR H 74 -1.23 -9.74 -62.72
C THR H 74 -0.92 -9.38 -64.16
N SER H 75 0.30 -9.68 -64.63
CA SER H 75 0.73 -9.24 -65.96
C SER H 75 -0.01 -9.98 -67.07
N ILE H 76 -0.11 -11.30 -66.96
CA ILE H 76 -0.75 -12.12 -67.99
C ILE H 76 -2.17 -12.50 -67.57
N SER H 77 -2.60 -12.06 -66.38
CA SER H 77 -3.96 -12.20 -65.84
C SER H 77 -4.36 -13.67 -65.70
N THR H 78 -3.57 -14.41 -64.93
CA THR H 78 -3.79 -15.84 -64.81
C THR H 78 -3.56 -16.30 -63.38
N ALA H 79 -4.44 -17.17 -62.89
CA ALA H 79 -4.30 -17.79 -61.58
C ALA H 79 -3.80 -19.22 -61.76
N TYR H 80 -2.62 -19.50 -61.21
CA TYR H 80 -2.02 -20.83 -61.22
C TYR H 80 -2.29 -21.55 -59.91
N MET H 81 -2.30 -22.88 -59.97
CA MET H 81 -2.48 -23.70 -58.79
C MET H 81 -1.60 -24.94 -58.89
N GLU H 82 -0.69 -25.06 -57.92
CA GLU H 82 0.09 -26.25 -57.63
C GLU H 82 -0.78 -27.23 -56.86
N LEU H 83 -0.81 -28.48 -57.30
CA LEU H 83 -1.34 -29.56 -56.49
C LEU H 83 -0.27 -30.64 -56.41
N SER H 84 0.25 -30.88 -55.20
CA SER H 84 1.34 -31.81 -54.99
C SER H 84 0.87 -33.05 -54.23
N ARG H 85 1.68 -34.10 -54.32
CA ARG H 85 1.47 -35.40 -53.67
C ARG H 85 0.13 -36.01 -54.08
N LEU H 86 0.02 -36.31 -55.38
CA LEU H 86 -1.21 -36.86 -55.92
C LEU H 86 -1.41 -38.30 -55.49
N ARG H 87 -2.66 -38.66 -55.24
CA ARG H 87 -3.04 -40.02 -54.84
C ARG H 87 -3.97 -40.60 -55.90
N SER H 88 -4.53 -41.77 -55.60
CA SER H 88 -5.40 -42.46 -56.55
C SER H 88 -6.78 -41.84 -56.66
N ASP H 89 -7.19 -41.04 -55.67
CA ASP H 89 -8.52 -40.44 -55.64
C ASP H 89 -8.56 -39.04 -56.27
N ASP H 90 -7.47 -38.60 -56.89
CA ASP H 90 -7.40 -37.27 -57.47
C ASP H 90 -7.79 -37.23 -58.95
N THR H 91 -8.27 -38.35 -59.49
CA THR H 91 -8.78 -38.38 -60.87
C THR H 91 -10.08 -37.59 -60.91
N ALA H 92 -10.03 -36.39 -61.46
CA ALA H 92 -11.17 -35.48 -61.40
C ALA H 92 -11.06 -34.44 -62.50
N VAL H 93 -11.96 -33.46 -62.47
CA VAL H 93 -11.91 -32.30 -63.35
C VAL H 93 -12.04 -31.05 -62.48
N TYR H 94 -11.22 -30.05 -62.78
CA TYR H 94 -11.06 -28.85 -61.96
C TYR H 94 -11.74 -27.66 -62.60
N TYR H 95 -12.39 -26.84 -61.76
CA TYR H 95 -13.21 -25.71 -62.16
C TYR H 95 -12.78 -24.46 -61.39
N CYS H 96 -12.62 -23.35 -62.10
CA CYS H 96 -12.38 -22.04 -61.49
C CYS H 96 -13.68 -21.25 -61.51
N ALA H 97 -14.05 -20.67 -60.37
CA ALA H 97 -15.32 -20.00 -60.21
C ALA H 97 -15.11 -18.54 -59.83
N ARG H 98 -16.01 -17.69 -60.34
CA ARG H 98 -15.97 -16.26 -60.06
C ARG H 98 -16.60 -15.98 -58.71
N GLY H 99 -15.85 -15.35 -57.81
CA GLY H 99 -16.32 -15.06 -56.48
C GLY H 99 -17.11 -13.78 -56.39
N GLY H 100 -17.17 -13.22 -55.18
CA GLY H 100 -17.86 -11.99 -54.93
C GLY H 100 -17.02 -10.77 -55.29
N TRP H 101 -17.50 -9.61 -54.86
CA TRP H 101 -16.85 -8.34 -55.15
C TRP H 101 -16.04 -7.92 -53.93
N ILE H 102 -14.73 -7.70 -54.13
CA ILE H 102 -13.91 -7.18 -53.03
C ILE H 102 -14.19 -5.70 -52.86
N SER H 103 -14.46 -5.28 -51.63
CA SER H 103 -14.94 -3.95 -51.37
C SER H 103 -14.11 -3.13 -50.40
N LEU H 104 -13.08 -3.72 -49.77
CA LEU H 104 -12.16 -3.11 -48.82
C LEU H 104 -12.86 -2.62 -47.54
N TYR H 105 -14.12 -3.02 -47.31
CA TYR H 105 -14.84 -2.59 -46.12
C TYR H 105 -15.58 -3.70 -45.38
N TYR H 106 -15.94 -4.80 -46.03
CA TYR H 106 -16.56 -5.92 -45.33
C TYR H 106 -16.03 -7.22 -45.92
N ASP H 107 -16.02 -8.26 -45.10
CA ASP H 107 -15.50 -9.57 -45.50
C ASP H 107 -16.53 -10.26 -46.37
N SER H 108 -16.21 -10.43 -47.66
CA SER H 108 -17.06 -11.13 -48.60
C SER H 108 -16.36 -12.36 -49.17
N SER H 109 -15.52 -12.99 -48.35
CA SER H 109 -14.74 -14.13 -48.82
C SER H 109 -15.60 -15.38 -48.98
N GLY H 110 -16.48 -15.64 -48.02
CA GLY H 110 -17.23 -16.88 -48.03
C GLY H 110 -18.58 -16.78 -48.72
N TYR H 111 -18.79 -15.77 -49.53
CA TYR H 111 -20.06 -15.63 -50.25
C TYR H 111 -20.08 -16.60 -51.41
N PRO H 112 -20.98 -17.59 -51.42
CA PRO H 112 -20.97 -18.60 -52.49
C PRO H 112 -21.85 -18.21 -53.68
N ASN H 113 -21.38 -17.24 -54.45
CA ASN H 113 -22.07 -16.75 -55.63
C ASN H 113 -21.13 -16.93 -56.82
N PHE H 114 -21.16 -18.12 -57.41
CA PHE H 114 -20.26 -18.47 -58.53
C PHE H 114 -21.00 -18.20 -59.82
N ASP H 115 -20.86 -16.97 -60.33
CA ASP H 115 -21.59 -16.56 -61.52
C ASP H 115 -21.02 -17.19 -62.79
N TYR H 116 -19.72 -17.04 -63.01
CA TYR H 116 -19.07 -17.50 -64.22
C TYR H 116 -18.02 -18.55 -63.89
N TRP H 117 -17.96 -19.59 -64.71
CA TRP H 117 -17.10 -20.74 -64.49
C TRP H 117 -16.19 -20.94 -65.70
N GLY H 118 -15.47 -22.06 -65.69
CA GLY H 118 -14.64 -22.47 -66.80
C GLY H 118 -14.97 -23.88 -67.24
N GLN H 119 -14.35 -24.29 -68.35
CA GLN H 119 -14.58 -25.63 -68.86
C GLN H 119 -13.89 -26.71 -68.03
N GLY H 120 -12.85 -26.36 -67.27
CA GLY H 120 -12.20 -27.27 -66.37
C GLY H 120 -11.10 -28.09 -67.03
N THR H 121 -10.25 -28.66 -66.17
CA THR H 121 -9.13 -29.48 -66.60
C THR H 121 -9.30 -30.89 -66.05
N LEU H 122 -9.23 -31.89 -66.92
CA LEU H 122 -9.41 -33.28 -66.53
C LEU H 122 -8.05 -33.88 -66.20
N VAL H 123 -7.79 -34.10 -64.91
CA VAL H 123 -6.54 -34.68 -64.45
C VAL H 123 -6.80 -36.13 -64.06
N THR H 124 -5.97 -37.04 -64.58
CA THR H 124 -6.10 -38.47 -64.33
C THR H 124 -4.77 -39.02 -63.82
N VAL H 125 -4.86 -40.10 -63.05
CA VAL H 125 -3.68 -40.82 -62.56
C VAL H 125 -3.89 -42.30 -62.77
N SER H 126 -2.78 -43.04 -62.75
CA SER H 126 -2.83 -44.49 -62.92
C SER H 126 -1.76 -45.18 -62.08
N GLN I 1 68.57 31.83 -0.51
CA GLN I 1 67.86 31.92 -1.77
C GLN I 1 67.80 30.55 -2.47
N VAL I 2 66.62 30.19 -2.94
CA VAL I 2 66.43 28.90 -3.60
C VAL I 2 66.60 29.10 -5.11
N GLN I 3 66.87 28.00 -5.81
CA GLN I 3 67.19 28.05 -7.23
C GLN I 3 66.30 27.09 -8.01
N LEU I 4 66.00 27.49 -9.25
CA LEU I 4 65.24 26.70 -10.20
C LEU I 4 66.07 26.57 -11.47
N VAL I 5 66.36 25.33 -11.87
CA VAL I 5 67.15 25.06 -13.07
C VAL I 5 66.37 24.12 -13.98
N GLN I 6 66.78 24.10 -15.24
CA GLN I 6 66.10 23.31 -16.26
C GLN I 6 67.14 22.68 -17.17
N SER I 7 66.67 22.09 -18.27
CA SER I 7 67.55 21.44 -19.23
C SER I 7 67.92 22.40 -20.36
N GLY I 8 68.78 21.93 -21.27
CA GLY I 8 69.24 22.76 -22.36
C GLY I 8 68.23 22.87 -23.49
N ALA I 9 68.59 23.71 -24.47
CA ALA I 9 67.75 23.92 -25.63
C ALA I 9 67.77 22.68 -26.54
N GLU I 10 66.60 22.36 -27.10
CA GLU I 10 66.43 21.19 -27.95
C GLU I 10 65.89 21.58 -29.31
N VAL I 11 66.46 21.01 -30.36
CA VAL I 11 65.93 21.10 -31.71
C VAL I 11 65.66 19.68 -32.21
N LYS I 12 64.40 19.44 -32.59
CA LYS I 12 63.94 18.11 -32.98
C LYS I 12 63.27 18.14 -34.34
N LYS I 13 62.61 17.04 -34.69
CA LYS I 13 61.82 16.89 -35.89
C LYS I 13 60.37 16.60 -35.50
N PRO I 14 59.40 16.97 -36.34
CA PRO I 14 57.99 16.67 -36.02
C PRO I 14 57.72 15.17 -36.01
N GLY I 15 56.80 14.77 -35.14
CA GLY I 15 56.49 13.37 -34.97
C GLY I 15 57.41 12.68 -33.99
N ALA I 16 57.76 13.37 -32.91
CA ALA I 16 58.66 12.84 -31.90
C ALA I 16 58.15 13.27 -30.53
N SER I 17 58.96 13.04 -29.50
CA SER I 17 58.62 13.39 -28.13
C SER I 17 59.78 14.13 -27.48
N VAL I 18 59.44 15.05 -26.58
CA VAL I 18 60.41 15.86 -25.87
C VAL I 18 60.16 15.73 -24.37
N LYS I 19 61.25 15.75 -23.60
CA LYS I 19 61.21 15.64 -22.15
C LYS I 19 61.98 16.80 -21.53
N VAL I 20 61.34 17.49 -20.60
CA VAL I 20 61.90 18.66 -19.93
C VAL I 20 61.87 18.43 -18.42
N SER I 21 63.02 18.62 -17.78
CA SER I 21 63.18 18.39 -16.35
C SER I 21 63.41 19.73 -15.66
N CYS I 22 62.58 20.02 -14.66
CA CYS I 22 62.70 21.23 -13.84
C CYS I 22 63.11 20.81 -12.43
N LYS I 23 64.25 21.33 -11.97
CA LYS I 23 64.81 20.97 -10.68
C LYS I 23 64.79 22.19 -9.75
N ALA I 24 64.26 21.99 -8.56
CA ALA I 24 64.20 23.02 -7.52
C ALA I 24 65.11 22.63 -6.37
N SER I 25 65.97 23.55 -5.95
CA SER I 25 66.90 23.28 -4.87
C SER I 25 66.88 24.42 -3.87
N GLY I 26 67.07 24.09 -2.59
CA GLY I 26 67.12 25.06 -1.52
C GLY I 26 65.91 25.05 -0.61
N TYR I 27 64.80 24.45 -1.02
CA TYR I 27 63.60 24.40 -0.21
C TYR I 27 62.89 23.08 -0.46
N THR I 28 62.04 22.68 0.48
CA THR I 28 61.28 21.45 0.30
C THR I 28 60.14 21.70 -0.70
N PHE I 29 60.18 20.97 -1.81
CA PHE I 29 59.26 21.21 -2.91
C PHE I 29 57.98 20.41 -2.79
N THR I 30 57.88 19.54 -1.78
CA THR I 30 56.68 18.71 -1.62
C THR I 30 55.47 19.56 -1.23
N GLY I 31 55.68 20.60 -0.43
CA GLY I 31 54.60 21.43 0.03
C GLY I 31 54.14 22.53 -0.89
N TYR I 32 54.67 22.63 -2.10
CA TYR I 32 54.28 23.67 -3.03
C TYR I 32 53.89 23.07 -4.37
N TYR I 33 52.96 23.75 -5.05
CA TYR I 33 52.52 23.34 -6.37
C TYR I 33 53.58 23.70 -7.41
N MET I 34 53.43 23.14 -8.61
CA MET I 34 54.34 23.42 -9.71
C MET I 34 53.53 23.54 -11.00
N HIS I 35 53.66 24.68 -11.68
CA HIS I 35 52.93 24.97 -12.90
C HIS I 35 53.88 25.07 -14.09
N TRP I 36 53.31 24.87 -15.27
CA TRP I 36 54.04 24.84 -16.53
C TRP I 36 53.36 25.74 -17.54
N VAL I 37 54.11 26.69 -18.10
CA VAL I 37 53.59 27.60 -19.11
C VAL I 37 54.56 27.63 -20.27
N ARG I 38 54.05 28.07 -21.44
CA ARG I 38 54.86 28.16 -22.64
C ARG I 38 54.82 29.60 -23.14
N GLN I 39 55.94 30.09 -23.66
CA GLN I 39 55.97 31.37 -24.35
C GLN I 39 56.47 31.16 -25.77
N ALA I 40 55.63 31.47 -26.74
CA ALA I 40 56.06 31.46 -28.12
C ALA I 40 56.80 32.77 -28.44
N PRO I 41 57.86 32.71 -29.26
CA PRO I 41 58.62 33.93 -29.57
C PRO I 41 57.85 34.91 -30.44
N GLY I 42 57.48 36.04 -29.85
CA GLY I 42 56.67 37.05 -30.52
C GLY I 42 55.20 37.01 -30.18
N GLN I 43 54.73 35.96 -29.51
CA GLN I 43 53.33 35.82 -29.14
C GLN I 43 53.18 35.86 -27.62
N GLY I 44 51.96 35.68 -27.14
CA GLY I 44 51.66 35.71 -25.73
C GLY I 44 51.88 34.38 -25.06
N LEU I 45 51.50 34.34 -23.78
CA LEU I 45 51.63 33.14 -22.96
C LEU I 45 50.33 32.35 -22.95
N GLU I 46 50.44 31.09 -22.51
CA GLU I 46 49.28 30.27 -22.22
C GLU I 46 49.68 29.26 -21.16
N TRP I 47 48.67 28.67 -20.52
CA TRP I 47 48.81 27.95 -19.27
C TRP I 47 48.47 26.47 -19.49
N MET I 48 49.38 25.59 -19.08
CA MET I 48 49.14 24.15 -19.06
C MET I 48 48.86 23.69 -17.64
N GLY I 49 48.73 22.38 -17.48
CA GLY I 49 48.33 21.81 -16.21
C GLY I 49 49.39 21.92 -15.12
N TRP I 50 48.93 21.61 -13.91
CA TRP I 50 49.74 21.69 -12.71
C TRP I 50 49.96 20.30 -12.14
N ILE I 51 51.12 20.11 -11.51
CA ILE I 51 51.49 18.84 -10.90
C ILE I 51 51.56 19.03 -9.39
N ASN I 52 51.00 18.08 -8.67
CA ASN I 52 51.04 18.10 -7.22
C ASN I 52 52.09 17.09 -6.79
N PRO I 53 53.26 17.51 -6.30
CA PRO I 53 54.35 16.57 -6.00
C PRO I 53 54.14 15.76 -4.73
N ASN I 54 53.02 15.90 -4.04
CA ASN I 54 52.74 15.13 -2.84
C ASN I 54 51.66 14.06 -3.02
N SER I 55 50.69 14.28 -3.90
CA SER I 55 49.56 13.37 -4.07
C SER I 55 49.56 12.62 -5.38
N GLY I 56 49.75 13.31 -6.52
CA GLY I 56 49.73 12.67 -7.81
C GLY I 56 48.72 13.17 -8.79
N ARG I 57 47.84 14.11 -8.38
CA ARG I 57 46.76 14.53 -9.25
C ARG I 57 47.25 15.47 -10.33
N THR I 58 46.79 15.22 -11.56
CA THR I 58 47.10 16.05 -12.72
C THR I 58 45.79 16.56 -13.30
N ASN I 59 45.76 17.84 -13.67
CA ASN I 59 44.59 18.43 -14.30
C ASN I 59 45.09 19.40 -15.38
N TYR I 60 45.13 18.91 -16.61
CA TYR I 60 45.62 19.71 -17.71
C TYR I 60 44.54 20.67 -18.18
N ALA I 61 44.94 21.62 -19.03
CA ALA I 61 43.96 22.53 -19.60
C ALA I 61 43.26 21.84 -20.77
N GLN I 62 42.37 22.57 -21.44
CA GLN I 62 41.72 22.06 -22.63
C GLN I 62 42.72 22.07 -23.80
N LYS I 63 42.33 21.39 -24.89
CA LYS I 63 43.11 21.10 -26.12
C LYS I 63 44.51 20.54 -25.83
N PHE I 64 44.68 19.89 -24.68
CA PHE I 64 45.95 19.27 -24.34
C PHE I 64 45.78 17.92 -23.65
N GLN I 65 44.57 17.48 -23.37
CA GLN I 65 44.37 16.26 -22.60
C GLN I 65 44.72 15.03 -23.42
N GLY I 66 45.36 14.06 -22.77
CA GLY I 66 45.75 12.84 -23.43
C GLY I 66 46.94 12.97 -24.36
N ARG I 67 47.71 14.05 -24.24
CA ARG I 67 48.86 14.29 -25.10
C ARG I 67 50.13 14.67 -24.35
N VAL I 68 50.03 15.20 -23.14
CA VAL I 68 51.18 15.60 -22.34
C VAL I 68 51.11 14.88 -21.00
N THR I 69 52.27 14.45 -20.51
CA THR I 69 52.36 13.65 -19.30
C THR I 69 53.35 14.28 -18.33
N MET I 70 52.91 14.49 -17.09
CA MET I 70 53.74 15.06 -16.05
C MET I 70 54.01 14.05 -14.95
N THR I 71 55.26 13.99 -14.49
CA THR I 71 55.71 12.98 -13.56
C THR I 71 56.63 13.65 -12.54
N ARG I 72 56.64 13.14 -11.31
CA ARG I 72 57.55 13.63 -10.29
C ARG I 72 58.76 12.72 -10.15
N ASP I 73 59.77 13.21 -9.46
CA ASP I 73 60.84 12.36 -8.95
C ASP I 73 61.34 13.04 -7.68
N THR I 74 60.83 12.58 -6.53
CA THR I 74 61.12 13.22 -5.25
C THR I 74 62.48 12.84 -4.70
N SER I 75 63.11 11.78 -5.21
CA SER I 75 64.44 11.40 -4.74
C SER I 75 65.49 12.39 -5.25
N ILE I 76 65.40 12.78 -6.52
CA ILE I 76 66.28 13.78 -7.10
C ILE I 76 65.67 15.17 -7.04
N SER I 77 64.39 15.26 -6.65
CA SER I 77 63.59 16.49 -6.55
C SER I 77 63.53 17.21 -7.89
N THR I 78 62.90 16.55 -8.87
CA THR I 78 62.82 17.09 -10.22
C THR I 78 61.49 16.68 -10.83
N ALA I 79 60.82 17.63 -11.49
CA ALA I 79 59.58 17.39 -12.18
C ALA I 79 59.85 17.16 -13.66
N TYR I 80 59.33 16.06 -14.20
CA TYR I 80 59.49 15.68 -15.60
C TYR I 80 58.23 16.01 -16.38
N MET I 81 58.42 16.54 -17.59
CA MET I 81 57.35 16.82 -18.54
C MET I 81 57.67 16.09 -19.85
N GLU I 82 56.68 15.36 -20.38
CA GLU I 82 56.83 14.66 -21.65
C GLU I 82 55.72 15.09 -22.58
N LEU I 83 56.10 15.57 -23.77
CA LEU I 83 55.14 15.98 -24.78
C LEU I 83 55.43 15.24 -26.08
N SER I 84 54.41 14.65 -26.68
CA SER I 84 54.55 13.88 -27.91
C SER I 84 53.83 14.59 -29.05
N ARG I 85 54.01 14.01 -30.25
CA ARG I 85 53.46 14.45 -31.55
C ARG I 85 53.56 15.97 -31.78
N LEU I 86 54.79 16.47 -31.67
CA LEU I 86 55.04 17.90 -31.86
C LEU I 86 54.84 18.31 -33.31
N ARG I 87 54.28 19.50 -33.50
CA ARG I 87 54.08 20.07 -34.82
C ARG I 87 54.87 21.38 -34.93
N SER I 88 54.65 22.11 -36.01
CA SER I 88 55.42 23.32 -36.29
C SER I 88 55.08 24.49 -35.37
N ASP I 89 53.98 24.42 -34.63
CA ASP I 89 53.56 25.50 -33.75
C ASP I 89 54.12 25.37 -32.33
N ASP I 90 54.94 24.36 -32.05
CA ASP I 90 55.47 24.12 -30.72
C ASP I 90 56.87 24.70 -30.52
N THR I 91 57.39 25.44 -31.49
CA THR I 91 58.69 26.09 -31.34
C THR I 91 58.52 27.25 -30.37
N ALA I 92 58.89 27.02 -29.11
CA ALA I 92 58.64 28.00 -28.06
C ALA I 92 59.68 27.82 -26.97
N VAL I 93 59.47 28.50 -25.83
CA VAL I 93 60.29 28.32 -24.64
C VAL I 93 59.37 27.89 -23.51
N TYR I 94 59.86 26.96 -22.69
CA TYR I 94 59.11 26.35 -21.60
C TYR I 94 59.51 26.99 -20.28
N TYR I 95 58.53 27.18 -19.39
CA TYR I 95 58.79 27.74 -18.06
C TYR I 95 58.07 26.94 -17.00
N CYS I 96 58.80 26.62 -15.93
CA CYS I 96 58.26 25.98 -14.73
C CYS I 96 58.26 26.99 -13.58
N ALA I 97 57.17 27.02 -12.82
CA ALA I 97 56.98 28.02 -11.78
C ALA I 97 56.36 27.37 -10.54
N ARG I 98 56.45 28.11 -9.42
CA ARG I 98 55.94 27.65 -8.14
C ARG I 98 54.58 28.29 -7.88
N GLY I 99 53.56 27.46 -7.68
CA GLY I 99 52.21 27.95 -7.49
C GLY I 99 51.91 28.36 -6.06
N GLY I 100 50.76 27.91 -5.55
CA GLY I 100 50.34 28.25 -4.20
C GLY I 100 50.96 27.36 -3.13
N TRP I 101 50.19 27.07 -2.08
CA TRP I 101 50.65 26.22 -0.99
C TRP I 101 49.59 25.17 -0.72
N ILE I 102 50.00 23.90 -0.66
CA ILE I 102 49.07 22.83 -0.31
C ILE I 102 48.90 22.79 1.20
N SER I 103 47.68 22.55 1.64
CA SER I 103 47.38 22.62 3.06
C SER I 103 46.47 21.50 3.56
N LEU I 104 46.03 20.60 2.69
CA LEU I 104 45.15 19.46 2.98
C LEU I 104 43.78 19.88 3.52
N TYR I 105 43.39 21.14 3.35
CA TYR I 105 42.10 21.62 3.83
C TYR I 105 41.32 22.47 2.84
N TYR I 106 41.97 23.08 1.86
CA TYR I 106 41.26 23.83 0.83
C TYR I 106 42.03 23.73 -0.48
N ASP I 107 41.31 23.94 -1.58
CA ASP I 107 41.91 23.84 -2.90
C ASP I 107 42.71 25.11 -3.16
N SER I 108 43.95 24.94 -3.62
CA SER I 108 44.82 26.06 -3.96
C SER I 108 45.53 25.82 -5.30
N SER I 109 44.89 25.06 -6.19
CA SER I 109 45.50 24.78 -7.49
C SER I 109 45.37 25.97 -8.43
N GLY I 110 44.17 26.51 -8.56
CA GLY I 110 43.93 27.61 -9.47
C GLY I 110 44.20 28.98 -8.87
N TYR I 111 45.36 29.13 -8.23
CA TYR I 111 45.76 30.41 -7.67
C TYR I 111 46.92 30.93 -8.50
N PRO I 112 46.70 31.91 -9.38
CA PRO I 112 47.80 32.39 -10.24
C PRO I 112 48.78 33.27 -9.48
N ASN I 113 49.55 32.68 -8.57
CA ASN I 113 50.58 33.37 -7.82
C ASN I 113 51.89 32.60 -8.03
N PHE I 114 52.56 32.91 -9.14
CA PHE I 114 53.83 32.28 -9.49
C PHE I 114 54.94 33.23 -9.07
N ASP I 115 55.56 32.96 -7.92
CA ASP I 115 56.51 33.90 -7.36
C ASP I 115 57.88 33.75 -8.01
N TYR I 116 58.42 32.54 -8.04
CA TYR I 116 59.77 32.29 -8.53
C TYR I 116 59.67 31.51 -9.84
N TRP I 117 60.49 31.86 -10.82
CA TRP I 117 60.42 31.15 -12.09
C TRP I 117 61.76 30.52 -12.41
N GLY I 118 61.73 29.52 -13.29
CA GLY I 118 62.94 29.01 -13.89
C GLY I 118 63.36 29.86 -15.07
N GLN I 119 64.52 29.53 -15.63
CA GLN I 119 65.02 30.29 -16.78
C GLN I 119 64.34 29.91 -18.08
N GLY I 120 63.66 28.77 -18.14
CA GLY I 120 62.99 28.32 -19.34
C GLY I 120 63.92 27.60 -20.29
N THR I 121 63.38 26.72 -21.13
CA THR I 121 64.18 25.99 -22.10
C THR I 121 63.58 26.17 -23.49
N LEU I 122 64.45 26.38 -24.48
CA LEU I 122 64.03 26.68 -25.85
C LEU I 122 63.93 25.38 -26.64
N VAL I 123 62.72 25.01 -27.02
CA VAL I 123 62.48 23.82 -27.82
C VAL I 123 61.93 24.24 -29.17
N THR I 124 62.42 23.61 -30.23
CA THR I 124 62.00 23.96 -31.57
C THR I 124 62.07 22.73 -32.47
N VAL I 125 61.31 22.78 -33.57
CA VAL I 125 61.26 21.71 -34.56
C VAL I 125 61.59 22.32 -35.92
N SER I 126 61.66 21.44 -36.93
CA SER I 126 61.94 21.87 -38.29
C SER I 126 61.17 21.03 -39.30
N GLN J 1 31.46 -32.83 25.42
CA GLN J 1 30.53 -33.94 25.22
C GLN J 1 31.25 -35.27 25.38
N SER J 2 31.95 -35.43 26.50
CA SER J 2 32.70 -36.65 26.79
C SER J 2 31.81 -37.62 27.57
N ALA J 3 32.43 -38.67 28.13
CA ALA J 3 31.69 -39.67 28.89
C ALA J 3 31.26 -39.10 30.25
N LEU J 4 30.39 -39.86 30.92
CA LEU J 4 29.86 -39.43 32.20
C LEU J 4 30.92 -39.54 33.30
N THR J 5 30.82 -38.64 34.27
CA THR J 5 31.74 -38.65 35.40
C THR J 5 31.39 -39.80 36.35
N GLN J 6 32.42 -40.55 36.75
CA GLN J 6 32.21 -41.73 37.58
C GLN J 6 33.52 -42.03 38.28
N PRO J 7 33.51 -42.42 39.56
CA PRO J 7 34.76 -42.70 40.27
C PRO J 7 35.44 -43.96 39.75
N ALA J 8 36.68 -44.16 40.21
CA ALA J 8 37.50 -45.26 39.71
C ALA J 8 37.06 -46.59 40.30
N SER J 9 37.10 -46.73 41.63
CA SER J 9 36.74 -47.99 42.27
C SER J 9 36.19 -47.71 43.65
N VAL J 10 35.43 -48.69 44.15
CA VAL J 10 34.84 -48.64 45.48
C VAL J 10 35.21 -49.93 46.22
N SER J 11 34.90 -49.95 47.52
CA SER J 11 35.19 -51.11 48.35
C SER J 11 34.19 -51.15 49.49
N GLY J 12 34.06 -52.33 50.10
CA GLY J 12 33.16 -52.50 51.23
C GLY J 12 33.03 -53.93 51.70
N SER J 13 32.84 -54.09 53.02
CA SER J 13 32.63 -55.40 53.62
C SER J 13 31.20 -55.88 53.38
N PRO J 14 30.98 -57.19 53.36
CA PRO J 14 29.60 -57.69 53.23
C PRO J 14 28.78 -57.39 54.48
N GLY J 15 27.48 -57.17 54.25
CA GLY J 15 26.54 -56.92 55.33
C GLY J 15 26.03 -55.50 55.44
N GLN J 16 26.49 -54.58 54.59
CA GLN J 16 26.00 -53.20 54.65
C GLN J 16 25.58 -52.69 53.28
N SER J 17 25.31 -51.39 53.19
CA SER J 17 24.81 -50.76 51.97
C SER J 17 25.91 -49.94 51.32
N ILE J 18 25.98 -50.00 49.99
CA ILE J 18 26.95 -49.25 49.20
C ILE J 18 26.17 -48.40 48.19
N THR J 19 26.47 -47.10 48.17
CA THR J 19 25.82 -46.15 47.28
C THR J 19 26.82 -45.69 46.23
N ILE J 20 26.41 -45.75 44.96
CA ILE J 20 27.23 -45.27 43.85
C ILE J 20 26.46 -44.16 43.14
N SER J 21 27.19 -43.19 42.62
CA SER J 21 26.57 -42.03 41.99
C SER J 21 27.26 -41.70 40.68
N CYS J 22 26.49 -41.17 39.75
CA CYS J 22 26.97 -40.71 38.45
C CYS J 22 26.42 -39.31 38.19
N THR J 23 27.30 -38.37 37.86
CA THR J 23 26.93 -36.99 37.59
C THR J 23 27.22 -36.67 36.13
N GLY J 24 26.41 -35.77 35.56
CA GLY J 24 26.56 -35.40 34.18
C GLY J 24 26.01 -34.01 33.93
N THR J 25 26.00 -33.63 32.64
CA THR J 25 25.50 -32.34 32.21
C THR J 25 23.99 -32.30 32.37
N SER J 26 23.46 -31.08 32.56
CA SER J 26 22.02 -30.89 32.77
C SER J 26 21.20 -31.28 31.54
N SER J 27 21.79 -31.18 30.34
CA SER J 27 21.10 -31.60 29.13
C SER J 27 21.13 -33.12 28.94
N ASP J 28 21.88 -33.84 29.76
CA ASP J 28 22.02 -35.29 29.64
C ASP J 28 21.22 -36.06 30.69
N VAL J 29 21.45 -35.76 31.97
CA VAL J 29 20.76 -36.44 33.06
C VAL J 29 19.72 -35.53 33.73
N GLY J 30 20.01 -34.23 33.81
CA GLY J 30 19.10 -33.30 34.46
C GLY J 30 17.87 -32.92 33.66
N SER J 31 17.82 -33.30 32.39
CA SER J 31 16.67 -32.98 31.53
C SER J 31 15.74 -34.16 31.33
N TYR J 32 16.28 -35.35 31.04
CA TYR J 32 15.50 -36.54 30.80
C TYR J 32 15.69 -37.53 31.94
N ASN J 33 14.66 -38.35 32.18
CA ASN J 33 14.67 -39.36 33.23
C ASN J 33 14.99 -40.74 32.69
N LEU J 34 15.87 -40.82 31.70
CA LEU J 34 16.23 -42.08 31.06
C LEU J 34 17.70 -42.38 31.38
N VAL J 35 17.92 -43.01 32.53
CA VAL J 35 19.25 -43.46 32.95
C VAL J 35 19.14 -44.91 33.39
N SER J 36 20.25 -45.64 33.28
CA SER J 36 20.25 -47.01 33.73
C SER J 36 21.67 -47.46 34.08
N TRP J 37 21.76 -48.60 34.75
CA TRP J 37 23.01 -49.18 35.19
C TRP J 37 23.20 -50.57 34.60
N TYR J 38 24.45 -50.97 34.47
CA TYR J 38 24.81 -52.27 33.90
C TYR J 38 25.89 -52.93 34.76
N GLN J 39 25.73 -54.22 34.99
CA GLN J 39 26.70 -55.01 35.74
C GLN J 39 27.52 -55.83 34.76
N GLN J 40 28.84 -55.68 34.82
CA GLN J 40 29.77 -56.26 33.85
C GLN J 40 30.65 -57.29 34.53
N HIS J 41 30.28 -58.56 34.40
CA HIS J 41 31.19 -59.62 34.84
C HIS J 41 32.32 -59.75 33.82
N PRO J 42 33.57 -59.92 34.28
CA PRO J 42 34.70 -59.99 33.33
C PRO J 42 34.75 -61.30 32.58
N GLY J 43 34.38 -61.28 31.30
CA GLY J 43 34.46 -62.47 30.48
C GLY J 43 33.27 -62.72 29.57
N LYS J 44 32.13 -62.13 29.88
CA LYS J 44 30.91 -62.38 29.13
C LYS J 44 30.13 -61.08 28.97
N ALA J 45 28.92 -61.20 28.44
CA ALA J 45 28.07 -60.04 28.20
C ALA J 45 27.51 -59.51 29.51
N PRO J 46 27.24 -58.20 29.59
CA PRO J 46 26.62 -57.64 30.80
C PRO J 46 25.12 -57.91 30.83
N LYS J 47 24.48 -57.44 31.90
CA LYS J 47 23.07 -57.63 32.11
C LYS J 47 22.50 -56.34 32.72
N LEU J 48 21.33 -55.94 32.22
CA LEU J 48 20.69 -54.72 32.71
C LEU J 48 20.17 -54.91 34.13
N MET J 49 20.28 -53.86 34.94
CA MET J 49 19.88 -53.89 36.34
C MET J 49 18.52 -53.23 36.57
N ILE J 50 18.37 -51.96 36.17
CA ILE J 50 17.11 -51.23 36.28
C ILE J 50 16.83 -50.53 34.95
N TYR J 51 15.54 -50.39 34.62
CA TYR J 51 15.16 -49.83 33.32
C TYR J 51 15.24 -48.31 33.32
N GLU J 52 14.35 -47.68 34.07
CA GLU J 52 14.27 -46.23 34.20
C GLU J 52 15.10 -45.81 35.41
N VAL J 53 14.84 -44.59 35.92
CA VAL J 53 15.46 -44.13 37.16
C VAL J 53 15.17 -45.11 38.30
N SER J 54 13.92 -45.60 38.39
CA SER J 54 13.56 -46.61 39.38
C SER J 54 12.50 -47.51 38.75
N LYS J 55 12.96 -48.63 38.19
CA LYS J 55 12.07 -49.63 37.60
C LYS J 55 12.77 -50.98 37.61
N ARG J 56 12.20 -51.93 38.34
CA ARG J 56 12.80 -53.25 38.51
C ARG J 56 12.26 -54.22 37.49
N PRO J 57 13.10 -54.80 36.64
CA PRO J 57 12.62 -55.83 35.70
C PRO J 57 12.49 -57.17 36.39
N SER J 58 11.99 -58.14 35.64
CA SER J 58 11.85 -59.50 36.14
C SER J 58 13.19 -60.23 36.11
N GLY J 59 13.30 -61.26 36.93
CA GLY J 59 14.50 -62.06 37.02
C GLY J 59 15.55 -61.55 37.97
N VAL J 60 15.35 -60.39 38.60
CA VAL J 60 16.27 -59.83 39.57
C VAL J 60 15.51 -59.53 40.85
N SER J 61 16.12 -59.86 41.99
CA SER J 61 15.47 -59.66 43.26
C SER J 61 15.47 -58.18 43.65
N ASN J 62 14.63 -57.85 44.64
CA ASN J 62 14.48 -56.48 45.13
C ASN J 62 15.67 -56.15 46.03
N ARG J 63 16.79 -55.82 45.39
CA ARG J 63 18.00 -55.47 46.11
C ARG J 63 18.66 -54.19 45.63
N PHE J 64 18.48 -53.82 44.36
CA PHE J 64 18.99 -52.57 43.81
C PHE J 64 17.91 -51.50 43.88
N SER J 65 18.31 -50.27 44.21
CA SER J 65 17.37 -49.16 44.21
C SER J 65 17.99 -47.94 43.53
N GLY J 66 17.27 -47.36 42.58
CA GLY J 66 17.75 -46.23 41.82
C GLY J 66 17.00 -44.95 42.15
N SER J 67 17.69 -43.82 42.04
CA SER J 67 17.08 -42.53 42.32
C SER J 67 17.82 -41.45 41.54
N LYS J 68 17.16 -40.30 41.42
CA LYS J 68 17.72 -39.14 40.74
C LYS J 68 17.53 -37.90 41.60
N SER J 69 18.53 -37.02 41.59
CA SER J 69 18.45 -35.77 42.35
C SER J 69 19.32 -34.75 41.63
N GLY J 70 18.68 -33.71 41.09
CA GLY J 70 19.37 -32.66 40.38
C GLY J 70 20.07 -33.14 39.13
N ASN J 71 21.39 -33.22 39.18
CA ASN J 71 22.21 -33.73 38.09
C ASN J 71 22.90 -35.03 38.44
N THR J 72 22.50 -35.68 39.55
CA THR J 72 23.18 -36.87 40.03
C THR J 72 22.20 -38.03 40.11
N ALA J 73 22.55 -39.15 39.48
CA ALA J 73 21.76 -40.38 39.54
C ALA J 73 22.49 -41.38 40.43
N SER J 74 21.78 -41.93 41.39
CA SER J 74 22.37 -42.79 42.41
C SER J 74 21.75 -44.18 42.37
N LEU J 75 22.58 -45.19 42.63
CA LEU J 75 22.17 -46.58 42.75
C LEU J 75 22.67 -47.11 44.08
N THR J 76 21.76 -47.71 44.86
CA THR J 76 22.06 -48.20 46.19
C THR J 76 21.88 -49.71 46.23
N ILE J 77 22.85 -50.39 46.85
CA ILE J 77 22.80 -51.83 47.09
C ILE J 77 22.83 -52.07 48.59
N SER J 78 22.00 -53.01 49.05
CA SER J 78 21.91 -53.35 50.47
C SER J 78 22.12 -54.85 50.64
N GLY J 79 22.85 -55.24 51.68
CA GLY J 79 23.13 -56.64 51.89
C GLY J 79 24.11 -57.17 50.86
N LEU J 80 25.38 -56.82 51.02
CA LEU J 80 26.40 -57.25 50.08
C LEU J 80 26.72 -58.73 50.25
N GLN J 81 26.88 -59.42 49.12
CA GLN J 81 27.35 -60.81 49.05
C GLN J 81 28.61 -60.86 48.19
N ALA J 82 29.08 -62.08 47.93
CA ALA J 82 30.26 -62.31 47.11
C ALA J 82 29.95 -62.38 45.63
N GLU J 83 28.68 -62.25 45.23
CA GLU J 83 28.28 -62.29 43.84
C GLU J 83 28.17 -60.89 43.23
N ASP J 84 28.96 -59.95 43.72
CA ASP J 84 28.93 -58.57 43.25
C ASP J 84 30.29 -58.15 42.71
N GLU J 85 31.22 -59.11 42.56
CA GLU J 85 32.56 -58.84 42.03
C GLU J 85 32.46 -58.61 40.52
N ALA J 86 32.01 -57.42 40.15
CA ALA J 86 31.81 -57.06 38.76
C ALA J 86 31.86 -55.55 38.62
N ASP J 87 32.04 -55.10 37.38
CA ASP J 87 32.07 -53.67 37.09
C ASP J 87 30.66 -53.11 37.03
N TYR J 88 30.55 -51.79 37.16
CA TYR J 88 29.26 -51.11 37.09
C TYR J 88 29.38 -49.93 36.13
N TYR J 89 28.40 -49.81 35.23
CA TYR J 89 28.43 -48.82 34.17
C TYR J 89 27.13 -48.02 34.16
N CYS J 90 27.26 -46.69 34.13
CA CYS J 90 26.11 -45.80 34.00
C CYS J 90 25.85 -45.52 32.54
N CYS J 91 24.58 -45.24 32.22
CA CYS J 91 24.23 -44.85 30.85
C CYS J 91 23.07 -43.87 30.89
N SER J 92 23.08 -42.95 29.94
CA SER J 92 22.05 -41.92 29.89
C SER J 92 21.76 -41.50 28.46
N TYR J 93 20.50 -41.17 28.20
CA TYR J 93 20.13 -40.57 26.93
C TYR J 93 20.61 -39.15 26.88
N ALA J 94 21.32 -38.78 25.82
CA ALA J 94 21.97 -37.47 25.72
C ALA J 94 21.29 -36.55 24.73
N GLY J 95 20.16 -36.94 24.16
CA GLY J 95 19.50 -36.15 23.15
C GLY J 95 20.09 -36.39 21.78
N SER J 96 19.28 -36.06 20.76
CA SER J 96 19.60 -36.24 19.34
C SER J 96 19.93 -37.69 19.00
N SER J 97 19.23 -38.61 19.65
CA SER J 97 19.34 -40.07 19.44
C SER J 97 20.76 -40.58 19.66
N THR J 98 21.35 -40.23 20.80
CA THR J 98 22.69 -40.65 21.15
C THR J 98 22.72 -40.99 22.63
N VAL J 99 23.30 -42.14 22.97
CA VAL J 99 23.39 -42.60 24.35
C VAL J 99 24.83 -42.47 24.81
N ILE J 100 25.03 -41.82 25.95
CA ILE J 100 26.36 -41.60 26.51
C ILE J 100 26.54 -42.54 27.69
N PHE J 101 27.64 -43.28 27.68
CA PHE J 101 27.99 -44.25 28.70
C PHE J 101 28.98 -43.64 29.70
N GLY J 102 29.14 -44.33 30.84
CA GLY J 102 29.98 -43.86 31.91
C GLY J 102 31.37 -44.48 31.89
N GLY J 103 32.15 -44.12 32.90
CA GLY J 103 33.52 -44.61 33.03
C GLY J 103 33.61 -46.03 33.57
N GLY J 104 33.16 -46.23 34.79
CA GLY J 104 33.16 -47.57 35.38
C GLY J 104 33.75 -47.64 36.78
N THR J 105 33.10 -48.41 37.66
CA THR J 105 33.56 -48.64 39.01
C THR J 105 33.80 -50.11 39.26
N LYS J 106 34.82 -50.42 40.06
CA LYS J 106 35.13 -51.78 40.47
C LYS J 106 34.93 -51.89 41.97
N LEU J 107 34.20 -52.92 42.39
CA LEU J 107 33.91 -53.15 43.80
C LEU J 107 34.65 -54.40 44.27
N THR J 108 35.22 -54.32 45.46
CA THR J 108 35.98 -55.41 46.05
C THR J 108 35.32 -55.86 47.35
N VAL J 109 35.42 -57.15 47.65
CA VAL J 109 34.88 -57.72 48.87
C VAL J 109 36.05 -58.02 49.81
N LEU J 110 36.01 -57.42 51.00
CA LEU J 110 37.08 -57.62 51.98
C LEU J 110 36.79 -58.84 52.86
N GLN K 1 -18.46 -32.04 -39.33
CA GLN K 1 -18.41 -31.05 -40.41
C GLN K 1 -18.39 -31.73 -41.77
N SER K 2 -19.35 -32.63 -41.99
CA SER K 2 -19.45 -33.36 -43.24
C SER K 2 -20.27 -32.56 -44.24
N ALA K 3 -20.65 -33.19 -45.35
CA ALA K 3 -21.43 -32.53 -46.38
C ALA K 3 -22.88 -32.38 -45.94
N LEU K 4 -23.63 -31.58 -46.69
CA LEU K 4 -25.05 -31.36 -46.40
C LEU K 4 -25.85 -32.60 -46.75
N THR K 5 -26.88 -32.86 -45.95
CA THR K 5 -27.75 -34.01 -46.20
C THR K 5 -28.62 -33.76 -47.42
N GLN K 6 -28.69 -34.75 -48.31
CA GLN K 6 -29.42 -34.62 -49.55
C GLN K 6 -29.88 -36.02 -49.96
N PRO K 7 -31.10 -36.16 -50.50
CA PRO K 7 -31.57 -37.49 -50.92
C PRO K 7 -30.86 -38.01 -52.16
N ALA K 8 -31.17 -39.25 -52.54
CA ALA K 8 -30.51 -39.87 -53.69
C ALA K 8 -31.04 -39.32 -55.01
N SER K 9 -32.34 -39.48 -55.25
CA SER K 9 -32.96 -39.01 -56.48
C SER K 9 -34.42 -38.68 -56.24
N VAL K 10 -34.91 -37.68 -56.95
CA VAL K 10 -36.30 -37.24 -56.88
C VAL K 10 -36.88 -37.29 -58.28
N SER K 11 -37.95 -38.07 -58.46
CA SER K 11 -38.63 -38.20 -59.74
C SER K 11 -39.85 -37.29 -59.78
N GLY K 12 -40.15 -36.77 -60.96
CA GLY K 12 -41.28 -35.89 -61.11
C GLY K 12 -41.89 -35.86 -62.49
N SER K 13 -43.21 -36.04 -62.58
CA SER K 13 -43.92 -35.94 -63.84
C SER K 13 -44.04 -34.47 -64.26
N PRO K 14 -44.03 -34.21 -65.57
CA PRO K 14 -44.17 -32.81 -66.03
C PRO K 14 -45.56 -32.26 -65.77
N GLY K 15 -45.61 -30.94 -65.58
CA GLY K 15 -46.86 -30.23 -65.38
C GLY K 15 -47.15 -29.82 -63.95
N GLN K 16 -46.33 -30.23 -62.99
CA GLN K 16 -46.57 -29.86 -61.60
C GLN K 16 -45.31 -29.32 -60.92
N SER K 17 -45.38 -29.11 -59.61
CA SER K 17 -44.28 -28.58 -58.82
C SER K 17 -43.68 -29.66 -57.94
N ILE K 18 -42.43 -29.46 -57.54
CA ILE K 18 -41.74 -30.41 -56.67
C ILE K 18 -40.80 -29.63 -55.74
N THR K 19 -40.66 -30.11 -54.51
CA THR K 19 -39.84 -29.45 -53.50
C THR K 19 -38.66 -30.35 -53.14
N ILE K 20 -37.44 -29.80 -53.22
CA ILE K 20 -36.22 -30.52 -52.87
C ILE K 20 -35.54 -29.76 -51.73
N SER K 21 -35.21 -30.48 -50.66
CA SER K 21 -34.71 -29.86 -49.45
C SER K 21 -33.36 -30.43 -49.05
N CYS K 22 -32.57 -29.60 -48.36
CA CYS K 22 -31.28 -29.99 -47.82
C CYS K 22 -31.15 -29.42 -46.41
N THR K 23 -30.64 -30.23 -45.48
CA THR K 23 -30.54 -29.85 -44.08
C THR K 23 -29.13 -30.11 -43.58
N GLY K 24 -28.55 -29.12 -42.91
CA GLY K 24 -27.21 -29.25 -42.38
C GLY K 24 -27.09 -28.86 -40.92
N THR K 25 -25.86 -28.58 -40.49
CA THR K 25 -25.59 -28.15 -39.12
C THR K 25 -26.13 -26.73 -38.93
N SER K 26 -26.56 -26.44 -37.69
CA SER K 26 -27.09 -25.12 -37.36
C SER K 26 -26.04 -24.02 -37.49
N SER K 27 -24.76 -24.37 -37.38
CA SER K 27 -23.68 -23.42 -37.62
C SER K 27 -23.42 -23.18 -39.10
N ASP K 28 -24.06 -23.93 -39.99
CA ASP K 28 -23.86 -23.78 -41.43
C ASP K 28 -25.03 -23.06 -42.10
N VAL K 29 -26.25 -23.55 -41.90
CA VAL K 29 -27.42 -23.00 -42.56
C VAL K 29 -28.31 -22.24 -41.58
N GLY K 30 -28.43 -22.72 -40.34
CA GLY K 30 -29.32 -22.09 -39.38
C GLY K 30 -28.81 -20.80 -38.79
N SER K 31 -27.55 -20.42 -39.05
CA SER K 31 -27.00 -19.19 -38.50
C SER K 31 -26.68 -18.15 -39.56
N TYR K 32 -26.54 -18.53 -40.83
CA TYR K 32 -26.23 -17.61 -41.90
C TYR K 32 -27.14 -17.88 -43.09
N ASN K 33 -27.49 -16.82 -43.81
CA ASN K 33 -28.36 -16.90 -44.97
C ASN K 33 -27.59 -16.96 -46.29
N LEU K 34 -26.38 -17.52 -46.28
CA LEU K 34 -25.57 -17.62 -47.49
C LEU K 34 -25.68 -19.02 -48.08
N VAL K 35 -26.88 -19.34 -48.52
CA VAL K 35 -27.21 -20.65 -49.08
C VAL K 35 -27.58 -20.48 -50.55
N SER K 36 -26.99 -21.30 -51.41
CA SER K 36 -27.26 -21.21 -52.84
C SER K 36 -27.43 -22.61 -53.43
N TRP K 37 -28.07 -22.65 -54.59
CA TRP K 37 -28.29 -23.89 -55.33
C TRP K 37 -27.56 -23.83 -56.65
N TYR K 38 -27.17 -25.00 -57.15
CA TYR K 38 -26.47 -25.08 -58.43
C TYR K 38 -26.99 -26.26 -59.24
N GLN K 39 -27.18 -26.03 -60.53
CA GLN K 39 -27.65 -27.05 -61.46
C GLN K 39 -26.54 -27.40 -62.43
N GLN K 40 -26.23 -28.69 -62.54
CA GLN K 40 -25.17 -29.16 -63.43
C GLN K 40 -25.77 -30.16 -64.41
N HIS K 41 -25.58 -29.90 -65.70
CA HIS K 41 -25.90 -30.86 -66.75
C HIS K 41 -24.76 -31.87 -66.87
N PRO K 42 -25.06 -33.12 -67.25
CA PRO K 42 -24.01 -34.15 -67.33
C PRO K 42 -22.99 -33.85 -68.42
N GLY K 43 -21.76 -33.63 -68.01
CA GLY K 43 -20.68 -33.28 -68.92
C GLY K 43 -20.50 -31.81 -69.18
N LYS K 44 -21.35 -30.96 -68.62
CA LYS K 44 -21.29 -29.52 -68.85
C LYS K 44 -20.83 -28.79 -67.59
N ALA K 45 -20.48 -27.53 -67.77
CA ALA K 45 -20.14 -26.67 -66.64
C ALA K 45 -21.40 -26.28 -65.89
N PRO K 46 -21.36 -26.26 -64.55
CA PRO K 46 -22.56 -25.88 -63.79
C PRO K 46 -22.87 -24.40 -63.92
N LYS K 47 -24.16 -24.09 -63.79
CA LYS K 47 -24.66 -22.73 -63.90
C LYS K 47 -25.31 -22.33 -62.59
N LEU K 48 -25.09 -21.07 -62.19
CA LEU K 48 -25.73 -20.56 -60.98
C LEU K 48 -27.23 -20.44 -61.24
N MET K 49 -28.02 -20.71 -60.21
CA MET K 49 -29.46 -20.68 -60.33
C MET K 49 -30.13 -19.68 -59.40
N ILE K 50 -29.73 -19.63 -58.12
CA ILE K 50 -30.27 -18.69 -57.14
C ILE K 50 -29.10 -18.12 -56.35
N TYR K 51 -29.06 -16.78 -56.20
CA TYR K 51 -27.96 -16.13 -55.48
C TYR K 51 -27.96 -16.44 -53.98
N GLU K 52 -28.92 -15.86 -53.28
CA GLU K 52 -29.11 -15.94 -51.84
C GLU K 52 -30.14 -17.01 -51.51
N VAL K 53 -30.70 -16.94 -50.30
CA VAL K 53 -31.81 -17.83 -49.93
C VAL K 53 -33.00 -17.60 -50.85
N SER K 54 -33.38 -16.35 -51.08
CA SER K 54 -34.55 -16.07 -51.92
C SER K 54 -34.35 -14.76 -52.68
N LYS K 55 -33.78 -14.86 -53.88
CA LYS K 55 -33.72 -13.78 -54.86
C LYS K 55 -33.34 -14.39 -56.21
N ARG K 56 -33.45 -13.59 -57.26
CA ARG K 56 -33.24 -14.17 -58.58
C ARG K 56 -32.17 -13.41 -59.35
N PRO K 57 -31.30 -14.12 -60.08
CA PRO K 57 -30.32 -13.46 -60.95
C PRO K 57 -30.93 -13.08 -62.30
N SER K 58 -30.10 -12.57 -63.20
CA SER K 58 -30.56 -12.23 -64.54
C SER K 58 -30.46 -13.43 -65.46
N GLY K 59 -31.23 -13.39 -66.55
CA GLY K 59 -31.23 -14.47 -67.53
C GLY K 59 -31.81 -15.78 -67.04
N VAL K 60 -32.88 -15.73 -66.26
CA VAL K 60 -33.54 -16.92 -65.76
C VAL K 60 -35.03 -16.62 -65.60
N SER K 61 -35.87 -17.58 -65.95
CA SER K 61 -37.32 -17.41 -65.88
C SER K 61 -37.81 -17.54 -64.45
N ASN K 62 -39.07 -17.12 -64.24
CA ASN K 62 -39.70 -17.18 -62.92
C ASN K 62 -40.31 -18.55 -62.71
N ARG K 63 -39.42 -19.52 -62.45
CA ARG K 63 -39.82 -20.92 -62.28
C ARG K 63 -39.10 -21.60 -61.13
N PHE K 64 -38.34 -20.85 -60.33
CA PHE K 64 -37.46 -21.41 -59.32
C PHE K 64 -37.61 -20.58 -58.05
N SER K 65 -37.94 -21.22 -56.93
CA SER K 65 -38.15 -20.45 -55.70
C SER K 65 -37.44 -21.10 -54.53
N GLY K 66 -36.46 -20.39 -53.95
CA GLY K 66 -35.74 -20.87 -52.79
C GLY K 66 -36.31 -20.30 -51.50
N SER K 67 -36.17 -21.07 -50.42
CA SER K 67 -36.66 -20.66 -49.12
C SER K 67 -35.88 -21.39 -48.03
N LYS K 68 -36.01 -20.88 -46.80
CA LYS K 68 -35.34 -21.47 -45.65
C LYS K 68 -36.33 -21.59 -44.51
N SER K 69 -36.11 -22.59 -43.65
CA SER K 69 -36.96 -22.80 -42.48
C SER K 69 -36.11 -23.56 -41.45
N GLY K 70 -35.65 -22.85 -40.42
CA GLY K 70 -34.85 -23.44 -39.37
C GLY K 70 -33.52 -23.94 -39.86
N ASN K 71 -33.37 -25.26 -39.91
CA ASN K 71 -32.16 -25.90 -40.41
C ASN K 71 -32.36 -26.47 -41.81
N THR K 72 -33.56 -26.37 -42.38
CA THR K 72 -33.86 -26.98 -43.67
C THR K 72 -34.04 -25.90 -44.73
N ALA K 73 -33.23 -25.94 -45.76
CA ALA K 73 -33.32 -25.02 -46.88
C ALA K 73 -33.89 -25.76 -48.09
N SER K 74 -34.96 -25.23 -48.66
CA SER K 74 -35.71 -25.92 -49.70
C SER K 74 -35.79 -25.08 -50.97
N LEU K 75 -36.03 -25.78 -52.09
CA LEU K 75 -36.18 -25.17 -53.39
C LEU K 75 -37.40 -25.80 -54.07
N THR K 76 -38.30 -24.96 -54.56
CA THR K 76 -39.50 -25.39 -55.25
C THR K 76 -39.35 -25.15 -56.75
N ILE K 77 -39.76 -26.16 -57.53
CA ILE K 77 -39.57 -26.22 -58.96
C ILE K 77 -40.94 -26.28 -59.60
N SER K 78 -41.22 -25.37 -60.51
CA SER K 78 -42.51 -25.30 -61.20
C SER K 78 -42.30 -25.26 -62.70
N GLY K 79 -43.27 -25.81 -63.44
CA GLY K 79 -43.22 -25.80 -64.88
C GLY K 79 -42.14 -26.70 -65.45
N LEU K 80 -42.32 -28.02 -65.33
CA LEU K 80 -41.29 -28.95 -65.77
C LEU K 80 -41.31 -29.10 -67.29
N GLN K 81 -40.13 -28.95 -67.91
CA GLN K 81 -39.95 -29.14 -69.34
C GLN K 81 -38.63 -29.90 -69.52
N ALA K 82 -38.08 -29.85 -70.74
CA ALA K 82 -36.85 -30.57 -71.06
C ALA K 82 -35.58 -29.92 -70.47
N GLU K 83 -35.69 -28.92 -69.61
CA GLU K 83 -34.54 -28.29 -68.95
C GLU K 83 -34.47 -28.77 -67.50
N ASP K 84 -34.79 -30.05 -67.30
CA ASP K 84 -34.92 -30.65 -65.99
C ASP K 84 -34.00 -31.84 -65.75
N GLU K 85 -33.45 -32.47 -66.80
CA GLU K 85 -32.54 -33.60 -66.65
C GLU K 85 -31.17 -33.09 -66.25
N ALA K 86 -30.99 -32.87 -64.95
CA ALA K 86 -29.73 -32.34 -64.43
C ALA K 86 -29.58 -32.76 -62.96
N ASP K 87 -28.50 -32.28 -62.34
CA ASP K 87 -28.20 -32.57 -60.95
C ASP K 87 -28.24 -31.27 -60.14
N TYR K 88 -28.78 -31.37 -58.93
CA TYR K 88 -28.98 -30.22 -58.05
C TYR K 88 -28.06 -30.31 -56.85
N TYR K 89 -27.46 -29.18 -56.47
CA TYR K 89 -26.49 -29.12 -55.38
C TYR K 89 -26.80 -27.97 -54.45
N CYS K 90 -26.73 -28.23 -53.15
CA CYS K 90 -26.85 -27.21 -52.11
C CYS K 90 -25.44 -26.82 -51.65
N CYS K 91 -25.21 -25.52 -51.50
CA CYS K 91 -23.94 -25.06 -50.95
C CYS K 91 -24.22 -23.94 -49.95
N SER K 92 -23.37 -23.85 -48.93
CA SER K 92 -23.63 -22.91 -47.85
C SER K 92 -22.34 -22.50 -47.16
N TYR K 93 -22.41 -21.36 -46.49
CA TYR K 93 -21.33 -20.85 -45.66
C TYR K 93 -21.21 -21.70 -44.39
N ALA K 94 -20.03 -21.67 -43.78
CA ALA K 94 -19.77 -22.50 -42.62
C ALA K 94 -18.99 -21.82 -41.51
N GLY K 95 -18.65 -20.55 -41.64
CA GLY K 95 -17.79 -19.95 -40.64
C GLY K 95 -16.33 -20.21 -40.93
N SER K 96 -15.49 -19.25 -40.50
CA SER K 96 -14.04 -19.24 -40.72
C SER K 96 -13.69 -19.31 -42.21
N SER K 97 -14.53 -18.66 -43.03
CA SER K 97 -14.37 -18.56 -44.49
C SER K 97 -14.29 -19.93 -45.16
N THR K 98 -15.26 -20.79 -44.84
CA THR K 98 -15.36 -22.11 -45.43
C THR K 98 -16.74 -22.32 -46.01
N VAL K 99 -16.82 -23.04 -47.13
CA VAL K 99 -18.05 -23.34 -47.83
C VAL K 99 -18.19 -24.85 -47.91
N ILE K 100 -19.39 -25.36 -47.62
CA ILE K 100 -19.69 -26.78 -47.78
C ILE K 100 -20.67 -26.95 -48.92
N PHE K 101 -20.37 -27.88 -49.83
CA PHE K 101 -21.26 -28.25 -50.91
C PHE K 101 -22.15 -29.41 -50.46
N GLY K 102 -22.88 -30.01 -51.40
CA GLY K 102 -23.77 -31.11 -51.10
C GLY K 102 -23.43 -32.37 -51.89
N GLY K 103 -24.26 -33.38 -51.69
CA GLY K 103 -24.08 -34.65 -52.36
C GLY K 103 -24.51 -34.65 -53.81
N GLY K 104 -25.82 -34.44 -54.05
CA GLY K 104 -26.34 -34.42 -55.39
C GLY K 104 -27.55 -35.30 -55.59
N THR K 105 -28.50 -34.83 -56.42
CA THR K 105 -29.73 -35.55 -56.70
C THR K 105 -29.85 -35.79 -58.20
N LYS K 106 -30.07 -37.05 -58.59
CA LYS K 106 -30.29 -37.39 -60.00
C LYS K 106 -31.77 -37.20 -60.29
N LEU K 107 -32.15 -35.94 -60.47
CA LEU K 107 -33.55 -35.57 -60.70
C LEU K 107 -33.83 -35.66 -62.19
N THR K 108 -34.64 -36.64 -62.58
CA THR K 108 -34.94 -36.94 -63.97
C THR K 108 -36.38 -36.56 -64.31
N VAL K 109 -36.78 -36.88 -65.54
CA VAL K 109 -38.10 -36.57 -66.07
C VAL K 109 -38.82 -37.88 -66.36
N LEU K 110 -40.03 -38.03 -65.85
CA LEU K 110 -40.83 -39.21 -66.10
C LEU K 110 -41.52 -39.14 -67.46
N GLN L 1 36.07 29.84 -24.92
CA GLN L 1 36.95 30.36 -23.86
C GLN L 1 38.34 30.64 -24.41
N SER L 2 38.49 31.80 -25.05
CA SER L 2 39.76 32.21 -25.63
C SER L 2 40.55 33.02 -24.60
N ALA L 3 41.62 33.68 -25.05
CA ALA L 3 42.45 34.48 -24.17
C ALA L 3 41.72 35.76 -23.78
N LEU L 4 42.27 36.43 -22.76
CA LEU L 4 41.68 37.67 -22.26
C LEU L 4 41.89 38.80 -23.26
N THR L 5 40.88 39.67 -23.37
CA THR L 5 40.93 40.80 -24.29
C THR L 5 41.86 41.87 -23.73
N GLN L 6 42.97 42.12 -24.41
CA GLN L 6 43.98 43.07 -23.99
C GLN L 6 44.35 43.93 -25.18
N PRO L 7 44.62 45.23 -24.97
CA PRO L 7 45.02 46.09 -26.09
C PRO L 7 46.43 45.76 -26.58
N ALA L 8 46.78 46.39 -27.70
CA ALA L 8 48.07 46.10 -28.33
C ALA L 8 49.23 46.76 -27.57
N SER L 9 49.23 48.08 -27.50
CA SER L 9 50.32 48.79 -26.84
C SER L 9 49.83 50.17 -26.42
N VAL L 10 50.59 50.77 -25.49
CA VAL L 10 50.31 52.12 -25.00
C VAL L 10 51.59 52.94 -25.05
N SER L 11 51.43 54.25 -25.02
CA SER L 11 52.54 55.19 -25.05
C SER L 11 52.38 56.20 -23.92
N GLY L 12 53.52 56.62 -23.36
CA GLY L 12 53.48 57.58 -22.27
C GLY L 12 54.84 58.09 -21.85
N SER L 13 54.92 59.40 -21.62
CA SER L 13 56.15 60.01 -21.13
C SER L 13 56.32 59.68 -19.64
N PRO L 14 57.55 59.72 -19.14
CA PRO L 14 57.75 59.55 -17.69
C PRO L 14 57.19 60.73 -16.90
N GLY L 15 56.68 60.43 -15.71
CA GLY L 15 56.21 61.46 -14.79
C GLY L 15 54.72 61.46 -14.51
N GLN L 16 53.91 60.73 -15.27
CA GLN L 16 52.46 60.72 -15.05
C GLN L 16 51.97 59.29 -14.86
N SER L 17 50.65 59.15 -14.78
CA SER L 17 50.00 57.88 -14.49
C SER L 17 49.33 57.32 -15.74
N ILE L 18 49.53 56.04 -15.98
CA ILE L 18 48.94 55.31 -17.10
C ILE L 18 48.21 54.11 -16.53
N THR L 19 46.96 53.92 -16.95
CA THR L 19 46.12 52.81 -16.51
C THR L 19 45.90 51.85 -17.67
N ILE L 20 46.42 50.64 -17.55
CA ILE L 20 46.21 49.59 -18.53
C ILE L 20 45.13 48.66 -17.96
N SER L 21 44.39 47.98 -18.83
CA SER L 21 43.31 47.14 -18.35
C SER L 21 43.06 45.99 -19.32
N CYS L 22 42.44 44.94 -18.78
CA CYS L 22 41.99 43.80 -19.58
C CYS L 22 40.61 43.37 -19.09
N THR L 23 39.75 43.02 -20.04
CA THR L 23 38.37 42.67 -19.74
C THR L 23 38.17 41.16 -19.93
N GLY L 24 37.31 40.59 -19.07
CA GLY L 24 37.01 39.18 -19.13
C GLY L 24 35.52 38.88 -19.08
N THR L 25 35.17 37.61 -18.95
CA THR L 25 33.78 37.20 -18.89
C THR L 25 33.25 37.30 -17.47
N SER L 26 31.97 36.97 -17.30
CA SER L 26 31.35 37.03 -15.97
C SER L 26 31.78 35.89 -15.07
N SER L 27 32.22 34.77 -15.64
CA SER L 27 32.65 33.61 -14.87
C SER L 27 34.16 33.55 -14.70
N ASP L 28 34.88 34.59 -15.09
CA ASP L 28 36.34 34.61 -15.03
C ASP L 28 36.85 35.69 -14.08
N VAL L 29 36.37 36.92 -14.23
CA VAL L 29 36.83 38.05 -13.42
C VAL L 29 35.76 38.50 -12.44
N GLY L 30 34.50 38.55 -12.87
CA GLY L 30 33.44 39.02 -12.00
C GLY L 30 32.97 38.06 -10.93
N SER L 31 33.47 36.82 -10.93
CA SER L 31 33.08 35.83 -9.94
C SER L 31 34.22 35.41 -9.02
N TYR L 32 35.47 35.74 -9.35
CA TYR L 32 36.62 35.37 -8.53
C TYR L 32 37.52 36.58 -8.36
N ASN L 33 38.18 36.65 -7.20
CA ASN L 33 39.08 37.74 -6.88
C ASN L 33 40.55 37.39 -7.17
N LEU L 34 40.79 36.31 -7.91
CA LEU L 34 42.14 35.82 -8.14
C LEU L 34 42.61 36.30 -9.52
N VAL L 35 42.96 37.58 -9.60
CA VAL L 35 43.48 38.20 -10.81
C VAL L 35 44.81 38.85 -10.47
N SER L 36 45.86 38.49 -11.21
CA SER L 36 47.20 38.99 -10.93
C SER L 36 47.83 39.58 -12.19
N TRP L 37 48.85 40.41 -11.96
CA TRP L 37 49.54 41.15 -13.01
C TRP L 37 51.00 40.71 -13.05
N TYR L 38 51.54 40.50 -14.24
CA TYR L 38 52.92 40.06 -14.41
C TYR L 38 53.61 40.96 -15.42
N GLN L 39 54.93 41.06 -15.33
CA GLN L 39 55.70 41.77 -16.34
C GLN L 39 56.94 40.96 -16.71
N GLN L 40 57.42 41.17 -17.93
CA GLN L 40 58.64 40.51 -18.38
C GLN L 40 59.43 41.44 -19.29
N HIS L 41 60.70 41.26 -19.29
CA HIS L 41 61.71 41.86 -20.12
C HIS L 41 62.09 40.92 -21.25
N PRO L 42 62.48 41.44 -22.42
CA PRO L 42 62.85 40.54 -23.54
C PRO L 42 64.16 39.82 -23.29
N GLY L 43 64.09 38.53 -22.98
CA GLY L 43 65.28 37.74 -22.74
C GLY L 43 65.27 36.96 -21.44
N LYS L 44 64.68 37.54 -20.40
CA LYS L 44 64.65 36.92 -19.08
C LYS L 44 63.24 36.45 -18.75
N ALA L 45 63.12 35.73 -17.62
CA ALA L 45 61.86 35.21 -17.14
C ALA L 45 61.04 36.29 -16.43
N PRO L 46 59.71 36.23 -16.54
CA PRO L 46 58.86 37.18 -15.82
C PRO L 46 58.83 36.92 -14.33
N LYS L 47 58.41 37.96 -13.61
CA LYS L 47 58.34 37.99 -12.17
C LYS L 47 56.97 38.51 -11.72
N LEU L 48 56.59 38.14 -10.51
CA LEU L 48 55.27 38.48 -9.98
C LEU L 48 55.22 39.93 -9.53
N MET L 49 54.11 40.59 -9.84
CA MET L 49 53.93 41.98 -9.48
C MET L 49 52.88 42.19 -8.40
N ILE L 50 51.72 41.54 -8.48
CA ILE L 50 50.70 41.61 -7.44
C ILE L 50 50.18 40.20 -7.18
N TYR L 51 50.06 39.81 -5.90
CA TYR L 51 49.55 38.50 -5.53
C TYR L 51 48.06 38.35 -5.82
N GLU L 52 47.27 39.13 -5.11
CA GLU L 52 45.81 39.14 -5.21
C GLU L 52 45.41 40.19 -6.24
N VAL L 53 44.14 40.62 -6.21
CA VAL L 53 43.73 41.75 -7.04
C VAL L 53 44.47 43.02 -6.62
N SER L 54 44.74 43.20 -5.32
CA SER L 54 45.49 44.36 -4.85
C SER L 54 46.17 43.98 -3.54
N LYS L 55 47.46 43.62 -3.63
CA LYS L 55 48.28 43.26 -2.47
C LYS L 55 49.74 43.38 -2.85
N ARG L 56 50.45 44.29 -2.19
CA ARG L 56 51.84 44.56 -2.54
C ARG L 56 52.75 43.44 -2.02
N PRO L 57 53.63 42.90 -2.84
CA PRO L 57 54.58 41.89 -2.38
C PRO L 57 55.83 42.54 -1.79
N SER L 58 56.81 41.70 -1.47
CA SER L 58 58.08 42.19 -0.96
C SER L 58 59.05 42.48 -2.10
N GLY L 59 59.87 43.50 -1.91
CA GLY L 59 60.82 43.90 -2.92
C GLY L 59 60.28 44.80 -4.01
N VAL L 60 59.01 45.19 -3.92
CA VAL L 60 58.36 46.06 -4.90
C VAL L 60 57.94 47.33 -4.21
N SER L 61 58.33 48.48 -4.76
CA SER L 61 58.03 49.77 -4.14
C SER L 61 56.54 50.11 -4.30
N ASN L 62 56.11 51.09 -3.51
CA ASN L 62 54.71 51.54 -3.51
C ASN L 62 54.47 52.42 -4.74
N ARG L 63 54.37 51.78 -5.90
CA ARG L 63 54.20 52.47 -7.16
C ARG L 63 53.14 51.89 -8.08
N PHE L 64 52.80 50.60 -7.92
CA PHE L 64 51.81 49.93 -8.76
C PHE L 64 50.51 49.80 -7.99
N SER L 65 49.38 49.98 -8.68
CA SER L 65 48.07 49.84 -8.06
C SER L 65 47.20 48.91 -8.88
N GLY L 66 46.46 48.05 -8.21
CA GLY L 66 45.57 47.10 -8.87
C GLY L 66 44.12 47.34 -8.47
N SER L 67 43.22 47.17 -9.42
CA SER L 67 41.80 47.37 -9.14
C SER L 67 40.96 46.47 -10.05
N LYS L 68 39.73 46.23 -9.62
CA LYS L 68 38.77 45.43 -10.37
C LYS L 68 37.44 46.16 -10.38
N SER L 69 36.85 46.32 -11.56
CA SER L 69 35.56 46.98 -11.71
C SER L 69 34.74 46.21 -12.72
N GLY L 70 33.63 45.63 -12.25
CA GLY L 70 32.77 44.84 -13.11
C GLY L 70 33.44 43.58 -13.63
N ASN L 71 33.78 43.59 -14.91
CA ASN L 71 34.54 42.51 -15.54
C ASN L 71 35.88 43.00 -16.07
N THR L 72 36.41 44.09 -15.52
CA THR L 72 37.62 44.71 -16.01
C THR L 72 38.66 44.79 -14.90
N ALA L 73 39.87 44.31 -15.18
CA ALA L 73 40.98 44.40 -14.26
C ALA L 73 41.94 45.49 -14.74
N SER L 74 42.30 46.41 -13.84
CA SER L 74 43.10 47.57 -14.19
C SER L 74 44.36 47.66 -13.34
N LEU L 75 45.47 48.00 -14.00
CA LEU L 75 46.77 48.23 -13.40
C LEU L 75 47.16 49.68 -13.65
N THR L 76 47.45 50.42 -12.58
CA THR L 76 47.78 51.83 -12.64
C THR L 76 49.23 52.03 -12.24
N ILE L 77 50.00 52.71 -13.08
CA ILE L 77 51.39 53.06 -12.77
C ILE L 77 51.54 54.58 -12.79
N SER L 78 52.29 55.10 -11.82
CA SER L 78 52.58 56.53 -11.72
C SER L 78 54.08 56.73 -11.65
N GLY L 79 54.57 57.73 -12.39
CA GLY L 79 55.98 58.06 -12.37
C GLY L 79 56.85 57.03 -13.06
N LEU L 80 56.76 56.94 -14.39
CA LEU L 80 57.57 55.98 -15.13
C LEU L 80 59.04 56.37 -15.12
N GLN L 81 59.88 55.38 -15.42
CA GLN L 81 61.32 55.58 -15.54
C GLN L 81 61.81 54.97 -16.84
N ALA L 82 63.14 54.90 -17.01
CA ALA L 82 63.74 54.32 -18.21
C ALA L 82 63.92 52.81 -18.09
N GLU L 83 63.54 52.21 -16.98
CA GLU L 83 63.71 50.77 -16.76
C GLU L 83 62.37 50.03 -16.78
N ASP L 84 61.31 50.65 -17.31
CA ASP L 84 60.00 50.03 -17.38
C ASP L 84 59.63 49.61 -18.80
N GLU L 85 60.60 49.56 -19.71
CA GLU L 85 60.35 49.13 -21.08
C GLU L 85 60.19 47.61 -21.04
N ALA L 86 58.97 47.17 -20.79
CA ALA L 86 58.69 45.76 -20.56
C ALA L 86 57.33 45.43 -21.16
N ASP L 87 56.88 44.19 -20.94
CA ASP L 87 55.58 43.72 -21.38
C ASP L 87 54.78 43.26 -20.17
N TYR L 88 53.51 43.65 -20.12
CA TYR L 88 52.65 43.33 -19.00
C TYR L 88 51.59 42.30 -19.43
N TYR L 89 51.07 41.59 -18.43
CA TYR L 89 50.25 40.42 -18.70
C TYR L 89 49.24 40.22 -17.57
N CYS L 90 48.02 39.85 -17.95
CA CYS L 90 46.97 39.52 -17.00
C CYS L 90 46.99 38.03 -16.72
N CYS L 91 46.54 37.64 -15.52
CA CYS L 91 46.43 36.24 -15.16
C CYS L 91 45.16 36.09 -14.34
N SER L 92 44.31 35.11 -14.67
CA SER L 92 43.06 34.98 -13.94
C SER L 92 42.65 33.53 -13.79
N TYR L 93 41.95 33.24 -12.70
CA TYR L 93 41.44 31.91 -12.44
C TYR L 93 40.09 31.75 -13.14
N ALA L 94 40.04 30.88 -14.15
CA ALA L 94 38.86 30.71 -14.98
C ALA L 94 37.92 29.62 -14.47
N GLY L 95 38.21 29.05 -13.31
CA GLY L 95 37.39 27.99 -12.77
C GLY L 95 37.77 26.63 -13.34
N SER L 96 37.31 25.58 -12.62
CA SER L 96 37.58 24.17 -12.93
C SER L 96 39.07 23.87 -13.01
N SER L 97 39.84 24.51 -12.12
CA SER L 97 41.30 24.41 -12.02
C SER L 97 41.98 24.73 -13.35
N THR L 98 41.60 25.88 -13.92
CA THR L 98 42.14 26.34 -15.19
C THR L 98 42.45 27.83 -15.08
N VAL L 99 43.67 28.20 -15.45
CA VAL L 99 44.13 29.59 -15.42
C VAL L 99 44.22 30.10 -16.85
N ILE L 100 43.71 31.31 -17.08
CA ILE L 100 43.69 31.93 -18.39
C ILE L 100 44.49 33.23 -18.32
N PHE L 101 45.43 33.41 -19.26
CA PHE L 101 46.27 34.58 -19.30
C PHE L 101 45.69 35.62 -20.26
N GLY L 102 46.47 36.66 -20.53
CA GLY L 102 46.06 37.73 -21.41
C GLY L 102 46.84 37.78 -22.71
N GLY L 103 46.49 38.77 -23.53
CA GLY L 103 47.08 38.94 -24.84
C GLY L 103 48.50 39.48 -24.81
N GLY L 104 48.67 40.70 -24.30
CA GLY L 104 49.99 41.31 -24.24
C GLY L 104 50.00 42.78 -24.56
N THR L 105 50.64 43.57 -23.70
CA THR L 105 50.75 45.01 -23.89
C THR L 105 52.22 45.42 -23.91
N LYS L 106 52.54 46.41 -24.74
CA LYS L 106 53.90 46.92 -24.86
C LYS L 106 53.94 48.34 -24.33
N LEU L 107 54.87 48.62 -23.42
CA LEU L 107 55.01 49.93 -22.81
C LEU L 107 56.20 50.65 -23.48
N THR L 108 55.93 51.84 -24.00
CA THR L 108 56.95 52.65 -24.65
C THR L 108 57.23 53.90 -23.82
N VAL L 109 58.50 54.21 -23.66
CA VAL L 109 58.94 55.37 -22.88
C VAL L 109 59.32 56.47 -23.87
N LEU L 110 58.67 57.63 -23.75
CA LEU L 110 58.94 58.76 -24.63
C LEU L 110 60.01 59.66 -24.05
C1 NAG M . -7.12 -24.83 22.09
C2 NAG M . -6.02 -24.14 21.26
C3 NAG M . -4.66 -24.75 21.54
C4 NAG M . -4.36 -24.70 23.03
C5 NAG M . -5.47 -25.38 23.81
C6 NAG M . -5.31 -25.25 25.31
C7 NAG M . -6.45 -25.16 18.99
C8 NAG M . -6.73 -24.81 17.56
N2 NAG M . -6.31 -24.11 19.82
O3 NAG M . -3.67 -24.06 20.78
O4 NAG M . -3.14 -25.36 23.33
O5 NAG M . -6.75 -24.79 23.49
O6 NAG M . -4.77 -23.98 25.66
O7 NAG M . -6.36 -26.33 19.36
C1 NAG M . -2.09 -24.40 23.60
C2 NAG M . -1.14 -24.97 24.65
C3 NAG M . 0.05 -24.02 24.86
C4 NAG M . 0.72 -23.68 23.55
C5 NAG M . -0.31 -23.14 22.55
C6 NAG M . 0.25 -22.89 21.17
C7 NAG M . -1.61 -26.32 26.64
C8 NAG M . -2.40 -26.43 27.90
N2 NAG M . -1.82 -25.23 25.90
O3 NAG M . 0.98 -24.63 25.75
O4 NAG M . 1.74 -22.71 23.76
O5 NAG M . -1.37 -24.10 22.40
O6 NAG M . -0.79 -22.53 20.26
O7 NAG M . -0.80 -27.19 26.32
C1 BMA M . 3.04 -23.27 23.48
C2 BMA M . 4.03 -22.10 23.25
C3 BMA M . 5.44 -22.66 22.99
C4 BMA M . 5.86 -23.68 24.08
C5 BMA M . 4.78 -24.76 24.25
C6 BMA M . 5.09 -25.73 25.37
O2 BMA M . 4.11 -21.28 24.39
O3 BMA M . 6.39 -21.61 22.89
O4 BMA M . 7.09 -24.28 23.71
O5 BMA M . 3.52 -24.12 24.54
O6 BMA M . 4.93 -25.03 26.60
C1 MAN M . 6.38 -21.10 21.55
C2 MAN M . 7.86 -21.00 21.05
C3 MAN M . 8.56 -19.76 21.67
C4 MAN M . 7.70 -18.49 21.51
C5 MAN M . 6.33 -18.74 22.15
C6 MAN M . 5.40 -17.55 22.04
O2 MAN M . 7.94 -20.82 19.65
O3 MAN M . 9.86 -19.55 21.11
O4 MAN M . 8.33 -17.40 22.16
O5 MAN M . 5.70 -19.85 21.46
O6 MAN M . 4.99 -17.44 20.68
C1 MAN M . 5.71 -25.70 27.62
C2 MAN M . 5.11 -25.30 29.00
C3 MAN M . 5.43 -23.83 29.31
C4 MAN M . 6.93 -23.53 29.15
C5 MAN M . 7.41 -23.94 27.74
C6 MAN M . 8.90 -23.78 27.54
O2 MAN M . 5.71 -26.06 30.05
O3 MAN M . 4.99 -23.45 30.60
O4 MAN M . 7.18 -22.14 29.34
O5 MAN M . 7.08 -25.34 27.52
O6 MAN M . 9.23 -24.28 26.24
C1 NAG N . -1.84 -42.24 21.18
C2 NAG N . -0.57 -42.15 22.00
C3 NAG N . 0.34 -43.34 21.68
C4 NAG N . -0.40 -44.66 21.82
C5 NAG N . -1.72 -44.63 21.05
C6 NAG N . -2.60 -45.83 21.31
C7 NAG N . 0.47 -40.02 22.72
C8 NAG N . 0.12 -40.40 24.13
N2 NAG N . 0.12 -40.90 21.76
O3 NAG N . 1.46 -43.30 22.56
O4 NAG N . 0.42 -45.71 21.31
O5 NAG N . -2.49 -43.48 21.42
O6 NAG N . -2.89 -46.54 20.11
O7 NAG N . 1.06 -38.97 22.45
C1 NAG N . 0.82 -46.59 22.38
C2 NAG N . 1.36 -47.86 21.76
C3 NAG N . 1.80 -48.83 22.86
C4 NAG N . 2.78 -48.16 23.81
C5 NAG N . 2.20 -46.85 24.34
C6 NAG N . 3.18 -46.06 25.18
C7 NAG N . 0.69 -48.99 19.69
C8 NAG N . -0.43 -49.60 18.92
N2 NAG N . 0.38 -48.49 20.89
O3 NAG N . 2.38 -49.98 22.24
O4 NAG N . 3.03 -49.01 24.93
O5 NAG N . 1.82 -46.00 23.24
O6 NAG N . 2.51 -45.20 26.08
O7 NAG N . 1.84 -48.95 19.24
C1 BMA N . 4.32 -49.64 24.83
C2 BMA N . 4.94 -49.72 26.24
C3 BMA N . 6.11 -50.70 26.29
C4 BMA N . 5.78 -52.03 25.57
C5 BMA N . 5.32 -51.73 24.14
C6 BMA N . 4.97 -52.98 23.37
O2 BMA N . 3.97 -50.19 27.17
O3 BMA N . 6.49 -50.93 27.63
O4 BMA N . 6.91 -52.89 25.52
O5 BMA N . 4.14 -50.92 24.23
O6 BMA N . 4.41 -53.91 24.27
C1 MAN N . 7.91 -50.76 27.78
C2 MAN N . 8.31 -51.59 29.06
C3 MAN N . 8.06 -50.78 30.35
C4 MAN N . 8.59 -49.35 30.24
C5 MAN N . 7.93 -48.67 29.05
C6 MAN N . 8.39 -47.24 28.88
O2 MAN N . 9.71 -51.94 29.08
O3 MAN N . 8.61 -51.42 31.49
O4 MAN N . 8.28 -48.63 31.43
O5 MAN N . 8.29 -49.38 27.86
O6 MAN N . 9.75 -47.27 28.47
C1 MAN N . 10.06 -52.72 27.93
C2 MAN N . 10.26 -54.19 28.37
C3 MAN N . 10.89 -55.03 27.26
C4 MAN N . 12.08 -54.34 26.54
C5 MAN N . 11.81 -52.85 26.22
C6 MAN N . 10.90 -52.62 25.02
O2 MAN N . 9.02 -54.83 28.69
O3 MAN N . 9.91 -55.49 26.32
O4 MAN N . 13.25 -54.44 27.34
O5 MAN N . 11.23 -52.17 27.35
O6 MAN N . 11.43 -53.36 23.94
C1 MAN N . 3.58 -54.84 23.56
C2 MAN N . 2.53 -55.36 24.54
C3 MAN N . 3.21 -56.22 25.62
C4 MAN N . 4.10 -57.31 25.00
C5 MAN N . 5.10 -56.69 24.00
C6 MAN N . 5.90 -57.73 23.25
O2 MAN N . 1.60 -56.24 23.89
O3 MAN N . 2.27 -56.80 26.51
O4 MAN N . 4.82 -57.98 26.02
O5 MAN N . 4.37 -55.89 23.03
O6 MAN N . 5.03 -58.80 22.91
C1 MAN N . 2.22 -56.01 27.72
C2 MAN N . 1.99 -56.98 28.90
C3 MAN N . 0.56 -57.55 28.86
C4 MAN N . -0.49 -56.44 28.69
C5 MAN N . -0.15 -55.57 27.47
C6 MAN N . -1.08 -54.39 27.28
O2 MAN N . 2.10 -56.31 30.16
O3 MAN N . 0.27 -58.34 30.00
O4 MAN N . -1.78 -57.00 28.52
O5 MAN N . 1.20 -55.04 27.63
O6 MAN N . -2.41 -54.90 27.13
C1 MAN N . 4.86 -58.82 21.47
C2 MAN N . 3.57 -59.66 21.16
C3 MAN N . 3.85 -61.16 21.34
C4 MAN N . 5.11 -61.60 20.57
C5 MAN N . 6.30 -60.76 21.05
C6 MAN N . 7.58 -61.08 20.31
O2 MAN N . 3.17 -59.51 19.80
O3 MAN N . 2.73 -61.94 20.94
O4 MAN N . 5.37 -62.97 20.81
O5 MAN N . 6.01 -59.36 20.82
O6 MAN N . 7.64 -62.48 20.11
C1 NAG O . 15.26 -32.78 18.30
C2 NAG O . 16.01 -33.31 19.52
C3 NAG O . 16.82 -32.18 20.17
C4 NAG O . 17.72 -31.50 19.15
C5 NAG O . 16.92 -31.07 17.92
C6 NAG O . 17.78 -30.55 16.79
C7 NAG O . 15.38 -34.98 21.21
C8 NAG O . 14.31 -35.43 22.15
N2 NAG O . 15.09 -33.89 20.48
O3 NAG O . 17.61 -32.72 21.22
O4 NAG O . 18.30 -30.34 19.75
O5 NAG O . 16.19 -32.19 17.39
O6 NAG O . 18.28 -29.25 17.08
O7 NAG O . 16.45 -35.55 21.12
C1 NAG O . 19.73 -30.42 19.91
C2 NAG O . 20.23 -29.02 20.19
C3 NAG O . 21.75 -29.03 20.40
C4 NAG O . 22.15 -30.04 21.47
C5 NAG O . 21.55 -31.41 21.15
C6 NAG O . 21.79 -32.43 22.24
C7 NAG O . 19.36 -26.88 19.36
C8 NAG O . 19.04 -26.06 18.15
N2 NAG O . 19.87 -28.10 19.13
O3 NAG O . 22.18 -27.72 20.76
O4 NAG O . 23.56 -30.13 21.53
O5 NAG O . 20.13 -31.32 20.97
O6 NAG O . 23.16 -32.80 22.31
O7 NAG O . 19.18 -26.45 20.50
C1 BMA O . 24.09 -29.59 22.76
C2 BMA O . 25.65 -29.70 22.70
C3 BMA O . 26.28 -29.00 23.92
C4 BMA O . 25.70 -27.58 24.14
C5 BMA O . 24.17 -27.65 24.22
C6 BMA O . 23.51 -26.30 24.40
O2 BMA O . 26.16 -29.06 21.54
O3 BMA O . 27.69 -28.92 23.80
O4 BMA O . 26.21 -27.04 25.35
O5 BMA O . 23.68 -28.23 22.98
O6 BMA O . 24.03 -25.72 25.59
C1 NAG P . 19.88 -33.63 -0.32
C2 NAG P . 20.53 -34.27 0.92
C3 NAG P . 21.76 -33.47 1.34
C4 NAG P . 22.71 -33.25 0.17
C5 NAG P . 21.96 -32.69 -1.04
C6 NAG P . 22.82 -32.60 -2.28
C7 NAG P . 19.61 -35.27 2.97
C8 NAG P . 18.54 -35.19 4.02
N2 NAG P . 19.56 -34.34 2.01
O3 NAG P . 22.43 -34.16 2.39
O4 NAG P . 23.71 -32.32 0.55
O5 NAG P . 20.85 -33.54 -1.37
O6 NAG P . 22.01 -32.49 -3.45
O7 NAG P . 20.48 -36.13 3.00
C1 NAG P . 25.00 -32.95 0.68
C2 NAG P . 26.06 -31.84 0.79
C3 NAG P . 27.44 -32.45 1.00
C4 NAG P . 27.45 -33.39 2.19
C5 NAG P . 26.35 -34.44 2.03
C6 NAG P . 26.22 -35.36 3.21
C7 NAG P . 25.61 -29.72 -0.43
C8 NAG P . 25.12 -29.15 0.88
N2 NAG P . 26.04 -31.00 -0.40
O3 NAG P . 28.39 -31.40 1.22
O4 NAG P . 28.70 -34.04 2.29
O5 NAG P . 25.08 -33.80 1.84
O6 NAG P . 26.74 -36.65 2.95
O7 NAG P . 25.61 -29.06 -1.46
C1 NAG Q . -2.23 -26.25 -12.57
C2 NAG Q . -1.98 -27.75 -12.75
C3 NAG Q . -3.25 -28.46 -13.26
C4 NAG Q . -4.43 -28.14 -12.36
C5 NAG Q . -4.62 -26.63 -12.27
C6 NAG Q . -5.74 -26.22 -11.35
C7 NAG Q . -0.06 -29.06 -13.55
C8 NAG Q . 1.05 -29.16 -14.56
N2 NAG Q . -0.87 -28.00 -13.65
O3 NAG Q . -3.03 -29.86 -13.33
O4 NAG Q . -5.61 -28.77 -12.84
O5 NAG Q . -3.41 -26.04 -11.77
O6 NAG Q . -5.97 -24.82 -11.42
O7 NAG Q . -0.21 -29.91 -12.66
C1 NAG Q . -6.04 -29.87 -11.98
C2 NAG Q . -6.03 -31.17 -12.82
C3 NAG Q . -6.41 -32.38 -11.95
C4 NAG Q . -5.54 -32.44 -10.71
C5 NAG Q . -5.61 -31.12 -9.95
C6 NAG Q . -4.71 -31.08 -8.73
C7 NAG Q . -8.20 -30.90 -14.07
C8 NAG Q . -8.79 -30.86 -15.45
N2 NAG Q . -6.87 -31.09 -14.02
O3 NAG Q . -6.25 -33.57 -12.71
O4 NAG Q . -5.98 -33.50 -9.86
O5 NAG Q . -5.21 -30.04 -10.80
O6 NAG Q . -3.53 -31.84 -8.95
O7 NAG Q . -8.90 -30.75 -13.07
C1 NAG R . -22.79 5.22 -27.10
C2 NAG R . -21.76 4.27 -26.49
C3 NAG R . -21.80 2.91 -27.20
C4 NAG R . -23.20 2.33 -27.19
C5 NAG R . -24.17 3.34 -27.80
C6 NAG R . -25.62 2.90 -27.74
C7 NAG R . -19.64 5.17 -27.48
C8 NAG R . -18.28 5.71 -27.11
N2 NAG R . -20.41 4.81 -26.43
O3 NAG R . -20.88 2.03 -26.55
O4 NAG R . -23.27 1.13 -27.96
O5 NAG R . -24.09 4.59 -27.10
O6 NAG R . -26.19 3.19 -26.48
O7 NAG R . -20.00 5.08 -28.65
C1 NAG R . -23.35 -0.02 -27.09
C2 NAG R . -23.99 -1.19 -27.84
C3 NAG R . -24.00 -2.45 -26.96
C4 NAG R . -22.59 -2.76 -26.47
C5 NAG R . -22.01 -1.53 -25.75
C6 NAG R . -20.57 -1.70 -25.32
C7 NAG R . -25.85 -1.22 -29.44
C8 NAG R . -27.27 -0.79 -29.70
N2 NAG R . -25.35 -0.85 -28.26
O3 NAG R . -24.51 -3.54 -27.71
O4 NAG R . -22.62 -3.86 -25.57
O5 NAG R . -22.04 -0.40 -26.64
O6 NAG R . -19.82 -0.53 -25.55
O7 NAG R . -25.20 -1.87 -30.25
C1 BMA R . -21.97 -5.00 -26.16
C2 BMA R . -21.57 -5.98 -25.02
C3 BMA R . -21.00 -7.28 -25.62
C4 BMA R . -21.92 -7.87 -26.70
C5 BMA R . -22.21 -6.80 -27.77
C6 BMA R . -23.16 -7.28 -28.85
O2 BMA R . -22.71 -6.35 -24.26
O3 BMA R . -20.72 -8.24 -24.61
O4 BMA R . -21.31 -9.00 -27.30
O5 BMA R . -22.81 -5.66 -27.13
O6 BMA R . -24.48 -7.16 -28.34
C1 MAN R . -19.42 -7.95 -24.04
C2 MAN R . -18.59 -9.28 -24.00
C3 MAN R . -19.06 -10.19 -22.85
C4 MAN R . -19.20 -9.42 -21.52
C5 MAN R . -20.13 -8.21 -21.72
C6 MAN R . -20.28 -7.37 -20.47
O2 MAN R . -17.21 -9.01 -23.74
O3 MAN R . -18.22 -11.32 -22.69
O4 MAN R . -19.73 -10.28 -20.52
O5 MAN R . -19.56 -7.36 -22.74
O6 MAN R . -19.16 -6.52 -20.37
C1 MAN R . -25.37 -8.00 -29.10
C2 MAN R . -26.81 -7.45 -28.89
C3 MAN R . -27.28 -7.72 -27.45
C4 MAN R . -27.10 -9.22 -27.08
C5 MAN R . -25.64 -9.64 -27.31
C6 MAN R . -25.41 -11.12 -27.07
O2 MAN R . -27.74 -8.10 -29.74
O3 MAN R . -28.63 -7.32 -27.25
O4 MAN R . -27.44 -9.42 -25.72
O5 MAN R . -25.27 -9.36 -28.68
O6 MAN R . -24.02 -11.39 -27.29
C1 NAG S . -19.89 1.81 -44.80
C2 NAG S . -20.55 0.44 -44.92
C3 NAG S . -20.05 -0.28 -46.18
C4 NAG S . -20.20 0.59 -47.42
C5 NAG S . -19.58 1.97 -47.18
C6 NAG S . -19.85 2.95 -48.30
C7 NAG S . -21.26 -0.83 -42.93
C8 NAG S . -22.68 -0.48 -43.29
N2 NAG S . -20.30 -0.37 -43.74
O3 NAG S . -20.78 -1.49 -46.34
O4 NAG S . -19.52 -0.02 -48.51
O5 NAG S . -20.13 2.56 -45.99
O6 NAG S . -19.13 2.62 -49.47
O7 NAG S . -20.99 -1.51 -41.93
C1 NAG S . -20.48 -0.47 -49.50
C2 NAG S . -19.72 -0.75 -50.79
C3 NAG S . -20.68 -1.23 -51.87
C4 NAG S . -21.47 -2.43 -51.38
C5 NAG S . -22.15 -2.12 -50.04
C6 NAG S . -22.83 -3.32 -49.41
C7 NAG S . -17.67 0.41 -51.47
C8 NAG S . -17.07 1.70 -51.93
N2 NAG S . -18.98 0.42 -51.24
O3 NAG S . -19.93 -1.54 -53.04
O4 NAG S . -22.51 -2.77 -52.30
O5 NAG S . -21.18 -1.65 -49.08
O6 NAG S . -23.08 -3.12 -48.03
O7 NAG S . -16.99 -0.60 -51.30
C1 BMA S . -22.15 -3.92 -53.09
C2 BMA S . -23.40 -4.79 -53.35
C3 BMA S . -23.14 -5.84 -54.46
C4 BMA S . -22.43 -5.21 -55.68
C5 BMA S . -21.15 -4.50 -55.20
C6 BMA S . -20.36 -3.87 -56.32
O2 BMA S . -24.48 -3.99 -53.80
O3 BMA S . -24.35 -6.47 -54.86
O4 BMA S . -22.07 -6.19 -56.64
O5 BMA S . -21.55 -3.47 -54.30
O6 BMA S . -21.29 -3.34 -57.26
C1 MAN S . -24.22 -7.90 -54.85
C2 MAN S . -25.35 -8.45 -55.78
C3 MAN S . -26.71 -8.38 -55.08
C4 MAN S . -26.65 -9.01 -53.69
C5 MAN S . -25.57 -8.31 -52.85
C6 MAN S . -25.42 -8.90 -51.47
O2 MAN S . -25.17 -9.84 -56.12
O3 MAN S . -27.73 -8.99 -55.86
O4 MAN S . -27.91 -8.88 -53.03
O5 MAN S . -24.30 -8.44 -53.53
O6 MAN S . -25.13 -10.30 -51.63
C1 MAN S . -23.97 -10.05 -56.88
C2 MAN S . -24.35 -10.26 -58.37
C3 MAN S . -23.12 -10.67 -59.19
C4 MAN S . -22.24 -11.78 -58.53
C5 MAN S . -22.03 -11.54 -57.01
C6 MAN S . -20.98 -10.49 -56.68
O2 MAN S . -24.83 -9.07 -58.98
O3 MAN S . -22.32 -9.54 -59.56
O4 MAN S . -22.83 -13.05 -58.74
O5 MAN S . -23.27 -11.16 -56.35
O6 MAN S . -19.84 -10.76 -57.49
C1 MAN S . -20.71 -2.20 -57.92
C2 MAN S . -21.88 -1.36 -58.46
C3 MAN S . -22.57 -2.14 -59.58
C4 MAN S . -21.57 -2.58 -60.67
C5 MAN S . -20.43 -3.38 -60.02
C6 MAN S . -19.32 -3.76 -60.99
O2 MAN S . -21.42 -0.15 -59.06
O3 MAN S . -23.65 -1.42 -60.14
O4 MAN S . -22.22 -3.37 -61.64
O5 MAN S . -19.83 -2.60 -58.95
O6 MAN S . -19.15 -2.71 -61.95
C1 MAN S . -24.87 -1.86 -59.51
C2 MAN S . -25.97 -1.94 -60.60
C3 MAN S . -26.39 -0.53 -61.05
C4 MAN S . -26.73 0.37 -59.83
C5 MAN S . -25.54 0.39 -58.85
C6 MAN S . -25.83 1.18 -57.60
O2 MAN S . -27.15 -2.56 -60.09
O3 MAN S . -27.48 -0.57 -61.95
O4 MAN S . -27.01 1.69 -60.27
O5 MAN S . -25.24 -0.98 -58.46
O6 MAN S . -26.35 2.45 -57.97
C1 MAN S . -17.93 -1.98 -61.67
C2 MAN S . -17.95 -0.67 -62.51
C3 MAN S . -17.68 -0.99 -63.98
C4 MAN S . -16.38 -1.81 -64.15
C5 MAN S . -16.51 -3.11 -63.35
C6 MAN S . -15.25 -3.95 -63.40
O2 MAN S . -16.92 0.22 -62.10
O3 MAN S . -17.60 0.20 -64.76
O4 MAN S . -16.19 -2.11 -65.52
O5 MAN S . -16.77 -2.79 -61.95
O6 MAN S . -14.84 -4.04 -64.75
C1 NAG T . -14.65 -14.91 -36.92
C2 NAG T . -15.55 -15.87 -37.69
C3 NAG T . -16.14 -16.92 -36.74
C4 NAG T . -15.05 -17.62 -35.95
C5 NAG T . -14.16 -16.59 -35.25
C6 NAG T . -12.96 -17.21 -34.56
C7 NAG T . -17.05 -15.48 -39.59
C8 NAG T . -18.14 -14.62 -40.16
N2 NAG T . -16.61 -15.15 -38.38
O3 NAG T . -16.88 -17.87 -37.51
O4 NAG T . -15.64 -18.47 -34.97
O5 NAG T . -13.65 -15.65 -36.20
O6 NAG T . -12.80 -16.69 -33.25
O7 NAG T . -16.58 -16.43 -40.22
C1 NAG T . -15.40 -19.87 -35.24
C2 NAG T . -15.57 -20.65 -33.93
C3 NAG T . -15.36 -22.14 -34.16
C4 NAG T . -16.26 -22.65 -35.29
C5 NAG T . -16.04 -21.80 -36.54
C6 NAG T . -16.98 -22.16 -37.68
C7 NAG T . -15.04 -20.01 -31.63
C8 NAG T . -13.98 -19.50 -30.69
N2 NAG T . -14.67 -20.16 -32.90
O3 NAG T . -15.63 -22.84 -32.96
O4 NAG T . -15.98 -24.01 -35.57
O5 NAG T . -16.27 -20.41 -36.25
O6 NAG T . -16.67 -23.43 -38.23
O7 NAG T . -16.17 -20.27 -31.23
C1 BMA T . -17.06 -24.86 -35.15
C2 BMA T . -16.87 -26.26 -35.79
C3 BMA T . -17.91 -27.25 -35.24
C4 BMA T . -18.00 -27.20 -33.70
C5 BMA T . -18.23 -25.75 -33.24
C6 BMA T . -18.29 -25.62 -31.73
O2 BMA T . -15.59 -26.78 -35.46
O3 BMA T . -17.64 -28.58 -35.67
O4 BMA T . -19.07 -28.03 -33.25
O5 BMA T . -17.14 -24.95 -33.73
O6 BMA T . -19.23 -26.56 -31.22
C1 NAG U . 4.86 -16.19 -36.91
C2 NAG U . 3.72 -16.84 -37.69
C3 NAG U . 3.40 -18.22 -37.10
C4 NAG U . 4.67 -19.08 -36.99
C5 NAG U . 5.78 -18.31 -36.27
C6 NAG U . 7.11 -19.03 -36.27
C7 NAG U . 1.70 -15.92 -38.72
C8 NAG U . 0.52 -15.02 -38.54
N2 NAG U . 2.54 -16.01 -37.69
O3 NAG U . 2.45 -18.87 -37.91
O4 NAG U . 4.38 -20.25 -36.25
O5 NAG U . 6.00 -17.04 -36.91
O6 NAG U . 7.90 -18.65 -37.38
O7 NAG U . 1.87 -16.56 -39.75
C1 NAG U . 4.45 -21.41 -37.11
C2 NAG U . 4.52 -22.65 -36.22
C3 NAG U . 4.55 -23.92 -37.06
C4 NAG U . 3.37 -23.95 -38.02
C5 NAG U . 3.31 -22.66 -38.84
C6 NAG U . 2.09 -22.57 -39.72
C7 NAG U . 5.65 -22.40 -34.02
C8 NAG U . 4.29 -22.25 -33.41
N2 NAG U . 5.70 -22.59 -35.34
O3 NAG U . 4.52 -25.06 -36.21
O4 NAG U . 3.48 -25.06 -38.90
O5 NAG U . 3.29 -21.52 -37.97
O6 NAG U . 2.38 -21.92 -40.96
O7 NAG U . 6.68 -22.36 -33.34
C1 NAG V . 12.65 6.56 -26.37
C2 NAG V . 12.92 6.50 -27.89
C3 NAG V . 13.37 7.86 -28.43
C4 NAG V . 12.38 8.95 -28.02
C5 NAG V . 12.26 8.97 -26.51
C6 NAG V . 11.27 9.98 -25.99
C7 NAG V . 13.97 4.81 -29.36
C8 NAG V . 15.08 3.81 -29.50
N2 NAG V . 13.92 5.48 -28.20
O3 NAG V . 13.49 7.81 -29.85
O4 NAG V . 12.81 10.22 -28.51
O5 NAG V . 11.79 7.67 -26.07
O6 NAG V . 11.34 10.09 -24.57
O7 NAG V . 13.17 5.03 -30.26
C1 NAG V . 11.93 10.73 -29.55
C2 NAG V . 12.73 10.87 -30.87
C3 NAG V . 11.83 11.35 -32.00
C4 NAG V . 10.59 10.47 -32.13
C5 NAG V . 9.86 10.40 -30.78
C6 NAG V . 8.66 9.48 -30.81
C7 NAG V . 13.97 13.00 -30.40
C8 NAG V . 15.35 13.59 -30.34
N2 NAG V . 13.92 11.70 -30.73
O3 NAG V . 12.56 11.32 -33.23
O4 NAG V . 9.71 11.00 -33.11
O5 NAG V . 10.74 9.91 -29.77
O6 NAG V . 8.91 8.33 -31.60
O7 NAG V . 12.97 13.68 -30.16
C1 NAG W . 21.80 24.83 11.56
C2 NAG W . 21.34 23.95 10.39
C3 NAG W . 22.12 24.27 9.12
C4 NAG W . 22.03 25.76 8.80
C5 NAG W . 22.49 26.58 10.01
C6 NAG W . 22.32 28.06 9.83
C7 NAG W . 22.46 21.78 11.00
C8 NAG W . 22.20 20.33 11.26
N2 NAG W . 21.39 22.52 10.69
O3 NAG W . 21.60 23.51 8.03
O4 NAG W . 22.88 26.08 7.70
O5 NAG W . 21.72 26.21 11.17
O6 NAG W . 21.12 28.36 9.12
O7 NAG W . 23.60 22.24 11.07
C1 NAG W . 22.10 26.39 6.53
C2 NAG W . 22.88 27.45 5.72
C3 NAG W . 22.15 27.76 4.42
C4 NAG W . 21.85 26.49 3.63
C5 NAG W . 21.11 25.49 4.53
C6 NAG W . 20.88 24.14 3.87
C7 NAG W . 24.19 29.39 6.44
C8 NAG W . 24.22 30.60 7.32
N2 NAG W . 23.07 28.65 6.50
O3 NAG W . 22.93 28.65 3.64
O4 NAG W . 21.06 26.79 2.49
O5 NAG W . 21.87 25.23 5.72
O6 NAG W . 19.83 23.43 4.52
O7 NAG W . 25.13 29.09 5.72
C1 BMA W . 21.82 26.56 1.27
C2 BMA W . 20.83 26.25 0.14
C3 BMA W . 21.60 26.01 -1.16
C4 BMA W . 22.57 27.17 -1.48
C5 BMA W . 23.47 27.47 -0.25
C6 BMA W . 24.34 28.70 -0.45
O2 BMA W . 19.97 27.35 -0.09
O3 BMA W . 20.71 25.81 -2.27
O4 BMA W . 23.38 26.84 -2.59
O5 BMA W . 22.64 27.69 0.92
O6 BMA W . 23.49 29.84 -0.34
C1 MAN W . 20.21 24.46 -2.21
C2 MAN W . 20.47 23.78 -3.59
C3 MAN W . 19.49 24.31 -4.65
C4 MAN W . 18.03 24.26 -4.14
C5 MAN W . 17.92 25.05 -2.83
C6 MAN W . 16.53 25.01 -2.24
O2 MAN W . 20.25 22.38 -3.54
O3 MAN W . 19.61 23.61 -5.88
O4 MAN W . 17.16 24.83 -5.11
O5 MAN W . 18.83 24.45 -1.86
O6 MAN W . 16.18 23.65 -2.02
C1 MAN W . 24.17 30.99 -0.88
C2 MAN W . 23.58 32.25 -0.19
C3 MAN W . 22.13 32.48 -0.66
C4 MAN W . 22.04 32.49 -2.20
C5 MAN W . 22.65 31.20 -2.77
C6 MAN W . 22.71 31.19 -4.29
O2 MAN W . 24.30 33.43 -0.53
O3 MAN W . 21.58 33.67 -0.13
O4 MAN W . 20.69 32.60 -2.61
O5 MAN W . 24.02 31.05 -2.29
O6 MAN W . 23.23 29.94 -4.71
C1 NAG X . 39.87 25.36 9.21
C2 NAG X . 39.91 26.28 8.01
C3 NAG X . 41.24 26.11 7.26
C4 NAG X . 42.43 26.28 8.21
C5 NAG X . 42.27 25.39 9.45
C6 NAG X . 43.30 25.64 10.51
C7 NAG X . 37.92 26.94 6.71
C8 NAG X . 38.12 28.34 7.21
N2 NAG X . 38.79 26.01 7.11
O3 NAG X . 41.31 27.07 6.22
O4 NAG X . 43.62 25.92 7.52
O5 NAG X . 40.99 25.63 10.06
O6 NAG X . 44.59 25.18 10.10
O7 NAG X . 36.99 26.66 5.95
C1 NAG X . 44.46 27.08 7.33
C2 NAG X . 45.86 26.58 7.03
C3 NAG X . 46.80 27.77 6.81
C4 NAG X . 46.25 28.72 5.74
C5 NAG X . 44.79 29.09 6.05
C6 NAG X . 44.14 29.88 4.94
C7 NAG X . 47.04 24.60 7.84
C8 NAG X . 47.48 23.83 9.05
N2 NAG X . 46.36 25.72 8.09
O3 NAG X . 48.07 27.27 6.43
O4 NAG X . 47.01 29.91 5.70
O5 NAG X . 43.99 27.92 6.25
O6 NAG X . 43.27 30.88 5.46
O7 NAG X . 47.29 24.22 6.70
C1 BMA X . 47.89 29.95 4.57
C2 BMA X . 47.89 31.39 4.01
C3 BMA X . 49.07 31.60 3.03
C4 BMA X . 50.39 31.06 3.61
C5 BMA X . 50.20 29.59 3.96
C6 BMA X . 51.46 28.94 4.48
O2 BMA X . 48.07 32.33 5.05
O3 BMA X . 49.18 32.99 2.69
O4 BMA X . 51.47 31.17 2.69
O5 BMA X . 49.19 29.52 4.97
O6 BMA X . 52.16 29.89 5.26
C1 MAN X . 49.28 33.12 1.26
C2 MAN X . 50.14 34.43 1.01
C3 MAN X . 49.28 35.70 1.07
C4 MAN X . 47.98 35.55 0.26
C5 MAN X . 47.21 34.36 0.82
C6 MAN X . 45.90 34.13 0.10
O2 MAN X . 50.78 34.45 -0.27
O3 MAN X . 50.00 36.84 0.62
O4 MAN X . 47.20 36.72 0.39
O5 MAN X . 48.00 33.17 0.63
O6 MAN X . 46.19 33.55 -1.17
C1 MAN X . 51.64 33.30 -0.48
C2 MAN X . 53.10 33.68 -0.08
C3 MAN X . 54.15 32.70 -0.65
C4 MAN X . 53.87 32.20 -2.09
C5 MAN X . 52.37 31.86 -2.32
C6 MAN X . 51.93 30.53 -1.69
O2 MAN X . 53.30 33.63 1.34
O3 MAN X . 54.38 31.59 0.24
O4 MAN X . 54.28 33.18 -3.02
O5 MAN X . 51.52 32.91 -1.83
O6 MAN X . 52.95 29.57 -1.91
C1 MAN X . 52.96 29.17 6.21
C2 MAN X . 53.24 30.13 7.38
C3 MAN X . 54.09 31.29 6.88
C4 MAN X . 55.40 30.78 6.23
C5 MAN X . 55.06 29.78 5.10
C6 MAN X . 56.29 29.11 4.51
O2 MAN X . 54.00 29.51 8.41
O3 MAN X . 54.38 32.23 7.91
O4 MAN X . 56.13 31.87 5.69
O5 MAN X . 54.18 28.74 5.62
O6 MAN X . 57.21 28.83 5.56
C1 MAN X . 53.34 33.23 7.94
C2 MAN X . 54.00 34.61 8.19
C3 MAN X . 54.53 34.70 9.63
C4 MAN X . 53.47 34.26 10.68
C5 MAN X . 52.92 32.87 10.30
C6 MAN X . 51.81 32.39 11.22
O2 MAN X . 53.05 35.67 8.06
O3 MAN X . 55.00 36.00 9.93
O4 MAN X . 54.06 34.22 11.97
O5 MAN X . 52.40 32.93 8.96
O6 MAN X . 52.41 31.78 12.36
C1 MAN X . 57.23 27.41 5.83
C2 MAN X . 57.96 27.20 7.19
C3 MAN X . 59.47 27.40 7.02
C4 MAN X . 60.03 26.52 5.89
C5 MAN X . 59.30 26.88 4.59
C6 MAN X . 59.74 26.02 3.41
O2 MAN X . 57.80 25.86 7.67
O3 MAN X . 60.18 27.14 8.23
O4 MAN X . 61.42 26.77 5.73
O5 MAN X . 57.86 26.68 4.76
O6 MAN X . 61.16 25.91 3.45
C1 NAG Y . 33.35 22.84 -9.26
C2 NAG Y . 33.83 24.15 -9.87
C3 NAG Y . 32.79 24.67 -10.88
C4 NAG Y . 32.47 23.60 -11.92
C5 NAG Y . 32.10 22.27 -11.24
C6 NAG Y . 31.98 21.13 -12.21
C7 NAG Y . 35.31 25.40 -8.37
C8 NAG Y . 35.39 26.47 -7.31
N2 NAG Y . 34.08 25.15 -8.85
O3 NAG Y . 33.32 25.83 -11.52
O4 NAG Y . 31.34 24.02 -12.68
O5 NAG Y . 33.11 21.89 -10.29
O6 NAG Y . 30.83 21.28 -13.04
O7 NAG Y . 36.30 24.80 -8.76
C1 NAG Y . 31.72 24.38 -14.04
C2 NAG Y . 30.49 24.30 -14.94
C3 NAG Y . 30.86 24.68 -16.37
C4 NAG Y . 31.54 26.05 -16.41
C5 NAG Y . 32.71 26.10 -15.43
C6 NAG Y . 33.31 27.48 -15.29
C7 NAG Y . 28.55 22.79 -14.95
C8 NAG Y . 28.09 21.37 -14.91
N2 NAG Y . 29.88 22.98 -14.90
O3 NAG Y . 29.69 24.68 -17.18
O4 NAG Y . 32.03 26.29 -17.72
O5 NAG Y . 32.29 25.70 -14.11
O6 NAG Y . 33.98 27.87 -16.47
O7 NAG Y . 27.76 23.73 -15.03
C1 BMA Y . 31.27 27.31 -18.41
C2 BMA Y . 32.09 27.74 -19.66
C3 BMA Y . 31.27 28.67 -20.55
C4 BMA Y . 29.84 28.13 -20.82
C5 BMA Y . 29.16 27.82 -19.48
C6 BMA Y . 27.77 27.23 -19.66
O2 BMA Y . 32.42 26.61 -20.46
O3 BMA Y . 31.92 28.94 -21.79
O4 BMA Y . 29.07 29.10 -21.53
O5 BMA Y . 29.97 26.85 -18.77
O6 BMA Y . 27.11 27.94 -20.71
C1 NAG Z . 36.74 4.07 -14.02
C2 NAG Z . 37.37 5.42 -14.41
C3 NAG Z . 36.82 5.89 -15.76
C4 NAG Z . 36.94 4.81 -16.82
C5 NAG Z . 36.35 3.49 -16.31
C6 NAG Z . 36.55 2.33 -17.26
C7 NAG Z . 37.98 7.39 -13.10
C8 NAG Z . 37.56 8.33 -12.00
N2 NAG Z . 37.13 6.42 -13.38
O3 NAG Z . 37.50 7.07 -16.16
O4 NAG Z . 36.24 5.21 -18.00
O5 NAG Z . 36.96 3.13 -15.07
O6 NAG Z . 36.12 1.11 -16.67
O7 NAG Z . 39.04 7.53 -13.70
C1 NAG Z . 37.17 5.48 -19.07
C2 NAG Z . 36.41 5.31 -20.38
C3 NAG Z . 37.31 5.61 -21.57
C4 NAG Z . 37.96 6.99 -21.41
C5 NAG Z . 38.67 7.09 -20.06
C6 NAG Z . 39.21 8.47 -19.79
C7 NAG Z . 34.53 3.67 -20.41
C8 NAG Z . 33.61 4.82 -20.19
N2 NAG Z . 35.85 3.97 -20.49
O3 NAG Z . 36.56 5.55 -22.77
O4 NAG Z . 38.90 7.19 -22.46
O5 NAG Z . 37.74 6.80 -19.01
O6 NAG Z . 40.53 8.62 -20.33
O7 NAG Z . 34.13 2.53 -20.50
C1 NAG AA . 26.68 -8.99 6.08
C2 NAG AA . 28.23 -9.05 6.14
C3 NAG AA . 28.70 -9.67 7.45
C4 NAG AA . 28.08 -8.95 8.65
C5 NAG AA . 26.56 -8.98 8.51
C6 NAG AA . 25.85 -8.25 9.62
C7 NAG AA . 29.98 -9.60 4.50
C8 NAG AA . 30.37 -10.49 3.35
N2 NAG AA . 28.76 -9.80 5.01
O3 NAG AA . 30.12 -9.61 7.53
O4 NAG AA . 28.45 -9.58 9.87
O5 NAG AA . 26.18 -8.35 7.28
O6 NAG AA . 24.53 -8.74 9.81
O7 NAG AA . 30.74 -8.76 4.95
C1 NAG AA . 29.45 -8.83 10.60
C2 NAG AA . 30.65 -9.76 10.85
C3 NAG AA . 31.78 -9.03 11.57
C4 NAG AA . 32.14 -7.75 10.84
C5 NAG AA . 30.89 -6.89 10.64
C6 NAG AA . 31.16 -5.63 9.82
C7 NAG AA . 29.75 -11.11 12.77
C8 NAG AA . 29.48 -12.52 13.22
N2 NAG AA . 30.28 -11.00 11.54
O3 NAG AA . 32.92 -9.87 11.66
O4 NAG AA . 33.10 -7.01 11.57
O5 NAG AA . 29.89 -7.63 9.93
O6 NAG AA . 32.16 -5.87 8.83
O7 NAG AA . 29.51 -10.15 13.50
C1 NAG BA . -8.89 -42.43 5.60
C2 NAG BA . -8.26 -42.48 4.21
C3 NAG BA . -8.87 -43.62 3.37
C4 NAG BA . -8.78 -44.94 4.12
C5 NAG BA . -9.42 -44.80 5.51
C6 NAG BA . -9.26 -46.05 6.35
C7 NAG BA . -9.41 -40.52 3.13
C8 NAG BA . -9.16 -39.23 2.41
N2 NAG BA . -8.31 -41.20 3.50
O3 NAG BA . -8.18 -43.71 2.13
O4 NAG BA . -9.45 -45.96 3.39
O5 NAG BA . -8.80 -43.73 6.23
O6 NAG BA . -8.07 -45.98 7.13
O7 NAG BA . -10.56 -40.92 3.36
C1 NAG CA . -15.97 -49.91 11.93
C2 NAG CA . -14.58 -50.28 11.37
C3 NAG CA . -14.58 -51.73 10.88
C4 NAG CA . -15.08 -52.68 11.96
C5 NAG CA . -16.45 -52.22 12.48
C6 NAG CA . -16.95 -53.04 13.64
C7 NAG CA . -14.68 -49.09 9.16
C8 NAG CA . -13.95 -48.08 8.32
N2 NAG CA . -14.11 -49.35 10.35
O3 NAG CA . -13.25 -52.09 10.50
O4 NAG CA . -15.19 -53.99 11.45
O5 NAG CA . -16.37 -50.86 12.94
O6 NAG CA . -15.88 -53.70 14.31
O7 NAG CA . -15.72 -49.63 8.78
C1 NAG DA . 21.96 -24.58 -10.96
C2 NAG DA . 22.32 -25.38 -12.22
C3 NAG DA . 23.83 -25.59 -12.33
C4 NAG DA . 24.56 -24.25 -12.23
C5 NAG DA . 24.12 -23.50 -10.97
C6 NAG DA . 24.72 -22.11 -10.87
C7 NAG DA . 21.63 -27.69 -11.48
C8 NAG DA . 20.77 -28.85 -11.85
N2 NAG DA . 21.58 -26.64 -12.33
O3 NAG DA . 24.14 -26.21 -13.57
O4 NAG DA . 25.96 -24.47 -12.17
O5 NAG DA . 22.69 -23.33 -10.95
O6 NAG DA . 26.14 -22.16 -10.86
O7 NAG DA . 22.33 -27.70 -10.46
C1 NAG EA . -21.06 -45.02 4.22
C2 NAG EA . -21.98 -46.25 4.41
C3 NAG EA . -21.57 -47.41 3.50
C4 NAG EA . -21.42 -46.95 2.05
C5 NAG EA . -20.45 -45.79 1.98
C6 NAG EA . -20.29 -45.23 0.58
C7 NAG EA . -21.12 -47.17 6.58
C8 NAG EA . -21.52 -47.55 7.97
N2 NAG EA . -22.10 -46.68 5.80
O3 NAG EA . -22.53 -48.45 3.59
O4 NAG EA . -20.96 -48.02 1.23
O5 NAG EA . -20.91 -44.72 2.81
O6 NAG EA . -20.77 -46.14 -0.40
O7 NAG EA . -19.94 -47.28 6.20
C1 NAG FA . -37.97 -24.58 4.21
C2 NAG FA . -38.69 -25.66 3.40
C3 NAG FA . -39.98 -25.11 2.79
C4 NAG FA . -40.86 -24.49 3.88
C5 NAG FA . -40.07 -23.45 4.67
C6 NAG FA . -40.84 -22.87 5.84
C7 NAG FA . -37.70 -27.51 2.12
C8 NAG FA . -36.78 -27.88 1.01
N2 NAG FA . -37.83 -26.20 2.36
O3 NAG FA . -40.68 -26.15 2.14
O4 NAG FA . -41.99 -23.87 3.29
O5 NAG FA . -38.88 -24.03 5.20
O6 NAG FA . -40.30 -23.32 7.07
O7 NAG FA . -38.31 -28.35 2.77
C1 NAG GA . -44.28 -7.91 33.27
C2 NAG GA . -44.13 -7.44 34.72
C3 NAG GA . -45.01 -8.27 35.64
C4 NAG GA . -46.46 -8.27 35.16
C5 NAG GA . -46.53 -8.71 33.70
C6 NAG GA . -47.91 -8.58 33.12
C7 NAG GA . -42.17 -6.58 35.94
C8 NAG GA . -40.73 -6.80 36.28
N2 NAG GA . -42.74 -7.50 35.15
O3 NAG GA . -44.93 -7.75 36.97
O4 NAG GA . -47.24 -9.15 35.95
O5 NAG GA . -45.67 -7.88 32.90
O6 NAG GA . -48.89 -9.21 33.94
O7 NAG GA . -42.81 -5.62 36.36
C1 NAG HA . -32.74 -15.56 32.77
C2 NAG HA . -33.19 -16.70 33.69
C3 NAG HA . -32.63 -16.47 35.09
C4 NAG HA . -31.11 -16.30 35.04
C5 NAG HA . -30.74 -15.18 34.07
C6 NAG HA . -29.24 -15.04 33.89
C7 NAG HA . -35.30 -17.83 33.17
C8 NAG HA . -36.78 -17.79 33.31
N2 NAG HA . -34.63 -16.81 33.73
O3 NAG HA . -32.96 -17.60 35.92
O4 NAG HA . -30.61 -16.00 36.34
O5 NAG HA . -31.30 -15.44 32.78
O6 NAG HA . -28.52 -15.60 34.97
O7 NAG HA . -34.71 -18.74 32.59
C1 NAG IA . -11.33 -28.61 27.92
C2 NAG IA . -11.51 -27.22 28.52
C3 NAG IA . -10.45 -26.96 29.59
C4 NAG IA . -10.46 -28.06 30.63
C5 NAG IA . -10.28 -29.42 29.97
C6 NAG IA . -10.42 -30.58 30.93
C7 NAG IA . -12.57 -25.64 26.98
C8 NAG IA . -12.35 -24.59 25.93
N2 NAG IA . -11.47 -26.18 27.51
O3 NAG IA . -10.70 -25.70 30.21
O4 NAG IA . -9.40 -27.85 31.58
O5 NAG IA . -11.30 -29.60 28.96
O6 NAG IA . -11.77 -30.87 31.20
O7 NAG IA . -13.71 -25.97 27.33
C1 NAG JA . 6.79 -33.52 22.67
C2 NAG JA . 7.79 -34.35 23.49
C3 NAG JA . 7.35 -34.40 24.95
C4 NAG JA . 7.12 -33.00 25.50
C5 NAG JA . 6.16 -32.23 24.60
C6 NAG JA . 5.98 -30.78 25.02
C7 NAG JA . 9.05 -36.40 23.02
C8 NAG JA . 9.01 -37.77 22.41
N2 NAG JA . 7.92 -35.69 22.95
O3 NAG JA . 8.34 -35.06 25.74
O4 NAG JA . 6.56 -33.08 26.82
O5 NAG JA . 6.65 -32.21 23.25
O6 NAG JA . 5.43 -30.69 26.32
O7 NAG JA . 10.06 -35.96 23.56
C1 NAG KA . -5.88 11.94 -43.21
C2 NAG KA . -4.38 11.61 -43.13
C3 NAG KA . -3.57 12.56 -44.02
C4 NAG KA . -4.12 12.59 -45.44
C5 NAG KA . -5.62 12.90 -45.42
C6 NAG KA . -6.24 12.81 -46.79
C7 NAG KA . -3.83 12.57 -40.88
C8 NAG KA . -3.25 12.22 -39.54
N2 NAG KA . -3.87 11.56 -41.77
O3 NAG KA . -2.20 12.15 -44.03
O4 NAG KA . -3.44 13.58 -46.20
O5 NAG KA . -6.30 11.96 -44.59
O6 NAG KA . -6.95 11.60 -46.96
O7 NAG KA . -4.26 13.70 -41.12
C1 NAG LA . -12.91 18.08 -50.49
C2 NAG LA . -12.10 16.88 -51.01
C3 NAG LA . -11.73 17.06 -52.48
C4 NAG LA . -12.97 17.36 -53.31
C5 NAG LA . -13.72 18.54 -52.72
C6 NAG LA . -15.03 18.83 -53.43
C7 NAG LA . -9.87 17.38 -49.96
C8 NAG LA . -8.81 16.81 -49.06
N2 NAG LA . -10.92 16.58 -50.18
O3 NAG LA . -11.10 15.87 -52.96
O4 NAG LA . -12.60 17.65 -54.65
O5 NAG LA . -14.05 18.29 -51.35
O6 NAG LA . -15.84 17.66 -53.51
O7 NAG LA . -9.76 18.51 -50.44
C1 NAG MA . 15.14 -16.90 -27.48
C2 NAG MA . 16.39 -16.63 -28.34
C3 NAG MA . 16.71 -17.83 -29.22
C4 NAG MA . 16.81 -19.11 -28.38
C5 NAG MA . 15.55 -19.28 -27.53
C6 NAG MA . 15.62 -20.47 -26.60
C7 NAG MA . 15.41 -15.10 -30.07
C8 NAG MA . 15.56 -13.74 -30.69
N2 NAG MA . 16.30 -15.39 -29.11
O3 NAG MA . 17.95 -17.61 -29.90
O4 NAG MA . 16.97 -20.23 -29.23
O5 NAG MA . 15.32 -18.12 -26.72
O6 NAG MA . 14.98 -21.61 -27.15
O7 NAG MA . 14.52 -15.87 -30.42
C1 NAG NA . -6.50 24.29 -44.71
C2 NAG NA . -6.66 25.44 -45.74
C3 NAG NA . -5.74 25.25 -46.95
C4 NAG NA . -4.31 25.01 -46.51
C5 NAG NA . -4.25 23.84 -45.54
C6 NAG NA . -2.86 23.58 -45.00
C7 NAG NA . -8.84 24.79 -46.80
C8 NAG NA . -10.23 25.27 -47.09
N2 NAG NA . -8.05 25.65 -46.14
O3 NAG NA . -5.82 26.40 -47.78
O4 NAG NA . -3.50 24.72 -47.64
O5 NAG NA . -5.09 24.11 -44.41
O6 NAG NA . -1.88 23.68 -46.02
O7 NAG NA . -8.48 23.66 -47.15
C1 NAG OA . -10.51 38.53 -23.05
C2 NAG OA . -9.78 39.42 -24.07
C3 NAG OA . -9.40 40.76 -23.45
C4 NAG OA . -10.62 41.43 -22.83
C5 NAG OA . -11.29 40.49 -21.83
C6 NAG OA . -12.57 41.05 -21.26
C7 NAG OA . -8.11 38.96 -25.82
C8 NAG OA . -6.88 38.17 -26.17
N2 NAG OA . -8.60 38.74 -24.59
O3 NAG OA . -8.84 41.62 -24.44
O4 NAG OA . -10.23 42.62 -22.15
O5 NAG OA . -11.64 39.26 -22.49
O6 NAG OA . -13.68 40.19 -21.52
O7 NAG OA . -8.62 39.75 -26.60
C1 NAG PA . -40.79 37.85 -7.48
C2 NAG PA . -42.21 37.40 -7.11
C3 NAG PA . -43.23 38.18 -7.93
C4 NAG PA . -43.02 39.68 -7.77
C5 NAG PA . -41.59 40.05 -8.11
C6 NAG PA . -41.26 41.51 -7.85
C7 NAG PA . -42.95 35.16 -6.41
C8 NAG PA . -43.04 33.72 -6.78
N2 NAG PA . -42.37 35.96 -7.31
O3 NAG PA . -44.54 37.83 -7.50
O4 NAG PA . -43.91 40.39 -8.62
O5 NAG PA . -40.67 39.27 -7.31
O6 NAG PA . -42.35 42.19 -7.25
O7 NAG PA . -43.38 35.59 -5.35
C1 NAG QA . -38.00 27.26 -15.80
C2 NAG QA . -39.11 27.72 -16.75
C3 NAG QA . -40.36 26.86 -16.54
C4 NAG QA . -40.03 25.37 -16.66
C5 NAG QA . -38.88 25.02 -15.71
C6 NAG QA . -38.42 23.59 -15.86
C7 NAG QA . -39.81 29.93 -17.55
C8 NAG QA . -40.09 31.35 -17.17
N2 NAG QA . -39.43 29.12 -16.56
O3 NAG QA . -41.35 27.20 -17.51
O4 NAG QA . -41.16 24.58 -16.32
O5 NAG QA . -37.74 25.85 -15.98
O6 NAG QA . -39.51 22.70 -16.05
O7 NAG QA . -39.94 29.53 -18.70
C1 NAG RA . -28.74 8.45 -30.82
C2 NAG RA . -29.46 8.12 -29.51
C3 NAG RA . -30.25 6.83 -29.64
C4 NAG RA . -31.19 6.88 -30.83
C5 NAG RA . -30.41 7.22 -32.10
C6 NAG RA . -31.30 7.40 -33.30
C7 NAG RA . -28.79 8.46 -27.16
C8 NAG RA . -27.70 8.29 -26.16
N2 NAG RA . -28.52 8.03 -28.40
O3 NAG RA . -30.99 6.59 -28.44
O4 NAG RA . -31.85 5.63 -31.00
O5 NAG RA . -29.69 8.45 -31.90
O6 NAG RA . -31.32 8.76 -33.71
O7 NAG RA . -29.87 8.97 -26.88
C1 NAG SA . -20.36 -7.74 -36.74
C2 NAG SA . -20.96 -8.63 -37.83
C3 NAG SA . -22.48 -8.48 -37.84
C4 NAG SA . -23.06 -8.74 -36.45
C5 NAG SA . -22.36 -7.87 -35.41
C6 NAG SA . -22.79 -8.18 -33.99
C7 NAG SA . -20.19 -9.23 -40.08
C8 NAG SA . -19.62 -8.72 -41.37
N2 NAG SA . -20.41 -8.31 -39.13
O3 NAG SA . -23.05 -9.38 -38.78
O4 NAG SA . -24.45 -8.45 -36.44
O5 NAG SA . -20.94 -8.07 -35.47
O6 NAG SA . -21.94 -7.55 -33.04
O7 NAG SA . -20.44 -10.42 -39.90
C1 NAG TA . 39.59 10.07 15.02
C2 NAG TA . 39.89 8.78 14.23
C3 NAG TA . 40.71 7.80 15.08
C4 NAG TA . 41.95 8.47 15.62
C5 NAG TA . 41.56 9.72 16.41
C6 NAG TA . 42.76 10.49 16.91
C7 NAG TA . 37.66 7.63 14.36
C8 NAG TA . 36.57 7.03 13.53
N2 NAG TA . 38.70 8.15 13.68
O3 NAG TA . 41.08 6.68 14.27
O4 NAG TA . 42.66 7.57 16.48
O5 NAG TA . 40.82 10.61 15.57
O6 NAG TA . 43.62 10.87 15.84
O7 NAG TA . 37.59 7.64 15.60
C1 NAG UA . 45.80 15.83 23.85
C2 NAG UA . 46.43 15.19 22.59
C3 NAG UA . 47.91 14.90 22.81
C4 NAG UA . 48.63 16.16 23.28
C5 NAG UA . 47.94 16.74 24.51
C6 NAG UA . 48.55 18.05 24.96
C7 NAG UA . 45.52 12.86 22.80
C8 NAG UA . 44.73 11.81 22.07
N2 NAG UA . 45.70 14.00 22.13
O3 NAG UA . 48.49 14.43 21.59
O4 NAG UA . 49.99 15.85 23.61
O5 NAG UA . 46.55 17.00 24.23
O6 NAG UA . 47.84 19.16 24.41
O7 NAG UA . 45.96 12.66 23.94
C1 NAG VA . 28.69 -7.20 -17.60
C2 NAG VA . 29.69 -8.37 -17.67
C3 NAG VA . 30.32 -8.47 -19.06
C4 NAG VA . 29.23 -8.53 -20.14
C5 NAG VA . 28.26 -7.35 -19.97
C6 NAG VA . 27.10 -7.41 -20.94
C7 NAG VA . 31.63 -7.34 -16.43
C8 NAG VA . 32.55 -7.55 -15.27
N2 NAG VA . 30.71 -8.30 -16.62
O3 NAG VA . 31.12 -9.64 -19.13
O4 NAG VA . 29.82 -8.47 -21.42
O5 NAG VA . 27.70 -7.35 -18.64
O6 NAG VA . 27.30 -6.53 -22.03
O7 NAG VA . 31.72 -6.35 -17.15
C1 NAG WA . 40.72 7.69 28.09
C2 NAG WA . 41.80 8.07 29.15
C3 NAG WA . 43.07 7.22 28.98
C4 NAG WA . 42.74 5.73 28.91
C5 NAG WA . 41.74 5.50 27.78
C6 NAG WA . 41.33 4.05 27.67
C7 NAG WA . 42.69 10.21 28.17
C8 NAG WA . 42.89 11.66 28.47
N2 NAG WA . 42.11 9.49 29.16
O3 NAG WA . 43.95 7.46 30.07
O4 NAG WA . 43.93 4.99 28.65
O5 NAG WA . 40.56 6.24 28.05
O6 NAG WA . 42.32 3.17 28.20
O7 NAG WA . 42.97 9.72 27.07
C1 NAG XA . 18.35 5.26 41.17
C2 NAG XA . 19.45 4.61 42.01
C3 NAG XA . 18.85 3.87 43.21
C4 NAG XA . 17.95 4.80 44.02
C5 NAG XA . 16.89 5.43 43.11
C6 NAG XA . 16.04 6.46 43.82
C7 NAG XA . 21.55 3.49 41.40
C8 NAG XA . 22.21 2.52 40.46
N2 NAG XA . 20.25 3.70 41.20
O3 NAG XA . 19.88 3.36 44.04
O4 NAG XA . 17.29 4.07 45.05
O5 NAG XA . 17.53 6.12 42.01
O6 NAG XA . 16.36 7.78 43.40
O7 NAG XA . 22.17 4.05 42.30
C1 NAG YA . -0.65 33.38 46.68
C2 NAG YA . -0.81 34.62 45.79
C3 NAG YA . -1.96 35.49 46.31
C4 NAG YA . -3.24 34.68 46.47
C5 NAG YA . -2.99 33.46 47.34
C6 NAG YA . -4.19 32.55 47.46
C7 NAG YA . 0.89 35.88 44.57
C8 NAG YA . 2.19 36.63 44.67
N2 NAG YA . 0.42 35.37 45.71
O3 NAG YA . -2.18 36.57 45.41
O4 NAG YA . -4.25 35.48 47.06
O5 NAG YA . -1.92 32.66 46.80
O6 NAG YA . -5.04 32.95 48.53
O7 NAG YA . 0.31 35.74 43.50
C1 NAG ZA . 7.84 33.32 35.81
C2 NAG ZA . 8.68 34.41 36.49
C3 NAG ZA . 8.41 35.77 35.85
C4 NAG ZA . 8.61 35.71 34.34
C5 NAG ZA . 7.76 34.59 33.75
C6 NAG ZA . 7.97 34.41 32.27
C7 NAG ZA . 9.36 34.69 38.83
C8 NAG ZA . 8.91 34.69 40.26
N2 NAG ZA . 8.42 34.45 37.92
O3 NAG ZA . 9.29 36.74 36.41
O4 NAG ZA . 8.25 36.95 33.75
O5 NAG ZA . 8.07 33.35 34.39
O6 NAG ZA . 7.54 35.55 31.53
O7 NAG ZA . 10.54 34.88 38.51
C1 NAG AB . 24.32 30.50 16.96
C2 NAG AB . 22.92 31.05 16.65
C3 NAG AB . 23.02 32.27 15.72
C4 NAG AB . 23.95 33.32 16.33
C5 NAG AB . 25.32 32.71 16.61
C6 NAG AB . 26.25 33.65 17.31
C7 NAG AB . 20.77 29.93 16.29
C8 NAG AB . 20.05 28.82 15.59
N2 NAG AB . 22.08 30.04 16.05
O3 NAG AB . 21.72 32.83 15.53
O4 NAG AB . 24.11 34.41 15.42
O5 NAG AB . 25.16 31.57 17.47
O6 NAG AB . 25.79 33.97 18.61
O7 NAG AB . 20.18 30.71 17.04
C1 NAG BB . 32.35 27.07 -0.73
C2 NAG BB . 33.30 27.98 -1.50
C3 NAG BB . 33.21 29.42 -0.98
C4 NAG BB . 31.76 29.90 -0.98
C5 NAG BB . 30.87 28.91 -0.23
C6 NAG BB . 29.40 29.27 -0.30
C7 NAG BB . 35.57 27.64 -2.39
C8 NAG BB . 36.93 27.07 -2.13
N2 NAG BB . 34.67 27.49 -1.42
O3 NAG BB . 34.01 30.28 -1.79
O4 NAG BB . 31.68 31.17 -0.34
O5 NAG BB . 31.00 27.60 -0.79
O6 NAG BB . 28.98 29.97 0.87
O7 NAG BB . 35.29 28.22 -3.44
#